data_8G9B
#
_entry.id   8G9B
#
_cell.length_a   1.00
_cell.length_b   1.00
_cell.length_c   1.00
_cell.angle_alpha   90.00
_cell.angle_beta   90.00
_cell.angle_gamma   90.00
#
_symmetry.space_group_name_H-M   'P 1'
#
loop_
_entity.id
_entity.type
_entity.pdbx_description
1 polymer "Inosine-5'-monophosphate dehydrogenase 2"
2 non-polymer "GUANOSINE-5'-TRIPHOSPHATE"
3 non-polymer "ADENOSINE-5'-TRIPHOSPHATE"
4 non-polymer 'INOSINIC ACID'
5 non-polymer NICOTINAMIDE-ADENINE-DINUCLEOTIDE
#
_entity_poly.entity_id   1
_entity_poly.type   'polypeptide(L)'
_entity_poly.pdbx_seq_one_letter_code
;SEFELMADYLISGGTSYVPDDGLTAQQLFNCGDGLTYNDFLILPGYIDFTADQVDLTSALTKKITLKTPLVSSPMDTVTE
AGMAIAMALTGGIGFIHHNCTPEFQANEVRKVKKYEQGFITDPVVLSPKDRVRDVFEAKARHGFCGIPITDTGRMGSRLV
GIISSRDIDFLKEEEHDCFLEEIMTKREDLVVAPAGITLKEANEILQRSKKGKLPIVNEDDELVAIIARTDLKKNRDYPL
ASKDAKKQLPCGAAIGTHEDDKYRLDLLAQAGVDVVVLDSSQGNSIFQINMIKYIKDKYPNLQVIGGNVVTAAQAKNLID
AGVDALRVGMGSGSICITQEVLACGRPQATAVYKVSEYARRFGVPVIADGGIQNVGHIAKALALGASTVMMGSLLAATTE
APGEYFFSDGIRLKKYRGMGSLDAMDKHLSSQNRYFSEADKIKVAQGVSGAVQDKGSIHKFVPYLIAGIQHSCQDIGAKS
LTQVRAMMYSGELKFEKRTSSAQVEGGVHSLHSYEKRLF
;
_entity_poly.pdbx_strand_id   A,B,C,D,E,F,G,H
#
loop_
_chem_comp.id
_chem_comp.type
_chem_comp.name
_chem_comp.formula
ATP non-polymer ADENOSINE-5'-TRIPHOSPHATE 'C10 H16 N5 O13 P3'
GTP non-polymer GUANOSINE-5'-TRIPHOSPHATE 'C10 H16 N5 O14 P3'
IMP non-polymer 'INOSINIC ACID' 'C10 H13 N4 O8 P'
NAD non-polymer NICOTINAMIDE-ADENINE-DINUCLEOTIDE 'C21 H27 N7 O14 P2'
#
# COMPACT_ATOMS: atom_id res chain seq x y z
N SER A 16 -39.26 42.60 -7.68
CA SER A 16 -37.84 42.31 -7.83
C SER A 16 -37.04 42.80 -6.62
N TYR A 17 -37.01 41.97 -5.58
CA TYR A 17 -36.27 42.28 -4.36
C TYR A 17 -34.85 41.76 -4.46
N VAL A 18 -34.70 40.48 -4.77
CA VAL A 18 -33.42 39.79 -4.87
C VAL A 18 -32.68 40.00 -3.54
N PRO A 19 -33.02 39.23 -2.51
CA PRO A 19 -32.35 39.38 -1.21
C PRO A 19 -30.85 39.18 -1.34
N ASP A 20 -30.09 39.98 -0.61
CA ASP A 20 -28.64 39.96 -0.71
C ASP A 20 -28.14 38.70 -0.02
N ASP A 21 -27.42 37.86 -0.78
CA ASP A 21 -26.90 36.61 -0.28
C ASP A 21 -25.69 36.23 -1.11
N GLY A 22 -24.55 36.03 -0.47
CA GLY A 22 -23.32 35.76 -1.18
C GLY A 22 -22.34 36.91 -1.10
N LEU A 23 -21.21 36.72 -1.79
CA LEU A 23 -20.11 37.66 -1.76
C LEU A 23 -19.66 37.97 -3.18
N THR A 24 -19.43 39.25 -3.46
CA THR A 24 -18.99 39.67 -4.78
C THR A 24 -17.51 39.33 -4.98
N ALA A 25 -17.06 39.45 -6.24
CA ALA A 25 -15.66 39.15 -6.55
C ALA A 25 -14.72 40.15 -5.88
N GLN A 26 -15.10 41.42 -5.87
CA GLN A 26 -14.27 42.43 -5.21
C GLN A 26 -14.15 42.15 -3.72
N GLN A 27 -15.25 41.73 -3.09
CA GLN A 27 -15.20 41.36 -1.68
C GLN A 27 -14.38 40.09 -1.46
N LEU A 28 -14.44 39.15 -2.41
CA LEU A 28 -13.77 37.86 -2.22
C LEU A 28 -12.27 37.99 -2.35
N PHE A 29 -11.80 38.73 -3.36
CA PHE A 29 -10.37 38.76 -3.66
C PHE A 29 -9.63 39.93 -3.03
N ASN A 30 -10.28 40.74 -2.22
CA ASN A 30 -9.57 41.73 -1.42
C ASN A 30 -9.29 41.27 0.01
N CYS A 31 -9.64 40.02 0.33
CA CYS A 31 -9.49 39.52 1.70
C CYS A 31 -8.03 39.35 2.11
N GLY A 32 -7.09 39.39 1.17
CA GLY A 32 -5.68 39.32 1.51
C GLY A 32 -5.10 37.93 1.57
N ASP A 33 -5.76 36.93 1.01
CA ASP A 33 -5.23 35.58 0.96
C ASP A 33 -5.39 35.04 -0.46
N GLY A 34 -4.57 34.05 -0.79
CA GLY A 34 -4.52 33.55 -2.15
C GLY A 34 -5.53 32.47 -2.46
N LEU A 35 -6.63 32.85 -3.08
CA LEU A 35 -7.62 31.86 -3.50
C LEU A 35 -7.22 31.24 -4.83
N THR A 36 -7.55 29.96 -4.99
CA THR A 36 -7.39 29.23 -6.24
C THR A 36 -8.78 28.79 -6.72
N TYR A 37 -8.82 28.04 -7.81
CA TYR A 37 -10.11 27.61 -8.34
C TYR A 37 -10.86 26.69 -7.39
N ASN A 38 -10.15 26.00 -6.50
CA ASN A 38 -10.80 25.01 -5.65
C ASN A 38 -11.58 25.62 -4.49
N ASP A 39 -11.09 26.70 -3.91
CA ASP A 39 -11.65 27.20 -2.65
C ASP A 39 -12.61 28.36 -2.82
N PHE A 40 -13.38 28.38 -3.90
CA PHE A 40 -14.53 29.27 -4.01
C PHE A 40 -15.50 28.69 -5.04
N LEU A 41 -16.74 29.16 -4.98
CA LEU A 41 -17.80 28.68 -5.86
C LEU A 41 -18.59 29.87 -6.40
N ILE A 42 -19.38 29.60 -7.44
CA ILE A 42 -20.28 30.59 -8.01
C ILE A 42 -21.70 30.20 -7.65
N LEU A 43 -22.45 31.13 -7.08
CA LEU A 43 -23.80 30.83 -6.63
C LEU A 43 -24.77 30.76 -7.81
N PRO A 44 -25.78 29.90 -7.73
CA PRO A 44 -26.74 29.77 -8.83
C PRO A 44 -27.55 31.04 -9.02
N GLY A 45 -27.98 31.27 -10.25
CA GLY A 45 -28.78 32.42 -10.62
C GLY A 45 -30.19 32.03 -11.03
N TYR A 46 -30.67 32.67 -12.09
CA TYR A 46 -32.02 32.46 -12.61
C TYR A 46 -31.94 31.96 -14.04
N ILE A 47 -32.70 30.92 -14.36
CA ILE A 47 -32.67 30.27 -15.66
C ILE A 47 -33.94 30.60 -16.41
N ASP A 48 -33.80 31.17 -17.61
CA ASP A 48 -34.94 31.42 -18.48
C ASP A 48 -34.61 31.10 -19.94
N PHE A 49 -33.72 30.15 -20.17
CA PHE A 49 -33.31 29.78 -21.53
C PHE A 49 -32.76 28.37 -21.52
N THR A 50 -32.68 27.78 -22.71
CA THR A 50 -32.16 26.43 -22.85
C THR A 50 -30.63 26.43 -22.75
N ALA A 51 -30.08 25.25 -22.46
CA ALA A 51 -28.64 25.13 -22.25
C ALA A 51 -27.87 25.43 -23.54
N ASP A 52 -28.31 24.88 -24.67
CA ASP A 52 -27.64 25.09 -25.94
C ASP A 52 -28.12 26.37 -26.61
N GLN A 53 -28.04 27.47 -25.85
CA GLN A 53 -28.40 28.78 -26.35
C GLN A 53 -27.38 29.81 -25.90
N VAL A 54 -26.36 29.35 -25.16
CA VAL A 54 -25.34 30.26 -24.62
C VAL A 54 -24.32 30.56 -25.70
N ASP A 55 -24.06 31.85 -25.92
CA ASP A 55 -23.08 32.29 -26.92
C ASP A 55 -21.69 32.24 -26.29
N LEU A 56 -20.79 31.48 -26.91
CA LEU A 56 -19.44 31.30 -26.38
C LEU A 56 -18.40 32.18 -27.09
N THR A 57 -18.82 33.14 -27.90
CA THR A 57 -17.88 34.01 -28.59
C THR A 57 -17.03 34.77 -27.59
N SER A 58 -15.72 34.75 -27.81
CA SER A 58 -14.79 35.41 -26.90
C SER A 58 -13.63 35.97 -27.70
N ALA A 59 -13.02 37.02 -27.18
CA ALA A 59 -11.92 37.71 -27.86
C ALA A 59 -10.59 37.20 -27.35
N LEU A 60 -9.83 36.53 -28.22
CA LEU A 60 -8.46 36.15 -27.90
C LEU A 60 -7.54 37.35 -27.87
N THR A 61 -7.82 38.35 -28.69
CA THR A 61 -6.93 39.48 -28.93
C THR A 61 -7.80 40.66 -29.29
N LYS A 62 -7.23 41.88 -29.20
CA LYS A 62 -7.98 43.08 -29.54
C LYS A 62 -8.58 43.00 -30.94
N LYS A 63 -7.94 42.27 -31.85
CA LYS A 63 -8.39 42.21 -33.24
C LYS A 63 -8.75 40.81 -33.71
N ILE A 64 -8.78 39.82 -32.82
CA ILE A 64 -9.11 38.45 -33.20
C ILE A 64 -10.11 37.89 -32.20
N THR A 65 -11.21 37.34 -32.71
CA THR A 65 -12.25 36.73 -31.90
C THR A 65 -12.44 35.28 -32.32
N LEU A 66 -12.64 34.40 -31.35
CA LEU A 66 -12.84 32.98 -31.60
C LEU A 66 -14.24 32.57 -31.16
N LYS A 67 -14.76 31.53 -31.81
CA LYS A 67 -16.08 31.03 -31.48
C LYS A 67 -16.10 30.31 -30.13
N THR A 68 -14.97 29.84 -29.65
CA THR A 68 -14.85 29.18 -28.36
C THR A 68 -13.68 29.80 -27.63
N PRO A 69 -13.72 29.84 -26.29
CA PRO A 69 -12.61 30.40 -25.51
C PRO A 69 -11.44 29.45 -25.29
N LEU A 70 -11.34 28.37 -26.06
CA LEU A 70 -10.41 27.30 -25.78
C LEU A 70 -9.12 27.50 -26.59
N VAL A 71 -7.98 27.42 -25.90
CA VAL A 71 -6.67 27.64 -26.53
C VAL A 71 -5.72 26.58 -26.01
N SER A 72 -4.84 26.10 -26.90
CA SER A 72 -3.85 25.08 -26.55
C SER A 72 -2.49 25.72 -26.31
N SER A 73 -1.76 25.19 -25.33
CA SER A 73 -0.51 25.80 -24.91
C SER A 73 0.59 25.56 -25.95
N PRO A 74 1.49 26.52 -26.14
CA PRO A 74 2.62 26.31 -27.06
C PRO A 74 3.75 25.50 -26.42
N MET A 75 3.59 24.18 -26.38
CA MET A 75 4.60 23.30 -25.83
C MET A 75 4.81 22.13 -26.77
N ASP A 76 6.04 21.60 -26.79
CA ASP A 76 6.40 20.57 -27.76
C ASP A 76 5.63 19.27 -27.56
N THR A 77 5.01 19.08 -26.40
CA THR A 77 4.25 17.86 -26.11
C THR A 77 2.76 18.03 -26.35
N VAL A 78 2.33 19.19 -26.87
CA VAL A 78 0.91 19.46 -27.03
C VAL A 78 0.59 19.78 -28.49
N THR A 79 1.26 20.78 -29.05
CA THR A 79 0.93 21.28 -30.38
C THR A 79 2.15 21.26 -31.29
N GLU A 80 2.07 20.47 -32.36
CA GLU A 80 3.04 20.63 -33.44
C GLU A 80 2.36 21.05 -34.74
N ALA A 81 1.50 20.18 -35.29
CA ALA A 81 0.62 20.59 -36.38
C ALA A 81 -0.79 20.07 -36.18
N GLY A 82 -0.90 18.83 -35.71
CA GLY A 82 -2.20 18.18 -35.62
C GLY A 82 -3.10 18.83 -34.59
N MET A 83 -2.55 19.15 -33.41
CA MET A 83 -3.33 19.82 -32.39
C MET A 83 -3.78 21.19 -32.86
N ALA A 84 -2.90 21.93 -33.53
CA ALA A 84 -3.29 23.25 -34.02
C ALA A 84 -4.41 23.14 -35.04
N ILE A 85 -4.31 22.19 -35.97
CA ILE A 85 -5.35 22.01 -36.98
C ILE A 85 -6.67 21.64 -36.32
N ALA A 86 -6.63 20.68 -35.39
CA ALA A 86 -7.86 20.22 -34.76
C ALA A 86 -8.50 21.31 -33.88
N MET A 87 -7.68 22.05 -33.12
CA MET A 87 -8.21 23.14 -32.32
C MET A 87 -8.82 24.23 -33.20
N ALA A 88 -8.18 24.52 -34.33
CA ALA A 88 -8.76 25.47 -35.27
C ALA A 88 -10.09 24.97 -35.80
N LEU A 89 -10.18 23.67 -36.10
CA LEU A 89 -11.41 23.10 -36.64
C LEU A 89 -12.52 23.00 -35.59
N THR A 90 -12.17 23.02 -34.31
CA THR A 90 -13.18 22.89 -33.25
C THR A 90 -13.63 24.23 -32.69
N GLY A 91 -13.26 25.35 -33.31
CA GLY A 91 -13.73 26.66 -32.92
C GLY A 91 -12.71 27.56 -32.25
N GLY A 92 -11.60 27.01 -31.75
CA GLY A 92 -10.55 27.83 -31.18
C GLY A 92 -9.36 27.90 -32.11
N ILE A 93 -8.16 28.13 -31.58
CA ILE A 93 -6.92 28.03 -32.35
C ILE A 93 -5.86 27.41 -31.45
N GLY A 94 -4.69 27.17 -32.01
CA GLY A 94 -3.56 26.65 -31.26
C GLY A 94 -2.31 27.46 -31.44
N PHE A 95 -1.32 27.22 -30.58
CA PHE A 95 -0.03 27.91 -30.63
C PHE A 95 1.07 26.86 -30.75
N ILE A 96 1.97 27.07 -31.70
CA ILE A 96 3.04 26.12 -31.98
C ILE A 96 4.29 26.52 -31.23
N HIS A 97 4.90 25.56 -30.55
CA HIS A 97 6.07 25.83 -29.72
C HIS A 97 7.27 26.23 -30.57
N HIS A 98 8.36 26.58 -29.89
CA HIS A 98 9.61 26.93 -30.56
C HIS A 98 10.79 26.10 -30.05
N ASN A 99 10.52 24.89 -29.56
CA ASN A 99 11.59 23.94 -29.24
C ASN A 99 12.06 23.18 -30.47
N CYS A 100 12.39 23.90 -31.54
CA CYS A 100 12.72 23.29 -32.82
C CYS A 100 13.34 24.36 -33.70
N THR A 101 13.87 23.92 -34.84
CA THR A 101 14.49 24.85 -35.76
C THR A 101 13.44 25.79 -36.34
N PRO A 102 13.81 27.06 -36.58
CA PRO A 102 12.84 28.01 -37.13
C PRO A 102 12.24 27.58 -38.46
N GLU A 103 13.03 26.92 -39.31
CA GLU A 103 12.47 26.42 -40.57
C GLU A 103 11.40 25.36 -40.31
N PHE A 104 11.64 24.47 -39.33
CA PHE A 104 10.64 23.46 -39.01
C PHE A 104 9.37 24.09 -38.44
N GLN A 105 9.53 25.11 -37.59
CA GLN A 105 8.36 25.78 -37.03
C GLN A 105 7.56 26.48 -38.13
N ALA A 106 8.26 27.14 -39.06
CA ALA A 106 7.56 27.77 -40.17
C ALA A 106 6.89 26.75 -41.07
N ASN A 107 7.50 25.58 -41.24
CA ASN A 107 6.88 24.51 -42.01
C ASN A 107 5.59 24.05 -41.34
N GLU A 108 5.60 23.91 -40.01
CA GLU A 108 4.38 23.52 -39.31
C GLU A 108 3.30 24.60 -39.43
N VAL A 109 3.70 25.87 -39.34
CA VAL A 109 2.74 26.96 -39.52
C VAL A 109 2.13 26.92 -40.90
N ARG A 110 2.96 26.72 -41.93
CA ARG A 110 2.46 26.63 -43.29
C ARG A 110 1.55 25.42 -43.47
N LYS A 111 1.90 24.31 -42.82
CA LYS A 111 1.05 23.12 -42.90
C LYS A 111 -0.32 23.40 -42.31
N VAL A 112 -0.38 24.14 -41.21
CA VAL A 112 -1.66 24.51 -40.62
C VAL A 112 -2.42 25.44 -41.57
N LYS A 113 -1.71 26.44 -42.11
CA LYS A 113 -2.38 27.46 -42.93
C LYS A 113 -2.93 26.89 -44.22
N LYS A 114 -2.23 25.91 -44.80
CA LYS A 114 -2.57 25.35 -46.11
C LYS A 114 -3.43 24.10 -46.01
N TYR A 115 -4.33 24.04 -45.02
CA TYR A 115 -5.10 22.83 -44.80
C TYR A 115 -6.46 22.84 -45.48
N GLU A 116 -7.10 24.00 -45.59
CA GLU A 116 -8.48 24.03 -46.07
C GLU A 116 -8.81 25.25 -46.95
N GLN A 117 -7.81 25.99 -47.41
CA GLN A 117 -8.08 27.28 -48.07
C GLN A 117 -8.75 27.12 -49.44
N GLY A 118 -9.81 27.86 -49.63
CA GLY A 118 -10.54 27.89 -50.87
C GLY A 118 -9.95 29.06 -51.60
N PHE A 119 -9.53 28.83 -52.85
CA PHE A 119 -8.83 29.67 -53.85
C PHE A 119 -7.33 29.45 -53.77
N ILE A 120 -6.96 28.18 -53.72
CA ILE A 120 -5.59 27.70 -53.64
C ILE A 120 -4.78 28.42 -54.70
N THR A 121 -3.86 29.28 -54.26
CA THR A 121 -2.93 29.97 -55.13
C THR A 121 -1.55 29.38 -54.91
N ASP A 122 -0.73 29.40 -55.96
CA ASP A 122 0.44 28.55 -56.09
C ASP A 122 0.22 27.12 -55.58
N PRO A 123 -0.70 26.36 -56.18
CA PRO A 123 -0.76 24.92 -55.91
C PRO A 123 0.40 24.18 -56.56
N VAL A 124 0.48 22.88 -56.28
CA VAL A 124 1.45 22.02 -56.93
C VAL A 124 0.99 21.73 -58.35
N VAL A 125 1.90 21.91 -59.32
CA VAL A 125 1.63 21.66 -60.74
C VAL A 125 2.80 20.92 -61.35
N LEU A 126 2.55 20.29 -62.51
CA LEU A 126 3.53 19.44 -63.18
C LEU A 126 3.49 19.68 -64.69
N SER A 127 4.44 19.05 -65.40
CA SER A 127 4.62 19.21 -66.84
C SER A 127 4.32 17.91 -67.58
N PRO A 128 3.86 17.99 -68.84
CA PRO A 128 3.49 16.76 -69.56
C PRO A 128 4.63 15.76 -69.73
N LYS A 129 5.87 16.21 -69.72
CA LYS A 129 7.03 15.34 -69.93
C LYS A 129 7.59 14.78 -68.62
N ASP A 130 6.76 14.64 -67.60
CA ASP A 130 7.19 14.14 -66.30
C ASP A 130 6.75 12.69 -66.08
N ARG A 131 7.60 11.93 -65.39
CA ARG A 131 7.32 10.52 -65.12
C ARG A 131 6.37 10.40 -63.93
N VAL A 132 5.46 9.42 -64.00
CA VAL A 132 4.45 9.23 -62.95
C VAL A 132 5.09 8.87 -61.62
N ARG A 133 6.35 8.41 -61.63
CA ARG A 133 7.05 8.12 -60.38
C ARG A 133 7.09 9.34 -59.46
N ASP A 134 7.38 10.52 -60.03
CA ASP A 134 7.40 11.70 -59.19
C ASP A 134 5.99 12.20 -58.85
N VAL A 135 4.96 11.79 -59.59
CA VAL A 135 3.59 12.01 -59.12
C VAL A 135 3.34 11.22 -57.84
N PHE A 136 3.80 9.96 -57.81
CA PHE A 136 3.63 9.18 -56.59
C PHE A 136 4.46 9.75 -55.44
N GLU A 137 5.67 10.23 -55.73
CA GLU A 137 6.42 10.91 -54.68
C GLU A 137 5.74 12.19 -54.23
N ALA A 138 5.05 12.89 -55.14
CA ALA A 138 4.29 14.08 -54.76
C ALA A 138 3.14 13.73 -53.82
N LYS A 139 2.39 12.68 -54.14
CA LYS A 139 1.31 12.31 -53.23
C LYS A 139 1.85 11.90 -51.87
N ALA A 140 3.00 11.22 -51.82
CA ALA A 140 3.60 10.89 -50.53
C ALA A 140 4.08 12.14 -49.77
N ARG A 141 4.75 13.06 -50.46
CA ARG A 141 5.40 14.19 -49.79
C ARG A 141 4.38 15.24 -49.36
N HIS A 142 3.45 15.59 -50.25
CA HIS A 142 2.53 16.69 -50.00
C HIS A 142 1.17 16.22 -49.49
N GLY A 143 0.77 14.98 -49.77
CA GLY A 143 -0.48 14.47 -49.23
C GLY A 143 -1.70 14.65 -50.10
N PHE A 144 -1.55 14.90 -51.40
CA PHE A 144 -2.70 15.02 -52.29
C PHE A 144 -2.28 14.64 -53.70
N CYS A 145 -3.29 14.37 -54.55
CA CYS A 145 -3.07 13.87 -55.89
C CYS A 145 -3.67 14.72 -57.00
N GLY A 146 -4.58 15.64 -56.69
CA GLY A 146 -5.20 16.42 -57.74
C GLY A 146 -4.30 17.58 -58.15
N ILE A 147 -3.64 17.41 -59.29
CA ILE A 147 -2.52 18.27 -59.69
C ILE A 147 -2.76 18.78 -61.10
N PRO A 148 -2.88 20.09 -61.31
CA PRO A 148 -2.96 20.63 -62.68
C PRO A 148 -1.64 20.48 -63.41
N ILE A 149 -1.72 20.54 -64.74
CA ILE A 149 -0.58 20.27 -65.61
C ILE A 149 -0.45 21.38 -66.64
N THR A 150 0.77 21.85 -66.84
CA THR A 150 1.08 22.93 -67.78
C THR A 150 2.45 22.69 -68.39
N ASP A 151 2.67 23.24 -69.58
CA ASP A 151 3.78 22.76 -70.42
C ASP A 151 5.17 23.10 -69.86
N THR A 152 5.29 24.08 -68.97
CA THR A 152 6.58 24.35 -68.35
C THR A 152 6.80 23.60 -67.04
N GLY A 153 5.73 23.11 -66.41
CA GLY A 153 5.82 22.60 -65.07
C GLY A 153 5.86 23.65 -63.99
N ARG A 154 5.93 24.93 -64.37
CA ARG A 154 5.84 26.05 -63.45
C ARG A 154 4.44 26.62 -63.47
N MET A 155 4.16 27.49 -62.49
CA MET A 155 2.81 28.00 -62.32
C MET A 155 2.47 28.98 -63.45
N GLY A 156 3.47 29.65 -64.02
CA GLY A 156 3.24 30.65 -65.06
C GLY A 156 3.28 30.18 -66.50
N SER A 157 2.33 29.35 -66.91
CA SER A 157 2.23 28.93 -68.31
C SER A 157 0.83 28.39 -68.59
N ARG A 158 0.56 28.15 -69.87
CA ARG A 158 -0.78 27.76 -70.31
C ARG A 158 -1.18 26.41 -69.71
N LEU A 159 -2.45 26.30 -69.32
CA LEU A 159 -2.98 25.05 -68.79
C LEU A 159 -3.08 24.02 -69.90
N VAL A 160 -2.55 22.82 -69.66
CA VAL A 160 -2.61 21.72 -70.61
C VAL A 160 -3.63 20.66 -70.17
N GLY A 161 -3.59 20.28 -68.89
CA GLY A 161 -4.49 19.25 -68.40
C GLY A 161 -4.47 19.17 -66.89
N ILE A 162 -5.09 18.09 -66.38
CA ILE A 162 -5.21 17.88 -64.94
C ILE A 162 -5.29 16.38 -64.66
N ILE A 163 -4.78 15.98 -63.50
CA ILE A 163 -4.91 14.61 -63.01
C ILE A 163 -5.51 14.63 -61.62
N SER A 164 -6.07 13.49 -61.23
CA SER A 164 -6.46 13.22 -59.85
C SER A 164 -6.17 11.75 -59.57
N SER A 165 -6.61 11.28 -58.39
CA SER A 165 -6.24 9.94 -57.95
C SER A 165 -6.82 8.87 -58.86
N ARG A 166 -8.03 9.08 -59.39
CA ARG A 166 -8.70 8.09 -60.22
C ARG A 166 -7.94 7.79 -61.52
N ASP A 167 -6.99 8.66 -61.89
CA ASP A 167 -6.13 8.36 -63.03
C ASP A 167 -4.94 7.48 -62.67
N ILE A 168 -4.61 7.37 -61.38
CA ILE A 168 -3.39 6.71 -60.95
C ILE A 168 -3.62 5.66 -59.87
N ASP A 169 -4.88 5.32 -59.56
CA ASP A 169 -5.15 4.35 -58.50
C ASP A 169 -4.57 2.97 -58.82
N PHE A 170 -4.65 2.54 -60.07
CA PHE A 170 -4.27 1.18 -60.45
C PHE A 170 -3.35 1.23 -61.67
N LEU A 171 -2.28 0.43 -61.62
CA LEU A 171 -1.19 0.47 -62.59
C LEU A 171 -0.89 -0.95 -63.09
N LYS A 172 0.33 -1.14 -63.60
CA LYS A 172 0.85 -2.44 -64.03
C LYS A 172 2.08 -2.73 -63.20
N GLU A 173 2.95 -3.63 -63.67
CA GLU A 173 4.11 -4.09 -62.89
C GLU A 173 4.84 -2.94 -62.20
N GLU A 174 4.86 -3.00 -60.86
CA GLU A 174 5.60 -2.11 -59.96
C GLU A 174 5.66 -0.66 -60.42
N GLU A 175 6.82 -0.20 -60.88
CA GLU A 175 7.02 1.21 -61.18
C GLU A 175 6.10 1.70 -62.29
N HIS A 176 5.89 0.89 -63.33
CA HIS A 176 5.11 1.25 -64.52
C HIS A 176 5.51 2.63 -65.03
N ASP A 177 6.77 2.72 -65.46
CA ASP A 177 7.37 3.97 -65.89
C ASP A 177 6.67 4.50 -67.14
N CYS A 178 6.19 5.75 -67.09
CA CYS A 178 5.54 6.37 -68.23
C CYS A 178 5.44 7.87 -68.04
N PHE A 179 5.52 8.60 -69.14
CA PHE A 179 5.13 10.01 -69.15
C PHE A 179 3.61 10.11 -69.05
N LEU A 180 3.14 11.16 -68.37
CA LEU A 180 1.70 11.29 -68.12
C LEU A 180 0.96 11.99 -69.28
N GLU A 181 1.50 11.96 -70.49
CA GLU A 181 0.90 12.66 -71.63
C GLU A 181 -0.53 12.20 -71.90
N GLU A 182 -0.76 10.89 -72.00
CA GLU A 182 -2.11 10.37 -72.20
C GLU A 182 -2.86 10.17 -70.89
N ILE A 183 -2.17 10.30 -69.75
CA ILE A 183 -2.78 10.01 -68.46
C ILE A 183 -3.74 11.11 -68.01
N MET A 184 -3.45 12.38 -68.31
CA MET A 184 -4.29 13.45 -67.75
C MET A 184 -5.60 13.60 -68.53
N THR A 185 -6.49 14.40 -67.95
CA THR A 185 -7.63 14.94 -68.67
C THR A 185 -7.19 16.22 -69.37
N LYS A 186 -7.38 16.27 -70.69
CA LYS A 186 -6.88 17.38 -71.49
C LYS A 186 -7.80 18.60 -71.38
N ARG A 187 -7.23 19.78 -71.68
CA ARG A 187 -7.98 21.03 -71.69
C ARG A 187 -8.72 21.17 -73.03
N GLU A 188 -9.48 20.13 -73.37
CA GLU A 188 -10.48 20.21 -74.43
C GLU A 188 -11.86 20.39 -73.85
N ASP A 189 -12.18 19.64 -72.78
CA ASP A 189 -13.48 19.75 -72.13
C ASP A 189 -13.40 19.70 -70.61
N LEU A 190 -12.24 19.93 -70.00
CA LEU A 190 -12.17 19.99 -68.55
C LEU A 190 -12.73 21.32 -68.06
N VAL A 191 -13.43 21.29 -66.94
CA VAL A 191 -14.25 22.43 -66.50
C VAL A 191 -13.35 23.48 -65.86
N VAL A 192 -13.42 24.71 -66.38
CA VAL A 192 -12.58 25.82 -65.93
C VAL A 192 -13.46 27.05 -65.74
N ALA A 193 -13.16 27.83 -64.70
CA ALA A 193 -13.80 29.10 -64.40
C ALA A 193 -12.95 30.27 -64.88
N PRO A 194 -13.56 31.30 -65.45
CA PRO A 194 -12.78 32.47 -65.88
C PRO A 194 -12.30 33.30 -64.70
N ALA A 195 -11.25 34.07 -64.95
CA ALA A 195 -10.65 34.89 -63.90
C ALA A 195 -11.59 36.04 -63.51
N GLY A 196 -11.39 36.54 -62.28
CA GLY A 196 -12.17 37.64 -61.76
C GLY A 196 -13.45 37.25 -61.04
N ILE A 197 -13.88 35.99 -61.16
CA ILE A 197 -15.10 35.54 -60.51
C ILE A 197 -14.87 35.44 -59.01
N THR A 198 -15.82 35.93 -58.23
CA THR A 198 -15.69 35.91 -56.78
C THR A 198 -15.84 34.49 -56.24
N LEU A 199 -15.36 34.29 -55.00
CA LEU A 199 -15.26 32.96 -54.43
C LEU A 199 -16.61 32.26 -54.36
N LYS A 200 -17.67 33.01 -54.03
CA LYS A 200 -19.00 32.41 -53.92
C LYS A 200 -19.47 31.85 -55.26
N GLU A 201 -19.35 32.64 -56.33
CA GLU A 201 -19.79 32.18 -57.64
C GLU A 201 -18.91 31.07 -58.19
N ALA A 202 -17.60 31.13 -57.91
CA ALA A 202 -16.71 30.04 -58.31
C ALA A 202 -17.06 28.75 -57.58
N ASN A 203 -17.39 28.85 -56.29
CA ASN A 203 -17.87 27.68 -55.55
C ASN A 203 -19.17 27.16 -56.14
N GLU A 204 -20.05 28.06 -56.57
CA GLU A 204 -21.30 27.62 -57.19
C GLU A 204 -21.04 26.77 -58.42
N ILE A 205 -20.14 27.22 -59.30
CA ILE A 205 -19.87 26.44 -60.50
C ILE A 205 -19.01 25.21 -60.23
N LEU A 206 -18.36 25.12 -59.07
CA LEU A 206 -17.82 23.81 -58.66
C LEU A 206 -18.91 22.88 -58.17
N GLN A 207 -19.83 23.40 -57.35
CA GLN A 207 -20.90 22.57 -56.78
C GLN A 207 -21.77 22.00 -57.89
N ARG A 208 -22.13 22.83 -58.86
CA ARG A 208 -22.97 22.37 -59.96
C ARG A 208 -22.22 21.40 -60.88
N SER A 209 -20.91 21.59 -61.04
CA SER A 209 -20.15 20.73 -61.94
C SER A 209 -19.90 19.35 -61.35
N LYS A 210 -19.84 19.24 -60.02
CA LYS A 210 -19.72 17.96 -59.32
C LYS A 210 -18.46 17.19 -59.73
N LYS A 211 -17.35 17.89 -59.97
CA LYS A 211 -16.28 17.30 -60.75
C LYS A 211 -14.97 17.18 -59.96
N GLY A 212 -14.94 17.65 -58.70
CA GLY A 212 -13.77 17.53 -57.85
C GLY A 212 -12.84 18.74 -57.76
N LYS A 213 -12.28 19.17 -58.87
CA LYS A 213 -11.47 20.39 -58.93
C LYS A 213 -11.97 21.28 -60.05
N LEU A 214 -11.73 22.58 -59.91
CA LEU A 214 -11.80 23.45 -61.08
C LEU A 214 -10.72 24.52 -60.98
N PRO A 215 -9.99 24.76 -62.07
CA PRO A 215 -9.03 25.87 -62.09
C PRO A 215 -9.70 27.20 -62.41
N ILE A 216 -8.98 28.27 -62.07
CA ILE A 216 -9.32 29.64 -62.42
C ILE A 216 -8.32 30.09 -63.48
N VAL A 217 -8.80 30.58 -64.62
CA VAL A 217 -7.96 30.82 -65.78
C VAL A 217 -8.31 32.16 -66.41
N ASN A 218 -7.28 32.93 -66.79
CA ASN A 218 -7.47 34.20 -67.47
C ASN A 218 -7.53 34.00 -68.99
N GLU A 219 -7.65 35.12 -69.71
CA GLU A 219 -7.87 35.06 -71.15
C GLU A 219 -6.64 34.62 -71.93
N ASP A 220 -5.49 34.47 -71.28
CA ASP A 220 -4.29 33.94 -71.92
C ASP A 220 -4.03 32.47 -71.57
N ASP A 221 -5.04 31.77 -71.06
CA ASP A 221 -4.98 30.37 -70.64
C ASP A 221 -4.05 30.13 -69.45
N GLU A 222 -3.67 31.17 -68.72
CA GLU A 222 -2.84 30.99 -67.52
C GLU A 222 -3.70 30.49 -66.36
N LEU A 223 -3.17 29.52 -65.62
CA LEU A 223 -3.85 29.05 -64.41
C LEU A 223 -3.57 30.03 -63.28
N VAL A 224 -4.63 30.63 -62.74
CA VAL A 224 -4.50 31.61 -61.67
C VAL A 224 -4.62 30.97 -60.30
N ALA A 225 -5.60 30.07 -60.14
CA ALA A 225 -5.84 29.39 -58.88
C ALA A 225 -6.77 28.21 -59.13
N ILE A 226 -6.95 27.37 -58.11
CA ILE A 226 -7.86 26.24 -58.17
C ILE A 226 -8.67 26.14 -56.89
N ILE A 227 -9.79 25.44 -56.98
CA ILE A 227 -10.70 25.19 -55.86
C ILE A 227 -10.91 23.69 -55.74
N ALA A 228 -11.05 23.21 -54.50
CA ALA A 228 -11.23 21.78 -54.24
C ALA A 228 -12.59 21.51 -53.60
N ARG A 229 -13.21 20.40 -53.97
CA ARG A 229 -14.51 20.03 -53.41
C ARG A 229 -14.39 19.68 -51.93
N THR A 230 -13.30 18.99 -51.55
CA THR A 230 -13.11 18.64 -50.15
C THR A 230 -12.97 19.88 -49.27
N ASP A 231 -12.72 21.05 -49.87
CA ASP A 231 -12.69 22.27 -49.09
C ASP A 231 -14.08 22.56 -48.53
N LEU A 232 -15.08 22.52 -49.41
CA LEU A 232 -16.48 22.67 -49.00
C LEU A 232 -16.91 21.54 -48.08
N LYS A 233 -16.42 20.32 -48.35
CA LYS A 233 -16.70 19.20 -47.45
C LYS A 233 -16.26 19.52 -46.02
N LYS A 234 -15.02 19.98 -45.87
CA LYS A 234 -14.52 20.37 -44.55
C LYS A 234 -15.33 21.51 -43.97
N ASN A 235 -15.71 22.48 -44.80
CA ASN A 235 -16.46 23.63 -44.30
C ASN A 235 -17.80 23.20 -43.69
N ARG A 236 -18.50 22.26 -44.34
CA ARG A 236 -19.76 21.82 -43.76
C ARG A 236 -19.53 20.90 -42.57
N ASP A 237 -18.46 20.12 -42.56
CA ASP A 237 -18.19 19.22 -41.45
C ASP A 237 -17.80 19.97 -40.18
N TYR A 238 -17.17 21.13 -40.32
CA TYR A 238 -16.62 21.87 -39.18
C TYR A 238 -17.16 23.29 -39.22
N PRO A 239 -18.38 23.52 -38.72
CA PRO A 239 -19.00 24.84 -38.87
C PRO A 239 -18.44 25.92 -37.97
N LEU A 240 -18.16 25.64 -36.70
CA LEU A 240 -17.46 26.58 -35.85
C LEU A 240 -15.96 26.31 -36.00
N ALA A 241 -15.29 27.12 -36.81
CA ALA A 241 -13.87 26.95 -37.07
C ALA A 241 -13.07 28.24 -37.04
N SER A 242 -13.71 29.41 -37.08
CA SER A 242 -13.06 30.71 -36.94
C SER A 242 -11.93 30.90 -37.96
N LYS A 243 -12.25 30.69 -39.24
CA LYS A 243 -11.30 30.91 -40.31
C LYS A 243 -10.99 32.40 -40.47
N ASP A 244 -9.92 32.70 -41.21
CA ASP A 244 -9.60 34.09 -41.50
C ASP A 244 -10.26 34.53 -42.81
N ALA A 245 -9.93 35.75 -43.25
CA ALA A 245 -10.64 36.36 -44.38
C ALA A 245 -10.40 35.63 -45.69
N LYS A 246 -9.24 35.02 -45.87
CA LYS A 246 -8.94 34.24 -47.07
C LYS A 246 -9.29 32.76 -46.90
N LYS A 247 -10.11 32.44 -45.89
CA LYS A 247 -10.60 31.09 -45.63
C LYS A 247 -9.48 30.16 -45.17
N GLN A 248 -8.44 30.70 -44.56
CA GLN A 248 -7.42 29.88 -43.93
C GLN A 248 -7.62 29.83 -42.42
N LEU A 249 -7.18 28.72 -41.83
CA LEU A 249 -7.22 28.61 -40.38
C LEU A 249 -6.14 29.48 -39.76
N PRO A 250 -6.49 30.28 -38.74
CA PRO A 250 -5.49 31.09 -38.06
C PRO A 250 -4.56 30.22 -37.23
N CYS A 251 -3.30 30.62 -37.16
CA CYS A 251 -2.28 29.88 -36.45
C CYS A 251 -1.47 30.82 -35.57
N GLY A 252 -1.03 30.32 -34.42
CA GLY A 252 -0.17 31.07 -33.54
C GLY A 252 1.14 30.36 -33.30
N ALA A 253 2.20 31.11 -33.02
CA ALA A 253 3.51 30.53 -32.77
C ALA A 253 4.17 31.26 -31.62
N ALA A 254 4.95 30.52 -30.84
CA ALA A 254 5.64 31.06 -29.69
C ALA A 254 7.08 31.38 -30.03
N ILE A 255 7.55 32.55 -29.58
CA ILE A 255 8.95 32.94 -29.72
C ILE A 255 9.42 33.52 -28.39
N GLY A 256 10.73 33.41 -28.16
CA GLY A 256 11.35 34.02 -27.01
C GLY A 256 11.88 35.41 -27.31
N THR A 257 12.61 35.96 -26.34
CA THR A 257 13.11 37.32 -26.43
C THR A 257 14.56 37.40 -26.91
N HIS A 258 15.18 36.26 -27.25
CA HIS A 258 16.57 36.28 -27.69
C HIS A 258 16.67 36.79 -29.12
N GLU A 259 17.91 37.10 -29.53
CA GLU A 259 18.14 37.82 -30.77
C GLU A 259 17.76 36.98 -31.99
N ASP A 260 18.14 35.69 -32.01
CA ASP A 260 17.82 34.83 -33.14
C ASP A 260 16.32 34.63 -33.32
N ASP A 261 15.53 34.87 -32.28
CA ASP A 261 14.09 34.81 -32.44
C ASP A 261 13.55 35.95 -33.28
N LYS A 262 14.35 36.99 -33.56
CA LYS A 262 13.97 37.96 -34.58
C LYS A 262 13.94 37.31 -35.96
N TYR A 263 14.97 36.53 -36.28
CA TYR A 263 14.99 35.78 -37.54
C TYR A 263 13.88 34.73 -37.55
N ARG A 264 13.66 34.08 -36.41
CA ARG A 264 12.55 33.13 -36.30
C ARG A 264 11.21 33.80 -36.56
N LEU A 265 11.03 35.01 -36.01
CA LEU A 265 9.81 35.78 -36.23
C LEU A 265 9.68 36.16 -37.70
N ASP A 266 10.79 36.51 -38.35
CA ASP A 266 10.74 36.83 -39.77
C ASP A 266 10.24 35.64 -40.57
N LEU A 267 10.76 34.45 -40.27
CA LEU A 267 10.28 33.25 -40.95
C LEU A 267 8.81 32.98 -40.66
N LEU A 268 8.39 33.16 -39.40
CA LEU A 268 6.99 32.91 -39.06
C LEU A 268 6.05 33.90 -39.77
N ALA A 269 6.42 35.18 -39.82
CA ALA A 269 5.61 36.17 -40.50
C ALA A 269 5.58 35.91 -42.01
N GLN A 270 6.69 35.44 -42.57
CA GLN A 270 6.67 35.04 -43.98
C GLN A 270 5.72 33.87 -44.19
N ALA A 271 5.70 32.90 -43.26
CA ALA A 271 4.76 31.80 -43.34
C ALA A 271 3.32 32.26 -43.15
N GLY A 272 3.11 33.39 -42.48
CA GLY A 272 1.78 33.96 -42.36
C GLY A 272 1.08 33.76 -41.05
N VAL A 273 1.80 33.87 -39.92
CA VAL A 273 1.16 33.73 -38.62
C VAL A 273 0.22 34.91 -38.37
N ASP A 274 -0.86 34.64 -37.64
CA ASP A 274 -1.80 35.70 -37.26
C ASP A 274 -1.46 36.31 -35.90
N VAL A 275 -0.92 35.52 -34.99
CA VAL A 275 -0.51 35.98 -33.67
C VAL A 275 0.81 35.32 -33.29
N VAL A 276 1.67 36.08 -32.64
CA VAL A 276 2.87 35.56 -32.01
C VAL A 276 2.77 35.82 -30.52
N VAL A 277 3.18 34.83 -29.72
CA VAL A 277 3.14 34.92 -28.26
C VAL A 277 4.56 34.84 -27.73
N LEU A 278 4.90 35.75 -26.84
CA LEU A 278 6.24 35.80 -26.25
C LEU A 278 6.26 34.87 -25.05
N ASP A 279 6.92 33.73 -25.20
CA ASP A 279 6.85 32.63 -24.24
C ASP A 279 8.02 32.79 -23.28
N SER A 280 7.75 33.37 -22.11
CA SER A 280 8.75 33.58 -21.08
C SER A 280 8.15 33.27 -19.71
N SER A 281 9.02 32.96 -18.76
CA SER A 281 8.58 32.66 -17.40
C SER A 281 7.99 33.91 -16.76
N GLN A 282 8.66 35.04 -16.92
CA GLN A 282 8.19 36.31 -16.38
C GLN A 282 8.39 37.38 -17.44
N GLY A 283 7.28 37.92 -17.94
CA GLY A 283 7.33 38.80 -19.10
C GLY A 283 7.66 40.25 -18.82
N ASN A 284 7.77 40.64 -17.55
CA ASN A 284 8.07 42.04 -17.21
C ASN A 284 9.58 42.24 -17.24
N SER A 285 10.09 42.49 -18.44
CA SER A 285 11.53 42.65 -18.62
C SER A 285 11.82 43.58 -19.78
N ILE A 286 13.02 44.17 -19.75
CA ILE A 286 13.45 45.05 -20.82
C ILE A 286 13.51 44.30 -22.15
N PHE A 287 13.96 43.04 -22.11
CA PHE A 287 14.04 42.25 -23.32
C PHE A 287 12.67 42.06 -23.96
N GLN A 288 11.67 41.71 -23.14
CA GLN A 288 10.32 41.52 -23.66
C GLN A 288 9.73 42.83 -24.18
N ILE A 289 9.92 43.94 -23.45
CA ILE A 289 9.37 45.20 -23.91
C ILE A 289 10.03 45.64 -25.22
N ASN A 290 11.35 45.45 -25.33
CA ASN A 290 12.06 45.80 -26.55
C ASN A 290 11.60 44.95 -27.72
N MET A 291 11.40 43.65 -27.50
CA MET A 291 10.89 42.80 -28.57
C MET A 291 9.48 43.20 -28.98
N ILE A 292 8.65 43.61 -28.01
CA ILE A 292 7.30 44.05 -28.33
C ILE A 292 7.35 45.29 -29.22
N LYS A 293 8.18 46.27 -28.85
CA LYS A 293 8.28 47.47 -29.67
C LYS A 293 8.87 47.16 -31.05
N TYR A 294 9.84 46.25 -31.13
CA TYR A 294 10.40 45.87 -32.42
C TYR A 294 9.34 45.24 -33.31
N ILE A 295 8.53 44.33 -32.76
CA ILE A 295 7.50 43.69 -33.56
C ILE A 295 6.46 44.71 -34.00
N LYS A 296 6.04 45.60 -33.10
CA LYS A 296 5.05 46.59 -33.47
C LYS A 296 5.57 47.56 -34.51
N ASP A 297 6.88 47.82 -34.52
CA ASP A 297 7.46 48.69 -35.54
C ASP A 297 7.55 47.97 -36.88
N LYS A 298 8.00 46.71 -36.87
CA LYS A 298 8.27 46.02 -38.14
C LYS A 298 6.99 45.51 -38.79
N TYR A 299 6.15 44.82 -38.02
CA TYR A 299 4.90 44.25 -38.54
C TYR A 299 3.74 44.85 -37.76
N PRO A 300 3.21 45.99 -38.20
CA PRO A 300 2.12 46.63 -37.46
C PRO A 300 0.87 45.77 -37.33
N ASN A 301 0.54 44.97 -38.34
CA ASN A 301 -0.68 44.19 -38.32
C ASN A 301 -0.55 42.88 -37.56
N LEU A 302 0.67 42.48 -37.20
CA LEU A 302 0.85 41.27 -36.42
C LEU A 302 0.53 41.54 -34.95
N GLN A 303 -0.25 40.65 -34.35
CA GLN A 303 -0.66 40.80 -32.95
C GLN A 303 0.35 40.13 -32.04
N VAL A 304 0.58 40.75 -30.87
CA VAL A 304 1.53 40.27 -29.89
C VAL A 304 0.79 39.92 -28.61
N ILE A 305 1.15 38.79 -28.01
CA ILE A 305 0.62 38.38 -26.72
C ILE A 305 1.75 38.42 -25.71
N GLY A 306 1.59 39.22 -24.65
CA GLY A 306 2.61 39.34 -23.64
C GLY A 306 2.37 38.41 -22.46
N GLY A 307 3.40 38.31 -21.62
CA GLY A 307 3.33 37.46 -20.45
C GLY A 307 4.62 36.69 -20.23
N ASN A 308 4.65 35.86 -19.19
CA ASN A 308 3.55 35.63 -18.26
C ASN A 308 3.58 36.66 -17.13
N VAL A 309 2.41 37.20 -16.78
CA VAL A 309 2.28 38.19 -15.72
C VAL A 309 1.19 37.76 -14.75
N VAL A 310 1.34 38.19 -13.50
CA VAL A 310 0.37 37.84 -12.47
C VAL A 310 -0.04 39.06 -11.65
N THR A 311 0.61 40.20 -11.91
CA THR A 311 0.37 41.41 -11.13
C THR A 311 0.05 42.59 -12.03
N ALA A 312 -0.67 43.55 -11.45
CA ALA A 312 -1.05 44.75 -12.19
C ALA A 312 0.16 45.61 -12.52
N ALA A 313 1.21 45.56 -11.69
CA ALA A 313 2.42 46.31 -12.00
C ALA A 313 3.10 45.78 -13.26
N GLN A 314 3.04 44.46 -13.49
CA GLN A 314 3.54 43.89 -14.73
C GLN A 314 2.61 44.18 -15.90
N ALA A 315 1.29 44.09 -15.64
CA ALA A 315 0.33 44.34 -16.70
C ALA A 315 0.44 45.77 -17.21
N LYS A 316 0.69 46.73 -16.32
CA LYS A 316 0.84 48.12 -16.75
C LYS A 316 2.02 48.29 -17.69
N ASN A 317 3.16 47.70 -17.33
CA ASN A 317 4.35 47.82 -18.17
C ASN A 317 4.12 47.18 -19.54
N LEU A 318 3.49 46.00 -19.57
CA LEU A 318 3.29 45.35 -20.86
C LEU A 318 2.24 46.06 -21.70
N ILE A 319 1.18 46.58 -21.07
CA ILE A 319 0.14 47.27 -21.82
C ILE A 319 0.67 48.58 -22.39
N ASP A 320 1.49 49.30 -21.62
CA ASP A 320 2.06 50.54 -22.12
C ASP A 320 2.93 50.30 -23.34
N ALA A 321 3.65 49.17 -23.37
CA ALA A 321 4.51 48.85 -24.49
C ALA A 321 3.75 48.50 -25.76
N GLY A 322 2.45 48.25 -25.66
CA GLY A 322 1.63 47.93 -26.80
C GLY A 322 1.16 46.49 -26.91
N VAL A 323 1.10 45.75 -25.79
CA VAL A 323 0.63 44.37 -25.84
C VAL A 323 -0.86 44.34 -26.15
N ASP A 324 -1.25 43.40 -27.03
CA ASP A 324 -2.64 43.25 -27.42
C ASP A 324 -3.39 42.21 -26.60
N ALA A 325 -2.68 41.32 -25.90
CA ALA A 325 -3.33 40.32 -25.05
C ALA A 325 -2.32 39.84 -24.02
N LEU A 326 -2.81 39.63 -22.80
CA LEU A 326 -1.96 39.23 -21.68
C LEU A 326 -2.17 37.76 -21.36
N ARG A 327 -1.09 37.09 -20.97
CA ARG A 327 -1.12 35.69 -20.59
C ARG A 327 -0.82 35.59 -19.10
N VAL A 328 -1.75 35.04 -18.32
CA VAL A 328 -1.71 35.10 -16.87
C VAL A 328 -1.37 33.73 -16.32
N GLY A 329 -0.34 33.66 -15.48
CA GLY A 329 0.06 32.43 -14.84
C GLY A 329 1.50 32.43 -14.41
N MET A 330 1.79 31.89 -13.23
CA MET A 330 3.18 31.85 -12.74
C MET A 330 3.27 30.67 -11.76
N GLY A 331 3.85 29.57 -12.22
CA GLY A 331 4.05 28.41 -11.37
C GLY A 331 2.81 27.66 -10.99
N SER A 332 1.65 28.01 -11.57
CA SER A 332 0.42 27.30 -11.29
C SER A 332 0.21 26.09 -12.18
N GLY A 333 1.08 25.89 -13.17
CA GLY A 333 0.90 24.78 -14.09
C GLY A 333 1.15 23.44 -13.43
N SER A 334 0.65 22.39 -14.04
CA SER A 334 0.86 21.09 -13.47
C SER A 334 2.32 20.69 -13.57
N ILE A 335 2.99 21.24 -14.56
CA ILE A 335 4.36 20.85 -14.85
C ILE A 335 5.38 21.77 -14.19
N CYS A 336 4.95 22.88 -13.62
CA CYS A 336 5.88 23.89 -13.13
C CYS A 336 6.31 23.59 -11.69
N ILE A 337 7.54 24.00 -11.38
CA ILE A 337 8.07 23.92 -10.02
C ILE A 337 8.68 25.27 -9.65
N THR A 338 8.27 26.31 -10.38
CA THR A 338 8.85 27.64 -10.16
C THR A 338 8.53 28.15 -8.75
N GLN A 339 7.29 27.94 -8.29
CA GLN A 339 6.93 28.39 -6.95
C GLN A 339 7.70 27.68 -5.86
N GLU A 340 8.32 26.55 -6.16
CA GLU A 340 9.15 25.83 -5.20
C GLU A 340 10.62 26.19 -5.32
N VAL A 341 11.11 26.39 -6.54
CA VAL A 341 12.54 26.64 -6.76
C VAL A 341 12.88 28.12 -6.59
N LEU A 342 12.11 29.02 -7.20
CA LEU A 342 12.41 30.44 -7.19
C LEU A 342 11.55 31.23 -6.22
N ALA A 343 10.56 30.59 -5.58
CA ALA A 343 9.73 31.19 -4.54
C ALA A 343 8.88 32.34 -5.06
N CYS A 344 8.81 32.50 -6.38
CA CYS A 344 8.00 33.54 -6.99
C CYS A 344 6.75 32.94 -7.64
N GLY A 345 5.65 33.66 -7.55
CA GLY A 345 4.41 33.19 -8.14
C GLY A 345 3.23 33.84 -7.47
N ARG A 346 2.05 33.31 -7.82
CA ARG A 346 0.78 33.77 -7.26
C ARG A 346 -0.26 32.70 -7.47
N PRO A 347 -1.23 32.58 -6.57
CA PRO A 347 -2.37 31.68 -6.83
C PRO A 347 -3.13 32.11 -8.07
N GLN A 348 -3.62 31.11 -8.81
CA GLN A 348 -4.09 31.34 -10.18
C GLN A 348 -5.36 32.18 -10.21
N ALA A 349 -6.33 31.87 -9.35
CA ALA A 349 -7.59 32.61 -9.37
C ALA A 349 -7.37 34.08 -9.02
N THR A 350 -6.60 34.34 -7.96
CA THR A 350 -6.31 35.71 -7.57
C THR A 350 -5.55 36.44 -8.67
N ALA A 351 -4.56 35.78 -9.28
CA ALA A 351 -3.79 36.41 -10.35
C ALA A 351 -4.67 36.74 -11.54
N VAL A 352 -5.54 35.81 -11.93
CA VAL A 352 -6.42 36.04 -13.08
C VAL A 352 -7.35 37.21 -12.81
N TYR A 353 -7.97 37.24 -11.63
CA TYR A 353 -8.86 38.35 -11.30
C TYR A 353 -8.11 39.67 -11.30
N LYS A 354 -6.94 39.72 -10.64
CA LYS A 354 -6.23 40.98 -10.51
C LYS A 354 -5.76 41.51 -11.86
N VAL A 355 -5.24 40.64 -12.72
CA VAL A 355 -4.78 41.09 -14.02
C VAL A 355 -5.94 41.47 -14.92
N SER A 356 -7.04 40.70 -14.88
CA SER A 356 -8.19 41.00 -15.72
C SER A 356 -8.83 42.32 -15.34
N GLU A 357 -8.91 42.61 -14.03
CA GLU A 357 -9.51 43.86 -13.59
C GLU A 357 -8.74 45.06 -14.14
N TYR A 358 -7.41 45.00 -14.12
CA TYR A 358 -6.60 46.10 -14.64
C TYR A 358 -6.67 46.17 -16.16
N ALA A 359 -6.58 45.02 -16.84
CA ALA A 359 -6.58 45.02 -18.30
C ALA A 359 -7.92 45.46 -18.86
N ARG A 360 -9.00 45.26 -18.11
CA ARG A 360 -10.32 45.69 -18.55
C ARG A 360 -10.37 47.20 -18.78
N ARG A 361 -9.62 47.96 -17.96
CA ARG A 361 -9.62 49.41 -18.09
C ARG A 361 -9.16 49.85 -19.46
N PHE A 362 -8.30 49.07 -20.11
CA PHE A 362 -7.75 49.43 -21.41
C PHE A 362 -8.24 48.52 -22.53
N GLY A 363 -9.19 47.64 -22.26
CA GLY A 363 -9.75 46.79 -23.30
C GLY A 363 -8.87 45.66 -23.74
N VAL A 364 -7.91 45.24 -22.93
CA VAL A 364 -6.97 44.18 -23.28
C VAL A 364 -7.48 42.86 -22.73
N PRO A 365 -7.78 41.88 -23.58
CA PRO A 365 -8.15 40.55 -23.06
C PRO A 365 -6.97 39.86 -22.41
N VAL A 366 -7.27 38.94 -21.50
CA VAL A 366 -6.26 38.14 -20.84
C VAL A 366 -6.55 36.67 -21.08
N ILE A 367 -5.49 35.87 -21.09
CA ILE A 367 -5.60 34.42 -21.29
C ILE A 367 -5.23 33.74 -19.98
N ALA A 368 -6.19 33.02 -19.40
CA ALA A 368 -5.93 32.24 -18.20
C ALA A 368 -5.09 31.03 -18.58
N ASP A 369 -3.85 30.99 -18.09
CA ASP A 369 -2.87 30.00 -18.51
C ASP A 369 -2.45 29.17 -17.31
N GLY A 370 -2.50 27.85 -17.46
CA GLY A 370 -2.05 26.95 -16.42
C GLY A 370 -3.04 26.74 -15.30
N GLY A 371 -2.96 25.59 -14.64
CA GLY A 371 -3.84 25.32 -13.51
C GLY A 371 -5.27 25.00 -13.86
N ILE A 372 -5.53 24.54 -15.08
CA ILE A 372 -6.87 24.20 -15.53
C ILE A 372 -6.98 22.69 -15.59
N GLN A 373 -7.92 22.12 -14.83
CA GLN A 373 -8.11 20.68 -14.77
C GLN A 373 -9.53 20.23 -15.06
N ASN A 374 -10.54 21.08 -14.92
CA ASN A 374 -11.92 20.69 -15.13
C ASN A 374 -12.68 21.77 -15.88
N VAL A 375 -13.84 21.39 -16.41
CA VAL A 375 -14.75 22.37 -17.01
C VAL A 375 -15.18 23.37 -15.95
N GLY A 376 -15.27 22.94 -14.69
CA GLY A 376 -15.53 23.88 -13.62
C GLY A 376 -14.42 24.92 -13.47
N HIS A 377 -13.17 24.48 -13.59
CA HIS A 377 -12.06 25.42 -13.57
C HIS A 377 -12.14 26.39 -14.76
N ILE A 378 -12.49 25.88 -15.94
CA ILE A 378 -12.64 26.75 -17.10
C ILE A 378 -13.73 27.78 -16.86
N ALA A 379 -14.87 27.35 -16.31
CA ALA A 379 -15.97 28.26 -16.04
C ALA A 379 -15.58 29.31 -15.01
N LYS A 380 -14.87 28.91 -13.96
CA LYS A 380 -14.42 29.86 -12.95
C LYS A 380 -13.46 30.88 -13.55
N ALA A 381 -12.52 30.42 -14.38
CA ALA A 381 -11.57 31.34 -14.99
C ALA A 381 -12.28 32.32 -15.92
N LEU A 382 -13.26 31.84 -16.70
CA LEU A 382 -14.03 32.74 -17.55
C LEU A 382 -14.83 33.74 -16.73
N ALA A 383 -15.42 33.29 -15.61
CA ALA A 383 -16.23 34.19 -14.80
C ALA A 383 -15.39 35.24 -14.08
N LEU A 384 -14.14 34.91 -13.74
CA LEU A 384 -13.30 35.84 -13.00
C LEU A 384 -12.76 36.98 -13.86
N GLY A 385 -12.97 36.96 -15.17
CA GLY A 385 -12.54 38.04 -16.02
C GLY A 385 -11.67 37.65 -17.20
N ALA A 386 -11.25 36.39 -17.31
CA ALA A 386 -10.47 35.97 -18.47
C ALA A 386 -11.38 35.82 -19.69
N SER A 387 -10.81 36.04 -20.87
CA SER A 387 -11.55 35.90 -22.11
C SER A 387 -11.30 34.56 -22.79
N THR A 388 -10.10 34.02 -22.70
CA THR A 388 -9.78 32.71 -23.25
C THR A 388 -8.93 31.94 -22.24
N VAL A 389 -8.96 30.62 -22.37
CA VAL A 389 -8.27 29.73 -21.44
C VAL A 389 -7.28 28.88 -22.23
N MET A 390 -6.03 28.89 -21.79
CA MET A 390 -4.97 28.07 -22.38
C MET A 390 -4.67 26.90 -21.46
N MET A 391 -4.56 25.71 -22.03
CA MET A 391 -4.43 24.52 -21.22
C MET A 391 -3.31 23.64 -21.76
N GLY A 392 -2.74 22.85 -20.86
CA GLY A 392 -1.73 21.86 -21.17
C GLY A 392 -2.26 20.45 -20.97
N SER A 393 -1.98 19.89 -19.79
CA SER A 393 -2.36 18.51 -19.46
C SER A 393 -3.79 18.18 -19.86
N LEU A 394 -4.70 19.15 -19.87
CA LEU A 394 -6.07 18.87 -20.29
C LEU A 394 -6.17 18.49 -21.76
N LEU A 395 -5.14 18.80 -22.55
CA LEU A 395 -5.11 18.42 -23.96
C LEU A 395 -3.98 17.45 -24.29
N ALA A 396 -3.04 17.22 -23.38
CA ALA A 396 -1.92 16.34 -23.67
C ALA A 396 -2.39 14.89 -23.76
N ALA A 397 -1.55 14.07 -24.41
CA ALA A 397 -1.78 12.64 -24.59
C ALA A 397 -3.06 12.34 -25.38
N THR A 398 -3.48 13.26 -26.24
CA THR A 398 -4.58 12.97 -27.14
C THR A 398 -4.03 12.42 -28.46
N THR A 399 -4.97 12.08 -29.35
CA THR A 399 -4.57 11.58 -30.67
C THR A 399 -3.77 12.62 -31.44
N GLU A 400 -4.20 13.89 -31.37
CA GLU A 400 -3.57 14.95 -32.14
C GLU A 400 -2.30 15.48 -31.48
N ALA A 401 -2.01 15.08 -30.25
CA ALA A 401 -0.80 15.57 -29.59
C ALA A 401 0.43 14.85 -30.14
N PRO A 402 1.56 15.54 -30.24
CA PRO A 402 2.78 14.88 -30.71
C PRO A 402 3.23 13.77 -29.76
N GLY A 403 3.88 12.76 -30.31
CA GLY A 403 4.39 11.67 -29.53
C GLY A 403 3.61 10.38 -29.73
N GLU A 404 4.12 9.33 -29.10
CA GLU A 404 3.52 8.00 -29.19
C GLU A 404 3.34 7.43 -27.78
N TYR A 405 2.29 6.63 -27.63
CA TYR A 405 1.92 6.11 -26.32
C TYR A 405 2.85 4.99 -25.89
N PHE A 406 2.86 4.73 -24.58
CA PHE A 406 3.66 3.68 -23.98
C PHE A 406 2.87 3.07 -22.83
N PHE A 407 3.48 2.12 -22.13
CA PHE A 407 2.84 1.43 -21.01
C PHE A 407 3.78 1.46 -19.80
N SER A 408 3.39 2.21 -18.78
CA SER A 408 4.10 2.23 -17.51
C SER A 408 3.26 1.53 -16.45
N ASP A 409 3.86 0.52 -15.81
CA ASP A 409 3.18 -0.29 -14.80
C ASP A 409 1.89 -0.89 -15.33
N GLY A 410 1.88 -1.20 -16.63
CA GLY A 410 0.68 -1.71 -17.27
C GLY A 410 -0.37 -0.68 -17.60
N ILE A 411 -0.04 0.60 -17.58
CA ILE A 411 -0.99 1.68 -17.82
C ILE A 411 -0.54 2.43 -19.07
N ARG A 412 -1.47 2.58 -20.02
CA ARG A 412 -1.17 3.32 -21.24
C ARG A 412 -0.98 4.80 -20.92
N LEU A 413 0.12 5.37 -21.39
CA LEU A 413 0.48 6.74 -21.05
C LEU A 413 1.25 7.37 -22.19
N LYS A 414 1.34 8.70 -22.16
CA LYS A 414 2.18 9.46 -23.07
C LYS A 414 3.01 10.44 -22.26
N LYS A 415 4.22 10.71 -22.75
CA LYS A 415 5.14 11.60 -22.06
C LYS A 415 4.57 13.01 -21.97
N TYR A 416 5.01 13.77 -20.97
CA TYR A 416 4.59 15.16 -20.81
C TYR A 416 5.64 15.88 -19.99
N ARG A 417 6.12 17.01 -20.51
CA ARG A 417 7.22 17.73 -19.90
C ARG A 417 7.01 19.23 -20.05
N GLY A 418 7.66 20.00 -19.18
CA GLY A 418 7.61 21.44 -19.28
C GLY A 418 8.73 22.00 -20.15
N MET A 419 8.46 23.17 -20.72
CA MET A 419 9.46 23.83 -21.57
C MET A 419 10.67 24.31 -20.79
N GLY A 420 10.54 24.51 -19.49
CA GLY A 420 11.64 24.86 -18.62
C GLY A 420 12.30 23.69 -17.94
N SER A 421 11.93 22.47 -18.28
CA SER A 421 12.56 21.29 -17.68
C SER A 421 14.00 21.17 -18.15
N LEU A 422 14.78 20.37 -17.42
CA LEU A 422 16.18 20.19 -17.76
C LEU A 422 16.36 19.55 -19.14
N ASP A 423 15.32 18.92 -19.68
CA ASP A 423 15.35 18.44 -21.06
C ASP A 423 14.95 19.56 -22.01
N ALA A 424 15.68 20.68 -21.95
CA ALA A 424 15.37 21.84 -22.77
C ALA A 424 15.99 21.76 -24.15
N MET A 425 17.12 21.07 -24.28
CA MET A 425 17.80 20.93 -25.55
C MET A 425 17.09 19.90 -26.45
N LYS A 441 26.79 26.44 -18.65
CA LYS A 441 27.46 25.85 -17.49
C LYS A 441 26.46 25.22 -16.54
N ILE A 442 25.83 26.05 -15.72
CA ILE A 442 24.84 25.57 -14.75
C ILE A 442 23.46 26.14 -15.05
N LYS A 443 22.48 25.26 -15.20
CA LYS A 443 21.11 25.67 -15.48
C LYS A 443 20.18 25.12 -14.41
N VAL A 444 19.14 25.89 -14.09
CA VAL A 444 18.19 25.55 -13.03
C VAL A 444 16.92 24.99 -13.67
N ALA A 445 16.41 23.91 -13.10
CA ALA A 445 15.22 23.27 -13.65
C ALA A 445 13.96 23.94 -13.12
N GLN A 446 13.24 24.61 -14.01
CA GLN A 446 11.95 25.22 -13.66
C GLN A 446 10.77 24.36 -14.08
N GLY A 447 11.01 23.19 -14.66
CA GLY A 447 9.95 22.30 -15.08
C GLY A 447 10.29 20.86 -14.73
N VAL A 448 9.34 19.98 -15.03
CA VAL A 448 9.44 18.56 -14.71
C VAL A 448 9.03 17.74 -15.93
N SER A 449 9.72 16.62 -16.12
CA SER A 449 9.39 15.67 -17.17
C SER A 449 8.60 14.51 -16.56
N GLY A 450 7.41 14.27 -17.10
CA GLY A 450 6.52 13.25 -16.56
C GLY A 450 5.70 12.63 -17.66
N ALA A 451 4.52 12.11 -17.28
CA ALA A 451 3.63 11.47 -18.23
C ALA A 451 2.19 11.61 -17.75
N VAL A 452 1.27 11.63 -18.72
CA VAL A 452 -0.16 11.70 -18.44
C VAL A 452 -0.87 10.64 -19.26
N GLN A 453 -2.06 10.25 -18.81
CA GLN A 453 -2.82 9.21 -19.49
C GLN A 453 -3.53 9.79 -20.72
N ASP A 454 -3.97 8.87 -21.59
CA ASP A 454 -4.60 9.27 -22.84
C ASP A 454 -5.96 9.91 -22.60
N LYS A 455 -6.40 10.71 -23.57
CA LYS A 455 -7.68 11.40 -23.49
C LYS A 455 -8.51 11.23 -24.76
N GLY A 456 -8.21 10.23 -25.58
CA GLY A 456 -8.97 10.04 -26.80
C GLY A 456 -8.54 11.03 -27.86
N SER A 457 -9.52 11.66 -28.49
CA SER A 457 -9.27 12.67 -29.52
C SER A 457 -9.92 13.98 -29.09
N ILE A 458 -9.21 15.09 -29.31
CA ILE A 458 -9.77 16.38 -28.94
C ILE A 458 -10.95 16.71 -29.83
N HIS A 459 -11.05 16.10 -31.01
CA HIS A 459 -12.13 16.42 -31.92
C HIS A 459 -13.48 15.99 -31.36
N LYS A 460 -13.49 15.12 -30.35
CA LYS A 460 -14.67 14.82 -29.56
C LYS A 460 -14.57 15.28 -28.12
N PHE A 461 -13.35 15.56 -27.63
CA PHE A 461 -13.19 16.03 -26.26
C PHE A 461 -13.59 17.50 -26.12
N VAL A 462 -13.29 18.31 -27.13
CA VAL A 462 -13.64 19.73 -27.08
C VAL A 462 -15.15 19.96 -26.98
N PRO A 463 -15.99 19.26 -27.74
CA PRO A 463 -17.45 19.43 -27.54
C PRO A 463 -17.91 19.13 -26.12
N TYR A 464 -17.25 18.21 -25.41
CA TYR A 464 -17.59 17.99 -24.01
C TYR A 464 -17.32 19.25 -23.18
N LEU A 465 -16.17 19.88 -23.40
CA LEU A 465 -15.86 21.12 -22.69
C LEU A 465 -16.85 22.22 -23.05
N ILE A 466 -17.23 22.29 -24.33
CA ILE A 466 -18.18 23.31 -24.78
C ILE A 466 -19.53 23.12 -24.09
N ALA A 467 -20.00 21.87 -24.03
CA ALA A 467 -21.27 21.58 -23.38
C ALA A 467 -21.20 21.87 -21.89
N GLY A 468 -20.08 21.54 -21.26
CA GLY A 468 -19.92 21.87 -19.84
C GLY A 468 -19.96 23.36 -19.58
N ILE A 469 -19.28 24.13 -20.42
CA ILE A 469 -19.28 25.59 -20.27
C ILE A 469 -20.70 26.13 -20.47
N GLN A 470 -21.41 25.61 -21.47
CA GLN A 470 -22.77 26.07 -21.73
C GLN A 470 -23.69 25.77 -20.56
N HIS A 471 -23.59 24.57 -20.00
CA HIS A 471 -24.42 24.22 -18.84
C HIS A 471 -24.05 25.05 -17.62
N SER A 472 -22.76 25.33 -17.42
CA SER A 472 -22.35 26.15 -16.29
C SER A 472 -22.88 27.57 -16.42
N CYS A 473 -22.83 28.13 -17.63
CA CYS A 473 -23.40 29.46 -17.86
C CYS A 473 -24.91 29.45 -17.65
N GLN A 474 -25.59 28.38 -18.08
CA GLN A 474 -27.02 28.28 -17.86
C GLN A 474 -27.34 28.26 -16.36
N ASP A 475 -26.58 27.48 -15.58
CA ASP A 475 -26.80 27.43 -14.15
C ASP A 475 -26.50 28.78 -13.49
N ILE A 476 -25.46 29.46 -13.96
CA ILE A 476 -25.13 30.80 -13.45
C ILE A 476 -26.27 31.78 -13.75
N GLY A 477 -26.90 31.65 -14.90
CA GLY A 477 -27.96 32.56 -15.29
C GLY A 477 -27.58 33.56 -16.34
N ALA A 478 -26.49 33.35 -17.06
CA ALA A 478 -26.04 34.24 -18.12
C ALA A 478 -26.11 33.50 -19.46
N LYS A 479 -26.65 34.17 -20.47
CA LYS A 479 -26.78 33.58 -21.80
C LYS A 479 -25.57 33.85 -22.68
N SER A 480 -24.52 34.48 -22.16
CA SER A 480 -23.30 34.66 -22.92
C SER A 480 -22.12 34.85 -21.96
N LEU A 481 -20.94 34.47 -22.44
CA LEU A 481 -19.72 34.65 -21.66
C LEU A 481 -19.37 36.11 -21.48
N THR A 482 -19.87 36.99 -22.35
CA THR A 482 -19.73 38.42 -22.10
C THR A 482 -20.68 38.86 -20.99
N GLN A 483 -21.90 38.34 -20.99
CA GLN A 483 -22.87 38.71 -19.97
C GLN A 483 -22.43 38.26 -18.58
N VAL A 484 -21.82 37.07 -18.49
CA VAL A 484 -21.41 36.60 -17.17
C VAL A 484 -20.33 37.51 -16.59
N ARG A 485 -19.37 37.94 -17.41
CA ARG A 485 -18.37 38.89 -16.93
C ARG A 485 -19.01 40.24 -16.62
N ALA A 486 -20.00 40.65 -17.40
CA ALA A 486 -20.68 41.91 -17.14
C ALA A 486 -21.34 41.90 -15.77
N MET A 487 -22.08 40.83 -15.46
CA MET A 487 -22.74 40.77 -14.15
C MET A 487 -21.74 40.56 -13.02
N MET A 488 -20.64 39.85 -13.28
CA MET A 488 -19.59 39.72 -12.27
C MET A 488 -19.00 41.07 -11.92
N TYR A 489 -18.73 41.92 -12.93
CA TYR A 489 -18.19 43.24 -12.66
C TYR A 489 -19.22 44.15 -12.02
N SER A 490 -20.49 44.07 -12.44
CA SER A 490 -21.53 44.91 -11.86
C SER A 490 -21.92 44.48 -10.45
N GLY A 491 -21.57 43.26 -10.04
CA GLY A 491 -21.87 42.81 -8.70
C GLY A 491 -23.10 41.94 -8.59
N GLU A 492 -23.78 41.64 -9.69
CA GLU A 492 -24.93 40.74 -9.65
C GLU A 492 -24.50 39.30 -9.38
N LEU A 493 -23.39 38.87 -9.97
CA LEU A 493 -22.86 37.54 -9.71
C LEU A 493 -22.24 37.48 -8.32
N LYS A 494 -22.55 36.40 -7.60
CA LYS A 494 -22.09 36.23 -6.23
C LYS A 494 -21.24 34.97 -6.11
N PHE A 495 -20.31 35.00 -5.17
CA PHE A 495 -19.39 33.91 -4.93
C PHE A 495 -19.44 33.51 -3.47
N GLU A 496 -19.02 32.29 -3.18
CA GLU A 496 -19.03 31.78 -1.81
C GLU A 496 -17.71 31.07 -1.56
N LYS A 497 -16.92 31.59 -0.63
CA LYS A 497 -15.68 30.95 -0.24
C LYS A 497 -15.99 29.69 0.56
N ARG A 498 -15.27 28.60 0.27
CA ARG A 498 -15.52 27.32 0.90
C ARG A 498 -14.24 26.76 1.51
N THR A 499 -14.39 26.13 2.68
CA THR A 499 -13.25 25.63 3.43
C THR A 499 -12.78 24.29 2.87
N SER A 500 -11.75 23.74 3.52
CA SER A 500 -11.19 22.46 3.09
C SER A 500 -12.20 21.34 3.21
N SER A 501 -12.96 21.32 4.32
CA SER A 501 -13.98 20.29 4.50
C SER A 501 -15.07 20.40 3.44
N ALA A 502 -15.45 21.62 3.08
CA ALA A 502 -16.46 21.80 2.04
C ALA A 502 -15.99 21.26 0.70
N GLN A 503 -14.69 21.37 0.41
CA GLN A 503 -14.16 20.77 -0.82
C GLN A 503 -14.28 19.26 -0.79
N VAL A 504 -13.98 18.64 0.35
CA VAL A 504 -14.12 17.19 0.48
C VAL A 504 -15.58 16.79 0.28
N GLU A 505 -16.50 17.56 0.86
CA GLU A 505 -17.93 17.29 0.66
C GLU A 505 -18.33 17.45 -0.79
N GLY A 506 -17.80 18.46 -1.48
CA GLY A 506 -18.13 18.67 -2.88
C GLY A 506 -17.52 17.64 -3.80
N GLY A 507 -16.47 16.95 -3.37
CA GLY A 507 -15.94 15.84 -4.11
C GLY A 507 -16.74 14.57 -3.89
N VAL A 508 -16.26 13.49 -4.50
CA VAL A 508 -16.90 12.19 -4.34
C VAL A 508 -16.55 11.62 -2.98
N HIS A 509 -17.56 11.13 -2.27
CA HIS A 509 -17.36 10.57 -0.93
C HIS A 509 -18.48 9.59 -0.64
N SER A 510 -18.32 8.87 0.48
CA SER A 510 -19.31 7.91 0.96
C SER A 510 -19.55 6.77 -0.03
N LEU A 511 -18.53 6.42 -0.81
CA LEU A 511 -18.59 5.32 -1.74
C LEU A 511 -17.37 4.41 -1.56
N HIS A 512 -17.58 3.11 -1.75
CA HIS A 512 -16.47 2.17 -1.75
C HIS A 512 -15.64 2.29 -3.01
N SER A 513 -16.30 2.39 -4.16
CA SER A 513 -15.64 2.63 -5.44
C SER A 513 -16.64 3.31 -6.35
N TYR A 514 -16.13 3.96 -7.40
CA TYR A 514 -16.98 4.75 -8.27
C TYR A 514 -16.41 4.78 -9.67
N GLU A 515 -17.23 5.26 -10.60
CA GLU A 515 -16.94 5.24 -12.03
C GLU A 515 -17.13 6.64 -12.60
N LYS A 516 -16.04 7.28 -12.99
CA LYS A 516 -16.12 8.66 -13.49
C LYS A 516 -16.16 8.71 -15.01
N ARG A 517 -17.27 8.29 -15.59
CA ARG A 517 -17.49 8.46 -17.03
C ARG A 517 -18.10 9.82 -17.28
N LEU A 518 -17.39 10.69 -18.00
CA LEU A 518 -17.86 12.04 -18.25
C LEU A 518 -18.65 12.16 -19.55
N PHE A 519 -18.23 11.46 -20.59
CA PHE A 519 -18.94 11.49 -21.88
C PHE A 519 -18.49 10.34 -22.76
N SER B 16 -29.37 33.30 37.66
CA SER B 16 -29.42 33.02 36.24
C SER B 16 -28.49 33.96 35.47
N TYR B 17 -27.19 33.85 35.73
CA TYR B 17 -26.21 34.68 35.05
C TYR B 17 -25.97 34.17 33.63
N VAL B 18 -25.72 32.87 33.48
CA VAL B 18 -25.50 32.22 32.19
C VAL B 18 -24.40 32.96 31.43
N PRO B 19 -23.13 32.77 31.80
CA PRO B 19 -22.04 33.47 31.11
C PRO B 19 -22.04 33.19 29.61
N ASP B 20 -21.79 34.24 28.82
CA ASP B 20 -21.76 34.09 27.37
C ASP B 20 -20.54 33.28 26.99
N ASP B 21 -20.75 32.24 26.19
CA ASP B 21 -19.65 31.37 25.78
C ASP B 21 -20.07 30.64 24.50
N GLY B 22 -19.45 30.99 23.39
CA GLY B 22 -19.81 30.43 22.10
C GLY B 22 -20.43 31.47 21.18
N LEU B 23 -20.67 31.05 19.95
CA LEU B 23 -21.23 31.91 18.92
C LEU B 23 -22.63 31.47 18.55
N THR B 24 -23.51 32.44 18.32
CA THR B 24 -24.83 32.14 17.79
C THR B 24 -24.72 31.77 16.31
N ALA B 25 -25.82 31.24 15.77
CA ALA B 25 -25.83 30.85 14.36
C ALA B 25 -25.66 32.05 13.45
N GLN B 26 -26.27 33.19 13.81
CA GLN B 26 -26.11 34.39 13.01
C GLN B 26 -24.66 34.85 12.98
N GLN B 27 -23.96 34.77 14.11
CA GLN B 27 -22.54 35.12 14.14
C GLN B 27 -21.71 34.09 13.37
N LEU B 28 -22.08 32.82 13.45
CA LEU B 28 -21.28 31.78 12.82
C LEU B 28 -21.38 31.84 11.30
N PHE B 29 -22.57 32.13 10.78
CA PHE B 29 -22.79 32.10 9.34
C PHE B 29 -22.82 33.49 8.70
N ASN B 30 -22.07 34.44 9.24
CA ASN B 30 -21.84 35.72 8.58
C ASN B 30 -20.35 36.02 8.45
N CYS B 31 -19.48 35.05 8.71
CA CYS B 31 -18.04 35.25 8.62
C CYS B 31 -17.54 35.32 7.19
N GLY B 32 -18.36 34.97 6.20
CA GLY B 32 -17.98 35.04 4.82
C GLY B 32 -17.28 33.82 4.26
N ASP B 33 -17.38 32.67 4.94
CA ASP B 33 -16.76 31.44 4.48
C ASP B 33 -17.76 30.31 4.57
N GLY B 34 -17.50 29.24 3.81
CA GLY B 34 -18.44 28.14 3.72
C GLY B 34 -18.26 27.06 4.76
N LEU B 35 -19.10 27.08 5.80
CA LEU B 35 -19.07 26.03 6.79
C LEU B 35 -19.89 24.84 6.33
N THR B 36 -19.34 23.64 6.49
CA THR B 36 -20.04 22.39 6.29
C THR B 36 -20.41 21.80 7.65
N TYR B 37 -20.94 20.58 7.65
CA TYR B 37 -21.34 19.97 8.91
C TYR B 37 -20.13 19.64 9.79
N ASN B 38 -18.96 19.43 9.18
CA ASN B 38 -17.81 18.95 9.93
C ASN B 38 -17.15 20.05 10.75
N ASP B 39 -17.12 21.28 10.25
CA ASP B 39 -16.30 22.31 10.86
C ASP B 39 -17.07 23.23 11.80
N PHE B 40 -18.06 22.72 12.52
CA PHE B 40 -18.67 23.43 13.63
C PHE B 40 -19.34 22.43 14.55
N LEU B 41 -19.60 22.86 15.78
CA LEU B 41 -20.19 22.00 16.80
C LEU B 41 -21.30 22.76 17.52
N ILE B 42 -22.11 22.01 18.26
CA ILE B 42 -23.16 22.58 19.09
C ILE B 42 -22.74 22.41 20.55
N LEU B 43 -22.77 23.51 21.30
CA LEU B 43 -22.32 23.45 22.68
C LEU B 43 -23.37 22.80 23.58
N PRO B 44 -22.93 22.09 24.62
CA PRO B 44 -23.88 21.41 25.50
C PRO B 44 -24.76 22.41 26.26
N GLY B 45 -25.95 21.94 26.62
CA GLY B 45 -26.88 22.76 27.38
C GLY B 45 -27.17 22.21 28.76
N TYR B 46 -28.42 22.31 29.19
CA TYR B 46 -28.84 21.85 30.51
C TYR B 46 -29.83 20.71 30.35
N ILE B 47 -29.60 19.61 31.06
CA ILE B 47 -30.43 18.42 30.98
C ILE B 47 -31.31 18.37 32.21
N ASP B 48 -32.63 18.39 32.01
CA ASP B 48 -33.59 18.24 33.09
C ASP B 48 -34.70 17.27 32.70
N PHE B 49 -34.40 16.31 31.84
CA PHE B 49 -35.37 15.32 31.39
C PHE B 49 -34.64 14.10 30.87
N THR B 50 -35.38 13.00 30.73
CA THR B 50 -34.79 11.76 30.25
C THR B 50 -34.59 11.80 28.74
N ALA B 51 -33.72 10.91 28.25
CA ALA B 51 -33.35 10.92 26.85
C ALA B 51 -34.55 10.57 25.96
N ASP B 52 -35.26 9.49 26.28
CA ASP B 52 -36.40 9.07 25.47
C ASP B 52 -37.65 9.83 25.85
N GLN B 53 -37.57 11.16 25.81
CA GLN B 53 -38.71 12.01 26.11
C GLN B 53 -38.77 13.15 25.10
N VAL B 54 -37.84 13.14 24.14
CA VAL B 54 -37.74 14.21 23.16
C VAL B 54 -38.77 13.97 22.06
N ASP B 55 -39.60 14.98 21.78
CA ASP B 55 -40.60 14.88 20.74
C ASP B 55 -39.97 15.14 19.38
N LEU B 56 -40.06 14.18 18.47
CA LEU B 56 -39.45 14.28 17.15
C LEU B 56 -40.43 14.67 16.06
N THR B 57 -41.65 15.09 16.42
CA THR B 57 -42.62 15.50 15.42
C THR B 57 -42.08 16.67 14.60
N SER B 58 -42.19 16.56 13.28
CA SER B 58 -41.66 17.58 12.39
C SER B 58 -42.58 17.74 11.20
N ALA B 59 -42.57 18.93 10.61
CA ALA B 59 -43.41 19.22 9.46
C ALA B 59 -42.65 18.95 8.17
N LEU B 60 -43.25 18.16 7.28
CA LEU B 60 -42.68 17.91 5.97
C LEU B 60 -43.04 19.02 4.98
N THR B 61 -44.32 19.38 4.92
CA THR B 61 -44.78 20.50 4.11
C THR B 61 -45.62 21.41 5.00
N LYS B 62 -46.30 22.36 4.37
CA LYS B 62 -47.19 23.24 5.10
C LYS B 62 -48.38 22.48 5.70
N LYS B 63 -48.74 21.34 5.12
CA LYS B 63 -49.93 20.62 5.52
C LYS B 63 -49.69 19.19 5.98
N ILE B 64 -48.50 18.64 5.75
CA ILE B 64 -48.20 17.25 6.08
C ILE B 64 -47.07 17.22 7.10
N THR B 65 -47.31 16.57 8.23
CA THR B 65 -46.33 16.42 9.30
C THR B 65 -46.03 14.95 9.52
N LEU B 66 -44.77 14.63 9.74
CA LEU B 66 -44.32 13.28 9.98
C LEU B 66 -43.90 13.11 11.43
N LYS B 67 -44.01 11.89 11.94
CA LYS B 67 -43.60 11.61 13.31
C LYS B 67 -42.09 11.64 13.47
N THR B 68 -41.35 11.44 12.39
CA THR B 68 -39.90 11.48 12.38
C THR B 68 -39.45 12.36 11.21
N PRO B 69 -38.28 12.99 11.32
CA PRO B 69 -37.80 13.85 10.23
C PRO B 69 -37.14 13.10 9.08
N LEU B 70 -37.03 11.78 9.14
CA LEU B 70 -36.28 11.02 8.15
C LEU B 70 -37.07 10.93 6.85
N VAL B 71 -36.39 11.18 5.73
CA VAL B 71 -36.98 11.11 4.39
C VAL B 71 -35.97 10.43 3.47
N SER B 72 -36.46 9.64 2.53
CA SER B 72 -35.61 8.92 1.59
C SER B 72 -35.57 9.64 0.24
N SER B 73 -34.39 9.64 -0.38
CA SER B 73 -34.20 10.38 -1.61
C SER B 73 -34.93 9.70 -2.77
N PRO B 74 -35.48 10.49 -3.72
CA PRO B 74 -36.14 9.88 -4.89
C PRO B 74 -35.14 9.47 -5.96
N MET B 75 -34.45 8.34 -5.75
CA MET B 75 -33.48 7.83 -6.70
C MET B 75 -33.70 6.35 -6.92
N ASP B 76 -33.38 5.88 -8.14
CA ASP B 76 -33.76 4.53 -8.55
C ASP B 76 -33.06 3.44 -7.77
N THR B 77 -31.97 3.76 -7.07
CA THR B 77 -31.23 2.78 -6.29
C THR B 77 -31.66 2.78 -4.82
N VAL B 78 -32.52 3.72 -4.42
CA VAL B 78 -32.82 3.88 -3.00
C VAL B 78 -34.30 3.60 -2.74
N THR B 79 -35.19 4.28 -3.45
CA THR B 79 -36.60 4.31 -3.07
C THR B 79 -37.47 3.75 -4.20
N GLU B 80 -37.75 2.45 -4.11
CA GLU B 80 -38.91 1.85 -4.76
C GLU B 80 -39.99 1.59 -3.71
N ALA B 81 -41.01 0.82 -4.11
CA ALA B 81 -42.15 0.61 -3.25
C ALA B 81 -41.77 0.00 -1.90
N GLY B 82 -40.84 -0.96 -1.89
CA GLY B 82 -40.45 -1.56 -0.62
C GLY B 82 -39.81 -0.57 0.33
N MET B 83 -38.88 0.24 -0.17
CA MET B 83 -38.26 1.26 0.65
C MET B 83 -39.28 2.28 1.13
N ALA B 84 -40.20 2.68 0.26
CA ALA B 84 -41.22 3.65 0.66
C ALA B 84 -42.12 3.09 1.74
N ILE B 85 -42.52 1.82 1.61
CA ILE B 85 -43.36 1.19 2.63
C ILE B 85 -42.63 1.13 3.96
N ALA B 86 -41.35 0.72 3.93
CA ALA B 86 -40.59 0.63 5.18
C ALA B 86 -40.40 2.00 5.81
N MET B 87 -40.09 3.02 5.02
CA MET B 87 -39.92 4.36 5.55
C MET B 87 -41.22 4.89 6.14
N ALA B 88 -42.34 4.63 5.46
CA ALA B 88 -43.63 5.03 6.00
C ALA B 88 -43.93 4.31 7.32
N LEU B 89 -43.58 3.03 7.40
CA LEU B 89 -43.81 2.26 8.61
C LEU B 89 -42.87 2.63 9.74
N THR B 90 -41.76 3.31 9.46
CA THR B 90 -40.82 3.72 10.51
C THR B 90 -41.04 5.15 10.95
N GLY B 91 -42.15 5.77 10.56
CA GLY B 91 -42.49 7.11 11.02
C GLY B 91 -42.27 8.23 10.03
N GLY B 92 -41.58 7.98 8.92
CA GLY B 92 -41.39 9.00 7.91
C GLY B 92 -42.16 8.67 6.65
N ILE B 93 -41.67 9.11 5.49
CA ILE B 93 -42.23 8.71 4.19
C ILE B 93 -41.08 8.53 3.21
N GLY B 94 -41.42 8.12 2.00
CA GLY B 94 -40.46 8.02 0.92
C GLY B 94 -40.93 8.67 -0.36
N PHE B 95 -40.00 8.93 -1.28
CA PHE B 95 -40.31 9.49 -2.59
C PHE B 95 -39.82 8.53 -3.65
N ILE B 96 -40.73 8.05 -4.48
CA ILE B 96 -40.36 7.11 -5.53
C ILE B 96 -39.79 7.87 -6.72
N HIS B 97 -38.66 7.40 -7.23
CA HIS B 97 -37.97 8.04 -8.34
C HIS B 97 -38.81 8.01 -9.61
N HIS B 98 -38.32 8.70 -10.64
CA HIS B 98 -38.97 8.73 -11.93
C HIS B 98 -38.06 8.29 -13.06
N ASN B 99 -37.03 7.48 -12.78
CA ASN B 99 -36.21 6.87 -13.82
C ASN B 99 -36.91 5.60 -14.31
N CYS B 100 -38.18 5.72 -14.68
CA CYS B 100 -38.98 4.57 -15.05
C CYS B 100 -40.23 5.08 -15.77
N THR B 101 -40.94 4.14 -16.39
CA THR B 101 -42.16 4.49 -17.10
C THR B 101 -43.21 5.00 -16.12
N PRO B 102 -44.02 5.97 -16.54
CA PRO B 102 -45.05 6.51 -15.64
C PRO B 102 -46.02 5.45 -15.13
N GLU B 103 -46.35 4.46 -15.95
CA GLU B 103 -47.21 3.38 -15.48
C GLU B 103 -46.54 2.59 -14.37
N PHE B 104 -45.24 2.31 -14.52
CA PHE B 104 -44.52 1.60 -13.46
C PHE B 104 -44.46 2.42 -12.18
N GLN B 105 -44.22 3.72 -12.31
CA GLN B 105 -44.17 4.56 -11.11
C GLN B 105 -45.52 4.61 -10.41
N ALA B 106 -46.60 4.71 -11.17
CA ALA B 106 -47.94 4.69 -10.58
C ALA B 106 -48.23 3.34 -9.96
N ASN B 107 -47.71 2.26 -10.56
CA ASN B 107 -47.86 0.93 -9.96
C ASN B 107 -47.17 0.88 -8.60
N GLU B 108 -45.96 1.43 -8.52
CA GLU B 108 -45.24 1.43 -7.24
C GLU B 108 -45.99 2.27 -6.21
N VAL B 109 -46.53 3.42 -6.63
CA VAL B 109 -47.27 4.28 -5.71
C VAL B 109 -48.51 3.56 -5.18
N ARG B 110 -49.25 2.89 -6.08
CA ARG B 110 -50.44 2.16 -5.64
C ARG B 110 -50.06 1.00 -4.73
N LYS B 111 -48.95 0.32 -5.03
CA LYS B 111 -48.49 -0.77 -4.17
C LYS B 111 -48.17 -0.26 -2.78
N VAL B 112 -47.56 0.92 -2.68
CA VAL B 112 -47.30 1.52 -1.37
C VAL B 112 -48.61 1.86 -0.68
N LYS B 113 -49.54 2.47 -1.41
CA LYS B 113 -50.79 2.93 -0.81
C LYS B 113 -51.64 1.76 -0.33
N LYS B 114 -51.52 0.61 -0.98
CA LYS B 114 -52.39 -0.53 -0.71
C LYS B 114 -51.85 -1.48 0.34
N TYR B 115 -50.78 -1.11 1.04
CA TYR B 115 -50.11 -2.05 1.92
C TYR B 115 -50.90 -2.33 3.19
N GLU B 116 -51.55 -1.32 3.76
CA GLU B 116 -52.15 -1.46 5.08
C GLU B 116 -53.54 -0.84 5.19
N GLN B 117 -54.21 -0.55 4.07
CA GLN B 117 -55.41 0.28 4.10
C GLN B 117 -56.47 -0.34 5.02
N GLY B 118 -57.03 0.48 5.91
CA GLY B 118 -58.25 0.09 6.58
C GLY B 118 -59.46 0.30 5.69
N PHE B 119 -60.50 -0.52 5.90
CA PHE B 119 -61.74 -0.45 5.13
C PHE B 119 -61.47 -0.64 3.63
N ILE B 120 -60.93 -1.81 3.28
CA ILE B 120 -60.51 -2.09 1.90
C ILE B 120 -61.69 -1.93 0.96
N THR B 121 -61.59 -0.97 0.05
CA THR B 121 -62.63 -0.67 -0.92
C THR B 121 -62.16 -1.11 -2.31
N ASP B 122 -63.10 -1.60 -3.11
CA ASP B 122 -62.86 -2.39 -4.33
C ASP B 122 -61.67 -3.34 -4.19
N PRO B 123 -61.79 -4.36 -3.33
CA PRO B 123 -60.76 -5.40 -3.27
C PRO B 123 -60.86 -6.35 -4.46
N VAL B 124 -59.99 -7.35 -4.48
CA VAL B 124 -60.09 -8.41 -5.47
C VAL B 124 -61.24 -9.34 -5.08
N VAL B 125 -62.14 -9.58 -6.03
CA VAL B 125 -63.29 -10.46 -5.83
C VAL B 125 -63.40 -11.43 -7.00
N LEU B 126 -64.17 -12.49 -6.80
CA LEU B 126 -64.21 -13.61 -7.73
C LEU B 126 -65.65 -14.07 -7.94
N SER B 127 -65.91 -14.70 -9.08
CA SER B 127 -67.22 -15.28 -9.36
C SER B 127 -67.22 -16.76 -9.03
N PRO B 128 -68.39 -17.32 -8.68
CA PRO B 128 -68.44 -18.76 -8.36
C PRO B 128 -68.01 -19.66 -9.50
N LYS B 129 -68.29 -19.27 -10.74
CA LYS B 129 -67.96 -20.12 -11.89
C LYS B 129 -66.56 -19.81 -12.41
N ASP B 130 -65.56 -19.91 -11.53
CA ASP B 130 -64.15 -19.76 -11.87
C ASP B 130 -63.37 -20.96 -11.35
N ARG B 131 -62.21 -21.21 -11.96
CA ARG B 131 -61.37 -22.33 -11.59
C ARG B 131 -60.31 -21.91 -10.57
N VAL B 132 -59.99 -22.83 -9.65
CA VAL B 132 -59.04 -22.54 -8.57
C VAL B 132 -57.66 -22.19 -9.12
N ARG B 133 -57.37 -22.61 -10.36
CA ARG B 133 -56.09 -22.31 -11.00
C ARG B 133 -55.84 -20.80 -11.05
N ASP B 134 -56.87 -20.01 -11.37
CA ASP B 134 -56.67 -18.58 -11.38
C ASP B 134 -56.71 -17.96 -9.98
N VAL B 135 -57.23 -18.67 -8.97
CA VAL B 135 -56.99 -18.25 -7.59
C VAL B 135 -55.50 -18.33 -7.28
N PHE B 136 -54.85 -19.41 -7.70
CA PHE B 136 -53.42 -19.53 -7.48
C PHE B 136 -52.64 -18.48 -8.26
N GLU B 137 -53.07 -18.19 -9.50
CA GLU B 137 -52.46 -17.08 -10.24
C GLU B 137 -52.65 -15.76 -9.51
N ALA B 138 -53.85 -15.54 -8.94
CA ALA B 138 -54.14 -14.29 -8.24
C ALA B 138 -53.25 -14.13 -7.01
N LYS B 139 -53.08 -15.20 -6.24
CA LYS B 139 -52.21 -15.09 -5.06
C LYS B 139 -50.76 -14.91 -5.48
N ALA B 140 -50.33 -15.53 -6.58
CA ALA B 140 -48.98 -15.31 -7.07
C ALA B 140 -48.76 -13.88 -7.54
N ARG B 141 -49.81 -13.23 -8.05
CA ARG B 141 -49.67 -11.87 -8.56
C ARG B 141 -49.78 -10.83 -7.45
N HIS B 142 -50.79 -10.96 -6.58
CA HIS B 142 -51.12 -9.94 -5.61
C HIS B 142 -50.54 -10.19 -4.22
N GLY B 143 -50.27 -11.44 -3.87
CA GLY B 143 -49.68 -11.75 -2.58
C GLY B 143 -50.66 -12.05 -1.46
N PHE B 144 -51.95 -12.17 -1.75
CA PHE B 144 -52.95 -12.45 -0.71
C PHE B 144 -54.01 -13.39 -1.27
N CYS B 145 -54.79 -13.97 -0.35
CA CYS B 145 -55.74 -15.03 -0.69
C CYS B 145 -57.15 -14.83 -0.15
N GLY B 146 -57.37 -13.89 0.77
CA GLY B 146 -58.68 -13.71 1.40
C GLY B 146 -59.67 -12.98 0.51
N ILE B 147 -60.21 -13.70 -0.46
CA ILE B 147 -60.87 -13.11 -1.63
C ILE B 147 -62.36 -13.39 -1.51
N PRO B 148 -63.22 -12.36 -1.44
CA PRO B 148 -64.66 -12.60 -1.44
C PRO B 148 -65.14 -13.13 -2.79
N ILE B 149 -66.22 -13.90 -2.75
CA ILE B 149 -66.81 -14.49 -3.95
C ILE B 149 -68.22 -13.92 -4.11
N THR B 150 -68.52 -13.38 -5.28
CA THR B 150 -69.75 -12.63 -5.49
C THR B 150 -70.38 -13.04 -6.82
N ASP B 151 -71.70 -12.86 -6.93
CA ASP B 151 -72.49 -13.65 -7.88
C ASP B 151 -72.34 -13.23 -9.34
N THR B 152 -71.62 -12.15 -9.65
CA THR B 152 -71.18 -11.91 -11.02
C THR B 152 -69.70 -11.56 -11.10
N GLY B 153 -68.93 -11.76 -10.03
CA GLY B 153 -67.53 -11.43 -10.04
C GLY B 153 -67.24 -9.94 -10.06
N ARG B 154 -68.20 -9.12 -9.63
CA ARG B 154 -68.09 -7.67 -9.66
C ARG B 154 -68.56 -7.12 -8.32
N MET B 155 -68.06 -5.92 -7.98
CA MET B 155 -68.42 -5.31 -6.71
C MET B 155 -69.93 -5.04 -6.64
N GLY B 156 -70.53 -4.64 -7.75
CA GLY B 156 -71.96 -4.44 -7.80
C GLY B 156 -72.75 -5.72 -7.95
N SER B 157 -72.51 -6.69 -7.05
CA SER B 157 -73.17 -7.97 -7.12
C SER B 157 -73.21 -8.59 -5.72
N ARG B 158 -74.08 -9.59 -5.55
CA ARG B 158 -74.39 -10.14 -4.24
C ARG B 158 -73.27 -11.04 -3.72
N LEU B 159 -73.13 -11.07 -2.40
CA LEU B 159 -72.13 -11.91 -1.75
C LEU B 159 -72.59 -13.37 -1.74
N VAL B 160 -71.78 -14.25 -2.31
CA VAL B 160 -72.05 -15.68 -2.31
C VAL B 160 -71.24 -16.42 -1.26
N GLY B 161 -69.99 -16.01 -1.07
CA GLY B 161 -69.12 -16.66 -0.12
C GLY B 161 -67.76 -16.00 -0.12
N ILE B 162 -66.80 -16.62 0.56
CA ILE B 162 -65.45 -16.09 0.64
C ILE B 162 -64.47 -17.23 0.87
N ILE B 163 -63.32 -17.16 0.21
CA ILE B 163 -62.25 -18.14 0.40
C ILE B 163 -61.09 -17.49 1.15
N SER B 164 -60.27 -18.33 1.75
CA SER B 164 -59.03 -17.94 2.39
C SER B 164 -57.97 -18.99 2.06
N SER B 165 -56.79 -18.85 2.67
CA SER B 165 -55.72 -19.80 2.39
C SER B 165 -56.05 -21.20 2.90
N ARG B 166 -56.66 -21.28 4.09
CA ARG B 166 -56.93 -22.59 4.68
C ARG B 166 -57.93 -23.40 3.85
N ASP B 167 -58.67 -22.74 2.95
CA ASP B 167 -59.55 -23.46 2.04
C ASP B 167 -58.81 -24.04 0.84
N ILE B 168 -57.58 -23.58 0.58
CA ILE B 168 -56.85 -23.94 -0.63
C ILE B 168 -55.41 -24.38 -0.36
N ASP B 169 -55.01 -24.55 0.90
CA ASP B 169 -53.61 -24.86 1.20
C ASP B 169 -53.18 -26.19 0.61
N PHE B 170 -54.02 -27.22 0.72
CA PHE B 170 -53.62 -28.59 0.39
C PHE B 170 -54.60 -29.19 -0.62
N LEU B 171 -54.06 -29.79 -1.68
CA LEU B 171 -54.83 -30.43 -2.73
C LEU B 171 -54.18 -31.74 -3.13
N LYS B 172 -54.89 -32.51 -3.95
CA LYS B 172 -54.42 -33.80 -4.45
C LYS B 172 -53.58 -33.63 -5.72
N GLU B 173 -53.39 -34.73 -6.47
CA GLU B 173 -52.43 -34.84 -7.57
C GLU B 173 -52.40 -33.61 -8.47
N GLU B 174 -51.19 -33.05 -8.61
CA GLU B 174 -50.84 -31.87 -9.40
C GLU B 174 -51.96 -30.84 -9.54
N GLU B 175 -52.62 -30.81 -10.71
CA GLU B 175 -53.54 -29.72 -11.03
C GLU B 175 -54.71 -29.66 -10.04
N HIS B 176 -55.30 -30.81 -9.72
CA HIS B 176 -56.57 -30.90 -9.01
C HIS B 176 -57.59 -29.92 -9.57
N ASP B 177 -57.98 -30.14 -10.82
CA ASP B 177 -58.93 -29.28 -11.50
C ASP B 177 -60.23 -29.16 -10.71
N CYS B 178 -60.71 -27.92 -10.55
CA CYS B 178 -61.92 -27.67 -9.78
C CYS B 178 -62.46 -26.28 -10.07
N PHE B 179 -63.78 -26.19 -10.25
CA PHE B 179 -64.51 -24.93 -10.16
C PHE B 179 -64.91 -24.75 -8.70
N LEU B 180 -64.61 -23.58 -8.13
CA LEU B 180 -64.61 -23.43 -6.67
C LEU B 180 -66.01 -23.25 -6.08
N GLU B 181 -66.94 -24.14 -6.41
CA GLU B 181 -68.31 -24.10 -5.91
C GLU B 181 -68.42 -24.44 -4.43
N GLU B 182 -68.02 -25.66 -4.06
CA GLU B 182 -68.13 -26.06 -2.66
C GLU B 182 -66.89 -25.69 -1.84
N ILE B 183 -65.92 -25.01 -2.45
CA ILE B 183 -64.68 -24.68 -1.77
C ILE B 183 -64.88 -23.58 -0.74
N MET B 184 -65.67 -22.55 -1.06
CA MET B 184 -65.69 -21.39 -0.17
C MET B 184 -66.48 -21.67 1.10
N THR B 185 -66.36 -20.74 2.05
CA THR B 185 -67.33 -20.61 3.13
C THR B 185 -68.56 -19.90 2.58
N LYS B 186 -69.70 -20.57 2.59
CA LYS B 186 -70.90 -20.04 1.95
C LYS B 186 -71.51 -18.92 2.77
N ARG B 187 -72.30 -18.07 2.09
CA ARG B 187 -73.06 -17.01 2.74
C ARG B 187 -74.28 -17.61 3.42
N GLU B 188 -74.04 -18.51 4.36
CA GLU B 188 -75.06 -19.06 5.24
C GLU B 188 -74.86 -18.65 6.68
N ASP B 189 -73.60 -18.59 7.14
CA ASP B 189 -73.32 -18.26 8.53
C ASP B 189 -72.13 -17.33 8.74
N LEU B 190 -71.44 -16.87 7.69
CA LEU B 190 -70.20 -16.13 7.89
C LEU B 190 -70.49 -14.71 8.36
N VAL B 191 -69.52 -14.14 9.10
CA VAL B 191 -69.72 -12.89 9.83
C VAL B 191 -69.58 -11.71 8.86
N VAL B 192 -70.56 -10.80 8.91
CA VAL B 192 -70.64 -9.64 8.02
C VAL B 192 -71.17 -8.45 8.81
N ALA B 193 -70.68 -7.24 8.47
CA ALA B 193 -71.18 -6.00 9.04
C ALA B 193 -72.09 -5.27 8.07
N PRO B 194 -73.15 -4.62 8.56
CA PRO B 194 -74.02 -3.86 7.66
C PRO B 194 -73.36 -2.57 7.18
N ALA B 195 -73.87 -2.06 6.06
CA ALA B 195 -73.26 -0.90 5.42
C ALA B 195 -73.48 0.38 6.25
N GLY B 196 -72.59 1.34 6.06
CA GLY B 196 -72.69 2.62 6.73
C GLY B 196 -72.12 2.67 8.13
N ILE B 197 -71.65 1.55 8.67
CA ILE B 197 -71.10 1.51 10.01
C ILE B 197 -69.68 2.07 10.00
N THR B 198 -69.34 2.83 11.04
CA THR B 198 -68.04 3.49 11.09
C THR B 198 -66.91 2.50 11.33
N LEU B 199 -65.69 2.93 10.99
CA LEU B 199 -64.53 2.06 10.98
C LEU B 199 -64.24 1.48 12.36
N LYS B 200 -64.37 2.30 13.41
CA LYS B 200 -64.10 1.79 14.75
C LYS B 200 -65.07 0.68 15.14
N GLU B 201 -66.36 0.86 14.88
CA GLU B 201 -67.32 -0.19 15.24
C GLU B 201 -67.11 -1.45 14.42
N ALA B 202 -66.79 -1.29 13.12
CA ALA B 202 -66.51 -2.45 12.28
C ALA B 202 -65.26 -3.19 12.79
N ASN B 203 -64.22 -2.45 13.16
CA ASN B 203 -63.03 -3.07 13.73
C ASN B 203 -63.35 -3.77 15.04
N GLU B 204 -64.19 -3.15 15.87
CA GLU B 204 -64.56 -3.75 17.14
C GLU B 204 -65.21 -5.11 16.94
N ILE B 205 -66.12 -5.20 15.96
CA ILE B 205 -66.79 -6.49 15.76
C ILE B 205 -65.89 -7.48 15.02
N LEU B 206 -64.89 -7.00 14.25
CA LEU B 206 -63.83 -7.91 13.82
C LEU B 206 -63.08 -8.51 14.99
N GLN B 207 -62.63 -7.66 15.92
CA GLN B 207 -61.84 -8.13 17.04
C GLN B 207 -62.65 -9.09 17.91
N ARG B 208 -63.94 -8.81 18.09
CA ARG B 208 -64.80 -9.72 18.83
C ARG B 208 -65.06 -11.01 18.07
N SER B 209 -65.06 -10.97 16.74
CA SER B 209 -65.41 -12.15 15.95
C SER B 209 -64.28 -13.17 15.90
N LYS B 210 -63.04 -12.71 15.91
CA LYS B 210 -61.83 -13.55 15.77
C LYS B 210 -61.79 -14.27 14.42
N LYS B 211 -62.64 -13.87 13.47
CA LYS B 211 -62.65 -14.49 12.15
C LYS B 211 -61.37 -14.17 11.38
N GLY B 212 -61.09 -12.92 11.11
CA GLY B 212 -59.86 -12.62 10.42
C GLY B 212 -59.85 -12.04 9.04
N LYS B 213 -61.02 -11.68 8.52
CA LYS B 213 -61.21 -11.06 7.19
C LYS B 213 -62.68 -10.83 7.16
N LEU B 214 -63.16 -9.59 7.19
CA LEU B 214 -64.65 -9.51 7.17
C LEU B 214 -65.19 -8.54 6.12
N PRO B 215 -66.39 -8.79 5.60
CA PRO B 215 -67.01 -7.89 4.63
C PRO B 215 -67.96 -6.85 5.23
N ILE B 216 -68.22 -5.81 4.43
CA ILE B 216 -69.22 -4.78 4.71
C ILE B 216 -70.27 -4.85 3.59
N VAL B 217 -71.54 -5.02 3.96
CA VAL B 217 -72.59 -5.38 3.01
C VAL B 217 -73.85 -4.54 3.24
N ASN B 218 -74.51 -4.14 2.15
CA ASN B 218 -75.73 -3.35 2.23
C ASN B 218 -76.97 -4.25 2.30
N GLU B 219 -78.15 -3.61 2.33
CA GLU B 219 -79.41 -4.31 2.53
C GLU B 219 -79.84 -5.15 1.32
N ASP B 220 -79.15 -5.04 0.19
CA ASP B 220 -79.42 -5.85 -0.98
C ASP B 220 -78.40 -6.97 -1.17
N ASP B 221 -77.64 -7.30 -0.11
CA ASP B 221 -76.59 -8.32 -0.08
C ASP B 221 -75.39 -7.97 -0.95
N GLU B 222 -75.19 -6.71 -1.30
CA GLU B 222 -74.09 -6.29 -2.15
C GLU B 222 -72.91 -5.81 -1.31
N LEU B 223 -71.70 -6.23 -1.70
CA LEU B 223 -70.51 -5.95 -0.91
C LEU B 223 -70.00 -4.53 -1.16
N VAL B 224 -69.72 -3.82 -0.08
CA VAL B 224 -69.21 -2.45 -0.14
C VAL B 224 -67.70 -2.40 0.07
N ALA B 225 -67.22 -3.08 1.11
CA ALA B 225 -65.81 -3.06 1.49
C ALA B 225 -65.55 -4.27 2.37
N ILE B 226 -64.27 -4.53 2.65
CA ILE B 226 -63.86 -5.58 3.58
C ILE B 226 -62.76 -5.03 4.48
N ILE B 227 -62.53 -5.74 5.59
CA ILE B 227 -61.52 -5.38 6.59
C ILE B 227 -60.68 -6.62 6.87
N ALA B 228 -59.37 -6.42 7.04
CA ALA B 228 -58.44 -7.51 7.30
C ALA B 228 -57.85 -7.39 8.71
N ARG B 229 -57.69 -8.53 9.38
CA ARG B 229 -57.11 -8.53 10.72
C ARG B 229 -55.65 -8.10 10.70
N THR B 230 -54.98 -8.37 9.60
CA THR B 230 -53.60 -7.99 9.51
C THR B 230 -53.46 -6.50 9.59
N ASP B 231 -54.47 -5.76 9.12
CA ASP B 231 -54.42 -4.31 9.25
C ASP B 231 -54.22 -3.91 10.72
N LEU B 232 -55.02 -4.49 11.62
CA LEU B 232 -54.84 -4.22 13.04
C LEU B 232 -53.50 -4.74 13.55
N LYS B 233 -53.08 -5.92 13.06
CA LYS B 233 -51.78 -6.46 13.43
C LYS B 233 -50.64 -5.51 13.07
N LYS B 234 -50.66 -5.00 11.83
CA LYS B 234 -49.64 -4.07 11.38
C LYS B 234 -49.71 -2.75 12.14
N ASN B 235 -50.92 -2.26 12.42
CA ASN B 235 -51.06 -1.03 13.19
C ASN B 235 -50.42 -1.17 14.55
N ARG B 236 -50.60 -2.33 15.19
CA ARG B 236 -49.99 -2.55 16.50
C ARG B 236 -48.49 -2.81 16.42
N ASP B 237 -48.01 -3.44 15.35
CA ASP B 237 -46.58 -3.69 15.20
C ASP B 237 -45.80 -2.41 14.87
N TYR B 238 -46.41 -1.48 14.15
CA TYR B 238 -45.75 -0.27 13.65
C TYR B 238 -46.54 0.94 14.12
N PRO B 239 -46.29 1.42 15.35
CA PRO B 239 -47.18 2.45 15.92
C PRO B 239 -47.02 3.82 15.28
N LEU B 240 -45.79 4.19 14.91
CA LEU B 240 -45.52 5.47 14.27
C LEU B 240 -45.49 5.28 12.76
N ALA B 241 -46.54 5.75 12.07
CA ALA B 241 -46.57 5.67 10.62
C ALA B 241 -47.14 6.92 9.96
N SER B 242 -47.84 7.75 10.73
CA SER B 242 -48.48 8.98 10.21
C SER B 242 -49.38 8.69 9.01
N LYS B 243 -50.30 7.74 9.18
CA LYS B 243 -51.24 7.38 8.12
C LYS B 243 -52.18 8.53 7.80
N ASP B 244 -52.77 8.49 6.60
CA ASP B 244 -53.74 9.50 6.22
C ASP B 244 -55.12 9.18 6.81
N ALA B 245 -56.09 10.04 6.50
CA ALA B 245 -57.42 9.93 7.09
C ALA B 245 -58.14 8.64 6.70
N LYS B 246 -57.77 8.02 5.58
CA LYS B 246 -58.32 6.74 5.17
C LYS B 246 -57.43 5.56 5.60
N LYS B 247 -56.46 5.83 6.48
CA LYS B 247 -55.59 4.79 7.04
C LYS B 247 -54.69 4.16 5.98
N GLN B 248 -54.29 4.96 5.00
CA GLN B 248 -53.28 4.54 4.03
C GLN B 248 -51.97 5.28 4.28
N LEU B 249 -50.87 4.60 3.99
CA LEU B 249 -49.56 5.19 4.17
C LEU B 249 -49.36 6.33 3.16
N PRO B 250 -48.84 7.47 3.62
CA PRO B 250 -48.56 8.57 2.68
C PRO B 250 -47.41 8.21 1.76
N CYS B 251 -47.52 8.67 0.51
CA CYS B 251 -46.52 8.35 -0.50
C CYS B 251 -46.21 9.59 -1.33
N GLY B 252 -44.96 9.68 -1.77
CA GLY B 252 -44.53 10.77 -2.62
C GLY B 252 -43.82 10.28 -3.86
N ALA B 253 -43.79 11.09 -4.91
CA ALA B 253 -43.17 10.71 -6.17
C ALA B 253 -42.50 11.93 -6.80
N ALA B 254 -41.41 11.67 -7.52
CA ALA B 254 -40.66 12.72 -8.17
C ALA B 254 -41.05 12.83 -9.64
N ILE B 255 -41.14 14.07 -10.12
CA ILE B 255 -41.37 14.35 -11.53
C ILE B 255 -40.43 15.46 -11.96
N GLY B 256 -40.12 15.46 -13.27
CA GLY B 256 -39.30 16.50 -13.85
C GLY B 256 -40.12 17.70 -14.27
N THR B 257 -39.44 18.66 -14.89
CA THR B 257 -40.07 19.89 -15.35
C THR B 257 -40.41 19.87 -16.83
N HIS B 258 -40.13 18.78 -17.53
CA HIS B 258 -40.42 18.69 -18.95
C HIS B 258 -41.93 18.59 -19.20
N GLU B 259 -42.32 18.93 -20.43
CA GLU B 259 -43.74 18.96 -20.78
C GLU B 259 -44.38 17.59 -20.66
N ASP B 260 -43.65 16.52 -21.02
CA ASP B 260 -44.21 15.19 -21.02
C ASP B 260 -44.50 14.67 -19.62
N ASP B 261 -44.03 15.35 -18.58
CA ASP B 261 -44.24 14.92 -17.20
C ASP B 261 -45.62 15.27 -16.69
N LYS B 262 -46.41 16.04 -17.44
CA LYS B 262 -47.78 16.34 -17.04
C LYS B 262 -48.63 15.08 -17.01
N TYR B 263 -48.46 14.20 -18.00
CA TYR B 263 -49.18 12.93 -18.02
C TYR B 263 -48.77 12.06 -16.83
N ARG B 264 -47.47 12.05 -16.51
CA ARG B 264 -47.00 11.31 -15.35
C ARG B 264 -47.61 11.86 -14.07
N LEU B 265 -47.71 13.19 -13.96
CA LEU B 265 -48.34 13.81 -12.81
C LEU B 265 -49.82 13.42 -12.72
N ASP B 266 -50.50 13.38 -13.86
CA ASP B 266 -51.91 12.97 -13.85
C ASP B 266 -52.06 11.53 -13.39
N LEU B 267 -51.18 10.64 -13.85
CA LEU B 267 -51.22 9.26 -13.38
C LEU B 267 -50.95 9.16 -11.88
N LEU B 268 -49.98 9.93 -11.38
CA LEU B 268 -49.68 9.90 -9.95
C LEU B 268 -50.85 10.44 -9.13
N ALA B 269 -51.50 11.50 -9.60
CA ALA B 269 -52.67 12.04 -8.91
C ALA B 269 -53.81 11.04 -8.90
N GLN B 270 -54.00 10.32 -10.01
CA GLN B 270 -55.00 9.25 -10.04
C GLN B 270 -54.66 8.16 -9.03
N ALA B 271 -53.37 7.81 -8.93
CA ALA B 271 -52.94 6.81 -7.96
C ALA B 271 -53.06 7.31 -6.53
N GLY B 272 -53.10 8.61 -6.30
CA GLY B 272 -53.33 9.17 -5.00
C GLY B 272 -52.11 9.62 -4.23
N VAL B 273 -51.14 10.24 -4.90
CA VAL B 273 -49.96 10.74 -4.20
C VAL B 273 -50.35 11.90 -3.30
N ASP B 274 -49.68 12.01 -2.16
CA ASP B 274 -49.91 13.12 -1.23
C ASP B 274 -48.97 14.28 -1.48
N VAL B 275 -47.75 14.00 -1.96
CA VAL B 275 -46.77 15.03 -2.26
C VAL B 275 -46.08 14.68 -3.56
N VAL B 276 -45.73 15.71 -4.33
CA VAL B 276 -44.91 15.57 -5.52
C VAL B 276 -43.72 16.50 -5.38
N VAL B 277 -42.55 16.01 -5.77
CA VAL B 277 -41.31 16.78 -5.69
C VAL B 277 -40.83 17.04 -7.11
N LEU B 278 -40.42 18.27 -7.38
CA LEU B 278 -39.86 18.64 -8.68
C LEU B 278 -38.36 18.43 -8.61
N ASP B 279 -37.87 17.44 -9.35
CA ASP B 279 -36.51 16.93 -9.19
C ASP B 279 -35.66 17.58 -10.30
N SER B 280 -34.81 18.51 -9.90
CA SER B 280 -33.93 19.22 -10.84
C SER B 280 -32.65 19.62 -10.12
N SER B 281 -31.61 19.85 -10.93
CA SER B 281 -30.33 20.29 -10.37
C SER B 281 -30.44 21.70 -9.78
N GLN B 282 -31.11 22.60 -10.50
CA GLN B 282 -31.33 23.96 -10.02
C GLN B 282 -32.80 24.31 -10.24
N GLY B 283 -33.52 24.58 -9.15
CA GLY B 283 -34.95 24.77 -9.23
C GLY B 283 -35.40 26.15 -9.64
N ASN B 284 -34.50 27.12 -9.69
CA ASN B 284 -34.87 28.49 -10.03
C ASN B 284 -34.89 28.63 -11.55
N SER B 285 -36.03 28.30 -12.14
CA SER B 285 -36.17 28.33 -13.59
C SER B 285 -37.62 28.57 -13.97
N ILE B 286 -37.80 29.09 -15.20
CA ILE B 286 -39.15 29.33 -15.72
C ILE B 286 -39.91 28.01 -15.83
N PHE B 287 -39.22 26.93 -16.22
CA PHE B 287 -39.87 25.64 -16.33
C PHE B 287 -40.42 25.19 -14.99
N GLN B 288 -39.62 25.28 -13.94
CA GLN B 288 -40.07 24.89 -12.61
C GLN B 288 -41.22 25.76 -12.13
N ILE B 289 -41.10 27.07 -12.31
CA ILE B 289 -42.15 27.98 -11.85
C ILE B 289 -43.46 27.71 -12.58
N ASN B 290 -43.38 27.52 -13.90
CA ASN B 290 -44.58 27.25 -14.68
C ASN B 290 -45.21 25.92 -14.28
N MET B 291 -44.39 24.89 -14.03
CA MET B 291 -44.95 23.63 -13.57
C MET B 291 -45.61 23.77 -12.20
N ILE B 292 -45.00 24.56 -11.30
CA ILE B 292 -45.61 24.79 -10.00
C ILE B 292 -46.97 25.46 -10.15
N LYS B 293 -47.04 26.48 -11.01
CA LYS B 293 -48.32 27.16 -11.24
C LYS B 293 -49.34 26.19 -11.83
N TYR B 294 -48.93 25.37 -12.80
CA TYR B 294 -49.84 24.43 -13.42
C TYR B 294 -50.38 23.43 -12.40
N ILE B 295 -49.51 22.91 -11.53
CA ILE B 295 -49.95 21.94 -10.53
C ILE B 295 -50.89 22.59 -9.54
N LYS B 296 -50.54 23.80 -9.07
CA LYS B 296 -51.39 24.47 -8.09
C LYS B 296 -52.73 24.85 -8.68
N ASP B 297 -52.82 25.02 -10.00
CA ASP B 297 -54.12 25.31 -10.60
C ASP B 297 -54.92 24.03 -10.84
N LYS B 298 -54.30 23.00 -11.42
CA LYS B 298 -55.04 21.80 -11.79
C LYS B 298 -55.42 20.97 -10.57
N TYR B 299 -54.51 20.82 -9.62
CA TYR B 299 -54.71 19.96 -8.45
C TYR B 299 -54.50 20.81 -7.21
N PRO B 300 -55.53 21.54 -6.78
CA PRO B 300 -55.35 22.49 -5.67
C PRO B 300 -54.87 21.86 -4.37
N ASN B 301 -55.30 20.64 -4.06
CA ASN B 301 -55.00 20.02 -2.78
C ASN B 301 -53.72 19.19 -2.79
N LEU B 302 -53.02 19.13 -3.92
CA LEU B 302 -51.78 18.37 -4.00
C LEU B 302 -50.62 19.23 -3.53
N GLN B 303 -49.80 18.70 -2.63
CA GLN B 303 -48.66 19.42 -2.10
C GLN B 303 -47.47 19.30 -3.06
N VAL B 304 -46.77 20.42 -3.25
CA VAL B 304 -45.62 20.48 -4.14
C VAL B 304 -44.39 20.86 -3.32
N ILE B 305 -43.24 20.28 -3.68
CA ILE B 305 -41.96 20.59 -3.07
C ILE B 305 -41.04 21.10 -4.16
N GLY B 306 -40.50 22.31 -3.97
CA GLY B 306 -39.61 22.88 -4.95
C GLY B 306 -38.15 22.66 -4.61
N GLY B 307 -37.30 22.90 -5.59
CA GLY B 307 -35.87 22.75 -5.42
C GLY B 307 -35.23 22.30 -6.71
N ASN B 308 -33.92 22.14 -6.66
CA ASN B 308 -33.08 22.39 -5.49
C ASN B 308 -32.60 23.84 -5.44
N VAL B 309 -32.60 24.43 -4.24
CA VAL B 309 -32.19 25.81 -4.06
C VAL B 309 -31.19 25.88 -2.91
N VAL B 310 -30.28 26.85 -3.00
CA VAL B 310 -29.26 27.03 -1.98
C VAL B 310 -29.14 28.49 -1.57
N THR B 311 -29.86 29.36 -2.25
CA THR B 311 -29.75 30.79 -2.01
C THR B 311 -31.13 31.40 -1.77
N ALA B 312 -31.12 32.53 -1.07
CA ALA B 312 -32.37 33.23 -0.76
C ALA B 312 -33.04 33.78 -2.00
N ALA B 313 -32.26 34.16 -3.02
CA ALA B 313 -32.85 34.64 -4.26
C ALA B 313 -33.65 33.55 -4.96
N GLN B 314 -33.18 32.31 -4.90
CA GLN B 314 -33.93 31.18 -5.44
C GLN B 314 -35.13 30.84 -4.57
N ALA B 315 -34.93 30.86 -3.25
CA ALA B 315 -36.02 30.55 -2.33
C ALA B 315 -37.17 31.53 -2.48
N LYS B 316 -36.86 32.81 -2.69
CA LYS B 316 -37.91 33.80 -2.86
C LYS B 316 -38.74 33.51 -4.11
N ASN B 317 -38.07 33.20 -5.22
CA ASN B 317 -38.79 32.93 -6.46
C ASN B 317 -39.67 31.71 -6.32
N LEU B 318 -39.18 30.65 -5.69
CA LEU B 318 -40.00 29.45 -5.55
C LEU B 318 -41.13 29.64 -4.55
N ILE B 319 -40.88 30.40 -3.48
CA ILE B 319 -41.92 30.62 -2.47
C ILE B 319 -43.04 31.48 -3.03
N ASP B 320 -42.69 32.53 -3.77
CA ASP B 320 -43.71 33.40 -4.34
C ASP B 320 -44.59 32.67 -5.34
N ALA B 321 -44.08 31.60 -5.97
CA ALA B 321 -44.87 30.81 -6.90
C ALA B 321 -45.88 29.90 -6.19
N GLY B 322 -45.76 29.73 -4.87
CA GLY B 322 -46.67 28.89 -4.13
C GLY B 322 -46.12 27.57 -3.66
N VAL B 323 -44.80 27.42 -3.58
CA VAL B 323 -44.20 26.17 -3.13
C VAL B 323 -44.49 25.97 -1.65
N ASP B 324 -44.80 24.72 -1.28
CA ASP B 324 -45.10 24.38 0.11
C ASP B 324 -43.89 23.87 0.89
N ALA B 325 -42.82 23.48 0.21
CA ALA B 325 -41.62 23.00 0.89
C ALA B 325 -40.43 23.11 -0.05
N LEU B 326 -39.28 23.49 0.52
CA LEU B 326 -38.07 23.71 -0.25
C LEU B 326 -37.06 22.60 0.00
N ARG B 327 -36.32 22.24 -1.04
CA ARG B 327 -35.29 21.22 -0.97
C ARG B 327 -33.93 21.88 -1.16
N VAL B 328 -33.05 21.74 -0.17
CA VAL B 328 -31.81 22.51 -0.09
C VAL B 328 -30.64 21.60 -0.37
N GLY B 329 -29.88 21.91 -1.41
CA GLY B 329 -28.68 21.17 -1.75
C GLY B 329 -28.27 21.42 -3.18
N MET B 330 -26.96 21.50 -3.40
CA MET B 330 -26.43 21.74 -4.74
C MET B 330 -25.01 21.17 -4.78
N GLY B 331 -24.86 20.00 -5.40
CA GLY B 331 -23.54 19.41 -5.57
C GLY B 331 -22.87 18.95 -4.31
N SER B 332 -23.57 18.95 -3.18
CA SER B 332 -23.00 18.52 -1.91
C SER B 332 -23.24 17.05 -1.63
N GLY B 333 -23.97 16.35 -2.50
CA GLY B 333 -24.25 14.95 -2.27
C GLY B 333 -23.03 14.08 -2.46
N SER B 334 -23.10 12.87 -1.89
CA SER B 334 -22.03 11.90 -2.05
C SER B 334 -21.79 11.55 -3.50
N ILE B 335 -22.88 11.51 -4.28
CA ILE B 335 -22.84 11.04 -5.66
C ILE B 335 -22.61 12.15 -6.66
N CYS B 336 -22.71 13.41 -6.26
CA CYS B 336 -22.70 14.53 -7.18
C CYS B 336 -21.27 14.97 -7.52
N ILE B 337 -21.10 15.47 -8.75
CA ILE B 337 -19.89 16.15 -9.18
C ILE B 337 -20.21 17.50 -9.79
N THR B 338 -21.35 18.09 -9.40
CA THR B 338 -21.78 19.36 -9.98
C THR B 338 -20.80 20.48 -9.62
N GLN B 339 -20.33 20.50 -8.37
CA GLN B 339 -19.37 21.52 -7.98
C GLN B 339 -18.05 21.37 -8.73
N GLU B 340 -17.76 20.17 -9.22
CA GLU B 340 -16.53 19.95 -9.98
C GLU B 340 -16.70 20.31 -11.44
N VAL B 341 -17.84 19.97 -12.04
CA VAL B 341 -18.01 20.15 -13.48
C VAL B 341 -18.55 21.53 -13.81
N LEU B 342 -19.61 21.96 -13.12
CA LEU B 342 -20.29 23.20 -13.43
C LEU B 342 -19.88 24.35 -12.52
N ALA B 343 -19.08 24.09 -11.49
CA ALA B 343 -18.52 25.10 -10.60
C ALA B 343 -19.58 25.83 -9.78
N CYS B 344 -20.83 25.36 -9.84
CA CYS B 344 -21.90 25.97 -9.06
C CYS B 344 -22.24 25.12 -7.86
N GLY B 345 -22.58 25.77 -6.76
CA GLY B 345 -22.95 25.06 -5.55
C GLY B 345 -22.74 25.92 -4.32
N ARG B 346 -22.88 25.28 -3.16
CA ARG B 346 -22.70 25.94 -1.88
C ARG B 346 -22.48 24.87 -0.82
N PRO B 347 -21.68 25.16 0.21
CA PRO B 347 -21.58 24.22 1.33
C PRO B 347 -22.92 23.99 2.01
N GLN B 348 -23.13 22.77 2.50
CA GLN B 348 -24.45 22.33 2.92
C GLN B 348 -24.95 23.10 4.14
N ALA B 349 -24.10 23.24 5.17
CA ALA B 349 -24.55 23.88 6.39
C ALA B 349 -24.92 25.34 6.15
N THR B 350 -24.07 26.07 5.43
CA THR B 350 -24.36 27.46 5.11
C THR B 350 -25.62 27.58 4.27
N ALA B 351 -25.77 26.71 3.26
CA ALA B 351 -26.93 26.76 2.40
C ALA B 351 -28.20 26.48 3.19
N VAL B 352 -28.18 25.47 4.05
CA VAL B 352 -29.35 25.12 4.84
C VAL B 352 -29.74 26.26 5.77
N TYR B 353 -28.77 26.85 6.46
CA TYR B 353 -29.08 27.96 7.35
C TYR B 353 -29.66 29.13 6.56
N LYS B 354 -29.03 29.48 5.44
CA LYS B 354 -29.45 30.66 4.68
C LYS B 354 -30.85 30.48 4.12
N VAL B 355 -31.16 29.30 3.58
CA VAL B 355 -32.48 29.08 3.02
C VAL B 355 -33.53 28.98 4.11
N SER B 356 -33.21 28.32 5.23
CA SER B 356 -34.17 28.17 6.31
C SER B 356 -34.50 29.51 6.97
N GLU B 357 -33.51 30.39 7.08
CA GLU B 357 -33.76 31.71 7.67
C GLU B 357 -34.77 32.49 6.87
N TYR B 358 -34.67 32.42 5.53
CA TYR B 358 -35.61 33.13 4.67
C TYR B 358 -36.98 32.45 4.66
N ALA B 359 -36.99 31.12 4.57
CA ALA B 359 -38.25 30.39 4.49
C ALA B 359 -39.05 30.48 5.79
N ARG B 360 -38.36 30.67 6.92
CA ARG B 360 -39.04 30.82 8.20
C ARG B 360 -39.99 32.01 8.19
N ARG B 361 -39.61 33.08 7.48
CA ARG B 361 -40.43 34.28 7.43
C ARG B 361 -41.82 34.00 6.86
N PHE B 362 -41.95 33.01 5.98
CA PHE B 362 -43.22 32.67 5.36
C PHE B 362 -43.75 31.31 5.79
N GLY B 363 -43.11 30.68 6.77
CA GLY B 363 -43.60 29.42 7.30
C GLY B 363 -43.41 28.22 6.40
N VAL B 364 -42.45 28.27 5.49
CA VAL B 364 -42.22 27.18 4.54
C VAL B 364 -41.11 26.29 5.11
N PRO B 365 -41.39 25.02 5.37
CA PRO B 365 -40.32 24.10 5.80
C PRO B 365 -39.32 23.85 4.68
N VAL B 366 -38.12 23.45 5.08
CA VAL B 366 -37.08 23.09 4.12
C VAL B 366 -36.62 21.67 4.40
N ILE B 367 -36.18 20.99 3.34
CA ILE B 367 -35.65 19.63 3.44
C ILE B 367 -34.17 19.69 3.10
N ALA B 368 -33.32 19.34 4.06
CA ALA B 368 -31.88 19.32 3.84
C ALA B 368 -31.47 17.96 3.30
N ASP B 369 -31.02 17.92 2.05
CA ASP B 369 -30.64 16.67 1.40
C ASP B 369 -29.20 16.77 0.90
N GLY B 370 -28.51 15.64 0.84
CA GLY B 370 -27.14 15.61 0.41
C GLY B 370 -26.17 15.94 1.53
N GLY B 371 -25.07 15.19 1.60
CA GLY B 371 -24.06 15.44 2.60
C GLY B 371 -24.32 14.85 3.97
N ILE B 372 -25.39 14.09 4.13
CA ILE B 372 -25.73 13.49 5.42
C ILE B 372 -25.07 12.13 5.53
N GLN B 373 -24.19 11.97 6.53
CA GLN B 373 -23.51 10.71 6.77
C GLN B 373 -23.62 10.22 8.21
N ASN B 374 -23.89 11.09 9.17
CA ASN B 374 -23.94 10.72 10.58
C ASN B 374 -25.22 11.21 11.21
N VAL B 375 -25.55 10.59 12.35
CA VAL B 375 -26.61 11.14 13.20
C VAL B 375 -26.23 12.53 13.67
N GLY B 376 -24.93 12.79 13.84
CA GLY B 376 -24.48 14.13 14.13
C GLY B 376 -24.78 15.10 13.00
N HIS B 377 -24.61 14.66 11.75
CA HIS B 377 -24.99 15.50 10.62
C HIS B 377 -26.49 15.77 10.62
N ILE B 378 -27.29 14.75 10.92
CA ILE B 378 -28.75 14.95 10.98
C ILE B 378 -29.09 15.96 12.06
N ALA B 379 -28.47 15.83 13.23
CA ALA B 379 -28.74 16.74 14.35
C ALA B 379 -28.33 18.17 13.99
N LYS B 380 -27.17 18.33 13.35
CA LYS B 380 -26.73 19.65 12.94
C LYS B 380 -27.70 20.27 11.93
N ALA B 381 -28.15 19.46 10.96
CA ALA B 381 -29.08 19.97 9.96
C ALA B 381 -30.40 20.40 10.60
N LEU B 382 -30.90 19.61 11.54
CA LEU B 382 -32.13 19.98 12.24
C LEU B 382 -31.93 21.25 13.06
N ALA B 383 -30.76 21.37 13.72
CA ALA B 383 -30.50 22.53 14.56
C ALA B 383 -30.38 23.80 13.72
N LEU B 384 -29.86 23.69 12.51
CA LEU B 384 -29.63 24.85 11.66
C LEU B 384 -30.90 25.36 10.97
N GLY B 385 -32.06 24.82 11.31
CA GLY B 385 -33.32 25.33 10.79
C GLY B 385 -34.07 24.41 9.85
N ALA B 386 -33.52 23.25 9.51
CA ALA B 386 -34.24 22.31 8.67
C ALA B 386 -35.31 21.57 9.47
N SER B 387 -36.38 21.18 8.79
CA SER B 387 -37.45 20.43 9.43
C SER B 387 -37.40 18.95 9.15
N THR B 388 -36.97 18.55 7.95
CA THR B 388 -36.79 17.15 7.62
C THR B 388 -35.48 16.98 6.85
N VAL B 389 -34.93 15.78 6.92
CA VAL B 389 -33.67 15.45 6.26
C VAL B 389 -33.92 14.31 5.29
N MET B 390 -33.51 14.51 4.04
CA MET B 390 -33.63 13.49 3.01
C MET B 390 -32.25 12.89 2.76
N MET B 391 -32.16 11.57 2.73
CA MET B 391 -30.87 10.90 2.70
C MET B 391 -30.78 9.94 1.53
N GLY B 392 -29.58 9.83 0.97
CA GLY B 392 -29.27 8.91 -0.09
C GLY B 392 -28.43 7.74 0.40
N SER B 393 -27.11 7.86 0.26
CA SER B 393 -26.17 6.81 0.63
C SER B 393 -26.45 6.23 2.01
N LEU B 394 -27.02 7.01 2.92
CA LEU B 394 -27.32 6.49 4.25
C LEU B 394 -28.40 5.43 4.23
N LEU B 395 -29.17 5.33 3.14
CA LEU B 395 -30.20 4.32 3.01
C LEU B 395 -29.96 3.34 1.86
N ALA B 396 -28.94 3.56 1.04
CA ALA B 396 -28.65 2.66 -0.07
C ALA B 396 -28.08 1.34 0.44
N ALA B 397 -28.10 0.34 -0.42
CA ALA B 397 -27.57 -1.00 -0.13
C ALA B 397 -28.27 -1.65 1.04
N THR B 398 -29.51 -1.26 1.30
CA THR B 398 -30.27 -1.84 2.40
C THR B 398 -31.16 -2.95 1.85
N THR B 399 -31.82 -3.68 2.76
CA THR B 399 -32.72 -4.75 2.36
C THR B 399 -33.85 -4.24 1.48
N GLU B 400 -34.43 -3.09 1.84
CA GLU B 400 -35.51 -2.51 1.05
C GLU B 400 -35.03 -1.73 -0.16
N ALA B 401 -33.72 -1.48 -0.26
CA ALA B 401 -33.21 -0.74 -1.40
C ALA B 401 -33.30 -1.58 -2.67
N PRO B 402 -33.62 -0.97 -3.81
CA PRO B 402 -33.65 -1.72 -5.06
C PRO B 402 -32.29 -2.29 -5.42
N GLY B 403 -32.30 -3.43 -6.10
CA GLY B 403 -31.08 -4.08 -6.51
C GLY B 403 -30.74 -5.29 -5.66
N GLU B 404 -29.64 -5.95 -6.02
CA GLU B 404 -29.20 -7.15 -5.34
C GLU B 404 -27.72 -7.01 -4.98
N TYR B 405 -27.33 -7.65 -3.89
CA TYR B 405 -25.97 -7.52 -3.38
C TYR B 405 -24.98 -8.24 -4.28
N PHE B 406 -23.73 -7.80 -4.23
CA PHE B 406 -22.66 -8.39 -5.01
C PHE B 406 -21.34 -8.25 -4.25
N PHE B 407 -20.33 -8.97 -4.69
CA PHE B 407 -19.03 -9.00 -4.04
C PHE B 407 -17.96 -8.40 -4.95
N SER B 408 -17.34 -7.32 -4.49
CA SER B 408 -16.22 -6.71 -5.18
C SER B 408 -15.05 -6.61 -4.22
N ASP B 409 -13.88 -7.07 -4.66
CA ASP B 409 -12.68 -7.12 -3.83
C ASP B 409 -12.89 -7.91 -2.54
N GLY B 410 -13.83 -8.86 -2.55
CA GLY B 410 -14.18 -9.60 -1.37
C GLY B 410 -15.13 -8.90 -0.42
N ILE B 411 -15.68 -7.76 -0.81
CA ILE B 411 -16.57 -6.97 0.04
C ILE B 411 -17.97 -7.00 -0.54
N ARG B 412 -18.95 -7.26 0.31
CA ARG B 412 -20.35 -7.35 -0.11
C ARG B 412 -20.88 -5.94 -0.35
N LEU B 413 -21.29 -5.65 -1.58
CA LEU B 413 -21.66 -4.31 -1.99
C LEU B 413 -22.94 -4.34 -2.82
N LYS B 414 -23.62 -3.20 -2.84
CA LYS B 414 -24.73 -2.96 -3.75
C LYS B 414 -24.44 -1.71 -4.58
N LYS B 415 -24.96 -1.70 -5.80
CA LYS B 415 -24.73 -0.57 -6.70
C LYS B 415 -25.33 0.71 -6.14
N TYR B 416 -24.81 1.83 -6.62
CA TYR B 416 -25.27 3.15 -6.19
C TYR B 416 -24.84 4.17 -7.24
N ARG B 417 -25.80 4.94 -7.74
CA ARG B 417 -25.52 5.87 -8.81
C ARG B 417 -26.40 7.11 -8.64
N GLY B 418 -25.96 8.21 -9.25
CA GLY B 418 -26.73 9.43 -9.19
C GLY B 418 -27.70 9.56 -10.35
N MET B 419 -28.74 10.38 -10.13
CA MET B 419 -29.74 10.60 -11.17
C MET B 419 -29.19 11.35 -12.37
N GLY B 420 -28.11 12.11 -12.19
CA GLY B 420 -27.50 12.84 -13.29
C GLY B 420 -26.29 12.13 -13.85
N SER B 421 -26.12 10.87 -13.47
CA SER B 421 -25.03 10.07 -13.99
C SER B 421 -25.25 9.80 -15.47
N LEU B 422 -24.18 9.40 -16.15
CA LEU B 422 -24.28 9.13 -17.58
C LEU B 422 -25.21 7.97 -17.89
N ASP B 423 -25.54 7.15 -16.90
CA ASP B 423 -26.55 6.11 -17.07
C ASP B 423 -27.93 6.69 -16.78
N ALA B 424 -28.29 7.78 -17.47
CA ALA B 424 -29.57 8.43 -17.27
C ALA B 424 -30.67 7.85 -18.14
N MET B 425 -30.34 6.97 -19.08
CA MET B 425 -31.32 6.36 -19.95
C MET B 425 -31.49 4.88 -19.63
N LYS B 441 -25.96 15.82 -29.77
CA LYS B 441 -26.31 14.79 -28.80
C LYS B 441 -25.20 14.60 -27.78
N ILE B 442 -24.79 15.68 -27.14
CA ILE B 442 -23.72 15.63 -26.14
C ILE B 442 -24.27 15.95 -24.75
N LYS B 443 -23.99 15.05 -23.80
CA LYS B 443 -24.46 15.24 -22.44
C LYS B 443 -23.27 15.20 -21.49
N VAL B 444 -23.35 15.99 -20.42
CA VAL B 444 -22.29 16.09 -19.42
C VAL B 444 -22.73 15.36 -18.17
N ALA B 445 -21.80 14.62 -17.57
CA ALA B 445 -22.13 13.80 -16.40
C ALA B 445 -22.11 14.66 -15.15
N GLN B 446 -23.28 14.88 -14.57
CA GLN B 446 -23.40 15.57 -13.29
C GLN B 446 -23.43 14.62 -12.11
N GLY B 447 -23.46 13.31 -12.35
CA GLY B 447 -23.44 12.31 -11.30
C GLY B 447 -22.37 11.27 -11.56
N VAL B 448 -22.33 10.29 -10.66
CA VAL B 448 -21.32 9.23 -10.68
C VAL B 448 -22.00 7.91 -10.34
N SER B 449 -21.51 6.84 -10.97
CA SER B 449 -21.97 5.49 -10.68
C SER B 449 -20.95 4.79 -9.81
N GLY B 450 -21.40 4.25 -8.68
CA GLY B 450 -20.52 3.61 -7.73
C GLY B 450 -21.22 2.51 -6.97
N ALA B 451 -20.73 2.23 -5.76
CA ALA B 451 -21.31 1.21 -4.92
C ALA B 451 -20.97 1.50 -3.47
N VAL B 452 -21.86 1.06 -2.57
CA VAL B 452 -21.67 1.19 -1.13
C VAL B 452 -21.96 -0.16 -0.49
N GLN B 453 -21.40 -0.37 0.70
CA GLN B 453 -21.59 -1.62 1.42
C GLN B 453 -22.98 -1.71 2.03
N ASP B 454 -23.45 -2.93 2.24
CA ASP B 454 -24.78 -3.15 2.79
C ASP B 454 -24.89 -2.65 4.23
N LYS B 455 -26.13 -2.37 4.65
CA LYS B 455 -26.40 -1.79 5.96
C LYS B 455 -27.56 -2.47 6.68
N GLY B 456 -27.83 -3.73 6.38
CA GLY B 456 -28.89 -4.44 7.09
C GLY B 456 -30.26 -4.05 6.56
N SER B 457 -31.16 -3.71 7.47
CA SER B 457 -32.52 -3.27 7.14
C SER B 457 -32.79 -1.92 7.77
N ILE B 458 -33.52 -1.06 7.06
CA ILE B 458 -33.88 0.22 7.65
C ILE B 458 -34.85 0.02 8.79
N HIS B 459 -35.56 -1.11 8.82
CA HIS B 459 -36.56 -1.33 9.85
C HIS B 459 -35.93 -1.42 11.23
N LYS B 460 -34.62 -1.66 11.30
CA LYS B 460 -33.83 -1.52 12.51
C LYS B 460 -32.83 -0.37 12.45
N PHE B 461 -32.49 0.10 11.24
CA PHE B 461 -31.54 1.20 11.13
C PHE B 461 -32.17 2.54 11.55
N VAL B 462 -33.44 2.76 11.19
CA VAL B 462 -34.15 3.99 11.50
C VAL B 462 -34.27 4.20 13.01
N PRO B 463 -34.61 3.18 13.81
CA PRO B 463 -34.62 3.37 15.27
C PRO B 463 -33.28 3.81 15.83
N TYR B 464 -32.17 3.37 15.25
CA TYR B 464 -30.86 3.87 15.69
C TYR B 464 -30.74 5.37 15.45
N LEU B 465 -31.17 5.84 14.27
CA LEU B 465 -31.15 7.27 13.99
C LEU B 465 -32.07 8.02 14.94
N ILE B 466 -33.23 7.45 15.24
CA ILE B 466 -34.17 8.09 16.16
C ILE B 466 -33.54 8.25 17.54
N ALA B 467 -32.91 7.19 18.04
CA ALA B 467 -32.27 7.24 19.35
C ALA B 467 -31.12 8.22 19.35
N GLY B 468 -30.33 8.26 18.28
CA GLY B 468 -29.25 9.23 18.20
C GLY B 468 -29.74 10.67 18.21
N ILE B 469 -30.80 10.94 17.45
CA ILE B 469 -31.37 12.29 17.44
C ILE B 469 -31.90 12.66 18.82
N GLN B 470 -32.57 11.72 19.49
CA GLN B 470 -33.11 11.99 20.82
C GLN B 470 -31.98 12.29 21.81
N HIS B 471 -30.91 11.50 21.76
CA HIS B 471 -29.78 11.74 22.67
C HIS B 471 -29.09 13.06 22.36
N SER B 472 -28.97 13.41 21.08
CA SER B 472 -28.36 14.69 20.71
C SER B 472 -29.19 15.86 21.21
N CYS B 473 -30.52 15.75 21.09
CA CYS B 473 -31.39 16.80 21.62
C CYS B 473 -31.29 16.87 23.14
N GLN B 474 -31.13 15.72 23.77
CA GLN B 474 -30.99 15.66 25.22
C GLN B 474 -29.74 16.41 25.65
N ASP B 475 -28.63 16.16 24.95
CA ASP B 475 -27.37 16.84 25.26
C ASP B 475 -27.44 18.32 24.96
N ILE B 476 -28.13 18.69 23.87
CA ILE B 476 -28.31 20.11 23.54
C ILE B 476 -29.10 20.82 24.63
N GLY B 477 -30.09 20.14 25.21
CA GLY B 477 -30.92 20.74 26.22
C GLY B 477 -32.32 21.12 25.76
N ALA B 478 -32.75 20.60 24.61
CA ALA B 478 -34.07 20.87 24.07
C ALA B 478 -34.88 19.58 24.06
N LYS B 479 -36.12 19.65 24.53
CA LYS B 479 -36.99 18.49 24.60
C LYS B 479 -37.83 18.30 23.33
N SER B 480 -37.62 19.12 22.31
CA SER B 480 -38.31 18.93 21.04
C SER B 480 -37.50 19.56 19.92
N LEU B 481 -37.67 19.01 18.71
CA LEU B 481 -37.00 19.55 17.55
C LEU B 481 -37.52 20.93 17.17
N THR B 482 -38.73 21.27 17.58
CA THR B 482 -39.20 22.65 17.43
C THR B 482 -38.49 23.56 18.44
N GLN B 483 -38.31 23.07 19.67
CA GLN B 483 -37.66 23.87 20.70
C GLN B 483 -36.21 24.16 20.34
N VAL B 484 -35.51 23.18 19.75
CA VAL B 484 -34.10 23.40 19.42
C VAL B 484 -33.96 24.50 18.37
N ARG B 485 -34.85 24.51 17.38
CA ARG B 485 -34.84 25.59 16.39
C ARG B 485 -35.25 26.91 17.03
N ALA B 486 -36.17 26.86 18.00
CA ALA B 486 -36.57 28.07 18.70
C ALA B 486 -35.38 28.71 19.43
N MET B 487 -34.60 27.90 20.15
CA MET B 487 -33.45 28.47 20.84
C MET B 487 -32.35 28.87 19.88
N MET B 488 -32.19 28.15 18.76
CA MET B 488 -31.22 28.57 17.75
C MET B 488 -31.56 29.96 17.21
N TYR B 489 -32.84 30.19 16.91
CA TYR B 489 -33.24 31.49 16.39
C TYR B 489 -33.16 32.58 17.46
N SER B 490 -33.54 32.26 18.70
CA SER B 490 -33.48 33.25 19.76
C SER B 490 -32.05 33.52 20.23
N GLY B 491 -31.09 32.70 19.84
CA GLY B 491 -29.71 32.89 20.24
C GLY B 491 -29.31 32.19 21.52
N GLU B 492 -30.24 31.50 22.17
CA GLU B 492 -29.89 30.72 23.36
C GLU B 492 -28.94 29.58 23.01
N LEU B 493 -29.18 28.91 21.89
CA LEU B 493 -28.28 27.86 21.43
C LEU B 493 -26.98 28.48 20.91
N LYS B 494 -25.87 27.85 21.26
CA LYS B 494 -24.55 28.36 20.91
C LYS B 494 -23.78 27.32 20.11
N PHE B 495 -22.90 27.81 19.23
CA PHE B 495 -22.10 26.96 18.37
C PHE B 495 -20.64 27.34 18.51
N GLU B 496 -19.76 26.41 18.19
CA GLU B 496 -18.32 26.63 18.28
C GLU B 496 -17.68 26.12 16.99
N LYS B 497 -17.02 27.03 16.26
CA LYS B 497 -16.31 26.65 15.06
C LYS B 497 -15.01 25.94 15.42
N ARG B 498 -14.70 24.87 14.70
CA ARG B 498 -13.54 24.04 15.00
C ARG B 498 -12.67 23.89 13.76
N THR B 499 -11.36 23.90 13.98
CA THR B 499 -10.39 23.83 12.89
C THR B 499 -10.17 22.37 12.46
N SER B 500 -9.27 22.20 11.50
CA SER B 500 -8.97 20.87 10.98
C SER B 500 -8.38 19.96 12.05
N SER B 501 -7.45 20.50 12.85
CA SER B 501 -6.84 19.71 13.91
C SER B 501 -7.88 19.31 14.95
N ALA B 502 -8.80 20.21 15.27
CA ALA B 502 -9.87 19.89 16.20
C ALA B 502 -10.76 18.77 15.68
N GLN B 503 -11.04 18.75 14.37
CA GLN B 503 -11.78 17.65 13.79
C GLN B 503 -11.02 16.34 13.91
N VAL B 504 -9.70 16.38 13.68
CA VAL B 504 -8.88 15.18 13.80
C VAL B 504 -8.94 14.63 15.22
N GLU B 505 -8.83 15.51 16.21
CA GLU B 505 -8.90 15.06 17.60
C GLU B 505 -10.31 14.60 17.96
N GLY B 506 -11.34 15.19 17.34
CA GLY B 506 -12.70 14.75 17.58
C GLY B 506 -13.04 13.42 16.94
N GLY B 507 -12.28 13.01 15.93
CA GLY B 507 -12.43 11.69 15.36
C GLY B 507 -11.67 10.65 16.18
N VAL B 508 -11.57 9.45 15.60
CA VAL B 508 -10.82 8.38 16.25
C VAL B 508 -9.33 8.54 15.96
N HIS B 509 -8.53 8.52 17.00
CA HIS B 509 -7.10 8.62 16.86
C HIS B 509 -6.38 7.79 17.90
N SER B 510 -5.07 7.69 17.83
CA SER B 510 -4.21 7.04 18.81
C SER B 510 -4.57 5.57 19.01
N LEU B 511 -5.13 4.94 17.97
CA LEU B 511 -5.43 3.52 17.99
C LEU B 511 -4.84 2.86 16.74
N HIS B 512 -4.29 1.65 16.94
CA HIS B 512 -3.79 0.89 15.80
C HIS B 512 -4.93 0.21 15.04
N SER B 513 -5.94 -0.28 15.77
CA SER B 513 -7.10 -0.89 15.16
C SER B 513 -8.28 -0.73 16.10
N TYR B 514 -9.48 -0.81 15.53
CA TYR B 514 -10.70 -0.68 16.31
C TYR B 514 -11.88 -1.20 15.49
N GLU B 515 -13.04 -1.29 16.16
CA GLU B 515 -14.29 -1.64 15.51
C GLU B 515 -15.33 -0.61 15.92
N LYS B 516 -16.26 -0.30 15.02
CA LYS B 516 -17.17 0.81 15.23
C LYS B 516 -18.63 0.38 15.13
N ARG B 517 -18.98 -0.71 15.83
CA ARG B 517 -20.38 -1.10 15.94
C ARG B 517 -21.18 0.04 16.57
N LEU B 518 -22.29 0.40 15.93
CA LEU B 518 -23.08 1.54 16.36
C LEU B 518 -24.31 1.18 17.17
N PHE B 519 -24.92 0.02 16.89
CA PHE B 519 -26.14 -0.38 17.59
C PHE B 519 -26.37 -1.88 17.46
N SER C 16 14.34 47.16 31.47
CA SER C 16 13.28 46.16 31.35
C SER C 16 12.26 46.57 30.28
N TYR C 17 12.72 46.63 29.03
CA TYR C 17 11.83 46.97 27.92
C TYR C 17 10.92 45.79 27.58
N VAL C 18 11.53 44.64 27.28
CA VAL C 18 10.81 43.42 26.91
C VAL C 18 9.89 43.75 25.73
N PRO C 19 10.43 43.83 24.51
CA PRO C 19 9.59 44.16 23.35
C PRO C 19 8.44 43.17 23.20
N ASP C 20 7.26 43.72 22.87
CA ASP C 20 6.05 42.90 22.77
C ASP C 20 6.14 42.02 21.53
N ASP C 21 5.87 40.73 21.71
CA ASP C 21 5.94 39.78 20.60
C ASP C 21 5.13 38.55 20.99
N GLY C 22 4.10 38.25 20.21
CA GLY C 22 3.23 37.14 20.52
C GLY C 22 1.89 37.57 21.08
N LEU C 23 0.97 36.61 21.18
CA LEU C 23 -0.37 36.86 21.66
C LEU C 23 -0.56 36.28 23.05
N THR C 24 -1.32 36.99 23.88
CA THR C 24 -1.70 36.47 25.18
C THR C 24 -2.78 35.41 25.02
N ALA C 25 -3.08 34.72 26.12
CA ALA C 25 -4.11 33.68 26.08
C ALA C 25 -5.47 34.26 25.76
N GLN C 26 -5.78 35.43 26.32
CA GLN C 26 -7.05 36.09 26.02
C GLN C 26 -7.16 36.43 24.54
N GLN C 27 -6.07 36.94 23.95
CA GLN C 27 -6.08 37.26 22.53
C GLN C 27 -6.14 36.01 21.67
N LEU C 28 -5.56 34.90 22.14
CA LEU C 28 -5.55 33.67 21.35
C LEU C 28 -6.92 33.01 21.35
N PHE C 29 -7.59 32.97 22.49
CA PHE C 29 -8.84 32.24 22.62
C PHE C 29 -10.08 33.14 22.55
N ASN C 30 -9.98 34.30 21.89
CA ASN C 30 -11.15 35.13 21.59
C ASN C 30 -11.34 35.32 20.10
N CYS C 31 -10.55 34.65 19.26
CA CYS C 31 -10.67 34.81 17.82
C CYS C 31 -11.94 34.17 17.27
N GLY C 32 -12.60 33.31 18.05
CA GLY C 32 -13.83 32.69 17.63
C GLY C 32 -13.70 31.31 17.03
N ASP C 33 -12.50 30.88 16.68
CA ASP C 33 -12.28 29.55 16.14
C ASP C 33 -11.83 28.60 17.24
N GLY C 34 -11.97 27.31 16.98
CA GLY C 34 -11.64 26.31 17.99
C GLY C 34 -10.22 25.81 17.91
N LEU C 35 -9.36 26.34 18.77
CA LEU C 35 -7.99 25.86 18.83
C LEU C 35 -7.90 24.59 19.67
N THR C 36 -6.98 23.72 19.29
CA THR C 36 -6.63 22.52 20.03
C THR C 36 -5.18 22.63 20.46
N TYR C 37 -4.63 21.53 21.00
CA TYR C 37 -3.24 21.58 21.44
C TYR C 37 -2.28 21.71 20.27
N ASN C 38 -2.67 21.27 19.08
CA ASN C 38 -1.75 21.24 17.95
C ASN C 38 -1.51 22.61 17.34
N ASP C 39 -2.54 23.45 17.28
CA ASP C 39 -2.46 24.68 16.50
C ASP C 39 -2.12 25.92 17.32
N PHE C 40 -1.31 25.78 18.36
CA PHE C 40 -0.70 26.93 19.01
C PHE C 40 0.55 26.46 19.75
N LEU C 41 1.43 27.40 20.07
CA LEU C 41 2.66 27.14 20.77
C LEU C 41 2.84 28.15 21.89
N ILE C 42 3.77 27.84 22.80
CA ILE C 42 4.15 28.75 23.87
C ILE C 42 5.53 29.30 23.56
N LEU C 43 5.64 30.63 23.52
CA LEU C 43 6.90 31.25 23.14
C LEU C 43 7.95 31.08 24.24
N PRO C 44 9.22 30.95 23.86
CA PRO C 44 10.27 30.78 24.87
C PRO C 44 10.41 32.01 25.75
N GLY C 45 10.82 31.78 26.99
CA GLY C 45 11.03 32.83 27.96
C GLY C 45 12.49 33.02 28.31
N TYR C 46 12.75 33.28 29.58
CA TYR C 46 14.09 33.54 30.09
C TYR C 46 14.45 32.48 31.13
N ILE C 47 15.62 31.88 30.97
CA ILE C 47 16.08 30.81 31.87
C ILE C 47 17.12 31.39 32.82
N ASP C 48 16.88 31.24 34.12
CA ASP C 48 17.87 31.62 35.13
C ASP C 48 17.92 30.58 36.25
N PHE C 49 17.62 29.32 35.93
CA PHE C 49 17.64 28.26 36.90
C PHE C 49 17.82 26.92 36.18
N THR C 50 18.21 25.91 36.94
CA THR C 50 18.46 24.59 36.38
C THR C 50 17.16 23.89 36.01
N ALA C 51 17.27 22.86 35.18
CA ALA C 51 16.11 22.15 34.69
C ALA C 51 15.40 21.40 35.82
N ASP C 52 16.16 20.67 36.64
CA ASP C 52 15.59 19.91 37.76
C ASP C 52 15.44 20.80 38.98
N GLN C 53 14.73 21.91 38.79
CA GLN C 53 14.47 22.83 39.88
C GLN C 53 13.02 23.32 39.84
N VAL C 54 12.19 22.78 38.96
CA VAL C 54 10.82 23.23 38.78
C VAL C 54 9.91 22.43 39.71
N ASP C 55 9.15 23.14 40.54
CA ASP C 55 8.22 22.48 41.45
C ASP C 55 6.95 22.09 40.70
N LEU C 56 6.58 20.82 40.80
CA LEU C 56 5.41 20.29 40.09
C LEU C 56 4.19 20.15 40.98
N THR C 57 4.21 20.75 42.17
CA THR C 57 3.07 20.66 43.08
C THR C 57 1.82 21.24 42.44
N SER C 58 0.73 20.49 42.50
CA SER C 58 -0.54 20.91 41.92
C SER C 58 -1.68 20.42 42.81
N ALA C 59 -2.79 21.14 42.76
CA ALA C 59 -3.95 20.83 43.57
C ALA C 59 -4.95 20.00 42.76
N LEU C 60 -5.21 18.78 43.21
CA LEU C 60 -6.23 17.95 42.56
C LEU C 60 -7.64 18.46 42.84
N THR C 61 -7.93 18.81 44.09
CA THR C 61 -9.23 19.34 44.47
C THR C 61 -8.99 20.56 45.35
N LYS C 62 -10.06 21.01 46.01
CA LYS C 62 -9.94 22.14 46.92
C LYS C 62 -9.09 21.80 48.15
N LYS C 63 -9.07 20.53 48.55
CA LYS C 63 -8.38 20.13 49.77
C LYS C 63 -7.36 19.01 49.60
N ILE C 64 -7.15 18.50 48.39
CA ILE C 64 -6.20 17.42 48.17
C ILE C 64 -5.16 17.90 47.15
N THR C 65 -3.89 17.73 47.50
CA THR C 65 -2.77 18.21 46.69
C THR C 65 -1.90 17.02 46.30
N LEU C 66 -1.50 16.99 45.03
CA LEU C 66 -0.62 15.94 44.51
C LEU C 66 0.74 16.54 44.18
N LYS C 67 1.78 15.74 44.35
CA LYS C 67 3.13 16.19 44.01
C LYS C 67 3.34 16.31 42.51
N THR C 68 2.51 15.65 41.71
CA THR C 68 2.60 15.69 40.25
C THR C 68 1.22 15.95 39.69
N PRO C 69 1.13 16.59 38.52
CA PRO C 69 -0.17 16.85 37.90
C PRO C 69 -0.76 15.69 37.11
N LEU C 70 -0.26 14.47 37.29
CA LEU C 70 -0.66 13.33 36.47
C LEU C 70 -1.75 12.54 37.18
N VAL C 71 -2.82 12.22 36.44
CA VAL C 71 -3.95 11.46 36.94
C VAL C 71 -4.36 10.45 35.88
N SER C 72 -4.78 9.27 36.32
CA SER C 72 -5.20 8.20 35.42
C SER C 72 -6.73 8.18 35.33
N SER C 73 -7.24 7.91 34.13
CA SER C 73 -8.66 7.98 33.84
C SER C 73 -9.39 6.81 34.50
N PRO C 74 -10.61 7.04 35.00
CA PRO C 74 -11.40 5.94 35.57
C PRO C 74 -12.07 5.10 34.49
N MET C 75 -11.30 4.22 33.84
CA MET C 75 -11.82 3.35 32.80
C MET C 75 -11.31 1.94 33.03
N ASP C 76 -12.13 0.95 32.64
CA ASP C 76 -11.85 -0.44 32.97
C ASP C 76 -10.59 -0.98 32.31
N THR C 77 -10.05 -0.30 31.30
CA THR C 77 -8.86 -0.75 30.60
C THR C 77 -7.61 -0.02 31.06
N VAL C 78 -7.71 0.81 32.10
CA VAL C 78 -6.57 1.60 32.54
C VAL C 78 -6.23 1.32 33.99
N THR C 79 -7.21 1.41 34.88
CA THR C 79 -6.98 1.36 36.32
C THR C 79 -7.90 0.36 37.00
N GLU C 80 -7.32 -0.68 37.58
CA GLU C 80 -8.10 -1.50 38.52
C GLU C 80 -7.52 -1.46 39.93
N ALA C 81 -6.32 -2.01 40.10
CA ALA C 81 -5.60 -1.82 41.36
C ALA C 81 -4.14 -1.49 41.11
N GLY C 82 -3.54 -2.17 40.13
CA GLY C 82 -2.11 -2.00 39.89
C GLY C 82 -1.78 -0.61 39.40
N MET C 83 -2.57 -0.11 38.44
CA MET C 83 -2.34 1.23 37.93
C MET C 83 -2.55 2.27 39.03
N ALA C 84 -3.57 2.09 39.85
CA ALA C 84 -3.80 3.05 40.93
C ALA C 84 -2.66 3.04 41.94
N ILE C 85 -2.19 1.86 42.32
CA ILE C 85 -1.09 1.77 43.28
C ILE C 85 0.17 2.40 42.70
N ALA C 86 0.49 2.08 41.44
CA ALA C 86 1.70 2.62 40.83
C ALA C 86 1.61 4.13 40.63
N MET C 87 0.44 4.64 40.22
CA MET C 87 0.26 6.07 40.07
C MET C 87 0.38 6.79 41.42
N ALA C 88 -0.16 6.19 42.48
CA ALA C 88 0.03 6.75 43.81
C ALA C 88 1.50 6.76 44.19
N LEU C 89 2.22 5.68 43.86
CA LEU C 89 3.63 5.60 44.23
C LEU C 89 4.51 6.53 43.41
N THR C 90 4.03 6.98 42.24
CA THR C 90 4.82 7.86 41.38
C THR C 90 4.52 9.34 41.63
N GLY C 91 3.70 9.67 42.62
CA GLY C 91 3.43 11.04 42.99
C GLY C 91 2.04 11.57 42.67
N GLY C 92 1.25 10.83 41.91
CA GLY C 92 -0.13 11.23 41.65
C GLY C 92 -1.10 10.28 42.33
N ILE C 93 -2.31 10.13 41.79
CA ILE C 93 -3.24 9.10 42.22
C ILE C 93 -3.97 8.55 41.00
N GLY C 94 -4.82 7.55 41.22
CA GLY C 94 -5.66 6.99 40.20
C GLY C 94 -7.12 6.95 40.61
N PHE C 95 -7.97 6.66 39.63
CA PHE C 95 -9.40 6.54 39.82
C PHE C 95 -9.86 5.19 39.31
N ILE C 96 -10.65 4.49 40.13
CA ILE C 96 -11.09 3.14 39.81
C ILE C 96 -12.46 3.21 39.15
N HIS C 97 -12.60 2.51 38.02
CA HIS C 97 -13.85 2.54 37.26
C HIS C 97 -14.97 1.85 38.02
N HIS C 98 -16.19 2.06 37.54
CA HIS C 98 -17.37 1.40 38.08
C HIS C 98 -17.99 0.42 37.09
N ASN C 99 -17.22 -0.05 36.10
CA ASN C 99 -17.69 -1.09 35.20
C ASN C 99 -17.51 -2.45 35.86
N CYS C 100 -18.01 -2.58 37.09
CA CYS C 100 -17.85 -3.79 37.89
C CYS C 100 -18.80 -3.70 39.07
N THR C 101 -18.93 -4.82 39.78
CA THR C 101 -19.83 -4.86 40.91
C THR C 101 -19.32 -3.95 42.03
N PRO C 102 -20.23 -3.34 42.80
CA PRO C 102 -19.79 -2.43 43.87
C PRO C 102 -18.87 -3.07 44.89
N GLU C 103 -19.11 -4.34 45.23
CA GLU C 103 -18.22 -5.01 46.17
C GLU C 103 -16.83 -5.20 45.57
N PHE C 104 -16.75 -5.52 44.27
CA PHE C 104 -15.44 -5.62 43.62
C PHE C 104 -14.73 -4.27 43.62
N GLN C 105 -15.47 -3.20 43.33
CA GLN C 105 -14.85 -1.87 43.32
C GLN C 105 -14.35 -1.49 44.71
N ALA C 106 -15.14 -1.76 45.75
CA ALA C 106 -14.71 -1.47 47.11
C ALA C 106 -13.53 -2.33 47.52
N ASN C 107 -13.49 -3.60 47.08
CA ASN C 107 -12.34 -4.44 47.35
C ASN C 107 -11.09 -3.89 46.68
N GLU C 108 -11.24 -3.38 45.46
CA GLU C 108 -10.11 -2.82 44.74
C GLU C 108 -9.57 -1.59 45.46
N VAL C 109 -10.49 -0.74 45.94
CA VAL C 109 -10.11 0.43 46.73
C VAL C 109 -9.38 0.01 48.00
N ARG C 110 -9.90 -1.00 48.68
CA ARG C 110 -9.26 -1.48 49.91
C ARG C 110 -7.87 -2.02 49.63
N LYS C 111 -7.72 -2.74 48.52
CA LYS C 111 -6.40 -3.26 48.15
C LYS C 111 -5.43 -2.13 47.87
N VAL C 112 -5.90 -1.04 47.25
CA VAL C 112 -5.05 0.12 47.07
C VAL C 112 -4.67 0.73 48.41
N LYS C 113 -5.64 0.85 49.32
CA LYS C 113 -5.41 1.50 50.60
C LYS C 113 -4.44 0.72 51.48
N LYS C 114 -4.53 -0.61 51.48
CA LYS C 114 -3.78 -1.45 52.40
C LYS C 114 -2.41 -1.85 51.87
N TYR C 115 -1.92 -1.19 50.82
CA TYR C 115 -0.63 -1.57 50.23
C TYR C 115 0.55 -1.21 51.13
N GLU C 116 0.43 -0.12 51.89
CA GLU C 116 1.63 0.53 52.39
C GLU C 116 1.40 1.26 53.72
N GLN C 117 0.27 1.04 54.42
CA GLN C 117 0.01 1.83 55.62
C GLN C 117 0.90 1.42 56.78
N GLY C 118 1.43 2.43 57.47
CA GLY C 118 2.06 2.19 58.76
C GLY C 118 1.04 2.10 59.87
N PHE C 119 1.43 1.44 60.95
CA PHE C 119 0.57 1.20 62.13
C PHE C 119 -0.67 0.41 61.72
N ILE C 120 -0.42 -0.78 61.18
CA ILE C 120 -1.47 -1.65 60.63
C ILE C 120 -2.50 -1.99 61.70
N THR C 121 -3.73 -1.53 61.51
CA THR C 121 -4.82 -1.79 62.43
C THR C 121 -5.70 -2.89 61.86
N ASP C 122 -6.25 -3.73 62.74
CA ASP C 122 -6.83 -5.02 62.40
C ASP C 122 -6.08 -5.77 61.29
N PRO C 123 -4.84 -6.20 61.55
CA PRO C 123 -4.15 -7.10 60.61
C PRO C 123 -4.73 -8.50 60.67
N VAL C 124 -4.15 -9.39 59.84
CA VAL C 124 -4.49 -10.80 59.89
C VAL C 124 -3.77 -11.45 61.06
N VAL C 125 -4.53 -12.16 61.90
CA VAL C 125 -3.99 -12.88 63.06
C VAL C 125 -4.59 -14.28 63.10
N LEU C 126 -3.98 -15.16 63.89
CA LEU C 126 -4.34 -16.57 63.91
C LEU C 126 -4.35 -17.11 65.34
N SER C 127 -5.00 -18.28 65.51
CA SER C 127 -5.11 -18.98 66.78
C SER C 127 -3.97 -19.98 66.93
N PRO C 128 -3.51 -20.21 68.17
CA PRO C 128 -2.44 -21.19 68.38
C PRO C 128 -2.84 -22.62 68.05
N LYS C 129 -4.12 -22.89 67.81
CA LYS C 129 -4.60 -24.25 67.62
C LYS C 129 -5.11 -24.45 66.20
N ASP C 130 -4.34 -23.98 65.22
CA ASP C 130 -4.68 -24.09 63.81
C ASP C 130 -3.65 -24.93 63.06
N ARG C 131 -4.10 -25.63 62.02
CA ARG C 131 -3.18 -26.32 61.13
C ARG C 131 -2.50 -25.32 60.21
N VAL C 132 -1.29 -25.67 59.74
CA VAL C 132 -0.49 -24.75 58.96
C VAL C 132 -1.07 -24.49 57.58
N ARG C 133 -2.04 -25.30 57.13
CA ARG C 133 -2.54 -25.20 55.76
C ARG C 133 -3.15 -23.82 55.48
N ASP C 134 -3.92 -23.29 56.43
CA ASP C 134 -4.55 -22.01 56.16
C ASP C 134 -3.54 -20.85 56.20
N VAL C 135 -2.33 -21.06 56.72
CA VAL C 135 -1.29 -20.04 56.56
C VAL C 135 -0.88 -19.91 55.10
N PHE C 136 -0.69 -21.04 54.41
CA PHE C 136 -0.37 -20.99 53.00
C PHE C 136 -1.57 -20.50 52.18
N GLU C 137 -2.78 -20.86 52.60
CA GLU C 137 -3.95 -20.25 51.97
C GLU C 137 -3.97 -18.73 52.20
N ALA C 138 -3.55 -18.28 53.38
CA ALA C 138 -3.51 -16.85 53.67
C ALA C 138 -2.49 -16.14 52.79
N LYS C 139 -1.31 -16.73 52.62
CA LYS C 139 -0.33 -16.11 51.74
C LYS C 139 -0.84 -16.07 50.31
N ALA C 140 -1.52 -17.13 49.86
CA ALA C 140 -2.09 -17.13 48.51
C ALA C 140 -3.17 -16.07 48.35
N ARG C 141 -4.01 -15.88 49.37
CA ARG C 141 -5.17 -14.99 49.27
C ARG C 141 -4.78 -13.53 49.53
N HIS C 142 -4.27 -13.24 50.73
CA HIS C 142 -3.92 -11.88 51.11
C HIS C 142 -2.57 -11.44 50.56
N GLY C 143 -1.62 -12.35 50.36
CA GLY C 143 -0.34 -11.99 49.79
C GLY C 143 0.80 -11.78 50.77
N PHE C 144 0.63 -12.16 52.04
CA PHE C 144 1.70 -11.98 53.02
C PHE C 144 1.64 -13.07 54.07
N CYS C 145 2.74 -13.20 54.83
CA CYS C 145 2.94 -14.29 55.78
C CYS C 145 3.21 -13.85 57.21
N GLY C 146 3.65 -12.61 57.44
CA GLY C 146 3.98 -12.20 58.79
C GLY C 146 2.73 -11.93 59.60
N ILE C 147 2.39 -12.84 60.49
CA ILE C 147 1.08 -12.92 61.11
C ILE C 147 1.21 -13.11 62.61
N PRO C 148 0.73 -12.19 63.44
CA PRO C 148 0.73 -12.43 64.89
C PRO C 148 -0.23 -13.54 65.27
N ILE C 149 0.06 -14.18 66.41
CA ILE C 149 -0.73 -15.30 66.90
C ILE C 149 -1.19 -14.96 68.31
N THR C 150 -2.48 -15.16 68.58
CA THR C 150 -3.10 -14.59 69.77
C THR C 150 -4.11 -15.58 70.36
N ASP C 151 -4.33 -15.48 71.68
CA ASP C 151 -4.89 -16.61 72.41
C ASP C 151 -6.40 -16.79 72.25
N THR C 152 -7.07 -16.05 71.37
CA THR C 152 -8.38 -16.46 70.88
C THR C 152 -8.45 -16.47 69.35
N GLY C 153 -7.35 -16.16 68.67
CA GLY C 153 -7.38 -16.07 67.22
C GLY C 153 -8.07 -14.85 66.69
N ARG C 154 -8.43 -13.90 67.55
CA ARG C 154 -9.14 -12.71 67.16
C ARG C 154 -8.40 -11.47 67.65
N MET C 155 -8.71 -10.34 67.01
CA MET C 155 -7.92 -9.12 67.13
C MET C 155 -7.94 -8.60 68.58
N GLY C 156 -9.00 -8.90 69.33
CA GLY C 156 -9.12 -8.45 70.71
C GLY C 156 -8.67 -9.46 71.76
N SER C 157 -7.49 -10.07 71.59
CA SER C 157 -6.98 -11.04 72.54
C SER C 157 -5.48 -10.84 72.73
N ARG C 158 -4.90 -11.66 73.61
CA ARG C 158 -3.53 -11.46 74.06
C ARG C 158 -2.51 -12.06 73.11
N LEU C 159 -1.36 -11.39 72.99
CA LEU C 159 -0.31 -11.84 72.09
C LEU C 159 0.32 -13.13 72.61
N VAL C 160 0.38 -14.15 71.76
CA VAL C 160 1.03 -15.41 72.09
C VAL C 160 2.34 -15.57 71.35
N GLY C 161 2.40 -15.16 70.09
CA GLY C 161 3.61 -15.30 69.30
C GLY C 161 3.41 -14.68 67.93
N ILE C 162 4.38 -14.93 67.05
CA ILE C 162 4.35 -14.41 65.69
C ILE C 162 4.98 -15.44 64.76
N ILE C 163 4.42 -15.57 63.55
CA ILE C 163 5.03 -16.34 62.48
C ILE C 163 5.41 -15.38 61.36
N SER C 164 6.51 -15.71 60.69
CA SER C 164 6.94 -15.00 59.49
C SER C 164 7.54 -16.03 58.55
N SER C 165 7.78 -15.61 57.30
CA SER C 165 8.03 -16.58 56.23
C SER C 165 9.18 -17.52 56.54
N ARG C 166 10.20 -17.04 57.24
CA ARG C 166 11.36 -17.86 57.57
C ARG C 166 10.99 -19.13 58.32
N ASP C 167 9.90 -19.08 59.06
CA ASP C 167 9.40 -20.23 59.80
C ASP C 167 8.85 -21.31 58.87
N ILE C 168 8.49 -20.96 57.64
CA ILE C 168 7.74 -21.86 56.76
C ILE C 168 8.32 -21.90 55.35
N ASP C 169 9.49 -21.27 55.15
CA ASP C 169 10.12 -21.30 53.83
C ASP C 169 10.40 -22.72 53.36
N PHE C 170 10.71 -23.62 54.29
CA PHE C 170 11.11 -24.99 53.95
C PHE C 170 10.47 -25.97 54.91
N LEU C 171 9.97 -27.09 54.36
CA LEU C 171 9.35 -28.15 55.14
C LEU C 171 9.85 -29.50 54.61
N LYS C 172 9.57 -30.55 55.37
CA LYS C 172 9.93 -31.91 54.96
C LYS C 172 8.98 -32.37 53.85
N GLU C 173 9.10 -33.65 53.47
CA GLU C 173 8.49 -34.22 52.26
C GLU C 173 7.03 -33.84 52.08
N GLU C 174 6.76 -33.10 51.00
CA GLU C 174 5.49 -32.47 50.65
C GLU C 174 4.60 -32.09 51.84
N GLU C 175 3.97 -33.07 52.49
CA GLU C 175 2.87 -32.75 53.41
C GLU C 175 3.31 -32.03 54.68
N HIS C 176 4.13 -32.66 55.52
CA HIS C 176 4.56 -32.12 56.81
C HIS C 176 3.41 -31.44 57.56
N ASP C 177 2.33 -32.19 57.77
CA ASP C 177 1.16 -31.66 58.47
C ASP C 177 1.49 -31.39 59.94
N CYS C 178 1.05 -30.24 60.44
CA CYS C 178 1.35 -29.85 61.81
C CYS C 178 0.36 -28.80 62.30
N PHE C 179 0.17 -28.79 63.62
CA PHE C 179 -0.45 -27.66 64.31
C PHE C 179 0.66 -26.72 64.75
N LEU C 180 0.48 -25.43 64.53
CA LEU C 180 1.59 -24.49 64.53
C LEU C 180 2.05 -24.07 65.93
N GLU C 181 1.74 -24.86 66.97
CA GLU C 181 2.03 -24.45 68.35
C GLU C 181 3.50 -24.17 68.58
N GLU C 182 4.39 -25.04 68.09
CA GLU C 182 5.82 -24.83 68.27
C GLU C 182 6.47 -24.08 67.12
N ILE C 183 5.72 -23.78 66.06
CA ILE C 183 6.30 -23.14 64.89
C ILE C 183 6.56 -21.66 65.13
N MET C 184 5.67 -20.96 65.85
CA MET C 184 5.85 -19.52 65.99
C MET C 184 6.99 -19.18 66.94
N THR C 185 7.44 -17.93 66.84
CA THR C 185 8.31 -17.34 67.85
C THR C 185 7.47 -16.93 69.05
N LYS C 186 7.74 -17.52 70.20
CA LYS C 186 6.89 -17.37 71.37
C LYS C 186 7.13 -16.02 72.07
N ARG C 187 6.09 -15.55 72.76
CA ARG C 187 6.12 -14.26 73.47
C ARG C 187 6.88 -14.45 74.78
N GLU C 188 8.21 -14.50 74.66
CA GLU C 188 9.08 -14.51 75.83
C GLU C 188 10.20 -13.50 75.68
N ASP C 189 10.75 -13.36 74.46
CA ASP C 189 11.88 -12.48 74.20
C ASP C 189 11.65 -11.49 73.06
N LEU C 190 10.59 -11.67 72.27
CA LEU C 190 10.37 -10.83 71.10
C LEU C 190 9.98 -9.40 71.49
N VAL C 191 10.46 -8.44 70.70
CA VAL C 191 10.34 -7.02 71.05
C VAL C 191 8.94 -6.51 70.73
N VAL C 192 8.39 -5.73 71.65
CA VAL C 192 7.03 -5.17 71.54
C VAL C 192 7.05 -3.70 71.94
N ALA C 193 6.28 -2.88 71.24
CA ALA C 193 6.08 -1.47 71.56
C ALA C 193 4.84 -1.29 72.43
N PRO C 194 4.91 -0.45 73.47
CA PRO C 194 3.71 -0.17 74.28
C PRO C 194 2.76 0.77 73.55
N ALA C 195 1.48 0.68 73.91
CA ALA C 195 0.45 1.52 73.30
C ALA C 195 0.61 2.96 73.75
N GLY C 196 0.14 3.88 72.90
CA GLY C 196 0.27 5.31 73.14
C GLY C 196 1.53 5.94 72.57
N ILE C 197 2.44 5.15 72.01
CA ILE C 197 3.68 5.66 71.43
C ILE C 197 3.41 6.16 70.02
N THR C 198 4.04 7.28 69.67
CA THR C 198 3.84 7.89 68.36
C THR C 198 4.57 7.10 67.26
N LEU C 199 4.16 7.35 66.02
CA LEU C 199 4.67 6.58 64.88
C LEU C 199 6.18 6.77 64.70
N LYS C 200 6.67 8.00 64.87
CA LYS C 200 8.11 8.25 64.89
C LYS C 200 8.86 7.31 65.82
N GLU C 201 8.43 7.25 67.09
CA GLU C 201 9.15 6.50 68.10
C GLU C 201 9.03 5.00 67.88
N ALA C 202 7.83 4.54 67.48
CA ALA C 202 7.65 3.12 67.17
C ALA C 202 8.48 2.70 65.96
N ASN C 203 8.56 3.54 64.92
CA ASN C 203 9.43 3.26 63.79
C ASN C 203 10.88 3.18 64.23
N GLU C 204 11.29 4.09 65.11
CA GLU C 204 12.66 4.10 65.59
C GLU C 204 13.01 2.78 66.26
N ILE C 205 12.13 2.28 67.14
CA ILE C 205 12.47 1.04 67.82
C ILE C 205 12.34 -0.17 66.89
N LEU C 206 11.50 -0.11 65.86
CA LEU C 206 11.50 -1.19 64.88
C LEU C 206 12.81 -1.22 64.10
N GLN C 207 13.29 -0.04 63.68
CA GLN C 207 14.53 0.02 62.92
C GLN C 207 15.71 -0.45 63.76
N ARG C 208 15.73 -0.10 65.05
CA ARG C 208 16.81 -0.55 65.92
C ARG C 208 16.75 -2.05 66.16
N SER C 209 15.54 -2.61 66.29
CA SER C 209 15.40 -4.03 66.57
C SER C 209 15.67 -4.91 65.37
N LYS C 210 15.63 -4.35 64.15
CA LYS C 210 15.91 -5.09 62.92
C LYS C 210 15.04 -6.35 62.81
N LYS C 211 13.77 -6.19 63.17
CA LYS C 211 12.90 -7.25 63.63
C LYS C 211 11.91 -7.72 62.56
N GLY C 212 11.68 -6.92 61.54
CA GLY C 212 10.72 -7.25 60.48
C GLY C 212 9.31 -6.78 60.76
N LYS C 213 8.78 -7.13 61.93
CA LYS C 213 7.45 -6.73 62.34
C LYS C 213 7.48 -6.46 63.85
N LEU C 214 6.75 -5.44 64.30
CA LEU C 214 6.58 -5.37 65.74
C LEU C 214 5.14 -5.02 66.08
N PRO C 215 4.60 -5.60 67.15
CA PRO C 215 3.25 -5.24 67.59
C PRO C 215 3.22 -4.04 68.54
N ILE C 216 2.06 -3.39 68.57
CA ILE C 216 1.73 -2.36 69.55
C ILE C 216 0.77 -3.00 70.55
N VAL C 217 1.10 -2.95 71.84
CA VAL C 217 0.40 -3.72 72.87
C VAL C 217 0.13 -2.86 74.09
N ASN C 218 -1.07 -3.03 74.67
CA ASN C 218 -1.50 -2.27 75.83
C ASN C 218 -1.00 -2.93 77.13
N GLU C 219 -1.40 -2.36 78.26
CA GLU C 219 -0.95 -2.81 79.57
C GLU C 219 -1.59 -4.12 80.00
N ASP C 220 -2.53 -4.61 79.20
CA ASP C 220 -3.16 -5.92 79.43
C ASP C 220 -2.66 -6.99 78.46
N ASP C 221 -1.54 -6.74 77.79
CA ASP C 221 -0.91 -7.67 76.85
C ASP C 221 -1.80 -7.98 75.64
N GLU C 222 -2.65 -7.05 75.24
CA GLU C 222 -3.54 -7.23 74.08
C GLU C 222 -2.96 -6.46 72.89
N LEU C 223 -3.03 -7.10 71.71
CA LEU C 223 -2.43 -6.52 70.51
C LEU C 223 -3.32 -5.42 69.94
N VAL C 224 -2.74 -4.25 69.73
CA VAL C 224 -3.47 -3.11 69.14
C VAL C 224 -3.20 -2.98 67.65
N ALA C 225 -1.93 -3.04 67.25
CA ALA C 225 -1.54 -2.84 65.86
C ALA C 225 -0.16 -3.46 65.65
N ILE C 226 0.29 -3.50 64.38
CA ILE C 226 1.64 -3.91 64.06
C ILE C 226 2.25 -2.93 63.07
N ILE C 227 3.58 -2.96 62.97
CA ILE C 227 4.36 -2.14 62.05
C ILE C 227 5.27 -3.05 61.25
N ALA C 228 5.44 -2.76 59.96
CA ALA C 228 6.26 -3.57 59.07
C ALA C 228 7.47 -2.79 58.57
N ARG C 229 8.61 -3.48 58.50
CA ARG C 229 9.83 -2.86 57.98
C ARG C 229 9.67 -2.48 56.51
N THR C 230 8.92 -3.29 55.76
CA THR C 230 8.69 -3.01 54.35
C THR C 230 8.00 -1.68 54.14
N ASP C 231 7.22 -1.21 55.11
CA ASP C 231 6.60 0.10 54.98
C ASP C 231 7.66 1.19 54.87
N LEU C 232 8.68 1.15 55.73
CA LEU C 232 9.76 2.13 55.65
C LEU C 232 10.60 1.92 54.39
N LYS C 233 10.82 0.67 53.99
CA LYS C 233 11.56 0.42 52.75
C LYS C 233 10.85 1.05 51.56
N LYS C 234 9.54 0.82 51.43
CA LYS C 234 8.75 1.42 50.37
C LYS C 234 8.76 2.94 50.47
N ASN C 235 8.68 3.47 51.69
CA ASN C 235 8.72 4.91 51.89
C ASN C 235 9.99 5.51 51.27
N ARG C 236 11.15 4.97 51.60
CA ARG C 236 12.38 5.54 51.06
C ARG C 236 12.57 5.24 49.58
N ASP C 237 11.97 4.16 49.08
CA ASP C 237 12.06 3.83 47.67
C ASP C 237 11.17 4.72 46.79
N TYR C 238 10.08 5.24 47.34
CA TYR C 238 9.10 6.02 46.59
C TYR C 238 8.90 7.35 47.32
N PRO C 239 9.82 8.32 47.15
CA PRO C 239 9.79 9.52 48.00
C PRO C 239 8.59 10.41 47.74
N LEU C 240 8.37 10.78 46.47
CA LEU C 240 7.18 11.54 46.10
C LEU C 240 6.07 10.54 45.81
N ALA C 241 5.18 10.34 46.78
CA ALA C 241 4.09 9.40 46.64
C ALA C 241 2.76 9.91 47.18
N SER C 242 2.72 11.10 47.78
CA SER C 242 1.49 11.78 48.17
C SER C 242 0.54 10.88 48.96
N LYS C 243 1.00 10.44 50.13
CA LYS C 243 0.18 9.62 51.01
C LYS C 243 -0.86 10.46 51.73
N ASP C 244 -1.82 9.78 52.38
CA ASP C 244 -2.75 10.49 53.24
C ASP C 244 -2.20 10.57 54.67
N ALA C 245 -3.01 11.13 55.58
CA ALA C 245 -2.53 11.46 56.92
C ALA C 245 -2.12 10.22 57.69
N LYS C 246 -2.87 9.13 57.55
CA LYS C 246 -2.58 7.88 58.24
C LYS C 246 -1.55 7.05 57.47
N LYS C 247 -0.89 7.67 56.49
CA LYS C 247 0.17 7.04 55.69
C LYS C 247 -0.39 5.95 54.77
N GLN C 248 -1.60 6.15 54.27
CA GLN C 248 -2.16 5.29 53.23
C GLN C 248 -2.14 6.02 51.89
N LEU C 249 -2.14 5.24 50.83
CA LEU C 249 -2.20 5.84 49.50
C LEU C 249 -3.62 6.31 49.22
N PRO C 250 -3.83 7.60 48.95
CA PRO C 250 -5.17 8.07 48.59
C PRO C 250 -5.65 7.44 47.30
N CYS C 251 -6.96 7.21 47.24
CA CYS C 251 -7.55 6.54 46.10
C CYS C 251 -8.85 7.24 45.72
N GLY C 252 -9.17 7.18 44.43
CA GLY C 252 -10.43 7.70 43.94
C GLY C 252 -11.19 6.65 43.17
N ALA C 253 -12.51 6.82 43.06
CA ALA C 253 -13.35 5.88 42.33
C ALA C 253 -14.45 6.64 41.62
N ALA C 254 -14.90 6.07 40.50
CA ALA C 254 -15.95 6.69 39.71
C ALA C 254 -17.30 6.05 40.01
N ILE C 255 -18.33 6.88 40.08
CA ILE C 255 -19.70 6.43 40.24
C ILE C 255 -20.58 7.17 39.25
N GLY C 256 -21.73 6.56 38.93
CA GLY C 256 -22.70 7.16 38.06
C GLY C 256 -23.68 8.03 38.83
N THR C 257 -24.59 8.65 38.08
CA THR C 257 -25.61 9.51 38.64
C THR C 257 -26.92 8.79 38.93
N HIS C 258 -27.01 7.51 38.61
CA HIS C 258 -28.22 6.74 38.87
C HIS C 258 -28.42 6.55 40.37
N GLU C 259 -29.69 6.34 40.75
CA GLU C 259 -30.02 6.19 42.16
C GLU C 259 -29.38 4.95 42.77
N ASP C 260 -29.20 3.90 41.98
CA ASP C 260 -28.64 2.66 42.50
C ASP C 260 -27.16 2.78 42.86
N ASP C 261 -26.52 3.88 42.49
CA ASP C 261 -25.11 4.09 42.82
C ASP C 261 -24.90 4.66 44.21
N LYS C 262 -25.97 4.98 44.94
CA LYS C 262 -25.80 5.43 46.32
C LYS C 262 -25.26 4.32 47.21
N TYR C 263 -25.69 3.07 46.97
CA TYR C 263 -25.12 1.95 47.72
C TYR C 263 -23.64 1.77 47.40
N ARG C 264 -23.28 1.94 46.12
CA ARG C 264 -21.87 1.89 45.74
C ARG C 264 -21.07 2.99 46.43
N LEU C 265 -21.66 4.20 46.50
CA LEU C 265 -21.01 5.31 47.20
C LEU C 265 -20.83 5.00 48.68
N ASP C 266 -21.83 4.38 49.31
CA ASP C 266 -21.72 4.02 50.71
C ASP C 266 -20.61 3.00 50.92
N LEU C 267 -20.53 2.00 50.04
CA LEU C 267 -19.45 1.02 50.16
C LEU C 267 -18.08 1.66 49.97
N LEU C 268 -17.98 2.60 49.01
CA LEU C 268 -16.72 3.30 48.80
C LEU C 268 -16.33 4.14 50.01
N ALA C 269 -17.29 4.85 50.59
CA ALA C 269 -17.00 5.66 51.77
C ALA C 269 -16.59 4.78 52.94
N GLN C 270 -17.23 3.62 53.10
CA GLN C 270 -16.81 2.69 54.14
C GLN C 270 -15.40 2.18 53.89
N ALA C 271 -15.06 1.90 52.63
CA ALA C 271 -13.70 1.48 52.29
C ALA C 271 -12.68 2.60 52.43
N GLY C 272 -13.13 3.85 52.46
CA GLY C 272 -12.24 4.96 52.74
C GLY C 272 -11.75 5.74 51.54
N VAL C 273 -12.59 5.92 50.52
CA VAL C 273 -12.18 6.73 49.37
C VAL C 273 -12.02 8.19 49.80
N ASP C 274 -11.03 8.86 49.23
CA ASP C 274 -10.80 10.27 49.53
C ASP C 274 -11.50 11.20 48.55
N VAL C 275 -11.68 10.76 47.30
CA VAL C 275 -12.40 11.52 46.29
C VAL C 275 -13.26 10.55 45.49
N VAL C 276 -14.43 11.03 45.08
CA VAL C 276 -15.29 10.32 44.14
C VAL C 276 -15.55 11.24 42.96
N VAL C 277 -15.45 10.69 41.75
CA VAL C 277 -15.66 11.45 40.52
C VAL C 277 -16.95 10.96 39.89
N LEU C 278 -17.81 11.90 39.50
CA LEU C 278 -19.10 11.58 38.91
C LEU C 278 -18.91 11.42 37.41
N ASP C 279 -18.92 10.16 36.96
CA ASP C 279 -18.56 9.81 35.59
C ASP C 279 -19.81 9.90 34.72
N SER C 280 -19.83 10.86 33.81
CA SER C 280 -20.94 11.02 32.87
C SER C 280 -20.45 11.75 31.63
N SER C 281 -21.19 11.58 30.54
CA SER C 281 -20.84 12.25 29.29
C SER C 281 -21.02 13.77 29.41
N GLN C 282 -22.11 14.21 30.02
CA GLN C 282 -22.38 15.62 30.23
C GLN C 282 -22.80 15.81 31.68
N GLY C 283 -22.03 16.60 32.43
CA GLY C 283 -22.26 16.74 33.85
C GLY C 283 -23.33 17.73 34.24
N ASN C 284 -23.81 18.54 33.31
CA ASN C 284 -24.79 19.57 33.61
C ASN C 284 -26.20 18.97 33.52
N SER C 285 -26.62 18.36 34.63
CA SER C 285 -27.92 17.69 34.65
C SER C 285 -28.49 17.72 36.07
N ILE C 286 -29.81 17.59 36.15
CA ILE C 286 -30.50 17.53 37.44
C ILE C 286 -30.01 16.33 38.24
N PHE C 287 -29.81 15.19 37.58
CA PHE C 287 -29.35 14.01 38.28
C PHE C 287 -27.98 14.23 38.92
N GLN C 288 -27.06 14.83 38.15
CA GLN C 288 -25.72 15.11 38.68
C GLN C 288 -25.78 16.09 39.84
N ILE C 289 -26.57 17.17 39.69
CA ILE C 289 -26.63 18.18 40.75
C ILE C 289 -27.25 17.60 42.01
N ASN C 290 -28.31 16.80 41.85
CA ASN C 290 -28.95 16.16 43.00
C ASN C 290 -28.01 15.19 43.69
N MET C 291 -27.25 14.40 42.92
CA MET C 291 -26.27 13.51 43.54
C MET C 291 -25.19 14.29 44.26
N ILE C 292 -24.77 15.43 43.71
CA ILE C 292 -23.79 16.27 44.39
C ILE C 292 -24.33 16.76 45.72
N LYS C 293 -25.58 17.23 45.74
CA LYS C 293 -26.15 17.68 47.01
C LYS C 293 -26.26 16.53 48.00
N TYR C 294 -26.67 15.34 47.53
CA TYR C 294 -26.80 14.20 48.41
C TYR C 294 -25.47 13.81 49.02
N ILE C 295 -24.40 13.80 48.22
CA ILE C 295 -23.09 13.46 48.72
C ILE C 295 -22.62 14.51 49.73
N LYS C 296 -22.81 15.80 49.40
CA LYS C 296 -22.36 16.85 50.29
C LYS C 296 -23.13 16.83 51.61
N ASP C 297 -24.36 16.33 51.60
CA ASP C 297 -25.12 16.21 52.85
C ASP C 297 -24.68 14.99 53.65
N LYS C 298 -24.59 13.83 53.00
CA LYS C 298 -24.35 12.59 53.72
C LYS C 298 -22.90 12.47 54.18
N TYR C 299 -21.95 12.85 53.33
CA TYR C 299 -20.51 12.69 53.60
C TYR C 299 -19.85 14.04 53.43
N PRO C 300 -19.92 14.91 54.45
CA PRO C 300 -19.42 16.29 54.29
C PRO C 300 -17.95 16.38 53.93
N ASN C 301 -17.11 15.48 54.44
CA ASN C 301 -15.67 15.58 54.24
C ASN C 301 -15.19 14.89 52.97
N LEU C 302 -16.08 14.26 52.21
CA LEU C 302 -15.69 13.58 50.99
C LEU C 302 -15.74 14.55 49.82
N GLN C 303 -14.64 14.64 49.06
CA GLN C 303 -14.60 15.53 47.91
C GLN C 303 -15.27 14.89 46.71
N VAL C 304 -15.93 15.73 45.91
CA VAL C 304 -16.61 15.30 44.69
C VAL C 304 -15.96 16.01 43.51
N ILE C 305 -15.86 15.31 42.38
CA ILE C 305 -15.36 15.87 41.14
C ILE C 305 -16.49 15.82 40.12
N GLY C 306 -16.86 16.99 39.60
CA GLY C 306 -17.93 17.10 38.64
C GLY C 306 -17.44 17.10 37.21
N GLY C 307 -18.36 16.81 36.30
CA GLY C 307 -18.03 16.78 34.89
C GLY C 307 -18.89 15.75 34.18
N ASN C 308 -18.68 15.65 32.88
CA ASN C 308 -17.72 16.44 32.11
C ASN C 308 -18.34 17.73 31.60
N VAL C 309 -17.60 18.84 31.69
CA VAL C 309 -18.10 20.14 31.27
C VAL C 309 -17.06 20.81 30.38
N VAL C 310 -17.55 21.58 29.41
CA VAL C 310 -16.67 22.27 28.47
C VAL C 310 -17.10 23.73 28.33
N THR C 311 -18.10 24.15 29.09
CA THR C 311 -18.67 25.48 28.95
C THR C 311 -18.77 26.14 30.31
N ALA C 312 -18.59 27.46 30.33
CA ALA C 312 -18.71 28.22 31.57
C ALA C 312 -20.11 28.15 32.14
N ALA C 313 -21.12 28.02 31.27
CA ALA C 313 -22.49 27.86 31.74
C ALA C 313 -22.69 26.56 32.51
N GLN C 314 -22.01 25.48 32.10
CA GLN C 314 -22.04 24.23 32.85
C GLN C 314 -21.22 24.35 34.14
N ALA C 315 -20.06 25.01 34.04
CA ALA C 315 -19.19 25.18 35.20
C ALA C 315 -19.91 25.96 36.30
N LYS C 316 -20.69 26.97 35.92
CA LYS C 316 -21.43 27.75 36.92
C LYS C 316 -22.40 26.86 37.69
N ASN C 317 -23.17 26.05 36.97
CA ASN C 317 -24.16 25.19 37.62
C ASN C 317 -23.49 24.18 38.53
N LEU C 318 -22.38 23.57 38.09
CA LEU C 318 -21.75 22.57 38.92
C LEU C 318 -21.04 23.19 40.12
N ILE C 319 -20.41 24.36 39.94
CA ILE C 319 -19.70 25.01 41.03
C ILE C 319 -20.68 25.48 42.10
N ASP C 320 -21.81 26.06 41.67
CA ASP C 320 -22.80 26.53 42.64
C ASP C 320 -23.34 25.38 43.49
N ALA C 321 -23.41 24.17 42.94
CA ALA C 321 -23.87 23.02 43.70
C ALA C 321 -22.87 22.55 44.74
N GLY C 322 -21.63 23.03 44.68
CA GLY C 322 -20.63 22.64 45.65
C GLY C 322 -19.53 21.72 45.16
N VAL C 323 -19.34 21.63 43.84
CA VAL C 323 -18.28 20.76 43.31
C VAL C 323 -16.92 21.29 43.70
N ASP C 324 -16.03 20.39 44.11
CA ASP C 324 -14.69 20.75 44.54
C ASP C 324 -13.67 20.76 43.40
N ALA C 325 -13.96 20.09 42.29
CA ALA C 325 -13.06 20.07 41.15
C ALA C 325 -13.84 19.67 39.91
N LEU C 326 -13.54 20.34 38.80
CA LEU C 326 -14.24 20.11 37.55
C LEU C 326 -13.38 19.28 36.60
N ARG C 327 -14.03 18.45 35.79
CA ARG C 327 -13.38 17.59 34.81
C ARG C 327 -13.78 18.08 33.42
N VAL C 328 -12.80 18.48 32.62
CA VAL C 328 -13.03 19.20 31.37
C VAL C 328 -12.73 18.27 30.21
N GLY C 329 -13.69 18.14 29.30
CA GLY C 329 -13.53 17.34 28.11
C GLY C 329 -14.85 16.84 27.57
N MET C 330 -15.03 16.88 26.25
CA MET C 330 -16.28 16.41 25.64
C MET C 330 -15.96 15.98 24.21
N GLY C 331 -15.88 14.67 23.99
CA GLY C 331 -15.61 14.15 22.68
C GLY C 331 -14.20 14.37 22.17
N SER C 332 -13.31 14.87 23.04
CA SER C 332 -11.92 15.07 22.66
C SER C 332 -11.08 13.83 22.88
N GLY C 333 -11.65 12.78 23.49
CA GLY C 333 -10.89 11.59 23.78
C GLY C 333 -10.56 10.80 22.54
N SER C 334 -9.46 10.04 22.65
CA SER C 334 -9.02 9.18 21.57
C SER C 334 -10.03 8.08 21.26
N ILE C 335 -10.80 7.68 22.27
CA ILE C 335 -11.57 6.45 22.22
C ILE C 335 -13.03 6.67 21.87
N CYS C 336 -13.52 7.91 21.87
CA CYS C 336 -14.95 8.08 21.69
C CYS C 336 -15.29 9.01 20.54
N ILE C 337 -16.53 8.89 20.08
CA ILE C 337 -17.02 9.50 18.85
C ILE C 337 -18.25 10.34 19.14
N THR C 338 -18.31 10.93 20.33
CA THR C 338 -19.46 11.75 20.71
C THR C 338 -19.63 12.93 19.78
N GLN C 339 -18.53 13.60 19.42
CA GLN C 339 -18.61 14.74 18.52
C GLN C 339 -19.06 14.34 17.12
N GLU C 340 -19.03 13.06 16.80
CA GLU C 340 -19.49 12.57 15.51
C GLU C 340 -20.94 12.09 15.56
N VAL C 341 -21.34 11.45 16.66
CA VAL C 341 -22.68 10.89 16.75
C VAL C 341 -23.68 11.93 17.23
N LEU C 342 -23.37 12.60 18.33
CA LEU C 342 -24.32 13.53 18.95
C LEU C 342 -24.08 14.98 18.55
N ALA C 343 -23.00 15.26 17.81
CA ALA C 343 -22.68 16.59 17.30
C ALA C 343 -22.46 17.61 18.40
N CYS C 344 -22.12 17.18 19.61
CA CYS C 344 -21.89 18.07 20.74
C CYS C 344 -20.45 17.90 21.22
N GLY C 345 -19.88 18.99 21.72
CA GLY C 345 -18.51 18.98 22.21
C GLY C 345 -17.86 20.31 22.00
N ARG C 346 -16.53 20.31 22.11
CA ARG C 346 -15.72 21.51 21.97
C ARG C 346 -14.27 21.11 21.74
N PRO C 347 -13.50 21.91 21.01
CA PRO C 347 -12.05 21.69 20.98
C PRO C 347 -11.45 21.77 22.37
N GLN C 348 -10.46 20.90 22.62
CA GLN C 348 -10.03 20.64 23.99
C GLN C 348 -9.33 21.84 24.60
N ALA C 349 -8.43 22.49 23.85
CA ALA C 349 -7.69 23.62 24.40
C ALA C 349 -8.63 24.78 24.73
N THR C 350 -9.54 25.09 23.82
CA THR C 350 -10.51 26.16 24.06
C THR C 350 -11.38 25.84 25.26
N ALA C 351 -11.84 24.58 25.36
CA ALA C 351 -12.68 24.19 26.48
C ALA C 351 -11.93 24.32 27.80
N VAL C 352 -10.67 23.86 27.82
CA VAL C 352 -9.88 23.91 29.04
C VAL C 352 -9.68 25.36 29.48
N TYR C 353 -9.30 26.23 28.54
CA TYR C 353 -9.10 27.64 28.90
C TYR C 353 -10.40 28.26 29.40
N LYS C 354 -11.50 28.03 28.69
CA LYS C 354 -12.76 28.67 29.05
C LYS C 354 -13.24 28.22 30.42
N VAL C 355 -13.16 26.92 30.72
CA VAL C 355 -13.61 26.44 32.02
C VAL C 355 -12.66 26.88 33.13
N SER C 356 -11.35 26.87 32.86
CA SER C 356 -10.39 27.27 33.89
C SER C 356 -10.53 28.73 34.25
N GLU C 357 -10.79 29.59 33.25
CA GLU C 357 -10.92 31.02 33.53
C GLU C 357 -12.08 31.29 34.46
N TYR C 358 -13.21 30.61 34.26
CA TYR C 358 -14.36 30.83 35.13
C TYR C 358 -14.17 30.17 36.49
N ALA C 359 -13.60 28.95 36.52
CA ALA C 359 -13.45 28.24 37.79
C ALA C 359 -12.44 28.93 38.69
N ARG C 360 -11.44 29.60 38.11
CA ARG C 360 -10.43 30.29 38.90
C ARG C 360 -11.06 31.36 39.79
N ARG C 361 -12.14 32.00 39.31
CA ARG C 361 -12.79 33.05 40.08
C ARG C 361 -13.25 32.55 41.45
N PHE C 362 -13.65 31.27 41.54
CA PHE C 362 -14.10 30.68 42.79
C PHE C 362 -13.09 29.70 43.37
N GLY C 363 -11.88 29.64 42.82
CA GLY C 363 -10.83 28.80 43.37
C GLY C 363 -11.02 27.32 43.16
N VAL C 364 -11.76 26.92 42.14
CA VAL C 364 -12.04 25.50 41.87
C VAL C 364 -11.04 25.00 40.82
N PRO C 365 -10.21 24.02 41.15
CA PRO C 365 -9.32 23.45 40.13
C PRO C 365 -10.09 22.68 39.08
N VAL C 366 -9.46 22.52 37.92
CA VAL C 366 -10.03 21.74 36.83
C VAL C 366 -9.04 20.66 36.42
N ILE C 367 -9.57 19.58 35.84
CA ILE C 367 -8.75 18.48 35.35
C ILE C 367 -8.89 18.42 33.83
N ALA C 368 -7.79 18.62 33.12
CA ALA C 368 -7.79 18.50 31.67
C ALA C 368 -7.88 17.03 31.30
N ASP C 369 -9.04 16.61 30.82
CA ASP C 369 -9.35 15.21 30.61
C ASP C 369 -9.52 14.93 29.12
N GLY C 370 -8.83 13.91 28.63
CA GLY C 370 -8.96 13.50 27.25
C GLY C 370 -8.15 14.31 26.26
N GLY C 371 -7.70 13.66 25.19
CA GLY C 371 -6.96 14.36 24.15
C GLY C 371 -5.52 14.67 24.48
N ILE C 372 -4.88 13.85 25.29
CA ILE C 372 -3.49 14.04 25.69
C ILE C 372 -2.66 12.96 25.02
N GLN C 373 -1.69 13.37 24.19
CA GLN C 373 -0.84 12.43 23.48
C GLN C 373 0.65 12.61 23.76
N ASN C 374 1.08 13.81 24.16
CA ASN C 374 2.50 14.08 24.35
C ASN C 374 2.72 14.88 25.62
N VAL C 375 3.98 14.91 26.05
CA VAL C 375 4.38 15.78 27.14
C VAL C 375 4.15 17.24 26.76
N GLY C 376 4.29 17.55 25.46
CA GLY C 376 3.92 18.88 25.00
C GLY C 376 2.45 19.19 25.20
N HIS C 377 1.58 18.21 24.94
CA HIS C 377 0.17 18.40 25.22
C HIS C 377 -0.08 18.60 26.71
N ILE C 378 0.61 17.84 27.55
CA ILE C 378 0.46 18.02 29.00
C ILE C 378 0.88 19.43 29.40
N ALA C 379 2.03 19.89 28.88
CA ALA C 379 2.53 21.21 29.22
C ALA C 379 1.57 22.30 28.74
N LYS C 380 1.02 22.15 27.54
CA LYS C 380 0.07 23.12 27.03
C LYS C 380 -1.19 23.15 27.89
N ALA C 381 -1.70 21.98 28.28
CA ALA C 381 -2.90 21.92 29.09
C ALA C 381 -2.67 22.58 30.45
N LEU C 382 -1.51 22.33 31.06
CA LEU C 382 -1.23 22.95 32.36
C LEU C 382 -1.02 24.45 32.21
N ALA C 383 -0.42 24.88 31.10
CA ALA C 383 -0.21 26.31 30.88
C ALA C 383 -1.53 27.05 30.64
N LEU C 384 -2.51 26.36 30.05
CA LEU C 384 -3.79 27.01 29.74
C LEU C 384 -4.69 27.14 30.96
N GLY C 385 -4.23 26.80 32.16
CA GLY C 385 -5.01 26.99 33.36
C GLY C 385 -5.47 25.73 34.06
N ALA C 386 -5.15 24.55 33.54
CA ALA C 386 -5.51 23.32 34.22
C ALA C 386 -4.50 23.00 35.33
N SER C 387 -5.00 22.41 36.41
CA SER C 387 -4.15 22.04 37.53
C SER C 387 -3.64 20.61 37.46
N THR C 388 -4.47 19.68 37.00
CA THR C 388 -4.06 18.29 36.84
C THR C 388 -4.55 17.78 35.49
N VAL C 389 -3.89 16.73 35.00
CA VAL C 389 -4.18 16.16 33.69
C VAL C 389 -4.54 14.70 33.86
N MET C 390 -5.68 14.30 33.30
CA MET C 390 -6.14 12.91 33.33
C MET C 390 -5.93 12.32 31.94
N MET C 391 -5.30 11.15 31.88
CA MET C 391 -4.91 10.56 30.62
C MET C 391 -5.43 9.13 30.49
N GLY C 392 -5.76 8.76 29.26
CA GLY C 392 -6.24 7.43 28.92
C GLY C 392 -5.19 6.66 28.15
N SER C 393 -5.30 6.69 26.81
CA SER C 393 -4.40 5.95 25.93
C SER C 393 -2.93 6.14 26.29
N LEU C 394 -2.57 7.27 26.91
CA LEU C 394 -1.19 7.47 27.33
C LEU C 394 -0.76 6.50 28.42
N LEU C 395 -1.72 5.89 29.13
CA LEU C 395 -1.42 4.92 30.17
C LEU C 395 -1.96 3.53 29.88
N ALA C 396 -2.82 3.37 28.87
CA ALA C 396 -3.34 2.06 28.53
C ALA C 396 -2.24 1.17 27.97
N ALA C 397 -2.49 -0.14 28.00
CA ALA C 397 -1.54 -1.14 27.53
C ALA C 397 -0.21 -1.06 28.27
N THR C 398 -0.25 -0.74 29.55
CA THR C 398 0.94 -0.72 30.37
C THR C 398 0.95 -1.97 31.27
N THR C 399 2.10 -2.21 31.89
CA THR C 399 2.24 -3.38 32.76
C THR C 399 1.23 -3.34 33.90
N GLU C 400 1.03 -2.17 34.50
CA GLU C 400 0.09 -2.05 35.61
C GLU C 400 -1.38 -1.95 35.16
N ALA C 401 -1.62 -1.81 33.86
CA ALA C 401 -2.98 -1.70 33.36
C ALA C 401 -3.67 -3.06 33.36
N PRO C 402 -4.99 -3.11 33.55
CA PRO C 402 -5.70 -4.38 33.47
C PRO C 402 -5.64 -4.96 32.07
N GLY C 403 -5.72 -6.29 32.00
CA GLY C 403 -5.66 -6.99 30.74
C GLY C 403 -4.32 -7.65 30.49
N GLU C 404 -4.23 -8.30 29.33
CA GLU C 404 -3.04 -9.03 28.95
C GLU C 404 -2.70 -8.72 27.49
N TYR C 405 -1.40 -8.80 27.18
CA TYR C 405 -0.93 -8.47 25.85
C TYR C 405 -1.28 -9.55 24.85
N PHE C 406 -1.36 -9.16 23.57
CA PHE C 406 -1.64 -10.07 22.48
C PHE C 406 -0.97 -9.52 21.22
N PHE C 407 -0.91 -10.34 20.18
CA PHE C 407 -0.19 -10.00 18.96
C PHE C 407 -1.13 -9.97 17.77
N SER C 408 -1.17 -8.82 17.08
CA SER C 408 -1.95 -8.66 15.87
C SER C 408 -1.05 -8.07 14.79
N ASP C 409 -1.05 -8.71 13.61
CA ASP C 409 -0.18 -8.30 12.50
C ASP C 409 1.28 -8.30 12.92
N GLY C 410 1.65 -9.17 13.84
CA GLY C 410 3.00 -9.23 14.36
C GLY C 410 3.35 -8.18 15.39
N ILE C 411 2.36 -7.42 15.87
CA ILE C 411 2.60 -6.31 16.79
C ILE C 411 1.96 -6.64 18.12
N ARG C 412 2.75 -6.54 19.20
CA ARG C 412 2.20 -6.74 20.54
C ARG C 412 1.22 -5.62 20.87
N LEU C 413 0.05 -6.00 21.38
CA LEU C 413 -1.02 -5.05 21.60
C LEU C 413 -1.81 -5.47 22.84
N LYS C 414 -2.47 -4.49 23.44
CA LYS C 414 -3.45 -4.72 24.49
C LYS C 414 -4.74 -4.00 24.14
N LYS C 415 -5.86 -4.59 24.52
CA LYS C 415 -7.17 -4.00 24.21
C LYS C 415 -7.30 -2.62 24.84
N TYR C 416 -8.20 -1.82 24.28
CA TYR C 416 -8.48 -0.50 24.81
C TYR C 416 -9.82 -0.04 24.26
N ARG C 417 -10.75 0.28 25.15
CA ARG C 417 -12.11 0.58 24.74
C ARG C 417 -12.67 1.70 25.59
N GLY C 418 -13.69 2.37 25.04
CA GLY C 418 -14.39 3.39 25.80
C GLY C 418 -15.53 2.82 26.62
N MET C 419 -16.03 3.63 27.55
CA MET C 419 -17.13 3.21 28.39
C MET C 419 -18.47 3.21 27.66
N GLY C 420 -18.50 3.69 26.42
CA GLY C 420 -19.71 3.82 25.64
C GLY C 420 -20.15 2.59 24.88
N SER C 421 -19.49 1.45 25.07
CA SER C 421 -19.91 0.22 24.42
C SER C 421 -21.20 -0.31 25.03
N LEU C 422 -21.86 -1.21 24.28
CA LEU C 422 -23.08 -1.84 24.74
C LEU C 422 -22.85 -2.91 25.80
N ASP C 423 -21.58 -3.20 26.12
CA ASP C 423 -21.23 -4.28 27.02
C ASP C 423 -21.35 -3.88 28.50
N ALA C 424 -22.09 -2.82 28.81
CA ALA C 424 -22.30 -2.44 30.21
C ALA C 424 -23.09 -3.49 30.98
N MET C 425 -23.89 -4.29 30.29
CA MET C 425 -24.68 -5.34 30.95
C MET C 425 -23.79 -6.36 31.64
N LYS C 441 -35.32 1.05 24.12
CA LYS C 441 -34.68 -0.22 24.41
C LYS C 441 -33.43 -0.42 23.58
N ILE C 442 -32.85 0.68 23.12
CA ILE C 442 -31.64 0.64 22.30
C ILE C 442 -30.71 1.80 22.62
N LYS C 443 -29.46 1.49 22.90
CA LYS C 443 -28.47 2.52 23.23
C LYS C 443 -27.55 2.77 22.03
N VAL C 444 -27.07 3.99 21.93
CA VAL C 444 -26.23 4.42 20.82
C VAL C 444 -24.78 4.45 21.30
N ALA C 445 -23.88 3.93 20.47
CA ALA C 445 -22.48 3.84 20.85
C ALA C 445 -21.82 5.21 20.79
N GLN C 446 -21.44 5.72 21.96
CA GLN C 446 -20.67 6.96 22.04
C GLN C 446 -19.17 6.73 22.10
N GLY C 447 -18.73 5.49 22.30
CA GLY C 447 -17.33 5.14 22.34
C GLY C 447 -16.99 4.09 21.30
N VAL C 448 -15.72 3.69 21.30
CA VAL C 448 -15.19 2.73 20.34
C VAL C 448 -14.21 1.81 21.06
N SER C 449 -14.22 0.55 20.66
CA SER C 449 -13.34 -0.47 21.23
C SER C 449 -12.20 -0.75 20.26
N GLY C 450 -10.98 -0.71 20.77
CA GLY C 450 -9.81 -0.91 19.94
C GLY C 450 -8.65 -1.48 20.74
N ALA C 451 -7.43 -1.16 20.30
CA ALA C 451 -6.23 -1.63 20.97
C ALA C 451 -5.08 -0.67 20.69
N VAL C 452 -4.14 -0.62 21.65
CA VAL C 452 -2.96 0.22 21.53
C VAL C 452 -1.74 -0.60 21.93
N GLN C 453 -0.56 -0.14 21.49
CA GLN C 453 0.69 -0.85 21.74
C GLN C 453 1.14 -0.69 23.18
N ASP C 454 1.99 -1.62 23.63
CA ASP C 454 2.49 -1.59 24.98
C ASP C 454 3.42 -0.40 25.21
N LYS C 455 3.58 -0.03 26.48
CA LYS C 455 4.38 1.14 26.87
C LYS C 455 5.33 0.84 28.03
N GLY C 456 5.56 -0.43 28.35
CA GLY C 456 6.43 -0.77 29.45
C GLY C 456 5.75 -0.72 30.81
N SER C 457 6.32 0.03 31.74
CA SER C 457 5.76 0.20 33.07
C SER C 457 5.67 1.68 33.39
N ILE C 458 4.62 2.08 34.11
CA ILE C 458 4.50 3.49 34.46
C ILE C 458 5.56 3.90 35.45
N HIS C 459 6.10 2.95 36.22
CA HIS C 459 7.14 3.27 37.19
C HIS C 459 8.40 3.82 36.53
N LYS C 460 8.56 3.64 35.23
CA LYS C 460 9.60 4.32 34.47
C LYS C 460 9.06 5.27 33.42
N PHE C 461 7.79 5.13 33.03
CA PHE C 461 7.22 6.04 32.05
C PHE C 461 6.87 7.39 32.67
N VAL C 462 6.36 7.40 33.90
CA VAL C 462 5.99 8.66 34.55
C VAL C 462 7.18 9.57 34.76
N PRO C 463 8.36 9.09 35.20
CA PRO C 463 9.51 10.00 35.30
C PRO C 463 9.87 10.68 33.99
N TYR C 464 9.68 10.01 32.85
CA TYR C 464 9.93 10.68 31.57
C TYR C 464 8.98 11.84 31.36
N LEU C 465 7.70 11.64 31.67
CA LEU C 465 6.72 12.72 31.55
C LEU C 465 7.07 13.87 32.50
N ILE C 466 7.50 13.52 33.72
CA ILE C 466 7.87 14.53 34.71
C ILE C 466 9.05 15.35 34.20
N ALA C 467 10.07 14.68 33.67
CA ALA C 467 11.24 15.38 33.15
C ALA C 467 10.88 16.26 31.96
N GLY C 468 10.00 15.78 31.09
CA GLY C 468 9.54 16.60 29.98
C GLY C 468 8.80 17.84 30.44
N ILE C 469 7.94 17.69 31.45
CA ILE C 469 7.23 18.84 31.99
C ILE C 469 8.21 19.84 32.61
N GLN C 470 9.19 19.33 33.34
CA GLN C 470 10.18 20.22 33.95
C GLN C 470 10.97 20.97 32.90
N HIS C 471 11.39 20.28 31.83
CA HIS C 471 12.14 20.94 30.77
C HIS C 471 11.28 21.98 30.05
N SER C 472 10.01 21.66 29.82
CA SER C 472 9.11 22.61 29.17
C SER C 472 8.91 23.85 30.03
N CYS C 473 8.74 23.67 31.34
CA CYS C 473 8.61 24.82 32.23
C CYS C 473 9.90 25.64 32.26
N GLN C 474 11.06 24.97 32.23
CA GLN C 474 12.32 25.69 32.19
C GLN C 474 12.44 26.54 30.93
N ASP C 475 12.08 25.97 29.78
CA ASP C 475 12.13 26.72 28.53
C ASP C 475 11.13 27.87 28.53
N ILE C 476 9.95 27.64 29.12
CA ILE C 476 8.95 28.71 29.28
C ILE C 476 9.51 29.84 30.14
N GLY C 477 10.30 29.51 31.15
CA GLY C 477 10.83 30.50 32.06
C GLY C 477 10.16 30.56 33.41
N ALA C 478 9.36 29.55 33.75
CA ALA C 478 8.67 29.49 35.03
C ALA C 478 9.24 28.32 35.84
N LYS C 479 9.47 28.56 37.12
CA LYS C 479 10.02 27.54 38.01
C LYS C 479 8.94 26.78 38.77
N SER C 480 7.66 27.00 38.46
CA SER C 480 6.59 26.24 39.08
C SER C 480 5.36 26.28 38.18
N LEU C 481 4.54 25.22 38.30
CA LEU C 481 3.30 25.15 37.53
C LEU C 481 2.30 26.20 38.01
N THR C 482 2.43 26.66 39.25
CA THR C 482 1.63 27.81 39.69
C THR C 482 2.13 29.08 39.02
N GLN C 483 3.45 29.24 38.90
CA GLN C 483 4.00 30.44 38.29
C GLN C 483 3.65 30.54 36.81
N VAL C 484 3.63 29.40 36.10
CA VAL C 484 3.31 29.45 34.68
C VAL C 484 1.87 29.92 34.46
N ARG C 485 0.94 29.44 35.29
CA ARG C 485 -0.43 29.95 35.22
C ARG C 485 -0.50 31.42 35.62
N ALA C 486 0.32 31.81 36.60
CA ALA C 486 0.34 33.21 37.02
C ALA C 486 0.73 34.12 35.86
N MET C 487 1.80 33.75 35.13
CA MET C 487 2.20 34.59 34.00
C MET C 487 1.23 34.48 32.84
N MET C 488 0.58 33.32 32.66
CA MET C 488 -0.48 33.23 31.65
C MET C 488 -1.58 34.25 31.93
N TYR C 489 -2.05 34.30 33.17
CA TYR C 489 -3.16 35.20 33.49
C TYR C 489 -2.71 36.66 33.47
N SER C 490 -1.50 36.95 33.95
CA SER C 490 -1.02 38.32 33.95
C SER C 490 -0.68 38.82 32.55
N GLY C 491 -0.41 37.92 31.61
CA GLY C 491 -0.07 38.32 30.26
C GLY C 491 1.40 38.29 29.93
N GLU C 492 2.24 37.89 30.88
CA GLU C 492 3.67 37.74 30.60
C GLU C 492 3.94 36.56 29.67
N LEU C 493 3.17 35.48 29.80
CA LEU C 493 3.29 34.34 28.92
C LEU C 493 2.62 34.64 27.58
N LYS C 494 3.31 34.33 26.49
CA LYS C 494 2.84 34.64 25.15
C LYS C 494 2.71 33.38 24.32
N PHE C 495 1.76 33.41 23.38
CA PHE C 495 1.46 32.28 22.53
C PHE C 495 1.48 32.72 21.08
N GLU C 496 1.67 31.77 20.18
CA GLU C 496 1.59 32.04 18.75
C GLU C 496 0.77 30.94 18.07
N LYS C 497 -0.27 31.36 17.36
CA LYS C 497 -1.06 30.42 16.57
C LYS C 497 -0.27 29.99 15.35
N ARG C 498 -0.29 28.69 15.06
CA ARG C 498 0.48 28.13 13.95
C ARG C 498 -0.43 27.41 12.98
N THR C 499 -0.14 27.56 11.68
CA THR C 499 -0.98 27.01 10.64
C THR C 499 -0.67 25.53 10.43
N SER C 500 -1.38 24.93 9.47
CA SER C 500 -1.22 23.51 9.18
C SER C 500 0.20 23.21 8.68
N SER C 501 0.74 24.06 7.81
CA SER C 501 2.08 23.86 7.31
C SER C 501 3.11 24.00 8.42
N ALA C 502 2.89 24.95 9.34
CA ALA C 502 3.79 25.11 10.48
C ALA C 502 3.80 23.88 11.36
N GLN C 503 2.65 23.21 11.52
CA GLN C 503 2.63 21.96 12.28
C GLN C 503 3.44 20.87 11.59
N VAL C 504 3.34 20.78 10.26
CA VAL C 504 4.12 19.81 9.51
C VAL C 504 5.61 20.08 9.68
N GLU C 505 6.00 21.36 9.62
CA GLU C 505 7.40 21.73 9.85
C GLU C 505 7.84 21.37 11.26
N GLY C 506 6.97 21.61 12.24
CA GLY C 506 7.32 21.30 13.62
C GLY C 506 7.41 19.81 13.88
N GLY C 507 6.78 19.00 13.05
CA GLY C 507 6.93 17.56 13.10
C GLY C 507 8.21 17.10 12.42
N VAL C 508 8.35 15.78 12.34
CA VAL C 508 9.50 15.20 11.65
C VAL C 508 9.26 15.24 10.15
N HIS C 509 10.26 15.69 9.40
CA HIS C 509 10.16 15.78 7.95
C HIS C 509 11.55 15.67 7.35
N SER C 510 11.58 15.59 6.01
CA SER C 510 12.82 15.57 5.23
C SER C 510 13.69 14.36 5.57
N LEU C 511 13.08 13.27 6.01
CA LEU C 511 13.78 12.02 6.31
C LEU C 511 13.07 10.87 5.62
N HIS C 512 13.86 9.93 5.09
CA HIS C 512 13.29 8.72 4.51
C HIS C 512 12.82 7.76 5.59
N SER C 513 13.56 7.66 6.69
CA SER C 513 13.15 6.89 7.86
C SER C 513 13.78 7.52 9.09
N TYR C 514 13.15 7.32 10.24
CA TYR C 514 13.58 8.00 11.45
C TYR C 514 13.31 7.11 12.66
N GLU C 515 13.82 7.55 13.80
CA GLU C 515 13.76 6.81 15.06
C GLU C 515 13.27 7.71 16.18
N LYS C 516 12.05 7.44 16.68
CA LYS C 516 11.50 8.21 17.78
C LYS C 516 11.67 7.50 19.12
N ARG C 517 12.91 7.35 19.58
CA ARG C 517 13.13 6.91 20.95
C ARG C 517 13.09 8.10 21.89
N LEU C 518 12.42 7.93 23.02
CA LEU C 518 12.15 9.03 23.93
C LEU C 518 12.92 8.97 25.25
N PHE C 519 13.11 7.78 25.81
CA PHE C 519 13.80 7.66 27.09
C PHE C 519 14.28 6.23 27.32
N SER D 16 5.30 57.04 -13.13
CA SER D 16 5.42 55.71 -12.52
C SER D 16 4.32 55.46 -11.52
N TYR D 17 3.14 55.09 -12.03
CA TYR D 17 1.98 54.79 -11.18
C TYR D 17 2.28 53.61 -10.27
N VAL D 18 2.72 52.50 -10.85
CA VAL D 18 3.03 51.26 -10.13
C VAL D 18 1.81 50.91 -9.27
N PRO D 19 0.77 50.33 -9.86
CA PRO D 19 -0.44 50.01 -9.08
C PRO D 19 -0.13 49.10 -7.90
N ASP D 20 -0.78 49.38 -6.78
CA ASP D 20 -0.55 48.61 -5.56
C ASP D 20 -1.24 47.25 -5.68
N ASP D 21 -0.49 46.19 -5.40
CA ASP D 21 -1.03 44.83 -5.50
C ASP D 21 -0.12 43.94 -4.66
N GLY D 22 -0.67 43.36 -3.60
CA GLY D 22 0.09 42.53 -2.69
C GLY D 22 0.23 43.18 -1.32
N LEU D 23 0.78 42.39 -0.39
CA LEU D 23 0.97 42.83 0.98
C LEU D 23 2.46 42.97 1.29
N THR D 24 2.80 43.99 2.06
CA THR D 24 4.15 44.14 2.55
C THR D 24 4.44 43.09 3.62
N ALA D 25 5.72 42.98 4.00
CA ALA D 25 6.10 42.02 5.03
C ALA D 25 5.46 42.38 6.37
N GLN D 26 5.39 43.68 6.68
CA GLN D 26 4.76 44.10 7.93
C GLN D 26 3.29 43.72 7.96
N GLN D 27 2.59 43.89 6.83
CA GLN D 27 1.19 43.49 6.77
C GLN D 27 1.05 41.97 6.84
N LEU D 28 1.97 41.23 6.21
CA LEU D 28 1.85 39.78 6.18
C LEU D 28 2.08 39.17 7.56
N PHE D 29 3.06 39.68 8.29
CA PHE D 29 3.46 39.11 9.57
C PHE D 29 2.93 39.89 10.77
N ASN D 30 1.81 40.60 10.62
CA ASN D 30 1.09 41.16 11.75
C ASN D 30 -0.31 40.58 11.91
N CYS D 31 -0.66 39.57 11.10
CA CYS D 31 -1.99 38.96 11.19
C CYS D 31 -2.17 38.17 12.46
N GLY D 32 -1.09 37.79 13.14
CA GLY D 32 -1.16 37.08 14.40
C GLY D 32 -0.94 35.58 14.29
N ASP D 33 -1.09 35.00 13.11
CA ASP D 33 -0.88 33.58 12.93
C ASP D 33 0.54 33.29 12.49
N GLY D 34 0.98 32.06 12.71
CA GLY D 34 2.34 31.68 12.41
C GLY D 34 2.55 31.24 10.98
N LEU D 35 3.14 32.13 10.18
CA LEU D 35 3.42 31.79 8.78
C LEU D 35 4.74 31.03 8.69
N THR D 36 4.80 30.11 7.73
CA THR D 36 6.03 29.39 7.44
C THR D 36 6.47 29.69 6.01
N TYR D 37 7.49 28.99 5.51
CA TYR D 37 7.96 29.26 4.15
C TYR D 37 6.94 28.82 3.11
N ASN D 38 6.13 27.80 3.41
CA ASN D 38 5.28 27.21 2.38
C ASN D 38 4.06 28.09 2.07
N ASP D 39 3.53 28.80 3.06
CA ASP D 39 2.25 29.48 2.90
C ASP D 39 2.37 30.96 2.61
N PHE D 40 3.41 31.38 1.88
CA PHE D 40 3.46 32.72 1.30
C PHE D 40 4.42 32.71 0.12
N LEU D 41 4.30 33.72 -0.73
CA LEU D 41 5.12 33.84 -1.93
C LEU D 41 5.60 35.27 -2.07
N ILE D 42 6.59 35.46 -2.94
CA ILE D 42 7.12 36.78 -3.29
C ILE D 42 6.65 37.12 -4.69
N LEU D 43 6.07 38.30 -4.85
CA LEU D 43 5.50 38.66 -6.14
C LEU D 43 6.61 39.07 -7.11
N PRO D 44 6.42 38.83 -8.41
CA PRO D 44 7.45 39.19 -9.40
C PRO D 44 7.65 40.70 -9.47
N GLY D 45 8.87 41.09 -9.86
CA GLY D 45 9.19 42.49 -10.01
C GLY D 45 9.52 42.86 -11.45
N TYR D 46 10.53 43.70 -11.63
CA TYR D 46 10.94 44.18 -12.95
C TYR D 46 12.37 43.73 -13.23
N ILE D 47 12.58 43.10 -14.38
CA ILE D 47 13.90 42.59 -14.74
C ILE D 47 14.54 43.54 -15.73
N ASP D 48 15.74 44.02 -15.41
CA ASP D 48 16.54 44.83 -16.32
C ASP D 48 18.01 44.44 -16.27
N PHE D 49 18.29 43.18 -15.94
CA PHE D 49 19.66 42.69 -15.87
C PHE D 49 19.65 41.18 -16.06
N THR D 50 20.82 40.63 -16.40
CA THR D 50 20.94 39.20 -16.60
C THR D 50 20.92 38.47 -15.26
N ALA D 51 20.61 37.17 -15.32
CA ALA D 51 20.44 36.39 -14.10
C ALA D 51 21.75 36.26 -13.33
N ASP D 52 22.83 35.89 -14.02
CA ASP D 52 24.13 35.69 -13.39
C ASP D 52 24.88 37.02 -13.25
N GLN D 53 24.21 37.98 -12.61
CA GLN D 53 24.82 39.28 -12.38
C GLN D 53 24.60 39.79 -10.97
N VAL D 54 23.77 39.13 -10.15
CA VAL D 54 23.46 39.63 -8.82
C VAL D 54 24.62 39.33 -7.88
N ASP D 55 24.93 40.29 -7.01
CA ASP D 55 25.99 40.12 -6.02
C ASP D 55 25.41 39.42 -4.81
N LEU D 56 25.99 38.28 -4.44
CA LEU D 56 25.50 37.48 -3.33
C LEU D 56 26.27 37.73 -2.03
N THR D 57 27.08 38.79 -1.97
CA THR D 57 27.85 39.07 -0.76
C THR D 57 26.91 39.29 0.42
N SER D 58 27.21 38.62 1.53
CA SER D 58 26.41 38.70 2.74
C SER D 58 27.32 38.67 3.95
N ALA D 59 26.85 39.23 5.05
CA ALA D 59 27.62 39.31 6.28
C ALA D 59 27.21 38.18 7.22
N LEU D 60 28.15 37.31 7.56
CA LEU D 60 27.89 36.27 8.55
C LEU D 60 27.77 36.86 9.95
N THR D 61 28.72 37.73 10.32
CA THR D 61 28.71 38.40 11.60
C THR D 61 28.92 39.89 11.35
N LYS D 62 29.16 40.62 12.44
CA LYS D 62 29.39 42.06 12.33
C LYS D 62 30.67 42.38 11.57
N LYS D 63 31.68 41.50 11.65
CA LYS D 63 32.98 41.78 11.07
C LYS D 63 33.45 40.72 10.08
N ILE D 64 32.62 39.74 9.74
CA ILE D 64 33.00 38.70 8.79
C ILE D 64 31.91 38.59 7.73
N THR D 65 32.32 38.63 6.46
CA THR D 65 31.41 38.56 5.33
C THR D 65 31.81 37.39 4.43
N LEU D 66 30.82 36.77 3.81
CA LEU D 66 31.04 35.64 2.92
C LEU D 66 30.52 35.98 1.54
N LYS D 67 31.13 35.38 0.51
CA LYS D 67 30.69 35.62 -0.85
C LYS D 67 29.36 34.97 -1.16
N THR D 68 28.94 34.00 -0.36
CA THR D 68 27.66 33.33 -0.50
C THR D 68 26.99 33.29 0.86
N PRO D 69 25.66 33.32 0.91
CA PRO D 69 24.95 33.28 2.20
C PRO D 69 24.78 31.88 2.77
N LEU D 70 25.55 30.90 2.30
CA LEU D 70 25.31 29.51 2.63
C LEU D 70 26.22 29.07 3.78
N VAL D 71 25.62 28.41 4.77
CA VAL D 71 26.33 27.98 5.96
C VAL D 71 25.88 26.56 6.30
N SER D 72 26.81 25.75 6.81
CA SER D 72 26.53 24.37 7.21
C SER D 72 26.39 24.26 8.72
N SER D 73 25.45 23.42 9.14
CA SER D 73 25.10 23.36 10.56
C SER D 73 26.20 22.64 11.36
N PRO D 74 26.46 23.08 12.59
CA PRO D 74 27.43 22.37 13.44
C PRO D 74 26.86 21.10 14.04
N MET D 75 26.82 20.02 13.27
CA MET D 75 26.28 18.75 13.72
C MET D 75 27.22 17.63 13.31
N ASP D 76 27.28 16.59 14.15
CA ASP D 76 28.25 15.51 13.94
C ASP D 76 28.00 14.70 12.68
N THR D 77 26.83 14.84 12.06
CA THR D 77 26.52 14.11 10.84
C THR D 77 26.62 15.00 9.60
N VAL D 78 27.12 16.22 9.75
CA VAL D 78 27.15 17.16 8.62
C VAL D 78 28.57 17.67 8.40
N THR D 79 29.20 18.18 9.45
CA THR D 79 30.52 18.80 9.34
C THR D 79 31.51 18.15 10.30
N GLU D 80 32.56 17.54 9.77
CA GLU D 80 33.70 17.21 10.61
C GLU D 80 34.96 17.93 10.14
N ALA D 81 35.46 17.60 8.95
CA ALA D 81 36.53 18.40 8.34
C ALA D 81 36.26 18.62 6.86
N GLY D 82 35.78 17.58 6.18
CA GLY D 82 35.60 17.65 4.73
C GLY D 82 34.52 18.63 4.33
N MET D 83 33.40 18.61 5.05
CA MET D 83 32.33 19.55 4.76
C MET D 83 32.78 20.98 4.99
N ALA D 84 33.51 21.22 6.08
CA ALA D 84 33.99 22.58 6.34
C ALA D 84 34.96 23.04 5.25
N ILE D 85 35.87 22.16 4.83
CA ILE D 85 36.82 22.53 3.77
C ILE D 85 36.08 22.85 2.48
N ALA D 86 35.13 21.98 2.10
CA ALA D 86 34.42 22.18 0.83
C ALA D 86 33.52 23.40 0.87
N MET D 87 32.83 23.64 1.99
CA MET D 87 32.01 24.84 2.12
C MET D 87 32.86 26.10 2.08
N ALA D 88 34.04 26.06 2.70
CA ALA D 88 34.95 27.20 2.62
C ALA D 88 35.40 27.42 1.19
N LEU D 89 35.66 26.34 0.45
CA LEU D 89 36.11 26.46 -0.92
C LEU D 89 35.01 26.84 -1.90
N THR D 90 33.74 26.71 -1.50
CA THR D 90 32.62 27.04 -2.38
C THR D 90 32.03 28.42 -2.10
N GLY D 91 32.72 29.26 -1.33
CA GLY D 91 32.27 30.62 -1.09
C GLY D 91 31.64 30.89 0.25
N GLY D 92 31.35 29.86 1.04
CA GLY D 92 30.83 30.06 2.39
C GLY D 92 31.82 29.56 3.42
N ILE D 93 31.33 29.19 4.60
CA ILE D 93 32.15 28.51 5.61
C ILE D 93 31.31 27.43 6.29
N GLY D 94 31.93 26.69 7.19
CA GLY D 94 31.23 25.69 7.97
C GLY D 94 31.51 25.79 9.45
N PHE D 95 30.70 25.12 10.27
CA PHE D 95 30.87 25.08 11.71
C PHE D 95 31.03 23.64 12.15
N ILE D 96 32.03 23.39 12.99
CA ILE D 96 32.36 22.02 13.42
C ILE D 96 31.69 21.75 14.76
N HIS D 97 31.02 20.61 14.86
CA HIS D 97 30.27 20.24 16.05
C HIS D 97 31.21 20.04 17.24
N HIS D 98 30.60 19.90 18.42
CA HIS D 98 31.33 19.59 19.64
C HIS D 98 30.91 18.25 20.24
N ASN D 99 30.34 17.36 19.43
CA ASN D 99 30.03 16.01 19.89
C ASN D 99 31.27 15.14 19.78
N CYS D 100 32.37 15.61 20.36
CA CYS D 100 33.67 14.95 20.27
C CYS D 100 34.60 15.58 21.28
N THR D 101 35.74 14.93 21.49
CA THR D 101 36.71 15.43 22.45
C THR D 101 37.29 16.76 21.97
N PRO D 102 37.61 17.66 22.91
CA PRO D 102 38.16 18.97 22.52
C PRO D 102 39.43 18.87 21.69
N GLU D 103 40.30 17.90 22.00
CA GLU D 103 41.51 17.74 21.20
C GLU D 103 41.17 17.37 19.76
N PHE D 104 40.19 16.46 19.59
CA PHE D 104 39.77 16.08 18.24
C PHE D 104 39.17 17.25 17.50
N GLN D 105 38.34 18.04 18.18
CA GLN D 105 37.73 19.21 17.53
C GLN D 105 38.79 20.22 17.11
N ALA D 106 39.77 20.48 17.99
CA ALA D 106 40.85 21.39 17.62
C ALA D 106 41.69 20.84 16.48
N ASN D 107 41.91 19.52 16.45
CA ASN D 107 42.64 18.92 15.35
C ASN D 107 41.90 19.09 14.03
N GLU D 108 40.58 18.92 14.05
CA GLU D 108 39.80 19.14 12.84
C GLU D 108 39.84 20.59 12.40
N VAL D 109 39.78 21.53 13.35
CA VAL D 109 39.89 22.95 13.02
C VAL D 109 41.24 23.24 12.37
N ARG D 110 42.32 22.68 12.95
CA ARG D 110 43.64 22.88 12.38
C ARG D 110 43.75 22.28 10.99
N LYS D 111 43.15 21.10 10.80
CA LYS D 111 43.15 20.47 9.48
C LYS D 111 42.46 21.35 8.45
N VAL D 112 41.34 21.97 8.85
CA VAL D 112 40.65 22.89 7.94
C VAL D 112 41.53 24.11 7.64
N LYS D 113 42.16 24.65 8.69
CA LYS D 113 42.96 25.87 8.52
C LYS D 113 44.19 25.63 7.67
N LYS D 114 44.72 24.40 7.69
CA LYS D 114 45.98 24.09 7.02
C LYS D 114 45.81 23.67 5.57
N TYR D 115 44.61 23.79 5.00
CA TYR D 115 44.37 23.23 3.69
C TYR D 115 44.99 24.07 2.57
N GLU D 116 45.08 25.38 2.72
CA GLU D 116 45.48 26.23 1.60
C GLU D 116 46.32 27.43 2.05
N GLN D 117 46.97 27.35 3.22
CA GLN D 117 47.83 28.45 3.69
C GLN D 117 48.95 28.82 2.72
N GLY D 118 48.93 30.07 2.25
CA GLY D 118 50.14 30.64 1.66
C GLY D 118 51.14 31.00 2.73
N PHE D 119 52.42 30.94 2.37
CA PHE D 119 53.52 31.18 3.31
C PHE D 119 53.44 30.24 4.51
N ILE D 120 53.60 28.95 4.22
CA ILE D 120 53.54 27.91 5.24
C ILE D 120 54.62 28.16 6.29
N THR D 121 54.20 28.38 7.54
CA THR D 121 55.10 28.67 8.64
C THR D 121 55.04 27.51 9.64
N ASP D 122 56.18 27.24 10.28
CA ASP D 122 56.53 25.98 10.93
C ASP D 122 56.00 24.78 10.14
N PRO D 123 56.49 24.58 8.91
CA PRO D 123 56.10 23.38 8.15
C PRO D 123 56.77 22.13 8.69
N VAL D 124 56.41 21.00 8.10
CA VAL D 124 57.04 19.73 8.42
C VAL D 124 58.43 19.67 7.78
N VAL D 125 59.46 19.47 8.60
CA VAL D 125 60.84 19.38 8.13
C VAL D 125 61.51 18.18 8.78
N LEU D 126 62.62 17.75 8.19
CA LEU D 126 63.27 16.49 8.55
C LEU D 126 64.78 16.68 8.55
N SER D 127 65.50 15.79 9.26
CA SER D 127 66.95 15.95 9.37
C SER D 127 67.68 15.01 8.42
N PRO D 128 68.90 15.35 8.02
CA PRO D 128 69.69 14.43 7.18
C PRO D 128 70.00 13.11 7.86
N LYS D 129 69.96 13.05 9.19
CA LYS D 129 70.26 11.82 9.90
C LYS D 129 68.98 11.07 10.30
N ASP D 130 68.17 10.71 9.30
CA ASP D 130 66.91 10.00 9.51
C ASP D 130 66.74 8.97 8.40
N ARG D 131 65.77 8.07 8.58
CA ARG D 131 65.53 6.97 7.64
C ARG D 131 64.20 7.16 6.91
N VAL D 132 64.15 6.70 5.66
CA VAL D 132 63.07 7.02 4.73
C VAL D 132 61.70 6.52 5.20
N ARG D 133 61.69 5.49 6.06
CA ARG D 133 60.43 4.96 6.54
C ARG D 133 59.59 6.02 7.23
N ASP D 134 60.24 6.95 7.95
CA ASP D 134 59.46 8.00 8.57
C ASP D 134 58.96 9.04 7.56
N VAL D 135 59.61 9.16 6.40
CA VAL D 135 59.03 9.95 5.31
C VAL D 135 57.74 9.31 4.84
N PHE D 136 57.73 7.99 4.70
CA PHE D 136 56.49 7.34 4.27
C PHE D 136 55.41 7.44 5.34
N GLU D 137 55.80 7.35 6.62
CA GLU D 137 54.86 7.60 7.70
C GLU D 137 54.35 9.04 7.66
N ALA D 138 55.20 9.99 7.31
CA ALA D 138 54.80 11.39 7.22
C ALA D 138 53.79 11.59 6.10
N LYS D 139 54.04 11.01 4.93
CA LYS D 139 53.05 11.16 3.86
C LYS D 139 51.73 10.50 4.22
N ALA D 140 51.77 9.36 4.94
CA ALA D 140 50.51 8.75 5.40
C ALA D 140 49.79 9.62 6.44
N ARG D 141 50.52 10.21 7.38
CA ARG D 141 49.90 10.93 8.48
C ARG D 141 49.48 12.33 8.06
N HIS D 142 50.43 13.15 7.63
CA HIS D 142 50.14 14.52 7.21
C HIS D 142 49.49 14.60 5.84
N GLY D 143 49.90 13.75 4.89
CA GLY D 143 49.29 13.73 3.59
C GLY D 143 50.08 14.34 2.45
N PHE D 144 51.34 14.73 2.67
CA PHE D 144 52.12 15.37 1.63
C PHE D 144 53.60 15.02 1.78
N CYS D 145 54.38 15.18 0.71
CA CYS D 145 55.78 14.80 0.77
C CYS D 145 56.81 15.89 0.48
N GLY D 146 56.35 17.09 0.11
CA GLY D 146 57.28 18.16 -0.19
C GLY D 146 57.92 18.77 1.05
N ILE D 147 58.92 18.09 1.60
CA ILE D 147 59.39 18.32 2.96
C ILE D 147 60.80 18.89 2.88
N PRO D 148 61.06 20.07 3.47
CA PRO D 148 62.44 20.58 3.53
C PRO D 148 63.29 19.79 4.51
N ILE D 149 64.61 19.87 4.33
CA ILE D 149 65.57 19.14 5.15
C ILE D 149 66.62 20.11 5.70
N THR D 150 66.87 20.01 7.00
CA THR D 150 67.79 20.90 7.70
C THR D 150 68.52 20.11 8.79
N ASP D 151 69.71 20.59 9.16
CA ASP D 151 70.65 19.76 9.93
C ASP D 151 70.08 19.36 11.30
N THR D 152 69.41 20.28 11.98
CA THR D 152 68.82 19.94 13.28
C THR D 152 67.55 19.12 13.17
N GLY D 153 66.92 19.10 11.99
CA GLY D 153 65.57 18.57 11.90
C GLY D 153 64.54 19.46 12.57
N ARG D 154 64.91 20.70 12.87
CA ARG D 154 64.05 21.64 13.54
C ARG D 154 64.09 22.97 12.80
N MET D 155 63.21 23.87 13.23
CA MET D 155 62.82 24.98 12.38
C MET D 155 63.92 26.04 12.37
N GLY D 156 64.70 26.13 13.46
CA GLY D 156 65.72 27.14 13.65
C GLY D 156 67.17 26.79 13.32
N SER D 157 67.44 26.39 12.07
CA SER D 157 68.83 26.16 11.65
C SER D 157 68.89 26.23 10.13
N ARG D 158 70.12 26.15 9.61
CA ARG D 158 70.38 26.39 8.19
C ARG D 158 69.71 25.34 7.32
N LEU D 159 69.32 25.77 6.12
CA LEU D 159 68.72 24.86 5.15
C LEU D 159 69.80 23.98 4.52
N VAL D 160 69.51 22.68 4.40
CA VAL D 160 70.42 21.73 3.80
C VAL D 160 69.91 21.23 2.45
N GLY D 161 68.62 20.92 2.36
CA GLY D 161 68.08 20.42 1.12
C GLY D 161 66.57 20.32 1.19
N ILE D 162 65.98 19.63 0.21
CA ILE D 162 64.54 19.46 0.14
C ILE D 162 64.23 18.19 -0.62
N ILE D 163 63.12 17.52 -0.25
CA ILE D 163 62.65 16.35 -0.96
C ILE D 163 61.24 16.61 -1.46
N SER D 164 60.93 16.00 -2.61
CA SER D 164 59.57 15.96 -3.14
C SER D 164 59.32 14.52 -3.60
N SER D 165 58.08 14.26 -4.02
CA SER D 165 57.65 12.88 -4.25
C SER D 165 58.51 12.17 -5.30
N ARG D 166 58.95 12.89 -6.31
CA ARG D 166 59.78 12.31 -7.37
C ARG D 166 61.08 11.72 -6.86
N ASP D 167 61.52 12.16 -5.70
CA ASP D 167 62.72 11.63 -5.09
C ASP D 167 62.47 10.33 -4.33
N ILE D 168 61.22 10.00 -4.04
CA ILE D 168 60.90 8.86 -3.18
C ILE D 168 59.84 7.96 -3.80
N ASP D 169 59.46 8.24 -5.05
CA ASP D 169 58.40 7.47 -5.70
C ASP D 169 58.77 6.00 -5.83
N PHE D 170 60.02 5.70 -6.16
CA PHE D 170 60.43 4.35 -6.54
C PHE D 170 61.57 3.88 -5.67
N LEU D 171 61.47 2.66 -5.17
CA LEU D 171 62.42 2.06 -4.26
C LEU D 171 62.81 0.65 -4.73
N LYS D 172 63.88 0.13 -4.14
CA LYS D 172 64.25 -1.28 -4.27
C LYS D 172 63.46 -2.10 -3.25
N GLU D 173 63.92 -3.31 -2.95
CA GLU D 173 63.13 -4.32 -2.24
C GLU D 173 62.48 -3.77 -0.97
N GLU D 174 61.45 -4.49 -0.52
CA GLU D 174 60.35 -3.97 0.29
C GLU D 174 60.73 -2.94 1.35
N GLU D 175 61.60 -3.31 2.29
CA GLU D 175 61.90 -2.41 3.40
C GLU D 175 62.82 -1.26 3.01
N HIS D 176 63.75 -1.49 2.08
CA HIS D 176 64.65 -0.48 1.52
C HIS D 176 65.30 0.43 2.57
N ASP D 177 66.16 -0.13 3.40
CA ASP D 177 66.89 0.66 4.39
C ASP D 177 67.70 1.76 3.72
N CYS D 178 67.57 2.99 4.20
CA CYS D 178 68.32 4.12 3.67
C CYS D 178 68.23 5.30 4.62
N PHE D 179 69.39 5.83 5.02
CA PHE D 179 69.47 7.15 5.64
C PHE D 179 69.49 8.18 4.52
N LEU D 180 68.47 9.05 4.46
CA LEU D 180 68.27 9.90 3.29
C LEU D 180 69.34 10.98 3.25
N GLU D 181 70.39 10.75 2.46
CA GLU D 181 71.46 11.74 2.26
C GLU D 181 71.55 12.17 0.80
N GLU D 182 71.78 11.22 -0.10
CA GLU D 182 71.84 11.55 -1.52
C GLU D 182 70.46 11.68 -2.16
N ILE D 183 69.41 11.46 -1.37
CA ILE D 183 68.05 11.50 -1.90
C ILE D 183 67.62 12.93 -2.24
N MET D 184 67.95 13.89 -1.38
CA MET D 184 67.35 15.21 -1.51
C MET D 184 68.01 16.05 -2.60
N THR D 185 67.33 17.12 -2.97
CA THR D 185 67.90 18.18 -3.80
C THR D 185 68.61 19.17 -2.89
N LYS D 186 69.87 19.44 -3.18
CA LYS D 186 70.73 20.12 -2.21
C LYS D 186 70.68 21.65 -2.36
N ARG D 187 71.11 22.33 -1.30
CA ARG D 187 71.24 23.78 -1.25
C ARG D 187 72.35 24.29 -2.16
N GLU D 188 73.06 23.40 -2.87
CA GLU D 188 73.97 23.85 -3.90
C GLU D 188 73.24 24.65 -4.97
N ASP D 189 72.04 24.22 -5.35
CA ASP D 189 71.29 24.98 -6.34
C ASP D 189 69.78 25.06 -6.12
N LEU D 190 69.22 24.53 -5.03
CA LEU D 190 67.76 24.63 -4.88
C LEU D 190 67.34 26.09 -4.71
N VAL D 191 66.18 26.44 -5.29
CA VAL D 191 65.75 27.83 -5.41
C VAL D 191 65.19 28.32 -4.09
N VAL D 192 65.69 29.45 -3.61
CA VAL D 192 65.34 30.02 -2.31
C VAL D 192 65.12 31.51 -2.44
N ALA D 193 64.10 32.03 -1.74
CA ALA D 193 63.78 33.45 -1.66
C ALA D 193 64.31 34.06 -0.37
N PRO D 194 64.81 35.29 -0.41
CA PRO D 194 65.27 35.96 0.82
C PRO D 194 64.10 36.39 1.70
N ALA D 195 64.38 36.52 2.99
CA ALA D 195 63.35 36.86 3.96
C ALA D 195 62.92 38.32 3.83
N GLY D 196 61.66 38.58 4.19
CA GLY D 196 61.08 39.90 4.11
C GLY D 196 60.35 40.21 2.83
N ILE D 197 60.47 39.34 1.81
CA ILE D 197 59.80 39.56 0.53
C ILE D 197 58.31 39.34 0.70
N THR D 198 57.50 40.23 0.10
CA THR D 198 56.06 40.14 0.23
C THR D 198 55.51 38.96 -0.56
N LEU D 199 54.27 38.58 -0.24
CA LEU D 199 53.67 37.36 -0.78
C LEU D 199 53.53 37.43 -2.30
N LYS D 200 53.13 38.59 -2.84
CA LYS D 200 53.00 38.71 -4.29
C LYS D 200 54.33 38.48 -5.00
N GLU D 201 55.40 39.10 -4.51
CA GLU D 201 56.70 38.96 -5.14
C GLU D 201 57.23 37.53 -5.00
N ALA D 202 57.05 36.92 -3.83
CA ALA D 202 57.48 35.53 -3.64
C ALA D 202 56.70 34.59 -4.54
N ASN D 203 55.39 34.82 -4.70
CA ASN D 203 54.60 34.02 -5.62
C ASN D 203 55.08 34.20 -7.04
N GLU D 204 55.42 35.42 -7.43
CA GLU D 204 55.87 35.65 -8.80
C GLU D 204 57.17 34.89 -9.08
N ILE D 205 58.11 34.90 -8.13
CA ILE D 205 59.34 34.15 -8.38
C ILE D 205 59.07 32.65 -8.38
N LEU D 206 58.16 32.15 -7.54
CA LEU D 206 57.80 30.73 -7.63
C LEU D 206 57.17 30.40 -8.98
N GLN D 207 56.28 31.26 -9.46
CA GLN D 207 55.61 31.03 -10.74
C GLN D 207 56.62 31.00 -11.87
N ARG D 208 57.59 31.92 -11.87
CA ARG D 208 58.61 31.93 -12.90
C ARG D 208 59.58 30.76 -12.74
N SER D 209 59.84 30.36 -11.49
CA SER D 209 60.80 29.28 -11.22
C SER D 209 60.27 27.92 -11.63
N LYS D 210 58.99 27.67 -11.41
CA LYS D 210 58.27 26.45 -11.82
C LYS D 210 58.73 25.20 -11.07
N LYS D 211 59.36 25.33 -9.90
CA LYS D 211 60.06 24.17 -9.34
C LYS D 211 59.29 23.53 -8.18
N GLY D 212 57.99 23.76 -8.07
CA GLY D 212 57.15 23.07 -7.10
C GLY D 212 57.02 23.67 -5.70
N LYS D 213 58.16 23.95 -5.06
CA LYS D 213 58.20 24.60 -3.76
C LYS D 213 59.29 25.66 -3.79
N LEU D 214 59.19 26.63 -2.87
CA LEU D 214 60.35 27.45 -2.57
C LEU D 214 60.39 27.78 -1.09
N PRO D 215 61.56 27.66 -0.46
CA PRO D 215 61.70 28.14 0.92
C PRO D 215 62.01 29.63 0.98
N ILE D 216 61.67 30.22 2.13
CA ILE D 216 62.04 31.59 2.49
C ILE D 216 63.13 31.49 3.55
N VAL D 217 64.22 32.23 3.36
CA VAL D 217 65.42 32.07 4.17
C VAL D 217 65.98 33.43 4.56
N ASN D 218 66.44 33.55 5.81
CA ASN D 218 67.00 34.80 6.31
C ASN D 218 68.48 34.92 5.94
N GLU D 219 69.09 36.03 6.38
CA GLU D 219 70.47 36.31 6.04
C GLU D 219 71.48 35.39 6.74
N ASP D 220 71.02 34.57 7.69
CA ASP D 220 71.86 33.56 8.33
C ASP D 220 71.59 32.16 7.80
N ASP D 221 70.98 32.04 6.63
CA ASP D 221 70.64 30.80 5.94
C ASP D 221 69.58 29.97 6.65
N GLU D 222 68.87 30.53 7.63
CA GLU D 222 67.84 29.80 8.35
C GLU D 222 66.51 29.83 7.60
N LEU D 223 65.82 28.70 7.58
CA LEU D 223 64.53 28.61 6.88
C LEU D 223 63.46 29.31 7.69
N VAL D 224 62.73 30.24 7.06
CA VAL D 224 61.70 31.01 7.71
C VAL D 224 60.30 30.47 7.39
N ALA D 225 60.05 30.17 6.12
CA ALA D 225 58.76 29.67 5.65
C ALA D 225 58.95 29.06 4.27
N ILE D 226 57.93 28.37 3.78
CA ILE D 226 57.93 27.81 2.44
C ILE D 226 56.60 28.08 1.76
N ILE D 227 56.62 28.01 0.42
CA ILE D 227 55.45 28.24 -0.42
C ILE D 227 55.26 27.03 -1.32
N ALA D 228 54.01 26.59 -1.48
CA ALA D 228 53.68 25.46 -2.35
C ALA D 228 52.92 25.94 -3.58
N ARG D 229 53.15 25.28 -4.71
CA ARG D 229 52.60 25.76 -5.97
C ARG D 229 51.15 25.30 -6.15
N THR D 230 50.82 24.14 -5.56
CA THR D 230 49.42 23.72 -5.54
C THR D 230 48.55 24.70 -4.79
N ASP D 231 49.15 25.57 -3.99
CA ASP D 231 48.37 26.57 -3.27
C ASP D 231 47.77 27.57 -4.27
N LEU D 232 48.60 28.05 -5.21
CA LEU D 232 48.12 28.89 -6.30
C LEU D 232 47.15 28.12 -7.21
N LYS D 233 47.43 26.84 -7.44
CA LYS D 233 46.50 26.03 -8.22
C LYS D 233 45.11 26.03 -7.56
N LYS D 234 45.07 25.80 -6.25
CA LYS D 234 43.80 25.84 -5.53
C LYS D 234 43.16 27.22 -5.59
N ASN D 235 44.01 28.25 -5.57
CA ASN D 235 43.55 29.63 -5.66
C ASN D 235 42.75 29.91 -6.92
N ARG D 236 43.23 29.44 -8.08
CA ARG D 236 42.50 29.69 -9.32
C ARG D 236 41.39 28.66 -9.54
N ASP D 237 41.54 27.45 -8.97
CA ASP D 237 40.51 26.43 -9.13
C ASP D 237 39.26 26.77 -8.33
N TYR D 238 39.41 27.46 -7.20
CA TYR D 238 38.27 27.84 -6.37
C TYR D 238 38.31 29.35 -6.14
N PRO D 239 37.71 30.12 -7.04
CA PRO D 239 37.84 31.59 -6.98
C PRO D 239 37.12 32.27 -5.83
N LEU D 240 35.85 31.94 -5.59
CA LEU D 240 35.16 32.42 -4.40
C LEU D 240 35.42 31.45 -3.26
N ALA D 241 36.26 31.86 -2.31
CA ALA D 241 36.57 31.03 -1.15
C ALA D 241 36.58 31.79 0.17
N SER D 242 36.57 33.13 0.15
CA SER D 242 36.46 33.96 1.36
C SER D 242 37.54 33.65 2.39
N LYS D 243 38.80 33.60 1.93
CA LYS D 243 39.93 33.33 2.81
C LYS D 243 40.13 34.46 3.81
N ASP D 244 40.94 34.19 4.83
CA ASP D 244 41.31 35.24 5.79
C ASP D 244 42.53 36.00 5.29
N ALA D 245 43.03 36.94 6.11
CA ALA D 245 44.10 37.82 5.68
C ALA D 245 45.39 37.07 5.38
N LYS D 246 45.67 35.99 6.12
CA LYS D 246 46.86 35.17 5.91
C LYS D 246 46.63 34.11 4.81
N LYS D 247 45.50 34.23 4.09
CA LYS D 247 45.12 33.35 3.00
C LYS D 247 44.83 31.94 3.50
N GLN D 248 44.33 31.82 4.72
CA GLN D 248 43.80 30.56 5.21
C GLN D 248 42.27 30.60 5.20
N LEU D 249 41.68 29.44 4.97
CA LEU D 249 40.22 29.33 5.00
C LEU D 249 39.72 29.57 6.42
N PRO D 250 38.63 30.31 6.59
CA PRO D 250 38.05 30.50 7.92
C PRO D 250 37.25 29.28 8.35
N CYS D 251 37.21 29.08 9.66
CA CYS D 251 36.53 27.93 10.24
C CYS D 251 35.77 28.36 11.47
N GLY D 252 34.67 27.64 11.74
CA GLY D 252 33.87 27.86 12.92
C GLY D 252 33.70 26.57 13.71
N ALA D 253 33.48 26.72 15.01
CA ALA D 253 33.30 25.58 15.89
C ALA D 253 32.20 25.90 16.90
N ALA D 254 31.46 24.87 17.27
CA ALA D 254 30.39 25.03 18.24
C ALA D 254 30.85 24.60 19.63
N ILE D 255 30.42 25.36 20.64
CA ILE D 255 30.68 25.03 22.03
C ILE D 255 29.40 25.21 22.83
N GLY D 256 29.32 24.48 23.95
CA GLY D 256 28.22 24.61 24.87
C GLY D 256 28.48 25.68 25.91
N THR D 257 27.59 25.74 26.91
CA THR D 257 27.68 26.71 27.98
C THR D 257 28.20 26.10 29.27
N HIS D 258 28.63 24.84 29.25
CA HIS D 258 29.14 24.19 30.44
C HIS D 258 30.59 24.59 30.69
N GLU D 259 31.09 24.23 31.88
CA GLU D 259 32.40 24.71 32.31
C GLU D 259 33.53 24.18 31.45
N ASP D 260 33.48 22.91 31.04
CA ASP D 260 34.54 22.35 30.20
C ASP D 260 34.61 23.01 28.84
N ASP D 261 33.54 23.68 28.42
CA ASP D 261 33.59 24.41 27.16
C ASP D 261 34.54 25.60 27.24
N LYS D 262 34.91 26.04 28.44
CA LYS D 262 35.95 27.06 28.55
C LYS D 262 37.31 26.49 28.11
N TYR D 263 37.64 25.29 28.56
CA TYR D 263 38.86 24.62 28.10
C TYR D 263 38.79 24.33 26.61
N ARG D 264 37.61 23.91 26.14
CA ARG D 264 37.41 23.68 24.71
C ARG D 264 37.64 24.96 23.92
N LEU D 265 37.14 26.09 24.41
CA LEU D 265 37.34 27.37 23.75
C LEU D 265 38.81 27.79 23.78
N ASP D 266 39.50 27.48 24.87
CA ASP D 266 40.94 27.78 24.92
C ASP D 266 41.67 27.01 23.82
N LEU D 267 41.36 25.72 23.65
CA LEU D 267 41.98 24.95 22.59
C LEU D 267 41.60 25.49 21.21
N LEU D 268 40.34 25.87 21.03
CA LEU D 268 39.91 26.39 19.72
C LEU D 268 40.59 27.71 19.40
N ALA D 269 40.72 28.60 20.38
CA ALA D 269 41.40 29.86 20.16
C ALA D 269 42.88 29.65 19.89
N GLN D 270 43.51 28.67 20.55
CA GLN D 270 44.89 28.34 20.22
C GLN D 270 44.99 27.84 18.79
N ALA D 271 44.03 27.03 18.35
CA ALA D 271 44.01 26.55 16.97
C ALA D 271 43.66 27.64 15.98
N GLY D 272 43.11 28.76 16.43
CA GLY D 272 42.86 29.89 15.55
C GLY D 272 41.50 29.90 14.88
N VAL D 273 40.44 29.65 15.64
CA VAL D 273 39.10 29.72 15.08
C VAL D 273 38.74 31.18 14.79
N ASP D 274 37.91 31.39 13.77
CA ASP D 274 37.45 32.72 13.43
C ASP D 274 36.12 33.07 14.09
N VAL D 275 35.25 32.10 14.30
CA VAL D 275 33.95 32.30 14.93
C VAL D 275 33.65 31.11 15.81
N VAL D 276 32.94 31.35 16.91
CA VAL D 276 32.41 30.31 17.76
C VAL D 276 30.92 30.54 17.92
N VAL D 277 30.14 29.47 17.83
CA VAL D 277 28.69 29.54 17.94
C VAL D 277 28.26 28.78 19.19
N LEU D 278 27.39 29.39 19.98
CA LEU D 278 26.92 28.80 21.23
C LEU D 278 25.71 27.93 20.92
N ASP D 279 25.92 26.62 20.89
CA ASP D 279 24.90 25.66 20.46
C ASP D 279 24.03 25.32 21.67
N SER D 280 22.77 25.74 21.63
CA SER D 280 21.81 25.41 22.68
C SER D 280 20.41 25.44 22.09
N SER D 281 19.49 24.73 22.76
CA SER D 281 18.10 24.72 22.31
C SER D 281 17.47 26.10 22.43
N GLN D 282 17.69 26.77 23.57
CA GLN D 282 17.18 28.11 23.79
C GLN D 282 18.31 28.95 24.37
N GLY D 283 18.72 30.00 23.64
CA GLY D 283 19.90 30.74 23.99
C GLY D 283 19.70 31.83 25.03
N ASN D 284 18.46 32.10 25.42
CA ASN D 284 18.18 33.16 26.37
C ASN D 284 18.30 32.60 27.79
N SER D 285 19.53 32.60 28.30
CA SER D 285 19.80 32.06 29.62
C SER D 285 21.02 32.73 30.22
N ILE D 286 21.11 32.65 31.55
CA ILE D 286 22.29 33.15 32.26
C ILE D 286 23.52 32.37 31.84
N PHE D 287 23.37 31.06 31.63
CA PHE D 287 24.51 30.23 31.24
C PHE D 287 25.08 30.69 29.90
N GLN D 288 24.23 31.24 29.04
CA GLN D 288 24.69 31.74 27.75
C GLN D 288 25.25 33.16 27.87
N ILE D 289 24.56 34.04 28.61
CA ILE D 289 25.00 35.42 28.71
C ILE D 289 26.34 35.52 29.44
N ASN D 290 26.51 34.74 30.50
CA ASN D 290 27.78 34.74 31.22
C ASN D 290 28.93 34.25 30.34
N MET D 291 28.69 33.20 29.55
CA MET D 291 29.72 32.72 28.64
C MET D 291 30.04 33.78 27.58
N ILE D 292 29.01 34.49 27.09
CA ILE D 292 29.24 35.54 26.12
C ILE D 292 30.14 36.62 26.71
N LYS D 293 29.84 37.06 27.94
CA LYS D 293 30.69 38.08 28.56
C LYS D 293 32.10 37.57 28.80
N TYR D 294 32.23 36.32 29.24
CA TYR D 294 33.55 35.74 29.48
C TYR D 294 34.37 35.69 28.20
N ILE D 295 33.74 35.28 27.09
CA ILE D 295 34.46 35.20 25.82
C ILE D 295 34.83 36.60 25.34
N LYS D 296 33.91 37.56 25.46
CA LYS D 296 34.23 38.91 25.02
C LYS D 296 35.34 39.53 25.85
N ASP D 297 35.47 39.15 27.12
CA ASP D 297 36.56 39.67 27.94
C ASP D 297 37.88 38.97 27.60
N LYS D 298 37.87 37.64 27.52
CA LYS D 298 39.12 36.90 27.36
C LYS D 298 39.67 37.01 25.93
N TYR D 299 38.80 36.94 24.93
CA TYR D 299 39.20 36.93 23.52
C TYR D 299 38.46 38.06 22.81
N PRO D 300 38.96 39.29 22.93
CA PRO D 300 38.19 40.45 22.42
C PRO D 300 37.89 40.39 20.93
N ASN D 301 38.79 39.85 20.11
CA ASN D 301 38.61 39.88 18.66
C ASN D 301 37.86 38.67 18.13
N LEU D 302 37.52 37.70 18.98
CA LEU D 302 36.80 36.52 18.52
C LEU D 302 35.31 36.81 18.42
N GLN D 303 34.70 36.43 17.31
CA GLN D 303 33.28 36.65 17.09
C GLN D 303 32.46 35.51 17.71
N VAL D 304 31.34 35.87 18.33
CA VAL D 304 30.45 34.92 18.98
C VAL D 304 29.09 34.98 18.30
N ILE D 305 28.50 33.83 18.05
CA ILE D 305 27.15 33.73 17.51
C ILE D 305 26.25 33.15 18.59
N GLY D 306 25.21 33.89 18.95
CA GLY D 306 24.28 33.46 19.97
C GLY D 306 23.03 32.82 19.38
N GLY D 307 22.26 32.21 20.26
CA GLY D 307 21.04 31.54 19.90
C GLY D 307 20.92 30.23 20.63
N ASN D 308 19.89 29.46 20.30
CA ASN D 308 18.87 29.78 19.29
C ASN D 308 17.75 30.64 19.89
N VAL D 309 17.34 31.67 19.16
CA VAL D 309 16.31 32.58 19.61
C VAL D 309 15.27 32.75 18.50
N VAL D 310 14.03 33.01 18.91
CA VAL D 310 12.94 33.15 17.96
C VAL D 310 12.09 34.38 18.25
N THR D 311 12.39 35.08 19.34
CA THR D 311 11.60 36.23 19.74
C THR D 311 12.48 37.45 19.98
N ALA D 312 11.86 38.62 19.85
CA ALA D 312 12.58 39.88 20.03
C ALA D 312 13.03 40.05 21.47
N ALA D 313 12.29 39.49 22.43
CA ALA D 313 12.71 39.57 23.82
C ALA D 313 14.00 38.81 24.07
N GLN D 314 14.19 37.68 23.37
CA GLN D 314 15.44 36.94 23.47
C GLN D 314 16.55 37.65 22.71
N ALA D 315 16.22 38.18 21.53
CA ALA D 315 17.21 38.91 20.74
C ALA D 315 17.75 40.11 21.52
N LYS D 316 16.88 40.79 22.28
CA LYS D 316 17.32 41.93 23.07
C LYS D 316 18.36 41.52 24.10
N ASN D 317 18.09 40.44 24.83
CA ASN D 317 19.02 39.99 25.85
C ASN D 317 20.36 39.58 25.24
N LEU D 318 20.32 38.85 24.11
CA LEU D 318 21.58 38.41 23.52
C LEU D 318 22.35 39.58 22.91
N ILE D 319 21.66 40.53 22.28
CA ILE D 319 22.34 41.66 21.66
C ILE D 319 22.95 42.56 22.72
N ASP D 320 22.24 42.79 23.82
CA ASP D 320 22.78 43.63 24.88
C ASP D 320 24.04 43.02 25.50
N ALA D 321 24.13 41.70 25.54
CA ALA D 321 25.33 41.05 26.07
C ALA D 321 26.53 41.20 25.16
N GLY D 322 26.31 41.56 23.90
CA GLY D 322 27.38 41.74 22.94
C GLY D 322 27.48 40.70 21.84
N VAL D 323 26.39 39.98 21.53
CA VAL D 323 26.43 38.98 20.48
C VAL D 323 26.61 39.65 19.12
N ASP D 324 27.45 39.06 18.28
CA ASP D 324 27.72 39.59 16.96
C ASP D 324 26.82 39.03 15.86
N ALA D 325 26.13 37.92 16.11
CA ALA D 325 25.23 37.34 15.14
C ALA D 325 24.28 36.38 15.84
N LEU D 326 23.02 36.41 15.43
CA LEU D 326 21.98 35.61 16.05
C LEU D 326 21.61 34.43 15.16
N ARG D 327 21.31 33.30 15.79
CA ARG D 327 20.89 32.09 15.10
C ARG D 327 19.41 31.85 15.43
N VAL D 328 18.58 31.83 14.40
CA VAL D 328 17.12 31.88 14.56
C VAL D 328 16.53 30.53 14.23
N GLY D 329 15.84 29.93 15.18
CA GLY D 329 15.17 28.65 14.98
C GLY D 329 14.84 27.97 16.29
N MET D 330 13.67 27.31 16.35
CA MET D 330 13.28 26.61 17.57
C MET D 330 12.31 25.50 17.16
N GLY D 331 12.80 24.26 17.11
CA GLY D 331 11.96 23.13 16.77
C GLY D 331 11.49 23.08 15.34
N SER D 332 11.99 23.96 14.48
CA SER D 332 11.60 23.98 13.08
C SER D 332 12.46 23.06 12.22
N GLY D 333 13.51 22.49 12.78
CA GLY D 333 14.39 21.65 12.00
C GLY D 333 13.73 20.33 11.63
N SER D 334 14.26 19.72 10.56
CA SER D 334 13.77 18.42 10.12
C SER D 334 13.99 17.36 11.20
N ILE D 335 15.05 17.50 12.00
CA ILE D 335 15.48 16.48 12.93
C ILE D 335 14.94 16.71 14.34
N CYS D 336 14.32 17.85 14.61
CA CYS D 336 13.98 18.22 15.97
C CYS D 336 12.51 17.98 16.26
N ILE D 337 12.23 17.65 17.51
CA ILE D 337 10.86 17.40 17.97
C ILE D 337 10.58 18.22 19.23
N THR D 338 11.27 19.34 19.37
CA THR D 338 11.08 20.20 20.54
C THR D 338 9.66 20.74 20.59
N GLN D 339 9.11 21.15 19.45
CA GLN D 339 7.75 21.68 19.43
C GLN D 339 6.72 20.61 19.80
N GLU D 340 7.10 19.33 19.77
CA GLU D 340 6.17 18.28 20.17
C GLU D 340 6.38 17.85 21.61
N VAL D 341 7.63 17.85 22.09
CA VAL D 341 7.91 17.37 23.44
C VAL D 341 7.82 18.49 24.47
N LEU D 342 8.50 19.62 24.22
CA LEU D 342 8.55 20.72 25.16
C LEU D 342 7.50 21.78 24.89
N ALA D 343 6.75 21.67 23.78
CA ALA D 343 5.65 22.55 23.44
C ALA D 343 6.09 23.97 23.16
N CYS D 344 7.39 24.23 23.17
CA CYS D 344 7.92 25.55 22.87
C CYS D 344 8.44 25.62 21.43
N GLY D 345 8.38 26.81 20.85
CA GLY D 345 8.85 26.99 19.50
C GLY D 345 8.14 28.14 18.83
N ARG D 346 8.37 28.24 17.52
CA ARG D 346 7.73 29.25 16.69
C ARG D 346 7.84 28.83 15.23
N PRO D 347 6.87 29.17 14.40
CA PRO D 347 7.03 28.97 12.95
C PRO D 347 8.23 29.73 12.42
N GLN D 348 8.92 29.10 11.46
CA GLN D 348 10.26 29.54 11.10
C GLN D 348 10.25 30.89 10.40
N ALA D 349 9.36 31.08 9.43
CA ALA D 349 9.33 32.35 8.69
C ALA D 349 8.99 33.51 9.60
N THR D 350 7.97 33.33 10.46
CA THR D 350 7.59 34.39 11.39
C THR D 350 8.73 34.68 12.35
N ALA D 351 9.39 33.65 12.88
CA ALA D 351 10.49 33.87 13.80
C ALA D 351 11.64 34.61 13.12
N VAL D 352 11.96 34.22 11.89
CA VAL D 352 13.05 34.86 11.17
C VAL D 352 12.74 36.33 10.95
N TYR D 353 11.53 36.65 10.49
CA TYR D 353 11.17 38.04 10.27
C TYR D 353 11.21 38.83 11.57
N LYS D 354 10.64 38.26 12.64
CA LYS D 354 10.56 39.00 13.90
C LYS D 354 11.93 39.29 14.47
N VAL D 355 12.84 38.30 14.44
CA VAL D 355 14.17 38.53 14.98
C VAL D 355 14.97 39.46 14.08
N SER D 356 14.84 39.31 12.76
CA SER D 356 15.60 40.15 11.83
C SER D 356 15.19 41.61 11.94
N GLU D 357 13.89 41.87 12.12
CA GLU D 357 13.42 43.24 12.24
C GLU D 357 14.03 43.95 13.45
N TYR D 358 14.13 43.24 14.58
CA TYR D 358 14.72 43.83 15.77
C TYR D 358 16.24 43.96 15.64
N ALA D 359 16.89 42.92 15.10
CA ALA D 359 18.34 42.95 15.00
C ALA D 359 18.83 43.99 14.00
N ARG D 360 18.00 44.32 13.00
CA ARG D 360 18.37 45.35 12.04
C ARG D 360 18.64 46.68 12.72
N ARG D 361 17.90 46.98 13.79
CA ARG D 361 18.07 48.25 14.48
C ARG D 361 19.48 48.43 15.01
N PHE D 362 20.15 47.34 15.37
CA PHE D 362 21.51 47.38 15.89
C PHE D 362 22.53 46.83 14.89
N GLY D 363 22.11 46.53 13.67
CA GLY D 363 23.03 46.04 12.66
C GLY D 363 23.63 44.68 12.94
N VAL D 364 22.87 43.78 13.56
CA VAL D 364 23.34 42.45 13.89
C VAL D 364 22.74 41.47 12.87
N PRO D 365 23.56 40.79 12.08
CA PRO D 365 23.02 39.79 11.15
C PRO D 365 22.42 38.61 11.91
N VAL D 366 21.47 37.93 11.26
CA VAL D 366 20.84 36.74 11.81
C VAL D 366 21.07 35.58 10.86
N ILE D 367 21.17 34.38 11.42
CA ILE D 367 21.33 33.15 10.63
C ILE D 367 20.07 32.33 10.78
N ALA D 368 19.37 32.13 9.67
CA ALA D 368 18.17 31.29 9.67
C ALA D 368 18.57 29.83 9.49
N ASP D 369 18.35 29.03 10.54
CA ASP D 369 18.67 27.59 10.51
C ASP D 369 17.45 26.76 10.84
N GLY D 370 17.34 25.58 10.21
CA GLY D 370 16.19 24.72 10.40
C GLY D 370 15.06 25.01 9.45
N GLY D 371 14.46 23.97 8.89
CA GLY D 371 13.33 24.15 8.00
C GLY D 371 13.69 24.61 6.60
N ILE D 372 14.93 24.41 6.18
CA ILE D 372 15.36 24.77 4.83
C ILE D 372 15.39 23.52 3.99
N GLN D 373 14.53 23.47 2.97
CA GLN D 373 14.42 22.30 2.11
C GLN D 373 14.68 22.59 0.64
N ASN D 374 14.47 23.83 0.19
CA ASN D 374 14.62 24.16 -1.22
C ASN D 374 15.31 25.51 -1.39
N VAL D 375 15.75 25.75 -2.62
CA VAL D 375 16.28 27.07 -2.98
C VAL D 375 15.21 28.14 -2.80
N GLY D 376 13.94 27.77 -3.01
CA GLY D 376 12.87 28.69 -2.71
C GLY D 376 12.78 29.05 -1.24
N HIS D 377 12.97 28.07 -0.37
CA HIS D 377 13.02 28.36 1.07
C HIS D 377 14.21 29.26 1.40
N ILE D 378 15.37 29.01 0.78
CA ILE D 378 16.53 29.86 1.01
C ILE D 378 16.23 31.30 0.57
N ALA D 379 15.62 31.46 -0.60
CA ALA D 379 15.31 32.79 -1.10
C ALA D 379 14.29 33.49 -0.21
N LYS D 380 13.29 32.76 0.27
CA LYS D 380 12.30 33.36 1.17
C LYS D 380 12.95 33.81 2.47
N ALA D 381 13.81 32.97 3.04
CA ALA D 381 14.47 33.33 4.29
C ALA D 381 15.35 34.56 4.11
N LEU D 382 16.07 34.63 2.98
CA LEU D 382 16.91 35.79 2.71
C LEU D 382 16.08 37.04 2.48
N ALA D 383 14.93 36.91 1.82
CA ALA D 383 14.06 38.05 1.58
C ALA D 383 13.45 38.57 2.87
N LEU D 384 13.19 37.67 3.82
CA LEU D 384 12.55 38.08 5.07
C LEU D 384 13.50 38.76 6.04
N GLY D 385 14.76 38.99 5.68
CA GLY D 385 15.68 39.73 6.52
C GLY D 385 16.87 38.95 7.03
N ALA D 386 17.00 37.67 6.69
CA ALA D 386 18.17 36.91 7.10
C ALA D 386 19.35 37.20 6.20
N SER D 387 20.54 37.24 6.78
CA SER D 387 21.76 37.49 6.01
C SER D 387 22.43 36.20 5.54
N THR D 388 22.39 35.14 6.34
CA THR D 388 22.95 33.85 5.96
C THR D 388 21.99 32.75 6.38
N VAL D 389 22.10 31.62 5.70
CA VAL D 389 21.23 30.46 5.92
C VAL D 389 22.09 29.27 6.31
N MET D 390 21.73 28.63 7.43
CA MET D 390 22.40 27.42 7.89
C MET D 390 21.47 26.25 7.65
N MET D 391 22.02 25.15 7.13
CA MET D 391 21.19 24.02 6.74
C MET D 391 21.77 22.73 7.29
N GLY D 392 20.88 21.76 7.48
CA GLY D 392 21.23 20.41 7.91
C GLY D 392 21.01 19.40 6.81
N SER D 393 19.84 18.76 6.85
CA SER D 393 19.48 17.70 5.90
C SER D 393 19.81 18.07 4.45
N LEU D 394 19.77 19.36 4.10
CA LEU D 394 20.11 19.75 2.74
C LEU D 394 21.58 19.50 2.41
N LEU D 395 22.42 19.29 3.42
CA LEU D 395 23.81 18.95 3.20
C LEU D 395 24.19 17.56 3.72
N ALA D 396 23.33 16.91 4.49
CA ALA D 396 23.63 15.58 5.00
C ALA D 396 23.63 14.57 3.86
N ALA D 397 24.24 13.41 4.10
CA ALA D 397 24.38 12.35 3.11
C ALA D 397 25.06 12.85 1.85
N THR D 398 26.21 13.48 2.03
CA THR D 398 27.03 13.94 0.91
C THR D 398 28.42 13.35 1.03
N THR D 399 29.16 13.39 -0.08
CA THR D 399 30.52 12.86 -0.09
C THR D 399 31.39 13.52 0.99
N GLU D 400 31.24 14.83 1.15
CA GLU D 400 32.01 15.55 2.17
C GLU D 400 31.42 15.40 3.57
N ALA D 401 30.23 14.83 3.69
CA ALA D 401 29.62 14.64 4.99
C ALA D 401 30.22 13.43 5.71
N PRO D 402 30.32 13.48 7.03
CA PRO D 402 30.85 12.33 7.78
C PRO D 402 29.94 11.12 7.64
N GLY D 403 30.55 9.94 7.71
CA GLY D 403 29.82 8.69 7.67
C GLY D 403 29.90 8.00 6.32
N GLU D 404 29.33 6.79 6.28
CA GLU D 404 29.34 5.96 5.10
C GLU D 404 27.92 5.53 4.74
N TYR D 405 27.71 5.32 3.44
CA TYR D 405 26.38 5.00 2.94
C TYR D 405 26.01 3.55 3.23
N PHE D 406 24.70 3.30 3.19
CA PHE D 406 24.11 2.01 3.47
C PHE D 406 22.85 1.85 2.62
N PHE D 407 22.25 0.65 2.66
CA PHE D 407 21.13 0.30 1.81
C PHE D 407 19.95 -0.23 2.61
N SER D 408 18.79 0.37 2.41
CA SER D 408 17.58 -0.05 3.08
C SER D 408 16.44 -0.04 2.09
N ASP D 409 15.75 -1.18 1.99
CA ASP D 409 14.69 -1.37 1.00
C ASP D 409 15.21 -1.12 -0.41
N GLY D 410 16.48 -1.44 -0.64
CA GLY D 410 17.11 -1.21 -1.92
C GLY D 410 17.50 0.21 -2.21
N ILE D 411 17.43 1.10 -1.21
CA ILE D 411 17.72 2.52 -1.38
C ILE D 411 19.00 2.86 -0.63
N ARG D 412 19.84 3.69 -1.25
CA ARG D 412 21.10 4.09 -0.64
C ARG D 412 20.89 5.32 0.25
N LEU D 413 21.36 5.22 1.49
CA LEU D 413 21.16 6.27 2.48
C LEU D 413 22.41 6.44 3.33
N LYS D 414 22.51 7.60 3.96
CA LYS D 414 23.48 7.86 5.01
C LYS D 414 22.74 8.24 6.28
N LYS D 415 23.31 7.88 7.43
CA LYS D 415 22.69 8.17 8.71
C LYS D 415 22.55 9.69 8.89
N TYR D 416 21.61 10.06 9.76
CA TYR D 416 21.37 11.46 10.08
C TYR D 416 20.62 11.55 11.39
N ARG D 417 21.14 12.35 12.32
CA ARG D 417 20.57 12.41 13.66
C ARG D 417 20.71 13.82 14.20
N GLY D 418 19.89 14.14 15.18
CA GLY D 418 19.98 15.42 15.85
C GLY D 418 20.83 15.36 17.10
N MET D 419 21.33 16.52 17.52
CA MET D 419 22.17 16.59 18.70
C MET D 419 21.39 16.34 19.98
N GLY D 420 20.09 16.60 19.98
CA GLY D 420 19.23 16.34 21.10
C GLY D 420 18.63 14.96 21.16
N SER D 421 19.00 14.10 20.21
CA SER D 421 18.49 12.73 20.20
C SER D 421 19.05 11.96 21.40
N LEU D 422 18.37 10.86 21.73
CA LEU D 422 18.82 10.03 22.84
C LEU D 422 20.20 9.44 22.61
N ASP D 423 20.65 9.40 21.36
CA ASP D 423 22.03 9.05 21.03
C ASP D 423 22.97 10.25 21.11
N ALA D 424 22.96 10.95 22.26
CA ALA D 424 23.78 12.15 22.39
C ALA D 424 25.25 11.81 22.57
N MET D 425 25.55 10.67 23.18
CA MET D 425 26.93 10.25 23.39
C MET D 425 27.35 9.23 22.34
N LYS D 441 20.68 10.19 34.69
CA LYS D 441 19.60 9.24 35.00
C LYS D 441 18.57 9.19 33.88
N ILE D 442 17.74 10.22 33.79
CA ILE D 442 16.71 10.28 32.75
C ILE D 442 16.84 11.56 31.93
N LYS D 443 16.84 11.40 30.61
CA LYS D 443 16.94 12.53 29.70
C LYS D 443 15.78 12.51 28.72
N VAL D 444 15.36 13.68 28.27
CA VAL D 444 14.25 13.83 27.34
C VAL D 444 14.82 14.00 25.94
N ALA D 445 14.30 13.21 24.99
CA ALA D 445 14.81 13.23 23.63
C ALA D 445 14.21 14.41 22.88
N GLN D 446 15.03 15.42 22.59
CA GLN D 446 14.61 16.55 21.79
C GLN D 446 14.93 16.39 20.31
N GLY D 447 15.59 15.29 19.94
CA GLY D 447 15.93 15.06 18.55
C GLY D 447 15.55 13.67 18.08
N VAL D 448 15.92 13.34 16.84
CA VAL D 448 15.57 12.06 16.23
C VAL D 448 16.73 11.59 15.38
N SER D 449 16.98 10.28 15.37
CA SER D 449 17.98 9.67 14.52
C SER D 449 17.31 9.04 13.31
N GLY D 450 17.83 9.31 12.14
CA GLY D 450 17.24 8.83 10.90
C GLY D 450 18.25 8.73 9.79
N ALA D 451 17.77 8.86 8.56
CA ALA D 451 18.63 8.75 7.39
C ALA D 451 17.99 9.44 6.21
N VAL D 452 18.84 9.96 5.31
CA VAL D 452 18.39 10.57 4.07
C VAL D 452 19.25 10.04 2.94
N GLN D 453 18.68 10.09 1.73
CA GLN D 453 19.39 9.61 0.55
C GLN D 453 20.53 10.57 0.18
N ASP D 454 21.50 10.04 -0.56
CA ASP D 454 22.70 10.78 -0.91
C ASP D 454 22.37 11.92 -1.88
N LYS D 455 23.25 12.93 -1.88
CA LYS D 455 23.05 14.13 -2.69
C LYS D 455 24.25 14.45 -3.57
N GLY D 456 25.09 13.46 -3.86
CA GLY D 456 26.25 13.68 -4.70
C GLY D 456 27.39 14.35 -3.97
N SER D 457 27.89 15.45 -4.52
CA SER D 457 28.96 16.22 -3.90
C SER D 457 28.57 17.69 -3.86
N ILE D 458 28.91 18.36 -2.75
CA ILE D 458 28.54 19.76 -2.64
C ILE D 458 29.35 20.64 -3.58
N HIS D 459 30.50 20.17 -4.06
CA HIS D 459 31.29 20.98 -4.98
C HIS D 459 30.57 21.18 -6.30
N LYS D 460 29.56 20.37 -6.61
CA LYS D 460 28.65 20.61 -7.71
C LYS D 460 27.25 21.00 -7.25
N PHE D 461 26.89 20.67 -6.01
CA PHE D 461 25.56 21.00 -5.50
C PHE D 461 25.43 22.46 -5.10
N VAL D 462 26.47 23.04 -4.50
CA VAL D 462 26.40 24.45 -4.08
C VAL D 462 26.24 25.39 -5.26
N PRO D 463 26.95 25.22 -6.38
CA PRO D 463 26.67 26.07 -7.55
C PRO D 463 25.22 26.02 -8.00
N TYR D 464 24.55 24.88 -7.85
CA TYR D 464 23.12 24.82 -8.16
C TYR D 464 22.33 25.75 -7.26
N LEU D 465 22.61 25.74 -5.96
CA LEU D 465 21.94 26.63 -5.03
C LEU D 465 22.24 28.09 -5.36
N ILE D 466 23.49 28.38 -5.72
CA ILE D 466 23.88 29.74 -6.08
C ILE D 466 23.08 30.21 -7.29
N ALA D 467 22.99 29.36 -8.32
CA ALA D 467 22.25 29.71 -9.52
C ALA D 467 20.77 29.89 -9.23
N GLY D 468 20.21 29.04 -8.36
CA GLY D 468 18.82 29.20 -7.97
C GLY D 468 18.57 30.51 -7.26
N ILE D 469 19.46 30.89 -6.34
CA ILE D 469 19.31 32.17 -5.65
C ILE D 469 19.44 33.33 -6.62
N GLN D 470 20.38 33.24 -7.56
CA GLN D 470 20.54 34.29 -8.57
C GLN D 470 19.29 34.45 -9.40
N HIS D 471 18.71 33.33 -9.85
CA HIS D 471 17.50 33.39 -10.67
C HIS D 471 16.32 33.92 -9.86
N SER D 472 16.21 33.53 -8.59
CA SER D 472 15.12 34.03 -7.76
C SER D 472 15.24 35.53 -7.53
N CYS D 473 16.46 36.02 -7.29
CA CYS D 473 16.66 37.46 -7.14
C CYS D 473 16.36 38.20 -8.44
N GLN D 474 16.72 37.60 -9.58
CA GLN D 474 16.40 38.21 -10.87
C GLN D 474 14.90 38.32 -11.07
N ASP D 475 14.17 37.25 -10.73
CA ASP D 475 12.72 37.28 -10.87
C ASP D 475 12.10 38.29 -9.91
N ILE D 476 12.63 38.40 -8.69
CA ILE D 476 12.17 39.40 -7.74
C ILE D 476 12.41 40.81 -8.28
N GLY D 477 13.53 41.01 -8.97
CA GLY D 477 13.87 42.32 -9.48
C GLY D 477 14.95 43.04 -8.72
N ALA D 478 15.71 42.33 -7.89
CA ALA D 478 16.79 42.90 -7.10
C ALA D 478 18.13 42.40 -7.64
N LYS D 479 19.08 43.31 -7.78
CA LYS D 479 20.41 42.96 -8.27
C LYS D 479 21.37 42.59 -7.14
N SER D 480 20.91 42.58 -5.89
CA SER D 480 21.76 42.15 -4.79
C SER D 480 20.91 41.69 -3.63
N LEU D 481 21.49 40.82 -2.81
CA LEU D 481 20.80 40.33 -1.62
C LEU D 481 20.62 41.43 -0.58
N THR D 482 21.47 42.46 -0.61
CA THR D 482 21.22 43.63 0.20
C THR D 482 20.05 44.44 -0.34
N GLN D 483 19.96 44.55 -1.67
CA GLN D 483 18.87 45.32 -2.27
C GLN D 483 17.52 44.67 -2.01
N VAL D 484 17.46 43.33 -2.03
CA VAL D 484 16.17 42.67 -1.81
C VAL D 484 15.66 42.95 -0.40
N ARG D 485 16.55 42.93 0.60
CA ARG D 485 16.16 43.28 1.95
C ARG D 485 15.81 44.77 2.04
N ALA D 486 16.50 45.60 1.27
CA ALA D 486 16.19 47.03 1.26
C ALA D 486 14.76 47.27 0.79
N MET D 487 14.37 46.63 -0.31
CA MET D 487 13.00 46.83 -0.80
C MET D 487 11.98 46.14 0.10
N MET D 488 12.35 45.03 0.74
CA MET D 488 11.44 44.41 1.70
C MET D 488 11.15 45.36 2.85
N TYR D 489 12.18 46.03 3.37
CA TYR D 489 11.95 46.96 4.48
C TYR D 489 11.23 48.22 4.03
N SER D 490 11.57 48.73 2.84
CA SER D 490 10.92 49.94 2.35
C SER D 490 9.48 49.68 1.89
N GLY D 491 9.09 48.43 1.69
CA GLY D 491 7.75 48.11 1.25
C GLY D 491 7.59 48.00 -0.25
N GLU D 492 8.65 48.20 -1.03
CA GLU D 492 8.57 48.01 -2.46
C GLU D 492 8.33 46.54 -2.81
N LEU D 493 8.97 45.64 -2.09
CA LEU D 493 8.74 44.21 -2.28
C LEU D 493 7.39 43.83 -1.70
N LYS D 494 6.66 42.98 -2.41
CA LYS D 494 5.32 42.56 -2.02
C LYS D 494 5.25 41.05 -1.89
N PHE D 495 4.36 40.60 -1.00
CA PHE D 495 4.16 39.18 -0.72
C PHE D 495 2.68 38.86 -0.84
N GLU D 496 2.40 37.58 -1.07
CA GLU D 496 1.02 37.13 -1.18
C GLU D 496 0.87 35.85 -0.36
N LYS D 497 -0.10 35.85 0.56
CA LYS D 497 -0.38 34.66 1.35
C LYS D 497 -1.22 33.68 0.54
N ARG D 498 -0.80 32.43 0.49
CA ARG D 498 -1.45 31.41 -0.32
C ARG D 498 -2.01 30.31 0.58
N THR D 499 -3.21 29.84 0.25
CA THR D 499 -3.89 28.84 1.06
C THR D 499 -3.33 27.45 0.78
N SER D 500 -3.94 26.46 1.43
CA SER D 500 -3.49 25.08 1.29
C SER D 500 -3.68 24.57 -0.14
N SER D 501 -4.81 24.90 -0.75
CA SER D 501 -5.07 24.48 -2.12
C SER D 501 -4.07 25.11 -3.09
N ALA D 502 -3.73 26.39 -2.86
CA ALA D 502 -2.75 27.05 -3.70
C ALA D 502 -1.38 26.38 -3.61
N GLN D 503 -1.02 25.86 -2.44
CA GLN D 503 0.23 25.11 -2.31
C GLN D 503 0.21 23.85 -3.16
N VAL D 504 -0.91 23.13 -3.14
CA VAL D 504 -1.05 21.92 -3.95
C VAL D 504 -0.94 22.27 -5.44
N GLU D 505 -1.60 23.36 -5.85
CA GLU D 505 -1.49 23.81 -7.23
C GLU D 505 -0.06 24.19 -7.60
N GLY D 506 0.66 24.85 -6.69
CA GLY D 506 2.03 25.23 -6.95
C GLY D 506 3.00 24.07 -6.94
N GLY D 507 2.60 22.95 -6.34
CA GLY D 507 3.38 21.72 -6.45
C GLY D 507 3.10 20.98 -7.74
N VAL D 508 3.69 19.80 -7.85
CA VAL D 508 3.46 18.96 -9.03
C VAL D 508 2.10 18.27 -8.89
N HIS D 509 1.31 18.33 -9.95
CA HIS D 509 -0.01 17.72 -9.95
C HIS D 509 -0.41 17.37 -11.38
N SER D 510 -1.51 16.63 -11.50
CA SER D 510 -2.08 16.24 -12.80
C SER D 510 -1.11 15.38 -13.61
N LEU D 511 -0.25 14.63 -12.93
CA LEU D 511 0.69 13.71 -13.57
C LEU D 511 0.57 12.34 -12.93
N HIS D 512 0.64 11.31 -13.78
CA HIS D 512 0.65 9.93 -13.27
C HIS D 512 1.98 9.62 -12.61
N SER D 513 3.09 10.00 -13.25
CA SER D 513 4.42 9.85 -12.70
C SER D 513 5.29 10.93 -13.33
N TYR D 514 6.40 11.24 -12.66
CA TYR D 514 7.24 12.34 -13.13
C TYR D 514 8.67 12.16 -12.66
N GLU D 515 9.53 13.01 -13.19
CA GLU D 515 10.98 12.93 -13.01
C GLU D 515 11.47 14.31 -12.60
N LYS D 516 12.23 14.37 -11.50
CA LYS D 516 12.51 15.66 -10.85
C LYS D 516 14.03 15.84 -10.75
N ARG D 517 14.68 15.68 -11.89
CA ARG D 517 16.08 16.09 -12.01
C ARG D 517 16.17 17.61 -11.96
N LEU D 518 17.09 18.13 -11.15
CA LEU D 518 17.24 19.57 -10.99
C LEU D 518 18.49 20.12 -11.66
N PHE D 519 19.57 19.36 -11.71
CA PHE D 519 20.81 19.80 -12.35
C PHE D 519 21.73 18.61 -12.61
N SER E 16 -16.28 -47.36 -28.26
CA SER E 16 -16.03 -47.82 -26.91
C SER E 16 -14.54 -47.93 -26.63
N TYR E 17 -13.74 -47.28 -27.48
CA TYR E 17 -12.28 -47.29 -27.29
C TYR E 17 -11.90 -46.56 -26.00
N VAL E 18 -12.42 -45.34 -25.83
CA VAL E 18 -12.19 -44.53 -24.63
C VAL E 18 -10.70 -44.40 -24.38
N PRO E 19 -9.98 -43.59 -25.15
CA PRO E 19 -8.52 -43.49 -24.99
C PRO E 19 -8.14 -43.09 -23.57
N ASP E 20 -7.08 -43.71 -23.06
CA ASP E 20 -6.62 -43.43 -21.70
C ASP E 20 -5.99 -42.04 -21.66
N ASP E 21 -6.41 -41.25 -20.69
CA ASP E 21 -5.92 -39.87 -20.58
C ASP E 21 -6.17 -39.39 -19.15
N GLY E 22 -5.10 -39.06 -18.44
CA GLY E 22 -5.19 -38.64 -17.06
C GLY E 22 -4.83 -39.74 -16.09
N LEU E 23 -4.69 -39.34 -14.83
CA LEU E 23 -4.30 -40.25 -13.77
C LEU E 23 -5.49 -40.62 -12.90
N THR E 24 -5.50 -41.87 -12.42
CA THR E 24 -6.50 -42.30 -11.47
C THR E 24 -6.16 -41.76 -10.08
N ALA E 25 -7.10 -41.93 -9.15
CA ALA E 25 -6.86 -41.47 -7.77
C ALA E 25 -5.70 -42.22 -7.14
N GLN E 26 -5.62 -43.54 -7.38
CA GLN E 26 -4.52 -44.33 -6.84
C GLN E 26 -3.17 -43.86 -7.38
N GLN E 27 -3.12 -43.54 -8.68
CA GLN E 27 -1.89 -43.02 -9.26
C GLN E 27 -1.56 -41.62 -8.75
N LEU E 28 -2.59 -40.81 -8.47
CA LEU E 28 -2.35 -39.44 -8.05
C LEU E 28 -1.85 -39.37 -6.61
N PHE E 29 -2.42 -40.18 -5.73
CA PHE E 29 -2.12 -40.08 -4.31
C PHE E 29 -1.10 -41.11 -3.82
N ASN E 30 -0.50 -41.89 -4.71
CA ASN E 30 0.63 -42.73 -4.33
C ASN E 30 1.98 -42.11 -4.70
N CYS E 31 1.99 -40.87 -5.19
CA CYS E 31 3.21 -40.23 -5.63
C CYS E 31 4.13 -39.83 -4.48
N GLY E 32 3.66 -39.89 -3.25
CA GLY E 32 4.50 -39.59 -2.10
C GLY E 32 4.65 -38.12 -1.78
N ASP E 33 3.70 -37.28 -2.20
CA ASP E 33 3.72 -35.87 -1.88
C ASP E 33 2.31 -35.45 -1.47
N GLY E 34 2.24 -34.35 -0.74
CA GLY E 34 0.98 -33.91 -0.16
C GLY E 34 0.14 -33.03 -1.07
N LEU E 35 -0.86 -33.62 -1.71
CA LEU E 35 -1.79 -32.85 -2.51
C LEU E 35 -2.90 -32.29 -1.65
N THR E 36 -3.37 -31.10 -2.00
CA THR E 36 -4.53 -30.47 -1.40
C THR E 36 -5.59 -30.27 -2.48
N TYR E 37 -6.70 -29.61 -2.12
CA TYR E 37 -7.77 -29.42 -3.08
C TYR E 37 -7.36 -28.52 -4.24
N ASN E 38 -6.37 -27.66 -4.05
CA ASN E 38 -6.02 -26.68 -5.07
C ASN E 38 -5.21 -27.28 -6.21
N ASP E 39 -4.32 -28.25 -5.93
CA ASP E 39 -3.34 -28.69 -6.91
C ASP E 39 -3.71 -29.98 -7.61
N PHE E 40 -5.00 -30.20 -7.88
CA PHE E 40 -5.42 -31.25 -8.80
C PHE E 40 -6.82 -30.91 -9.29
N LEU E 41 -7.21 -31.56 -10.39
CA LEU E 41 -8.51 -31.34 -11.02
C LEU E 41 -9.13 -32.67 -11.39
N ILE E 42 -10.41 -32.64 -11.74
CA ILE E 42 -11.14 -33.80 -12.23
C ILE E 42 -11.43 -33.60 -13.70
N LEU E 43 -11.03 -34.57 -14.52
CA LEU E 43 -11.21 -34.43 -15.96
C LEU E 43 -12.68 -34.57 -16.33
N PRO E 44 -13.14 -33.85 -17.35
CA PRO E 44 -14.54 -33.94 -17.75
C PRO E 44 -14.91 -35.32 -18.26
N GLY E 45 -16.18 -35.67 -18.10
CA GLY E 45 -16.68 -36.95 -18.57
C GLY E 45 -17.70 -36.83 -19.68
N TYR E 46 -18.72 -37.67 -19.64
CA TYR E 46 -19.77 -37.69 -20.67
C TYR E 46 -21.10 -37.31 -20.03
N ILE E 47 -21.80 -36.38 -20.65
CA ILE E 47 -23.07 -35.86 -20.14
C ILE E 47 -24.21 -36.48 -20.95
N ASP E 48 -25.14 -37.13 -20.27
CA ASP E 48 -26.33 -37.68 -20.91
C ASP E 48 -27.57 -37.47 -20.07
N PHE E 49 -27.59 -36.40 -19.26
CA PHE E 49 -28.72 -36.10 -18.40
C PHE E 49 -28.68 -34.61 -18.07
N THR E 50 -29.82 -34.10 -17.63
CA THR E 50 -29.92 -32.68 -17.28
C THR E 50 -29.20 -32.41 -15.97
N ALA E 51 -28.77 -31.16 -15.79
CA ALA E 51 -27.99 -30.79 -14.62
C ALA E 51 -28.80 -30.97 -13.33
N ASP E 52 -30.06 -30.56 -13.34
CA ASP E 52 -30.90 -30.68 -12.15
C ASP E 52 -31.52 -32.07 -12.03
N GLN E 53 -30.68 -33.10 -12.10
CA GLN E 53 -31.12 -34.48 -11.93
C GLN E 53 -30.21 -35.30 -11.02
N VAL E 54 -29.05 -34.76 -10.62
CA VAL E 54 -28.10 -35.53 -9.83
C VAL E 54 -28.67 -35.78 -8.44
N ASP E 55 -28.63 -37.04 -8.01
CA ASP E 55 -29.08 -37.40 -6.68
C ASP E 55 -27.96 -37.13 -5.67
N LEU E 56 -28.27 -36.35 -4.64
CA LEU E 56 -27.28 -35.95 -3.65
C LEU E 56 -27.39 -36.74 -2.34
N THR E 57 -28.10 -37.86 -2.35
CA THR E 57 -28.24 -38.65 -1.13
C THR E 57 -26.87 -39.13 -0.65
N SER E 58 -26.62 -38.97 0.64
CA SER E 58 -25.35 -39.36 1.23
C SER E 58 -25.59 -39.92 2.62
N ALA E 59 -24.67 -40.77 3.07
CA ALA E 59 -24.77 -41.41 4.37
C ALA E 59 -23.87 -40.69 5.36
N LEU E 60 -24.47 -40.10 6.40
CA LEU E 60 -23.68 -39.50 7.47
C LEU E 60 -22.97 -40.56 8.31
N THR E 61 -23.71 -41.58 8.73
CA THR E 61 -23.17 -42.68 9.50
C THR E 61 -23.65 -43.98 8.88
N LYS E 62 -23.42 -45.09 9.59
CA LYS E 62 -23.91 -46.38 9.12
C LYS E 62 -25.43 -46.46 9.13
N LYS E 63 -26.09 -45.67 9.97
CA LYS E 63 -27.54 -45.75 10.13
C LYS E 63 -28.29 -44.48 9.78
N ILE E 64 -27.63 -43.35 9.62
CA ILE E 64 -28.28 -42.08 9.33
C ILE E 64 -27.83 -41.58 7.96
N THR E 65 -28.79 -41.27 7.10
CA THR E 65 -28.54 -40.75 5.76
C THR E 65 -29.17 -39.38 5.63
N LEU E 66 -28.51 -38.50 4.87
CA LEU E 66 -28.98 -37.14 4.67
C LEU E 66 -29.26 -36.92 3.19
N LYS E 67 -30.20 -36.02 2.90
CA LYS E 67 -30.50 -35.68 1.52
C LYS E 67 -29.39 -34.86 0.87
N THR E 68 -28.56 -34.20 1.66
CA THR E 68 -27.43 -33.42 1.16
C THR E 68 -26.20 -33.77 2.00
N PRO E 69 -25.00 -33.69 1.41
CA PRO E 69 -23.78 -34.02 2.17
C PRO E 69 -23.28 -32.89 3.05
N LEU E 70 -24.07 -31.85 3.30
CA LEU E 70 -23.60 -30.65 3.98
C LEU E 70 -23.81 -30.77 5.48
N VAL E 71 -22.76 -30.46 6.24
CA VAL E 71 -22.77 -30.55 7.70
C VAL E 71 -22.09 -29.31 8.26
N SER E 72 -22.59 -28.81 9.38
CA SER E 72 -22.02 -27.63 10.03
C SER E 72 -21.12 -28.05 11.18
N SER E 73 -20.02 -27.32 11.36
CA SER E 73 -19.03 -27.68 12.36
C SER E 73 -19.55 -27.38 13.77
N PRO E 74 -19.21 -28.22 14.75
CA PRO E 74 -19.62 -27.94 16.13
C PRO E 74 -18.70 -26.94 16.81
N MET E 75 -18.87 -25.65 16.53
CA MET E 75 -18.09 -24.60 17.17
C MET E 75 -19.02 -23.48 17.62
N ASP E 76 -18.64 -22.83 18.72
CA ASP E 76 -19.53 -21.88 19.41
C ASP E 76 -19.85 -20.66 18.57
N THR E 77 -19.11 -20.40 17.50
CA THR E 77 -19.35 -19.25 16.64
C THR E 77 -19.97 -19.64 15.30
N VAL E 78 -20.49 -20.86 15.19
CA VAL E 78 -21.09 -21.34 13.94
C VAL E 78 -22.49 -21.87 14.18
N THR E 79 -22.64 -22.81 15.12
CA THR E 79 -23.90 -23.51 15.31
C THR E 79 -24.28 -23.56 16.78
N GLU E 80 -25.36 -22.87 17.15
CA GLU E 80 -25.91 -23.04 18.49
C GLU E 80 -27.31 -23.61 18.47
N ALA E 81 -28.28 -22.89 17.91
CA ALA E 81 -29.60 -23.48 17.64
C ALA E 81 -30.11 -23.11 16.25
N GLY E 82 -29.91 -21.84 15.87
CA GLY E 82 -30.44 -21.37 14.61
C GLY E 82 -29.78 -22.03 13.42
N MET E 83 -28.45 -22.14 13.46
CA MET E 83 -27.73 -22.80 12.39
C MET E 83 -28.14 -24.26 12.28
N ALA E 84 -28.30 -24.94 13.42
CA ALA E 84 -28.70 -26.34 13.38
C ALA E 84 -30.10 -26.50 12.80
N ILE E 85 -31.04 -25.65 13.20
CA ILE E 85 -32.40 -25.73 12.68
C ILE E 85 -32.40 -25.47 11.18
N ALA E 86 -31.69 -24.43 10.74
CA ALA E 86 -31.67 -24.08 9.33
C ALA E 86 -30.99 -25.16 8.49
N MET E 87 -29.88 -25.72 8.98
CA MET E 87 -29.20 -26.80 8.26
C MET E 87 -30.08 -28.03 8.17
N ALA E 88 -30.81 -28.35 9.24
CA ALA E 88 -31.73 -29.48 9.19
C ALA E 88 -32.85 -29.22 8.19
N LEU E 89 -33.32 -27.97 8.11
CA LEU E 89 -34.40 -27.64 7.20
C LEU E 89 -33.93 -27.55 5.75
N THR E 90 -32.63 -27.42 5.51
CA THR E 90 -32.10 -27.33 4.15
C THR E 90 -31.60 -28.67 3.61
N GLY E 91 -31.86 -29.76 4.31
CA GLY E 91 -31.50 -31.09 3.84
C GLY E 91 -30.34 -31.76 4.55
N GLY E 92 -29.55 -31.01 5.33
CA GLY E 92 -28.48 -31.57 6.12
C GLY E 92 -28.83 -31.66 7.58
N ILE E 93 -27.81 -31.63 8.43
CA ILE E 93 -27.99 -31.52 9.87
C ILE E 93 -26.87 -30.62 10.42
N GLY E 94 -26.90 -30.39 11.73
CA GLY E 94 -25.89 -29.62 12.40
C GLY E 94 -25.41 -30.30 13.68
N PHE E 95 -24.28 -29.82 14.18
CA PHE E 95 -23.70 -30.30 15.43
C PHE E 95 -23.49 -29.11 16.35
N ILE E 96 -23.79 -29.30 17.63
CA ILE E 96 -23.77 -28.22 18.61
C ILE E 96 -22.52 -28.35 19.47
N HIS E 97 -21.82 -27.24 19.67
CA HIS E 97 -20.56 -27.25 20.41
C HIS E 97 -20.79 -27.60 21.87
N HIS E 98 -19.70 -27.98 22.54
CA HIS E 98 -19.70 -28.23 23.97
C HIS E 98 -18.98 -27.14 24.76
N ASN E 99 -18.79 -25.96 24.17
CA ASN E 99 -18.19 -24.83 24.88
C ASN E 99 -19.22 -24.08 25.73
N CYS E 100 -19.96 -24.82 26.56
CA CYS E 100 -21.03 -24.25 27.37
C CYS E 100 -21.45 -25.28 28.39
N THR E 101 -22.30 -24.86 29.31
CA THR E 101 -22.78 -25.77 30.34
C THR E 101 -23.61 -26.89 29.72
N PRO E 102 -23.53 -28.10 30.27
CA PRO E 102 -24.32 -29.21 29.72
C PRO E 102 -25.81 -28.94 29.71
N GLU E 103 -26.32 -28.23 30.71
CA GLU E 103 -27.73 -27.88 30.73
C GLU E 103 -28.09 -26.99 29.54
N PHE E 104 -27.26 -25.99 29.25
CA PHE E 104 -27.50 -25.12 28.11
C PHE E 104 -27.42 -25.89 26.80
N GLN E 105 -26.43 -26.77 26.68
CA GLN E 105 -26.28 -27.54 25.45
C GLN E 105 -27.48 -28.45 25.22
N ALA E 106 -27.97 -29.11 26.28
CA ALA E 106 -29.16 -29.94 26.15
C ALA E 106 -30.39 -29.09 25.85
N ASN E 107 -30.47 -27.88 26.41
CA ASN E 107 -31.59 -26.99 26.12
C ASN E 107 -31.60 -26.61 24.65
N GLU E 108 -30.43 -26.32 24.09
CA GLU E 108 -30.37 -26.00 22.66
C GLU E 108 -30.70 -27.19 21.79
N VAL E 109 -30.28 -28.40 22.21
CA VAL E 109 -30.65 -29.60 21.48
C VAL E 109 -32.17 -29.78 21.48
N ARG E 110 -32.79 -29.59 22.65
CA ARG E 110 -34.24 -29.72 22.74
C ARG E 110 -34.94 -28.66 21.90
N LYS E 111 -34.41 -27.43 21.89
CA LYS E 111 -34.98 -26.38 21.07
C LYS E 111 -34.94 -26.74 19.59
N VAL E 112 -33.83 -27.35 19.15
CA VAL E 112 -33.76 -27.82 17.78
C VAL E 112 -34.79 -28.92 17.53
N LYS E 113 -34.90 -29.86 18.47
CA LYS E 113 -35.75 -31.04 18.27
C LYS E 113 -37.22 -30.65 18.20
N LYS E 114 -37.64 -29.68 19.02
CA LYS E 114 -39.05 -29.34 19.16
C LYS E 114 -39.55 -28.37 18.08
N TYR E 115 -38.77 -28.13 17.04
CA TYR E 115 -39.12 -27.09 16.08
C TYR E 115 -40.31 -27.50 15.20
N GLU E 116 -40.47 -28.80 14.91
CA GLU E 116 -41.42 -29.21 13.88
C GLU E 116 -42.21 -30.47 14.23
N GLN E 117 -42.06 -31.05 15.43
CA GLN E 117 -42.51 -32.43 15.56
C GLN E 117 -44.02 -32.55 15.37
N GLY E 118 -44.41 -33.50 14.54
CA GLY E 118 -45.81 -33.85 14.43
C GLY E 118 -46.27 -34.70 15.61
N PHE E 119 -47.56 -34.64 15.89
CA PHE E 119 -48.17 -35.36 17.00
C PHE E 119 -47.54 -34.93 18.33
N ILE E 120 -47.63 -33.63 18.61
CA ILE E 120 -46.96 -33.01 19.76
C ILE E 120 -47.44 -33.65 21.06
N THR E 121 -46.53 -34.32 21.76
CA THR E 121 -46.83 -34.95 23.03
C THR E 121 -46.30 -34.09 24.17
N ASP E 122 -46.99 -34.14 25.31
CA ASP E 122 -46.79 -33.24 26.44
C ASP E 122 -46.51 -31.79 26.05
N PRO E 123 -47.47 -31.11 25.42
CA PRO E 123 -47.30 -29.68 25.13
C PRO E 123 -47.56 -28.83 26.37
N VAL E 124 -47.46 -27.51 26.17
CA VAL E 124 -47.73 -26.57 27.26
C VAL E 124 -49.24 -26.41 27.44
N VAL E 125 -49.72 -26.61 28.67
CA VAL E 125 -51.14 -26.51 28.99
C VAL E 125 -51.31 -25.66 30.26
N LEU E 126 -52.55 -25.23 30.49
CA LEU E 126 -52.89 -24.41 31.65
C LEU E 126 -54.26 -24.81 32.21
N SER E 127 -54.54 -24.31 33.42
CA SER E 127 -55.78 -24.52 34.14
C SER E 127 -56.74 -23.37 33.91
N PRO E 128 -58.05 -23.60 34.12
CA PRO E 128 -59.03 -22.51 33.94
C PRO E 128 -58.90 -21.37 34.93
N LYS E 129 -57.87 -21.40 35.79
CA LYS E 129 -57.63 -20.33 36.75
C LYS E 129 -56.30 -19.62 36.54
N ASP E 130 -55.54 -19.95 35.50
CA ASP E 130 -54.25 -19.33 35.25
C ASP E 130 -54.47 -18.05 34.44
N ARG E 131 -54.10 -16.91 35.03
CA ARG E 131 -54.43 -15.61 34.45
C ARG E 131 -53.61 -15.33 33.20
N VAL E 132 -54.11 -14.41 32.37
CA VAL E 132 -53.50 -14.12 31.08
C VAL E 132 -52.09 -13.55 31.23
N ARG E 133 -51.74 -13.03 32.40
CA ARG E 133 -50.38 -12.55 32.62
C ARG E 133 -49.36 -13.67 32.39
N ASP E 134 -49.61 -14.85 32.95
CA ASP E 134 -48.68 -15.95 32.73
C ASP E 134 -48.83 -16.55 31.33
N VAL E 135 -49.98 -16.35 30.67
CA VAL E 135 -50.08 -16.72 29.24
C VAL E 135 -49.11 -15.88 28.42
N PHE E 136 -49.06 -14.58 28.70
CA PHE E 136 -48.14 -13.72 27.97
C PHE E 136 -46.69 -14.03 28.32
N GLU E 137 -46.41 -14.36 29.58
CA GLU E 137 -45.08 -14.84 29.92
C GLU E 137 -44.75 -16.13 29.18
N ALA E 138 -45.73 -17.02 29.01
CA ALA E 138 -45.52 -18.27 28.30
C ALA E 138 -45.20 -18.02 26.83
N LYS E 139 -45.92 -17.09 26.19
CA LYS E 139 -45.59 -16.79 24.80
C LYS E 139 -44.22 -16.12 24.69
N ALA E 140 -43.87 -15.26 25.64
CA ALA E 140 -42.56 -14.61 25.61
C ALA E 140 -41.43 -15.61 25.83
N ARG E 141 -41.68 -16.70 26.56
CA ARG E 141 -40.65 -17.71 26.82
C ARG E 141 -40.58 -18.75 25.71
N HIS E 142 -41.70 -19.41 25.42
CA HIS E 142 -41.73 -20.54 24.51
C HIS E 142 -41.90 -20.15 23.04
N GLY E 143 -42.53 -19.01 22.75
CA GLY E 143 -42.69 -18.59 21.38
C GLY E 143 -43.97 -19.05 20.69
N PHE E 144 -44.97 -19.50 21.44
CA PHE E 144 -46.23 -19.92 20.85
C PHE E 144 -47.36 -19.71 21.86
N CYS E 145 -48.60 -19.76 21.41
CA CYS E 145 -49.73 -19.53 22.30
C CYS E 145 -50.82 -20.58 22.25
N GLY E 146 -50.79 -21.43 21.24
CA GLY E 146 -51.85 -22.41 21.07
C GLY E 146 -51.89 -23.42 22.19
N ILE E 147 -52.43 -23.02 23.33
CA ILE E 147 -52.24 -23.69 24.61
C ILE E 147 -53.55 -24.37 24.99
N PRO E 148 -53.61 -25.70 25.06
CA PRO E 148 -54.83 -26.35 25.56
C PRO E 148 -55.02 -26.12 27.05
N ILE E 149 -56.27 -26.27 27.51
CA ILE E 149 -56.64 -25.96 28.89
C ILE E 149 -57.35 -27.16 29.50
N THR E 150 -56.95 -27.52 30.72
CA THR E 150 -57.47 -28.68 31.43
C THR E 150 -57.56 -28.36 32.92
N ASP E 151 -58.45 -29.06 33.63
CA ASP E 151 -58.85 -28.62 34.97
C ASP E 151 -57.72 -28.77 35.99
N THR E 152 -56.75 -29.65 35.75
CA THR E 152 -55.60 -29.76 36.64
C THR E 152 -54.46 -28.84 36.27
N GLY E 153 -54.45 -28.31 35.04
CA GLY E 153 -53.26 -27.64 34.54
C GLY E 153 -52.13 -28.58 34.23
N ARG E 154 -52.41 -29.89 34.19
CA ARG E 154 -51.39 -30.90 33.94
C ARG E 154 -51.93 -31.89 32.90
N MET E 155 -51.04 -32.77 32.45
CA MET E 155 -51.25 -33.45 31.18
C MET E 155 -52.28 -34.57 31.34
N GLY E 156 -52.43 -35.10 32.56
CA GLY E 156 -53.29 -36.23 32.84
C GLY E 156 -54.69 -35.95 33.36
N SER E 157 -55.49 -35.16 32.62
CA SER E 157 -56.85 -34.87 33.05
C SER E 157 -57.69 -34.46 31.83
N ARG E 158 -58.99 -34.28 32.08
CA ARG E 158 -59.94 -34.01 31.00
C ARG E 158 -59.63 -32.68 30.31
N LEU E 159 -59.90 -32.64 29.01
CA LEU E 159 -59.75 -31.41 28.24
C LEU E 159 -60.94 -30.50 28.53
N VAL E 160 -60.65 -29.22 28.83
CA VAL E 160 -61.69 -28.24 29.12
C VAL E 160 -61.85 -27.24 27.97
N GLY E 161 -60.75 -26.78 27.39
CA GLY E 161 -60.82 -25.81 26.32
C GLY E 161 -59.46 -25.55 25.70
N ILE E 162 -59.38 -24.49 24.90
CA ILE E 162 -58.14 -24.13 24.22
C ILE E 162 -58.12 -22.63 23.97
N ILE E 163 -56.91 -22.06 23.99
CA ILE E 163 -56.66 -20.67 23.61
C ILE E 163 -55.55 -20.64 22.58
N SER E 164 -55.56 -19.60 21.74
CA SER E 164 -54.40 -19.27 20.93
C SER E 164 -54.44 -17.76 20.66
N SER E 165 -53.60 -17.32 19.72
CA SER E 165 -53.27 -15.90 19.63
C SER E 165 -54.50 -15.02 19.41
N ARG E 166 -55.39 -15.41 18.47
CA ARG E 166 -56.54 -14.57 18.17
C ARG E 166 -57.46 -14.39 19.37
N ASP E 167 -57.45 -15.34 20.30
CA ASP E 167 -58.18 -15.22 21.55
C ASP E 167 -57.57 -14.19 22.50
N ILE E 168 -56.31 -13.81 22.30
CA ILE E 168 -55.62 -12.89 23.20
C ILE E 168 -54.89 -11.78 22.45
N ASP E 169 -55.22 -11.57 21.17
CA ASP E 169 -54.54 -10.54 20.40
C ASP E 169 -54.71 -9.15 21.00
N PHE E 170 -55.86 -8.88 21.63
CA PHE E 170 -56.21 -7.53 22.03
C PHE E 170 -56.59 -7.48 23.50
N LEU E 171 -56.00 -6.54 24.23
CA LEU E 171 -56.27 -6.28 25.63
C LEU E 171 -56.52 -4.78 25.81
N LYS E 172 -57.16 -4.43 26.92
CA LYS E 172 -57.45 -3.04 27.24
C LYS E 172 -56.18 -2.40 27.80
N GLU E 173 -56.32 -1.22 28.41
CA GLU E 173 -55.17 -0.53 29.02
C GLU E 173 -54.48 -1.47 30.00
N GLU E 174 -53.16 -1.31 30.13
CA GLU E 174 -52.26 -2.39 30.51
C GLU E 174 -52.57 -3.03 31.86
N GLU E 175 -53.55 -2.54 32.60
CA GLU E 175 -54.00 -3.25 33.80
C GLU E 175 -54.90 -4.42 33.42
N HIS E 176 -56.07 -4.10 32.86
CA HIS E 176 -57.09 -5.07 32.41
C HIS E 176 -57.25 -6.26 33.36
N ASP E 177 -57.63 -5.96 34.62
CA ASP E 177 -57.85 -6.97 35.66
C ASP E 177 -58.89 -8.01 35.22
N CYS E 178 -58.47 -9.27 35.07
CA CYS E 178 -59.37 -10.29 34.55
C CYS E 178 -58.96 -11.68 35.00
N PHE E 179 -59.97 -12.52 35.24
CA PHE E 179 -59.83 -13.98 35.34
C PHE E 179 -60.49 -14.59 34.11
N LEU E 180 -59.81 -15.54 33.46
CA LEU E 180 -60.28 -16.04 32.17
C LEU E 180 -61.52 -16.91 32.33
N GLU E 181 -62.66 -16.44 31.81
CA GLU E 181 -63.89 -17.20 31.85
C GLU E 181 -64.47 -17.45 30.46
N GLU E 182 -64.73 -16.38 29.70
CA GLU E 182 -65.30 -16.50 28.36
C GLU E 182 -64.26 -16.40 27.25
N ILE E 183 -62.99 -16.29 27.60
CA ILE E 183 -61.93 -16.13 26.60
C ILE E 183 -61.51 -17.45 25.97
N MET E 184 -61.57 -18.58 26.67
CA MET E 184 -61.18 -19.76 25.91
C MET E 184 -62.33 -20.26 25.05
N THR E 185 -61.97 -21.12 24.09
CA THR E 185 -62.95 -21.90 23.34
C THR E 185 -63.21 -23.19 24.11
N LYS E 186 -64.43 -23.37 24.59
CA LYS E 186 -64.76 -24.48 25.47
C LYS E 186 -64.93 -25.79 24.70
N ARG E 187 -64.88 -26.90 25.43
CA ARG E 187 -65.09 -28.23 24.86
C ARG E 187 -66.59 -28.47 24.70
N GLU E 188 -67.26 -27.52 24.04
CA GLU E 188 -68.65 -27.73 23.63
C GLU E 188 -68.72 -28.17 22.17
N ASP E 189 -67.84 -27.62 21.33
CA ASP E 189 -67.88 -27.90 19.90
C ASP E 189 -66.51 -28.04 19.24
N LEU E 190 -65.41 -27.98 19.99
CA LEU E 190 -64.09 -27.99 19.36
C LEU E 190 -63.75 -29.38 18.84
N VAL E 191 -63.20 -29.43 17.62
CA VAL E 191 -62.99 -30.70 16.91
C VAL E 191 -61.78 -31.42 17.47
N VAL E 192 -61.92 -32.74 17.65
CA VAL E 192 -60.91 -33.61 18.25
C VAL E 192 -60.79 -34.91 17.46
N ALA E 193 -59.57 -35.46 17.45
CA ALA E 193 -59.29 -36.82 16.97
C ALA E 193 -59.26 -37.78 18.15
N PRO E 194 -60.02 -38.88 18.12
CA PRO E 194 -59.92 -39.87 19.19
C PRO E 194 -58.56 -40.56 19.17
N ALA E 195 -58.13 -41.01 20.34
CA ALA E 195 -56.81 -41.64 20.47
C ALA E 195 -56.75 -42.95 19.70
N GLY E 196 -55.55 -43.30 19.25
CA GLY E 196 -55.33 -44.49 18.45
C GLY E 196 -55.34 -44.24 16.96
N ILE E 197 -55.90 -43.12 16.51
CA ILE E 197 -55.90 -42.77 15.09
C ILE E 197 -54.49 -42.39 14.67
N THR E 198 -54.05 -42.90 13.51
CA THR E 198 -52.68 -42.68 13.07
C THR E 198 -52.46 -41.26 12.56
N LEU E 199 -51.19 -40.90 12.41
CA LEU E 199 -50.80 -39.54 12.08
C LEU E 199 -51.37 -39.08 10.74
N LYS E 200 -51.37 -39.95 9.74
CA LYS E 200 -51.88 -39.57 8.43
C LYS E 200 -53.35 -39.19 8.49
N GLU E 201 -54.17 -40.02 9.14
CA GLU E 201 -55.61 -39.77 9.25
C GLU E 201 -55.90 -38.55 10.13
N ALA E 202 -55.15 -38.39 11.23
CA ALA E 202 -55.33 -37.23 12.08
C ALA E 202 -54.96 -35.94 11.34
N ASN E 203 -53.89 -35.99 10.55
CA ASN E 203 -53.51 -34.85 9.72
C ASN E 203 -54.63 -34.52 8.73
N GLU E 204 -55.22 -35.55 8.12
CA GLU E 204 -56.28 -35.31 7.16
C GLU E 204 -57.48 -34.63 7.81
N ILE E 205 -57.87 -35.07 9.00
CA ILE E 205 -59.05 -34.44 9.61
C ILE E 205 -58.71 -33.04 10.13
N LEU E 206 -57.44 -32.77 10.46
CA LEU E 206 -57.08 -31.38 10.76
C LEU E 206 -57.15 -30.51 9.52
N GLN E 207 -56.63 -31.01 8.40
CA GLN E 207 -56.66 -30.25 7.15
C GLN E 207 -58.09 -29.96 6.72
N ARG E 208 -58.98 -30.92 6.89
CA ARG E 208 -60.35 -30.69 6.50
C ARG E 208 -61.11 -29.96 7.58
N SER E 209 -60.43 -29.58 8.63
CA SER E 209 -61.09 -28.91 9.72
C SER E 209 -60.88 -27.43 9.70
N LYS E 210 -59.73 -27.02 9.17
CA LYS E 210 -59.29 -25.63 9.10
C LYS E 210 -59.41 -25.02 10.48
N LYS E 211 -58.84 -25.67 11.48
CA LYS E 211 -58.93 -25.18 12.83
C LYS E 211 -57.62 -24.75 13.42
N GLY E 212 -56.51 -25.07 12.78
CA GLY E 212 -55.26 -24.66 13.36
C GLY E 212 -54.63 -25.68 14.28
N LYS E 213 -55.40 -26.21 15.23
CA LYS E 213 -54.89 -27.15 16.23
C LYS E 213 -55.97 -28.17 16.53
N LEU E 214 -55.59 -29.45 16.61
CA LEU E 214 -56.55 -30.39 17.17
C LEU E 214 -55.87 -31.25 18.23
N PRO E 215 -56.54 -31.50 19.35
CA PRO E 215 -56.00 -32.45 20.33
C PRO E 215 -56.34 -33.89 20.01
N ILE E 216 -55.58 -34.79 20.62
CA ILE E 216 -55.82 -36.23 20.58
C ILE E 216 -56.32 -36.63 21.97
N VAL E 217 -57.49 -37.28 22.04
CA VAL E 217 -58.19 -37.48 23.29
C VAL E 217 -58.67 -38.93 23.42
N ASN E 218 -58.51 -39.50 24.61
CA ASN E 218 -58.87 -40.89 24.87
C ASN E 218 -60.33 -41.00 25.29
N GLU E 219 -60.75 -42.24 25.61
CA GLU E 219 -62.14 -42.53 25.93
C GLU E 219 -62.59 -41.97 27.28
N ASP E 220 -61.65 -41.50 28.11
CA ASP E 220 -61.98 -40.84 29.37
C ASP E 220 -61.80 -39.33 29.28
N ASP E 221 -61.78 -38.77 28.07
CA ASP E 221 -61.63 -37.36 27.76
C ASP E 221 -60.26 -36.79 28.12
N GLU E 222 -59.25 -37.64 28.34
CA GLU E 222 -57.91 -37.15 28.65
C GLU E 222 -57.18 -36.78 27.37
N LEU E 223 -56.51 -35.63 27.37
CA LEU E 223 -55.72 -35.18 26.23
C LEU E 223 -54.42 -35.98 26.17
N VAL E 224 -54.09 -36.48 24.99
CA VAL E 224 -52.88 -37.28 24.78
C VAL E 224 -51.82 -36.51 24.01
N ALA E 225 -52.22 -35.81 22.95
CA ALA E 225 -51.30 -35.08 22.08
C ALA E 225 -52.09 -34.06 21.29
N ILE E 226 -51.39 -33.16 20.61
CA ILE E 226 -52.01 -32.18 19.72
C ILE E 226 -51.23 -32.09 18.41
N ILE E 227 -51.90 -31.60 17.37
CA ILE E 227 -51.33 -31.45 16.04
C ILE E 227 -51.50 -29.99 15.62
N ALA E 228 -50.45 -29.41 15.04
CA ALA E 228 -50.46 -28.02 14.59
C ALA E 228 -50.43 -27.93 13.08
N ARG E 229 -51.18 -26.99 12.53
CA ARG E 229 -51.24 -26.79 11.08
C ARG E 229 -49.90 -26.31 10.54
N THR E 230 -49.19 -25.49 11.31
CA THR E 230 -47.90 -24.98 10.86
C THR E 230 -46.89 -26.08 10.63
N ASP E 231 -47.09 -27.26 11.24
CA ASP E 231 -46.22 -28.39 10.94
C ASP E 231 -46.37 -28.85 9.49
N LEU E 232 -47.60 -29.00 9.02
CA LEU E 232 -47.80 -29.37 7.62
C LEU E 232 -47.45 -28.22 6.67
N LYS E 233 -47.52 -26.97 7.16
CA LYS E 233 -46.97 -25.87 6.37
C LYS E 233 -45.46 -26.01 6.20
N LYS E 234 -44.76 -26.23 7.32
CA LYS E 234 -43.31 -26.35 7.31
C LYS E 234 -42.86 -27.53 6.46
N ASN E 235 -43.61 -28.65 6.53
CA ASN E 235 -43.32 -29.81 5.68
C ASN E 235 -43.13 -29.41 4.23
N ARG E 236 -44.16 -28.82 3.63
CA ARG E 236 -44.10 -28.51 2.22
C ARG E 236 -43.16 -27.36 1.92
N ASP E 237 -42.93 -26.46 2.88
CA ASP E 237 -41.99 -25.38 2.60
C ASP E 237 -40.54 -25.85 2.66
N TYR E 238 -40.27 -26.96 3.37
CA TYR E 238 -38.92 -27.52 3.50
C TYR E 238 -38.98 -29.01 3.20
N PRO E 239 -39.03 -29.38 1.92
CA PRO E 239 -39.28 -30.79 1.57
C PRO E 239 -38.11 -31.71 1.87
N LEU E 240 -36.89 -31.27 1.56
CA LEU E 240 -35.69 -32.04 1.87
C LEU E 240 -35.21 -31.65 3.27
N ALA E 241 -35.50 -32.50 4.26
CA ALA E 241 -35.01 -32.28 5.62
C ALA E 241 -34.52 -33.53 6.32
N SER E 242 -34.83 -34.74 5.83
CA SER E 242 -34.42 -36.01 6.44
C SER E 242 -34.82 -36.09 7.91
N LYS E 243 -36.09 -35.78 8.19
CA LYS E 243 -36.65 -35.91 9.54
C LYS E 243 -36.55 -37.35 10.02
N ASP E 244 -36.68 -37.54 11.35
CA ASP E 244 -36.61 -38.86 11.93
C ASP E 244 -37.99 -39.53 11.91
N ALA E 245 -38.07 -40.70 12.54
CA ALA E 245 -39.31 -41.49 12.51
C ALA E 245 -40.46 -40.75 13.17
N LYS E 246 -40.21 -40.12 14.31
CA LYS E 246 -41.22 -39.34 15.00
C LYS E 246 -41.33 -37.90 14.49
N LYS E 247 -40.83 -37.66 13.28
CA LYS E 247 -40.98 -36.37 12.58
C LYS E 247 -40.30 -35.24 13.33
N GLN E 248 -39.18 -35.53 13.99
CA GLN E 248 -38.35 -34.48 14.58
C GLN E 248 -37.06 -34.32 13.78
N LEU E 249 -36.58 -33.08 13.73
CA LEU E 249 -35.33 -32.81 13.04
C LEU E 249 -34.18 -33.48 13.78
N PRO E 250 -33.31 -34.20 13.07
CA PRO E 250 -32.15 -34.81 13.72
C PRO E 250 -31.15 -33.75 14.14
N CYS E 251 -30.51 -33.99 15.29
CA CYS E 251 -29.56 -33.04 15.84
C CYS E 251 -28.34 -33.78 16.37
N GLY E 252 -27.19 -33.15 16.25
CA GLY E 252 -25.96 -33.71 16.79
C GLY E 252 -25.32 -32.79 17.80
N ALA E 253 -24.50 -33.34 18.70
CA ALA E 253 -23.82 -32.56 19.70
C ALA E 253 -22.40 -33.06 19.87
N ALA E 254 -21.51 -32.15 20.25
CA ALA E 254 -20.11 -32.48 20.46
C ALA E 254 -19.82 -32.67 21.94
N ILE E 255 -19.01 -33.67 22.25
CA ILE E 255 -18.53 -33.89 23.61
C ILE E 255 -17.04 -34.22 23.55
N GLY E 256 -16.34 -33.93 24.65
CA GLY E 256 -14.96 -34.32 24.79
C GLY E 256 -14.83 -35.69 25.42
N THR E 257 -13.60 -36.05 25.75
CA THR E 257 -13.29 -37.35 26.32
C THR E 257 -13.13 -37.33 27.83
N HIS E 258 -13.44 -36.20 28.47
CA HIS E 258 -13.24 -36.07 29.91
C HIS E 258 -14.40 -36.72 30.68
N GLU E 259 -14.22 -36.83 31.99
CA GLU E 259 -15.17 -37.54 32.83
C GLU E 259 -16.53 -36.85 32.88
N ASP E 260 -16.56 -35.52 33.04
CA ASP E 260 -17.82 -34.80 33.12
C ASP E 260 -18.61 -34.87 31.82
N ASP E 261 -17.94 -35.17 30.71
CA ASP E 261 -18.64 -35.34 29.45
C ASP E 261 -19.51 -36.60 29.44
N LYS E 262 -19.31 -37.52 30.38
CA LYS E 262 -20.27 -38.61 30.56
C LYS E 262 -21.60 -38.08 31.05
N TYR E 263 -21.58 -37.18 32.04
CA TYR E 263 -22.81 -36.55 32.50
C TYR E 263 -23.42 -35.69 31.40
N ARG E 264 -22.57 -34.98 30.66
CA ARG E 264 -23.06 -34.20 29.52
C ARG E 264 -23.76 -35.09 28.50
N LEU E 265 -23.17 -36.26 28.22
CA LEU E 265 -23.77 -37.22 27.29
C LEU E 265 -25.08 -37.76 27.84
N ASP E 266 -25.16 -37.98 29.15
CA ASP E 266 -26.41 -38.42 29.73
C ASP E 266 -27.51 -37.39 29.52
N LEU E 267 -27.19 -36.11 29.74
CA LEU E 267 -28.17 -35.05 29.47
C LEU E 267 -28.53 -35.01 27.99
N LEU E 268 -27.57 -35.16 27.10
CA LEU E 268 -27.85 -35.12 25.67
C LEU E 268 -28.74 -36.29 25.24
N ALA E 269 -28.47 -37.49 25.76
CA ALA E 269 -29.29 -38.65 25.43
C ALA E 269 -30.69 -38.50 25.99
N GLN E 270 -30.83 -37.92 27.18
CA GLN E 270 -32.17 -37.62 27.68
C GLN E 270 -32.89 -36.62 26.79
N ALA E 271 -32.15 -35.61 26.29
CA ALA E 271 -32.74 -34.65 25.37
C ALA E 271 -33.09 -35.26 24.02
N GLY E 272 -32.44 -36.35 23.64
CA GLY E 272 -32.78 -37.07 22.43
C GLY E 272 -31.86 -36.89 21.25
N VAL E 273 -30.55 -36.77 21.48
CA VAL E 273 -29.62 -36.64 20.35
C VAL E 273 -29.57 -37.93 19.56
N ASP E 274 -29.44 -37.81 18.24
CA ASP E 274 -29.32 -38.98 17.38
C ASP E 274 -27.87 -39.35 17.08
N VAL E 275 -26.97 -38.36 17.09
CA VAL E 275 -25.54 -38.59 16.90
C VAL E 275 -24.78 -37.71 17.88
N VAL E 276 -23.68 -38.24 18.40
CA VAL E 276 -22.74 -37.45 19.19
C VAL E 276 -21.37 -37.56 18.54
N VAL E 277 -20.69 -36.42 18.41
CA VAL E 277 -19.38 -36.36 17.78
C VAL E 277 -18.34 -36.13 18.88
N LEU E 278 -17.23 -36.86 18.79
CA LEU E 278 -16.12 -36.70 19.73
C LEU E 278 -15.16 -35.67 19.17
N ASP E 279 -15.05 -34.53 19.84
CA ASP E 279 -14.36 -33.35 19.33
C ASP E 279 -12.99 -33.30 20.01
N SER E 280 -11.96 -33.75 19.30
CA SER E 280 -10.59 -33.71 19.78
C SER E 280 -9.66 -33.41 18.61
N SER E 281 -8.47 -32.89 18.95
CA SER E 281 -7.47 -32.63 17.92
C SER E 281 -6.99 -33.91 17.26
N GLN E 282 -6.73 -34.95 18.07
CA GLN E 282 -6.29 -36.24 17.56
C GLN E 282 -7.12 -37.31 18.25
N GLY E 283 -7.87 -38.10 17.45
CA GLY E 283 -8.79 -39.06 18.01
C GLY E 283 -8.18 -40.40 18.36
N ASN E 284 -6.91 -40.63 18.02
CA ASN E 284 -6.26 -41.91 18.27
C ASN E 284 -5.65 -41.87 19.67
N SER E 285 -6.48 -42.13 20.67
CA SER E 285 -6.06 -42.06 22.06
C SER E 285 -6.85 -43.05 22.91
N ILE E 286 -6.24 -43.43 24.04
CA ILE E 286 -6.91 -44.33 24.98
C ILE E 286 -8.18 -43.70 25.51
N PHE E 287 -8.15 -42.39 25.75
CA PHE E 287 -9.34 -41.70 26.26
C PHE E 287 -10.48 -41.78 25.25
N GLN E 288 -10.19 -41.53 23.98
CA GLN E 288 -11.21 -41.61 22.94
C GLN E 288 -11.75 -43.02 22.81
N ILE E 289 -10.87 -44.03 22.80
CA ILE E 289 -11.33 -45.40 22.63
C ILE E 289 -12.17 -45.83 23.83
N ASN E 290 -11.76 -45.45 25.03
CA ASN E 290 -12.52 -45.79 26.23
C ASN E 290 -13.88 -45.12 26.23
N MET E 291 -13.95 -43.85 25.82
CA MET E 291 -15.25 -43.20 25.73
C MET E 291 -16.13 -43.84 24.69
N ILE E 292 -15.55 -44.27 23.56
CA ILE E 292 -16.33 -44.95 22.53
C ILE E 292 -16.91 -46.25 23.08
N LYS E 293 -16.10 -47.04 23.78
CA LYS E 293 -16.61 -48.28 24.35
C LYS E 293 -17.68 -48.01 25.40
N TYR E 294 -17.48 -46.99 26.24
CA TYR E 294 -18.48 -46.65 27.25
C TYR E 294 -19.80 -46.25 26.61
N ILE E 295 -19.76 -45.43 25.56
CA ILE E 295 -20.98 -44.99 24.91
C ILE E 295 -21.66 -46.17 24.22
N LYS E 296 -20.88 -47.04 23.57
CA LYS E 296 -21.48 -48.18 22.90
C LYS E 296 -22.13 -49.13 23.89
N ASP E 297 -21.53 -49.29 25.08
CA ASP E 297 -22.12 -50.15 26.09
C ASP E 297 -23.39 -49.53 26.67
N LYS E 298 -23.34 -48.24 27.03
CA LYS E 298 -24.46 -47.62 27.73
C LYS E 298 -25.64 -47.35 26.80
N TYR E 299 -25.37 -46.86 25.59
CA TYR E 299 -26.39 -46.44 24.64
C TYR E 299 -26.17 -47.16 23.33
N PRO E 300 -26.65 -48.40 23.21
CA PRO E 300 -26.37 -49.19 22.00
C PRO E 300 -26.91 -48.57 20.72
N ASN E 301 -28.02 -47.84 20.77
CA ASN E 301 -28.66 -47.32 19.57
C ASN E 301 -28.20 -45.92 19.20
N LEU E 302 -27.22 -45.36 19.90
CA LEU E 302 -26.72 -44.03 19.62
C LEU E 302 -25.47 -44.11 18.74
N GLN E 303 -25.44 -43.30 17.68
CA GLN E 303 -24.31 -43.31 16.76
C GLN E 303 -23.21 -42.38 17.26
N VAL E 304 -21.96 -42.82 17.13
CA VAL E 304 -20.80 -42.07 17.56
C VAL E 304 -19.92 -41.79 16.36
N ILE E 305 -19.43 -40.56 16.26
CA ILE E 305 -18.49 -40.16 15.21
C ILE E 305 -17.14 -39.92 15.88
N GLY E 306 -16.12 -40.63 15.40
CA GLY E 306 -14.79 -40.51 15.95
C GLY E 306 -13.91 -39.57 15.13
N GLY E 307 -12.81 -39.17 15.73
CA GLY E 307 -11.87 -38.29 15.07
C GLY E 307 -11.21 -37.38 16.08
N ASN E 308 -10.33 -36.52 15.56
CA ASN E 308 -9.99 -36.39 14.15
C ASN E 308 -8.84 -37.32 13.79
N VAL E 309 -8.92 -37.95 12.61
CA VAL E 309 -7.89 -38.85 12.12
C VAL E 309 -7.52 -38.47 10.69
N VAL E 310 -6.27 -38.74 10.33
CA VAL E 310 -5.78 -38.40 9.00
C VAL E 310 -5.05 -39.58 8.37
N THR E 311 -4.80 -40.64 9.14
CA THR E 311 -4.05 -41.78 8.67
C THR E 311 -4.86 -43.06 8.86
N ALA E 312 -4.51 -44.06 8.05
CA ALA E 312 -5.19 -45.36 8.15
C ALA E 312 -4.88 -46.05 9.46
N ALA E 313 -3.67 -45.88 9.99
CA ALA E 313 -3.35 -46.46 11.30
C ALA E 313 -4.19 -45.82 12.40
N GLN E 314 -4.55 -44.54 12.27
CA GLN E 314 -5.46 -43.92 13.20
C GLN E 314 -6.88 -44.42 13.00
N ALA E 315 -7.31 -44.55 11.74
CA ALA E 315 -8.67 -44.99 11.46
C ALA E 315 -8.92 -46.41 11.94
N LYS E 316 -7.89 -47.26 11.90
CA LYS E 316 -8.05 -48.65 12.27
C LYS E 316 -8.44 -48.81 13.74
N ASN E 317 -7.80 -48.05 14.62
CA ASN E 317 -8.07 -48.17 16.05
C ASN E 317 -9.51 -47.77 16.37
N LEU E 318 -9.99 -46.69 15.76
CA LEU E 318 -11.35 -46.26 16.01
C LEU E 318 -12.38 -47.16 15.35
N ILE E 319 -12.08 -47.70 14.17
CA ILE E 319 -13.01 -48.62 13.53
C ILE E 319 -13.15 -49.90 14.35
N ASP E 320 -12.02 -50.42 14.85
CA ASP E 320 -12.08 -51.62 15.68
C ASP E 320 -12.86 -51.37 16.97
N ALA E 321 -12.81 -50.15 17.51
CA ALA E 321 -13.54 -49.84 18.73
C ALA E 321 -15.04 -49.75 18.50
N GLY E 322 -15.47 -49.64 17.24
CA GLY E 322 -16.87 -49.56 16.91
C GLY E 322 -17.38 -48.21 16.44
N VAL E 323 -16.51 -47.35 15.93
CA VAL E 323 -16.93 -46.04 15.45
C VAL E 323 -17.80 -46.19 14.21
N ASP E 324 -18.89 -45.44 14.16
CA ASP E 324 -19.83 -45.49 13.04
C ASP E 324 -19.51 -44.49 11.93
N ALA E 325 -18.67 -43.48 12.20
CA ALA E 325 -18.30 -42.52 11.17
C ALA E 325 -17.03 -41.81 11.60
N LEU E 326 -16.15 -41.57 10.64
CA LEU E 326 -14.85 -40.97 10.91
C LEU E 326 -14.83 -39.52 10.44
N ARG E 327 -14.12 -38.68 11.19
CA ARG E 327 -14.00 -37.26 10.89
C ARG E 327 -12.54 -36.99 10.53
N VAL E 328 -12.31 -36.47 9.32
CA VAL E 328 -10.97 -36.40 8.72
C VAL E 328 -10.54 -34.94 8.66
N GLY E 329 -9.38 -34.65 9.21
CA GLY E 329 -8.78 -33.34 9.18
C GLY E 329 -7.87 -33.15 10.37
N MET E 330 -6.74 -32.46 10.14
CA MET E 330 -5.80 -32.19 11.22
C MET E 330 -4.98 -30.96 10.84
N GLY E 331 -5.32 -29.82 11.45
CA GLY E 331 -4.56 -28.62 11.24
C GLY E 331 -4.73 -27.97 9.89
N SER E 332 -5.65 -28.46 9.08
CA SER E 332 -5.91 -27.89 7.76
C SER E 332 -7.03 -26.87 7.76
N GLY E 333 -7.64 -26.61 8.93
CA GLY E 333 -8.72 -25.66 9.00
C GLY E 333 -8.26 -24.23 8.80
N SER E 334 -9.22 -23.38 8.45
CA SER E 334 -8.98 -21.94 8.29
C SER E 334 -8.51 -21.32 9.59
N ILE E 335 -8.94 -21.90 10.72
CA ILE E 335 -8.73 -21.33 12.04
C ILE E 335 -7.59 -21.99 12.79
N CYS E 336 -7.04 -23.07 12.27
CA CYS E 336 -6.08 -23.87 13.01
C CYS E 336 -4.64 -23.41 12.75
N ILE E 337 -3.80 -23.58 13.77
CA ILE E 337 -2.38 -23.30 13.66
C ILE E 337 -1.60 -24.51 14.16
N THR E 338 -2.24 -25.67 14.18
CA THR E 338 -1.60 -26.88 14.69
C THR E 338 -0.38 -27.25 13.86
N GLN E 339 -0.47 -27.14 12.54
CA GLN E 339 0.67 -27.48 11.70
C GLN E 339 1.84 -26.54 11.92
N GLU E 340 1.59 -25.37 12.51
CA GLU E 340 2.68 -24.44 12.83
C GLU E 340 3.22 -24.66 14.23
N VAL E 341 2.36 -25.01 15.18
CA VAL E 341 2.78 -25.12 16.58
C VAL E 341 3.27 -26.52 16.91
N LEU E 342 2.45 -27.54 16.65
CA LEU E 342 2.79 -28.91 17.01
C LEU E 342 3.46 -29.68 15.89
N ALA E 343 3.53 -29.11 14.69
CA ALA E 343 4.18 -29.70 13.52
C ALA E 343 3.57 -31.02 13.10
N CYS E 344 2.31 -31.28 13.43
CA CYS E 344 1.62 -32.50 13.06
C CYS E 344 0.42 -32.18 12.19
N GLY E 345 0.08 -33.09 11.30
CA GLY E 345 -1.05 -32.92 10.41
C GLY E 345 -0.79 -33.61 9.08
N ARG E 346 -1.63 -33.27 8.10
CA ARG E 346 -1.55 -33.83 6.77
C ARG E 346 -2.33 -32.94 5.82
N PRO E 347 -1.92 -32.87 4.55
CA PRO E 347 -2.76 -32.18 3.55
C PRO E 347 -4.14 -32.82 3.45
N GLN E 348 -5.14 -31.97 3.21
CA GLN E 348 -6.54 -32.39 3.37
C GLN E 348 -6.93 -33.43 2.34
N ALA E 349 -6.58 -33.20 1.06
CA ALA E 349 -6.98 -34.13 0.01
C ALA E 349 -6.35 -35.50 0.20
N THR E 350 -5.06 -35.52 0.50
CA THR E 350 -4.37 -36.79 0.73
C THR E 350 -4.94 -37.51 1.93
N ALA E 351 -5.20 -36.78 3.03
CA ALA E 351 -5.76 -37.40 4.22
C ALA E 351 -7.15 -37.97 3.95
N VAL E 352 -7.98 -37.22 3.23
CA VAL E 352 -9.33 -37.69 2.94
C VAL E 352 -9.28 -38.95 2.10
N TYR E 353 -8.46 -38.96 1.04
CA TYR E 353 -8.37 -40.14 0.21
C TYR E 353 -7.85 -41.34 1.00
N LYS E 354 -6.81 -41.13 1.81
CA LYS E 354 -6.20 -42.26 2.51
C LYS E 354 -7.15 -42.84 3.54
N VAL E 355 -7.87 -42.00 4.28
CA VAL E 355 -8.81 -42.51 5.27
C VAL E 355 -10.02 -43.15 4.60
N SER E 356 -10.51 -42.55 3.51
CA SER E 356 -11.68 -43.10 2.84
C SER E 356 -11.38 -44.46 2.22
N GLU E 357 -10.17 -44.63 1.67
CA GLU E 357 -9.81 -45.91 1.07
C GLU E 357 -9.85 -47.03 2.10
N TYR E 358 -9.35 -46.76 3.31
CA TYR E 358 -9.36 -47.77 4.36
C TYR E 358 -10.77 -47.99 4.91
N ALA E 359 -11.52 -46.90 5.14
CA ALA E 359 -12.84 -47.04 5.74
C ALA E 359 -13.82 -47.71 4.79
N ARG E 360 -13.60 -47.58 3.48
CA ARG E 360 -14.46 -48.23 2.50
C ARG E 360 -14.48 -49.74 2.70
N ARG E 361 -13.36 -50.31 3.12
CA ARG E 361 -13.28 -51.76 3.33
C ARG E 361 -14.30 -52.23 4.35
N PHE E 362 -14.61 -51.42 5.35
CA PHE E 362 -15.54 -51.77 6.42
C PHE E 362 -16.85 -51.01 6.33
N GLY E 363 -17.08 -50.25 5.26
CA GLY E 363 -18.33 -49.56 5.07
C GLY E 363 -18.57 -48.40 6.01
N VAL E 364 -17.51 -47.78 6.52
CA VAL E 364 -17.62 -46.67 7.46
C VAL E 364 -17.51 -45.37 6.68
N PRO E 365 -18.54 -44.52 6.69
CA PRO E 365 -18.42 -43.21 6.04
C PRO E 365 -17.42 -42.31 6.76
N VAL E 366 -16.87 -41.36 6.00
CA VAL E 366 -15.96 -40.37 6.56
C VAL E 366 -16.52 -38.98 6.28
N ILE E 367 -16.15 -38.02 7.11
CA ILE E 367 -16.57 -36.63 6.97
C ILE E 367 -15.33 -35.80 6.68
N ALA E 368 -15.31 -35.14 5.53
CA ALA E 368 -14.22 -34.22 5.21
C ALA E 368 -14.41 -32.92 5.98
N ASP E 369 -13.52 -32.64 6.92
CA ASP E 369 -13.65 -31.53 7.84
C ASP E 369 -12.48 -30.58 7.69
N GLY E 370 -12.77 -29.29 7.55
CA GLY E 370 -11.74 -28.27 7.47
C GLY E 370 -11.16 -28.10 6.09
N GLY E 371 -10.81 -26.86 5.74
CA GLY E 371 -10.18 -26.59 4.47
C GLY E 371 -11.10 -26.51 3.28
N ILE E 372 -12.37 -26.18 3.49
CA ILE E 372 -13.35 -26.09 2.41
C ILE E 372 -13.59 -24.61 2.12
N GLN E 373 -13.21 -24.17 0.93
CA GLN E 373 -13.42 -22.79 0.50
C GLN E 373 -14.53 -22.64 -0.53
N ASN E 374 -14.65 -23.58 -1.46
CA ASN E 374 -15.53 -23.41 -2.60
C ASN E 374 -16.39 -24.66 -2.80
N VAL E 375 -17.41 -24.50 -3.65
CA VAL E 375 -18.18 -25.64 -4.11
C VAL E 375 -17.27 -26.61 -4.87
N GLY E 376 -16.24 -26.09 -5.53
CA GLY E 376 -15.26 -26.96 -6.15
C GLY E 376 -14.52 -27.80 -5.12
N HIS E 377 -14.17 -27.20 -3.98
CA HIS E 377 -13.56 -27.96 -2.90
C HIS E 377 -14.52 -29.02 -2.36
N ILE E 378 -15.80 -28.68 -2.22
CA ILE E 378 -16.78 -29.66 -1.77
C ILE E 378 -16.86 -30.83 -2.75
N ALA E 379 -16.91 -30.51 -4.04
CA ALA E 379 -16.99 -31.55 -5.07
C ALA E 379 -15.76 -32.43 -5.07
N LYS E 380 -14.57 -31.83 -4.93
CA LYS E 380 -13.34 -32.62 -4.88
C LYS E 380 -13.33 -33.54 -3.67
N ALA E 381 -13.71 -33.01 -2.50
CA ALA E 381 -13.73 -33.83 -1.29
C ALA E 381 -14.70 -34.99 -1.44
N LEU E 382 -15.87 -34.74 -2.01
CA LEU E 382 -16.83 -35.83 -2.22
C LEU E 382 -16.33 -36.84 -3.25
N ALA E 383 -15.64 -36.37 -4.29
CA ALA E 383 -15.12 -37.26 -5.30
C ALA E 383 -14.00 -38.13 -4.77
N LEU E 384 -13.23 -37.63 -3.81
CA LEU E 384 -12.11 -38.37 -3.25
C LEU E 384 -12.53 -39.43 -2.25
N GLY E 385 -13.82 -39.69 -2.07
CA GLY E 385 -14.28 -40.76 -1.22
C GLY E 385 -14.98 -40.34 0.06
N ALA E 386 -15.17 -39.04 0.29
CA ALA E 386 -15.91 -38.60 1.45
C ALA E 386 -17.41 -38.63 1.18
N SER E 387 -18.18 -38.94 2.22
CA SER E 387 -19.63 -39.01 2.11
C SER E 387 -20.31 -37.70 2.50
N THR E 388 -19.80 -37.01 3.52
CA THR E 388 -20.35 -35.73 3.95
C THR E 388 -19.21 -34.75 4.18
N VAL E 389 -19.54 -33.46 4.11
CA VAL E 389 -18.57 -32.38 4.24
C VAL E 389 -18.99 -31.49 5.41
N MET E 390 -18.05 -31.22 6.31
CA MET E 390 -18.28 -30.33 7.45
C MET E 390 -17.44 -29.08 7.25
N MET E 391 -18.07 -27.91 7.42
CA MET E 391 -17.40 -26.64 7.18
C MET E 391 -17.74 -25.66 8.29
N GLY E 392 -16.72 -24.99 8.81
CA GLY E 392 -16.94 -23.92 9.77
C GLY E 392 -16.96 -22.53 9.16
N SER E 393 -15.93 -22.22 8.39
CA SER E 393 -15.78 -20.86 7.86
C SER E 393 -16.81 -20.55 6.78
N LEU E 394 -17.23 -21.56 6.01
CA LEU E 394 -18.21 -21.33 4.95
C LEU E 394 -19.60 -21.05 5.52
N LEU E 395 -19.82 -21.27 6.81
CA LEU E 395 -21.08 -20.95 7.45
C LEU E 395 -20.98 -19.89 8.53
N ALA E 396 -19.77 -19.49 8.92
CA ALA E 396 -19.61 -18.42 9.91
C ALA E 396 -20.06 -17.10 9.32
N ALA E 397 -20.38 -16.15 10.22
CA ALA E 397 -20.88 -14.83 9.85
C ALA E 397 -22.14 -14.91 9.00
N THR E 398 -23.01 -15.86 9.32
CA THR E 398 -24.29 -15.97 8.65
C THR E 398 -25.39 -15.52 9.61
N THR E 399 -26.57 -15.24 9.04
CA THR E 399 -27.71 -14.80 9.85
C THR E 399 -28.03 -15.80 10.95
N GLU E 400 -27.96 -17.09 10.64
CA GLU E 400 -28.26 -18.14 11.61
C GLU E 400 -27.10 -18.47 12.53
N ALA E 401 -25.93 -17.87 12.30
CA ALA E 401 -24.79 -18.15 13.17
C ALA E 401 -24.86 -17.34 14.45
N PRO E 402 -24.35 -17.88 15.55
CA PRO E 402 -24.32 -17.11 16.80
C PRO E 402 -23.45 -15.87 16.68
N GLY E 403 -23.80 -14.86 17.46
CA GLY E 403 -23.05 -13.61 17.46
C GLY E 403 -23.75 -12.52 16.68
N GLU E 404 -23.09 -11.37 16.63
CA GLU E 404 -23.64 -10.20 15.97
C GLU E 404 -22.54 -9.51 15.15
N TYR E 405 -22.98 -8.77 14.13
CA TYR E 405 -22.04 -8.13 13.21
C TYR E 405 -21.42 -6.89 13.83
N PHE E 406 -20.28 -6.48 13.28
CA PHE E 406 -19.64 -5.22 13.61
C PHE E 406 -18.97 -4.68 12.35
N PHE E 407 -18.42 -3.48 12.45
CA PHE E 407 -17.76 -2.83 11.34
C PHE E 407 -16.31 -2.52 11.70
N SER E 408 -15.40 -2.85 10.78
CA SER E 408 -13.99 -2.54 10.94
C SER E 408 -13.40 -2.21 9.57
N ASP E 409 -12.64 -1.12 9.51
CA ASP E 409 -12.02 -0.63 8.28
C ASP E 409 -13.07 -0.39 7.19
N GLY E 410 -14.30 -0.06 7.57
CA GLY E 410 -15.37 0.10 6.62
C GLY E 410 -16.02 -1.18 6.15
N ILE E 411 -15.63 -2.33 6.71
CA ILE E 411 -16.13 -3.63 6.28
C ILE E 411 -16.91 -4.27 7.43
N ARG E 412 -18.11 -4.76 7.12
CA ARG E 412 -18.91 -5.46 8.13
C ARG E 412 -18.36 -6.85 8.36
N LEU E 413 -18.26 -7.24 9.63
CA LEU E 413 -17.63 -8.50 10.00
C LEU E 413 -18.34 -9.10 11.21
N LYS E 414 -18.19 -10.41 11.36
CA LYS E 414 -18.61 -11.12 12.56
C LYS E 414 -17.42 -11.89 13.13
N LYS E 415 -17.34 -11.93 14.45
CA LYS E 415 -16.23 -12.59 15.12
C LYS E 415 -16.24 -14.09 14.82
N TYR E 416 -15.03 -14.66 14.73
CA TYR E 416 -14.87 -16.06 14.39
C TYR E 416 -13.59 -16.57 15.04
N ARG E 417 -13.68 -17.71 15.71
CA ARG E 417 -12.56 -18.21 16.50
C ARG E 417 -12.57 -19.73 16.49
N GLY E 418 -11.40 -20.31 16.78
CA GLY E 418 -11.30 -21.75 16.88
C GLY E 418 -11.50 -22.25 18.30
N MET E 419 -11.85 -23.53 18.41
CA MET E 419 -12.08 -24.13 19.72
C MET E 419 -10.80 -24.33 20.50
N GLY E 420 -9.64 -24.37 19.83
CA GLY E 420 -8.38 -24.55 20.50
C GLY E 420 -7.67 -23.24 20.76
N SER E 421 -8.36 -22.13 20.51
CA SER E 421 -7.79 -20.82 20.74
C SER E 421 -7.69 -20.54 22.24
N LEU E 422 -6.93 -19.50 22.58
CA LEU E 422 -6.79 -19.12 23.98
C LEU E 422 -8.09 -18.61 24.58
N ASP E 423 -9.09 -18.31 23.76
CA ASP E 423 -10.39 -17.87 24.25
C ASP E 423 -11.32 -19.05 24.46
N ALA E 424 -10.75 -20.25 24.61
CA ALA E 424 -11.53 -21.45 24.87
C ALA E 424 -12.00 -21.55 26.32
N MET E 425 -11.43 -20.76 27.23
CA MET E 425 -11.81 -20.81 28.63
C MET E 425 -12.49 -19.53 29.07
N LYS E 441 -2.41 -23.51 34.42
CA LYS E 441 -1.14 -22.79 34.40
C LYS E 441 -0.80 -22.32 32.99
N ILE E 442 0.05 -23.08 32.31
CA ILE E 442 0.46 -22.75 30.95
C ILE E 442 -0.29 -23.59 29.93
N LYS E 443 -0.88 -22.93 28.94
CA LYS E 443 -1.63 -23.61 27.90
C LYS E 443 -1.14 -23.12 26.54
N VAL E 444 -1.12 -24.02 25.56
CA VAL E 444 -0.64 -23.74 24.21
C VAL E 444 -1.85 -23.53 23.30
N ALA E 445 -1.82 -22.44 22.54
CA ALA E 445 -2.94 -22.09 21.68
C ALA E 445 -2.84 -22.86 20.36
N GLN E 446 -3.78 -23.78 20.15
CA GLN E 446 -3.86 -24.51 18.89
C GLN E 446 -4.79 -23.85 17.87
N GLY E 447 -5.46 -22.76 18.26
CA GLY E 447 -6.37 -22.06 17.38
C GLY E 447 -6.08 -20.56 17.35
N VAL E 448 -6.90 -19.86 16.57
CA VAL E 448 -6.78 -18.43 16.35
C VAL E 448 -8.16 -17.81 16.38
N SER E 449 -8.23 -16.59 16.90
CA SER E 449 -9.46 -15.81 16.93
C SER E 449 -9.41 -14.73 15.86
N GLY E 450 -10.47 -14.62 15.07
CA GLY E 450 -10.50 -13.67 13.98
C GLY E 450 -11.91 -13.23 13.65
N ALA E 451 -12.11 -12.86 12.38
CA ALA E 451 -13.42 -12.42 11.92
C ALA E 451 -13.53 -12.65 10.43
N VAL E 452 -14.77 -12.89 9.97
CA VAL E 452 -15.06 -13.08 8.56
C VAL E 452 -16.27 -12.24 8.19
N GLN E 453 -16.38 -11.93 6.89
CA GLN E 453 -17.43 -11.06 6.40
C GLN E 453 -18.77 -11.80 6.34
N ASP E 454 -19.86 -11.03 6.46
CA ASP E 454 -21.19 -11.60 6.47
C ASP E 454 -21.52 -12.27 5.13
N LYS E 455 -22.42 -13.26 5.18
CA LYS E 455 -22.73 -14.08 4.02
C LYS E 455 -24.24 -14.25 3.82
N GLY E 456 -25.06 -13.43 4.48
CA GLY E 456 -26.49 -13.53 4.31
C GLY E 456 -27.14 -14.61 5.17
N SER E 457 -27.90 -15.50 4.54
CA SER E 457 -28.58 -16.58 5.24
C SER E 457 -28.31 -17.90 4.54
N ILE E 458 -28.17 -18.98 5.33
CA ILE E 458 -27.94 -20.27 4.72
C ILE E 458 -29.17 -20.79 4.01
N HIS E 459 -30.37 -20.31 4.37
CA HIS E 459 -31.57 -20.75 3.67
C HIS E 459 -31.57 -20.35 2.20
N LYS E 460 -30.73 -19.41 1.81
CA LYS E 460 -30.48 -19.12 0.40
C LYS E 460 -29.08 -19.51 -0.04
N PHE E 461 -28.13 -19.64 0.89
CA PHE E 461 -26.76 -19.99 0.51
C PHE E 461 -26.64 -21.48 0.19
N VAL E 462 -27.33 -22.34 0.95
CA VAL E 462 -27.21 -23.78 0.74
C VAL E 462 -27.70 -24.21 -0.65
N PRO E 463 -28.83 -23.72 -1.16
CA PRO E 463 -29.21 -24.08 -2.54
C PRO E 463 -28.15 -23.73 -3.57
N TYR E 464 -27.38 -22.67 -3.38
CA TYR E 464 -26.28 -22.37 -4.27
C TYR E 464 -25.25 -23.51 -4.24
N LEU E 465 -24.90 -23.99 -3.05
CA LEU E 465 -23.96 -25.09 -2.92
C LEU E 465 -24.51 -26.35 -3.57
N ILE E 466 -25.81 -26.59 -3.39
CA ILE E 466 -26.45 -27.78 -3.96
C ILE E 466 -26.39 -27.72 -5.48
N ALA E 467 -26.72 -26.57 -6.06
CA ALA E 467 -26.69 -26.42 -7.51
C ALA E 467 -25.26 -26.54 -8.04
N GLY E 468 -24.29 -25.99 -7.32
CA GLY E 468 -22.90 -26.15 -7.72
C GLY E 468 -22.45 -27.59 -7.72
N ILE E 469 -22.82 -28.34 -6.68
CA ILE E 469 -22.47 -29.76 -6.61
C ILE E 469 -23.13 -30.52 -7.75
N GLN E 470 -24.40 -30.22 -8.02
CA GLN E 470 -25.10 -30.91 -9.10
C GLN E 470 -24.46 -30.62 -10.45
N HIS E 471 -24.09 -29.36 -10.70
CA HIS E 471 -23.45 -29.02 -11.96
C HIS E 471 -22.08 -29.69 -12.07
N SER E 472 -21.33 -29.74 -10.97
CA SER E 472 -20.03 -30.40 -10.99
C SER E 472 -20.17 -31.89 -11.28
N CYS E 473 -21.17 -32.54 -10.67
CA CYS E 473 -21.41 -33.95 -10.96
C CYS E 473 -21.83 -34.16 -12.41
N GLN E 474 -22.64 -33.24 -12.95
CA GLN E 474 -23.03 -33.33 -14.35
C GLN E 474 -21.82 -33.23 -15.27
N ASP E 475 -20.91 -32.29 -14.98
CA ASP E 475 -19.71 -32.13 -15.80
C ASP E 475 -18.81 -33.35 -15.66
N ILE E 476 -18.73 -33.92 -14.46
CA ILE E 476 -17.97 -35.15 -14.25
C ILE E 476 -18.56 -36.29 -15.06
N GLY E 477 -19.89 -36.34 -15.18
CA GLY E 477 -20.53 -37.43 -15.88
C GLY E 477 -21.18 -38.44 -14.97
N ALA E 478 -21.48 -38.06 -13.73
CA ALA E 478 -22.11 -38.94 -12.76
C ALA E 478 -23.44 -38.32 -12.32
N LYS E 479 -24.48 -39.15 -12.25
CA LYS E 479 -25.79 -38.70 -11.80
C LYS E 479 -26.01 -38.90 -10.31
N SER E 480 -24.99 -39.36 -9.58
CA SER E 480 -25.11 -39.47 -8.13
C SER E 480 -23.72 -39.48 -7.51
N LEU E 481 -23.66 -39.10 -6.23
CA LEU E 481 -22.40 -39.13 -5.50
C LEU E 481 -21.89 -40.55 -5.32
N THR E 482 -22.80 -41.50 -5.09
CA THR E 482 -22.40 -42.90 -5.05
C THR E 482 -21.78 -43.32 -6.37
N GLN E 483 -22.36 -42.87 -7.48
CA GLN E 483 -21.79 -43.20 -8.79
C GLN E 483 -20.41 -42.58 -8.97
N VAL E 484 -20.24 -41.33 -8.55
CA VAL E 484 -18.94 -40.69 -8.77
C VAL E 484 -17.87 -41.37 -7.92
N ARG E 485 -18.21 -41.78 -6.70
CA ARG E 485 -17.27 -42.56 -5.91
C ARG E 485 -17.00 -43.92 -6.53
N ALA E 486 -18.03 -44.53 -7.13
CA ALA E 486 -17.86 -45.82 -7.79
C ALA E 486 -16.86 -45.72 -8.94
N MET E 487 -17.00 -44.70 -9.78
CA MET E 487 -16.04 -44.53 -10.87
C MET E 487 -14.66 -44.13 -10.36
N MET E 488 -14.58 -43.35 -9.27
CA MET E 488 -13.27 -43.08 -8.69
C MET E 488 -12.56 -44.36 -8.31
N TYR E 489 -13.27 -45.26 -7.60
CA TYR E 489 -12.63 -46.47 -7.13
C TYR E 489 -12.33 -47.44 -8.27
N SER E 490 -13.24 -47.53 -9.25
CA SER E 490 -13.03 -48.41 -10.39
C SER E 490 -11.97 -47.89 -11.35
N GLY E 491 -11.62 -46.60 -11.28
CA GLY E 491 -10.62 -46.03 -12.16
C GLY E 491 -11.17 -45.37 -13.40
N GLU E 492 -12.49 -45.40 -13.60
CA GLU E 492 -13.08 -44.69 -14.72
C GLU E 492 -12.87 -43.19 -14.61
N LEU E 493 -13.01 -42.64 -13.42
CA LEU E 493 -12.78 -41.22 -13.18
C LEU E 493 -11.29 -40.92 -13.19
N LYS E 494 -10.92 -39.83 -13.85
CA LYS E 494 -9.53 -39.47 -14.03
C LYS E 494 -9.25 -38.10 -13.43
N PHE E 495 -8.02 -37.90 -12.99
CA PHE E 495 -7.59 -36.67 -12.33
C PHE E 495 -6.35 -36.15 -13.04
N GLU E 496 -6.11 -34.85 -12.89
CA GLU E 496 -4.95 -34.21 -13.51
C GLU E 496 -4.31 -33.27 -12.49
N LYS E 497 -3.06 -33.55 -12.14
CA LYS E 497 -2.32 -32.67 -11.25
C LYS E 497 -1.91 -31.41 -11.99
N ARG E 498 -2.09 -30.26 -11.36
CA ARG E 498 -1.80 -28.97 -11.97
C ARG E 498 -0.79 -28.20 -11.13
N THR E 499 0.15 -27.55 -11.82
CA THR E 499 1.23 -26.85 -11.14
C THR E 499 0.77 -25.50 -10.61
N SER E 500 1.71 -24.77 -9.99
CA SER E 500 1.38 -23.49 -9.39
C SER E 500 0.93 -22.48 -10.44
N SER E 501 1.63 -22.44 -11.59
CA SER E 501 1.23 -21.52 -12.64
C SER E 501 -0.13 -21.90 -13.23
N ALA E 502 -0.42 -23.20 -13.30
CA ALA E 502 -1.72 -23.63 -13.78
C ALA E 502 -2.84 -23.17 -12.86
N GLN E 503 -2.61 -23.15 -11.55
CA GLN E 503 -3.60 -22.63 -10.63
C GLN E 503 -3.83 -21.14 -10.84
N VAL E 504 -2.75 -20.39 -11.08
CA VAL E 504 -2.87 -18.96 -11.35
C VAL E 504 -3.70 -18.73 -12.61
N GLU E 505 -3.43 -19.52 -13.65
CA GLU E 505 -4.21 -19.44 -14.88
C GLU E 505 -5.67 -19.82 -14.65
N GLY E 506 -5.93 -20.84 -13.83
CA GLY E 506 -7.29 -21.24 -13.52
C GLY E 506 -8.05 -20.28 -12.65
N GLY E 507 -7.34 -19.38 -11.96
CA GLY E 507 -7.98 -18.28 -11.26
C GLY E 507 -8.31 -17.14 -12.22
N VAL E 508 -8.68 -16.01 -11.64
CA VAL E 508 -8.99 -14.81 -12.42
C VAL E 508 -7.69 -14.06 -12.71
N HIS E 509 -7.53 -13.64 -13.96
CA HIS E 509 -6.33 -12.92 -14.37
C HIS E 509 -6.67 -12.06 -15.57
N SER E 510 -5.70 -11.24 -15.98
CA SER E 510 -5.82 -10.34 -17.13
C SER E 510 -6.96 -9.34 -16.96
N LEU E 511 -7.28 -8.99 -15.72
CA LEU E 511 -8.31 -7.99 -15.41
C LEU E 511 -7.74 -7.00 -14.41
N HIS E 512 -8.05 -5.71 -14.62
CA HIS E 512 -7.65 -4.71 -13.64
C HIS E 512 -8.51 -4.78 -12.39
N SER E 513 -9.82 -5.00 -12.56
CA SER E 513 -10.73 -5.26 -11.46
C SER E 513 -11.89 -6.07 -12.00
N TYR E 514 -12.54 -6.81 -11.10
CA TYR E 514 -13.56 -7.76 -11.52
C TYR E 514 -14.66 -7.84 -10.48
N GLU E 515 -15.71 -8.57 -10.82
CA GLU E 515 -16.90 -8.69 -9.99
C GLU E 515 -17.28 -10.16 -9.87
N LYS E 516 -17.07 -10.74 -8.69
CA LYS E 516 -17.35 -12.15 -8.46
C LYS E 516 -18.69 -12.30 -7.74
N ARG E 517 -19.77 -12.18 -8.51
CA ARG E 517 -21.10 -12.48 -8.01
C ARG E 517 -21.43 -13.93 -8.36
N LEU E 518 -21.77 -14.73 -7.35
CA LEU E 518 -21.99 -16.16 -7.55
C LEU E 518 -23.45 -16.54 -7.68
N PHE E 519 -24.35 -15.93 -6.91
CA PHE E 519 -25.77 -16.25 -6.98
C PHE E 519 -26.61 -15.12 -6.38
N SER F 16 23.61 -33.53 -39.72
CA SER F 16 24.94 -33.81 -39.20
C SER F 16 24.86 -34.59 -37.89
N TYR F 17 25.62 -34.14 -36.90
CA TYR F 17 25.63 -34.82 -35.60
C TYR F 17 24.46 -34.35 -34.74
N VAL F 18 24.34 -33.03 -34.56
CA VAL F 18 23.23 -32.41 -33.83
C VAL F 18 23.12 -33.05 -32.44
N PRO F 19 23.98 -32.67 -31.50
CA PRO F 19 23.94 -33.28 -30.16
C PRO F 19 22.57 -33.12 -29.52
N ASP F 20 22.10 -34.18 -28.87
CA ASP F 20 20.78 -34.18 -28.25
C ASP F 20 20.82 -33.30 -27.01
N ASP F 21 19.87 -32.38 -26.90
CA ASP F 21 19.83 -31.43 -25.79
C ASP F 21 18.41 -30.88 -25.69
N GLY F 22 17.70 -31.25 -24.64
CA GLY F 22 16.33 -30.84 -24.45
C GLY F 22 15.35 -32.01 -24.51
N LEU F 23 14.10 -31.69 -24.23
CA LEU F 23 13.03 -32.69 -24.20
C LEU F 23 12.07 -32.48 -25.36
N THR F 24 11.62 -33.58 -25.95
CA THR F 24 10.58 -33.51 -26.96
C THR F 24 9.23 -33.25 -26.30
N ALA F 25 8.23 -32.94 -27.14
CA ALA F 25 6.88 -32.69 -26.63
C ALA F 25 6.30 -33.94 -25.97
N GLN F 26 6.55 -35.11 -26.56
CA GLN F 26 6.05 -36.36 -25.98
C GLN F 26 6.66 -36.60 -24.60
N GLN F 27 7.95 -36.31 -24.45
CA GLN F 27 8.59 -36.47 -23.15
C GLN F 27 8.11 -35.41 -22.15
N LEU F 28 7.82 -34.21 -22.64
CA LEU F 28 7.45 -33.12 -21.75
C LEU F 28 6.04 -33.30 -21.21
N PHE F 29 5.10 -33.68 -22.07
CA PHE F 29 3.69 -33.71 -21.69
C PHE F 29 3.18 -35.10 -21.33
N ASN F 30 4.08 -36.03 -20.99
CA ASN F 30 3.68 -37.31 -20.42
C ASN F 30 4.17 -37.48 -18.99
N CYS F 31 4.69 -36.41 -18.37
CA CYS F 31 5.26 -36.50 -17.02
C CYS F 31 4.20 -36.63 -15.94
N GLY F 32 2.92 -36.39 -16.25
CA GLY F 32 1.87 -36.56 -15.28
C GLY F 32 1.55 -35.34 -14.45
N ASP F 33 1.97 -34.16 -14.89
CA ASP F 33 1.65 -32.91 -14.20
C ASP F 33 1.18 -31.89 -15.22
N GLY F 34 0.41 -30.92 -14.75
CA GLY F 34 -0.23 -29.97 -15.64
C GLY F 34 0.64 -28.78 -16.02
N LEU F 35 1.20 -28.81 -17.21
CA LEU F 35 1.98 -27.67 -17.70
C LEU F 35 1.06 -26.64 -18.34
N THR F 36 1.30 -25.38 -18.01
CA THR F 36 0.67 -24.25 -18.67
C THR F 36 1.67 -23.63 -19.65
N TYR F 37 1.31 -22.50 -20.25
CA TYR F 37 2.23 -21.88 -21.20
C TYR F 37 3.45 -21.29 -20.52
N ASN F 38 3.36 -20.95 -19.24
CA ASN F 38 4.45 -20.25 -18.57
C ASN F 38 5.60 -21.19 -18.19
N ASP F 39 5.32 -22.44 -17.84
CA ASP F 39 6.34 -23.30 -17.25
C ASP F 39 7.00 -24.22 -18.26
N PHE F 40 7.15 -23.79 -19.51
CA PHE F 40 8.01 -24.48 -20.46
C PHE F 40 8.42 -23.49 -21.54
N LEU F 41 9.51 -23.81 -22.24
CA LEU F 41 10.04 -22.97 -23.31
C LEU F 41 10.34 -23.83 -24.52
N ILE F 42 10.64 -23.16 -25.64
CA ILE F 42 11.06 -23.82 -26.86
C ILE F 42 12.51 -23.46 -27.12
N LEU F 43 13.34 -24.48 -27.30
CA LEU F 43 14.77 -24.23 -27.47
C LEU F 43 15.05 -23.63 -28.85
N PRO F 44 16.05 -22.76 -28.97
CA PRO F 44 16.36 -22.15 -30.26
C PRO F 44 16.83 -23.18 -31.28
N GLY F 45 16.57 -22.88 -32.54
CA GLY F 45 16.98 -23.74 -33.63
C GLY F 45 18.05 -23.13 -34.52
N TYR F 46 17.93 -23.34 -35.83
CA TYR F 46 18.89 -22.83 -36.79
C TYR F 46 18.19 -21.89 -37.76
N ILE F 47 18.81 -20.73 -38.00
CA ILE F 47 18.22 -19.69 -38.83
C ILE F 47 18.97 -19.62 -40.15
N ASP F 48 18.22 -19.75 -41.25
CA ASP F 48 18.78 -19.57 -42.58
C ASP F 48 17.83 -18.80 -43.48
N PHE F 49 17.03 -17.91 -42.90
CA PHE F 49 16.06 -17.13 -43.65
C PHE F 49 15.72 -15.87 -42.86
N THR F 50 15.15 -14.89 -43.55
CA THR F 50 14.77 -13.64 -42.92
C THR F 50 13.48 -13.81 -42.12
N ALA F 51 13.27 -12.87 -41.19
CA ALA F 51 12.10 -12.95 -40.31
C ALA F 51 10.80 -12.81 -41.09
N ASP F 52 10.74 -11.84 -42.01
CA ASP F 52 9.55 -11.61 -42.83
C ASP F 52 9.53 -12.55 -44.04
N GLN F 53 9.68 -13.83 -43.73
CA GLN F 53 9.64 -14.86 -44.77
C GLN F 53 8.83 -16.08 -44.33
N VAL F 54 8.23 -16.06 -43.14
CA VAL F 54 7.51 -17.21 -42.61
C VAL F 54 6.07 -17.16 -43.08
N ASP F 55 5.60 -18.25 -43.68
CA ASP F 55 4.22 -18.34 -44.13
C ASP F 55 3.32 -18.70 -42.95
N LEU F 56 2.33 -17.87 -42.68
CA LEU F 56 1.44 -18.06 -41.54
C LEU F 56 0.13 -18.74 -41.93
N THR F 57 0.07 -19.35 -43.11
CA THR F 57 -1.15 -20.03 -43.54
C THR F 57 -1.50 -21.13 -42.55
N SER F 58 -2.78 -21.16 -42.16
CA SER F 58 -3.26 -22.12 -41.18
C SER F 58 -4.68 -22.53 -41.54
N ALA F 59 -5.07 -23.71 -41.06
CA ALA F 59 -6.40 -24.25 -41.34
C ALA F 59 -7.31 -24.00 -40.14
N LEU F 60 -8.40 -23.26 -40.38
CA LEU F 60 -9.41 -23.09 -39.34
C LEU F 60 -10.25 -24.34 -39.18
N THR F 61 -10.80 -24.85 -40.29
CA THR F 61 -11.53 -26.09 -40.31
C THR F 61 -10.93 -26.98 -41.40
N LYS F 62 -11.64 -28.06 -41.71
CA LYS F 62 -11.17 -28.96 -42.76
C LYS F 62 -11.20 -28.29 -44.13
N LYS F 63 -12.13 -27.37 -44.35
CA LYS F 63 -12.35 -26.78 -45.66
C LYS F 63 -12.14 -25.28 -45.72
N ILE F 64 -11.78 -24.63 -44.61
CA ILE F 64 -11.58 -23.19 -44.59
C ILE F 64 -10.17 -22.88 -44.10
N THR F 65 -9.46 -22.05 -44.86
CA THR F 65 -8.08 -21.70 -44.56
C THR F 65 -7.97 -20.19 -44.39
N LEU F 66 -7.27 -19.76 -43.34
CA LEU F 66 -7.03 -18.36 -43.07
C LEU F 66 -5.56 -18.03 -43.23
N LYS F 67 -5.26 -16.82 -43.69
CA LYS F 67 -3.88 -16.41 -43.88
C LYS F 67 -3.17 -16.16 -42.55
N THR F 68 -3.91 -15.97 -41.46
CA THR F 68 -3.36 -15.82 -40.13
C THR F 68 -4.13 -16.72 -39.18
N PRO F 69 -3.48 -17.21 -38.12
CA PRO F 69 -4.18 -18.11 -37.18
C PRO F 69 -4.99 -17.42 -36.10
N LEU F 70 -5.21 -16.12 -36.21
CA LEU F 70 -5.88 -15.36 -35.14
C LEU F 70 -7.38 -15.39 -35.32
N VAL F 71 -8.10 -15.65 -34.23
CA VAL F 71 -9.56 -15.75 -34.21
C VAL F 71 -10.06 -15.04 -32.96
N SER F 72 -11.20 -14.35 -33.09
CA SER F 72 -11.80 -13.63 -31.98
C SER F 72 -12.89 -14.48 -31.34
N SER F 73 -12.95 -14.43 -30.01
CA SER F 73 -13.88 -15.27 -29.27
C SER F 73 -15.32 -14.79 -29.46
N PRO F 74 -16.29 -15.70 -29.54
CA PRO F 74 -17.69 -15.28 -29.63
C PRO F 74 -18.27 -14.85 -28.30
N MET F 75 -17.96 -13.63 -27.87
CA MET F 75 -18.47 -13.08 -26.63
C MET F 75 -18.98 -11.68 -26.87
N ASP F 76 -20.03 -11.29 -26.14
CA ASP F 76 -20.73 -10.04 -26.41
C ASP F 76 -19.86 -8.81 -26.17
N THR F 77 -18.74 -8.95 -25.46
CA THR F 77 -17.85 -7.83 -25.18
C THR F 77 -16.67 -7.77 -26.13
N VAL F 78 -16.62 -8.67 -27.12
CA VAL F 78 -15.47 -8.74 -28.01
C VAL F 78 -15.91 -8.60 -29.47
N THR F 79 -16.83 -9.45 -29.91
CA THR F 79 -17.10 -9.62 -31.34
C THR F 79 -18.54 -9.24 -31.69
N GLU F 80 -18.69 -8.06 -32.28
CA GLU F 80 -19.84 -7.69 -33.10
C GLU F 80 -19.36 -7.53 -34.54
N ALA F 81 -20.24 -7.00 -35.40
CA ALA F 81 -19.91 -6.89 -36.81
C ALA F 81 -18.65 -6.08 -37.04
N GLY F 82 -18.43 -5.02 -36.25
CA GLY F 82 -17.22 -4.22 -36.44
C GLY F 82 -15.95 -5.02 -36.16
N MET F 83 -15.93 -5.76 -35.05
CA MET F 83 -14.79 -6.60 -34.74
C MET F 83 -14.60 -7.68 -35.79
N ALA F 84 -15.69 -8.30 -36.24
CA ALA F 84 -15.59 -9.35 -37.24
C ALA F 84 -15.06 -8.82 -38.56
N ILE F 85 -15.52 -7.62 -38.97
CA ILE F 85 -15.03 -7.01 -40.20
C ILE F 85 -13.54 -6.71 -40.09
N ALA F 86 -13.13 -6.13 -38.97
CA ALA F 86 -11.71 -5.81 -38.79
C ALA F 86 -10.86 -7.08 -38.77
N MET F 87 -11.31 -8.12 -38.07
CA MET F 87 -10.56 -9.37 -38.03
C MET F 87 -10.47 -10.02 -39.40
N ALA F 88 -11.57 -9.98 -40.17
CA ALA F 88 -11.54 -10.51 -41.52
C ALA F 88 -10.59 -9.71 -42.40
N LEU F 89 -10.54 -8.39 -42.22
CA LEU F 89 -9.66 -7.56 -43.02
C LEU F 89 -8.20 -7.70 -42.62
N THR F 90 -7.92 -8.21 -41.41
CA THR F 90 -6.56 -8.41 -40.97
C THR F 90 -6.04 -9.82 -41.24
N GLY F 91 -6.80 -10.64 -41.98
CA GLY F 91 -6.33 -11.96 -42.35
C GLY F 91 -6.94 -13.12 -41.62
N GLY F 92 -7.68 -12.87 -40.53
CA GLY F 92 -8.40 -13.90 -39.83
C GLY F 92 -9.89 -13.81 -40.06
N ILE F 93 -10.66 -14.31 -39.08
CA ILE F 93 -12.11 -14.11 -39.05
C ILE F 93 -12.54 -13.88 -37.61
N GLY F 94 -13.85 -13.71 -37.43
CA GLY F 94 -14.43 -13.59 -36.12
C GLY F 94 -15.70 -14.40 -35.97
N PHE F 95 -16.14 -14.60 -34.73
CA PHE F 95 -17.38 -15.31 -34.44
C PHE F 95 -18.29 -14.42 -33.61
N ILE F 96 -19.50 -14.21 -34.08
CA ILE F 96 -20.44 -13.32 -33.40
C ILE F 96 -21.19 -14.09 -32.32
N HIS F 97 -21.26 -13.51 -31.13
CA HIS F 97 -21.91 -14.14 -29.99
C HIS F 97 -23.41 -14.31 -30.26
N HIS F 98 -24.05 -15.09 -29.38
CA HIS F 98 -25.48 -15.33 -29.45
C HIS F 98 -26.21 -14.86 -28.19
N ASN F 99 -25.63 -13.96 -27.41
CA ASN F 99 -26.33 -13.34 -26.30
C ASN F 99 -27.18 -12.19 -26.81
N CYS F 100 -28.01 -12.47 -27.81
CA CYS F 100 -28.80 -11.45 -28.48
C CYS F 100 -29.89 -12.14 -29.27
N THR F 101 -30.84 -11.35 -29.76
CA THR F 101 -31.93 -11.90 -30.54
C THR F 101 -31.40 -12.49 -31.84
N PRO F 102 -31.98 -13.59 -32.33
CA PRO F 102 -31.50 -14.18 -33.58
C PRO F 102 -31.57 -13.24 -34.76
N GLU F 103 -32.60 -12.37 -34.81
CA GLU F 103 -32.67 -11.39 -35.87
C GLU F 103 -31.49 -10.42 -35.79
N PHE F 104 -31.13 -9.99 -34.59
CA PHE F 104 -29.98 -9.10 -34.43
C PHE F 104 -28.69 -9.79 -34.86
N GLN F 105 -28.53 -11.06 -34.49
CA GLN F 105 -27.31 -11.78 -34.88
C GLN F 105 -27.23 -11.94 -36.39
N ALA F 106 -28.36 -12.28 -37.03
CA ALA F 106 -28.37 -12.42 -38.48
C ALA F 106 -28.10 -11.09 -39.16
N ASN F 107 -28.62 -9.99 -38.58
CA ASN F 107 -28.33 -8.67 -39.12
C ASN F 107 -26.85 -8.35 -39.02
N GLU F 108 -26.22 -8.72 -37.89
CA GLU F 108 -24.79 -8.48 -37.72
C GLU F 108 -23.99 -9.28 -38.75
N VAL F 109 -24.39 -10.53 -38.98
CA VAL F 109 -23.72 -11.37 -39.97
C VAL F 109 -23.88 -10.79 -41.36
N ARG F 110 -25.09 -10.33 -41.71
CA ARG F 110 -25.30 -9.71 -43.01
C ARG F 110 -24.47 -8.44 -43.17
N LYS F 111 -24.36 -7.65 -42.10
CA LYS F 111 -23.53 -6.45 -42.13
C LYS F 111 -22.08 -6.80 -42.40
N VAL F 112 -21.59 -7.89 -41.81
CA VAL F 112 -20.23 -8.34 -42.09
C VAL F 112 -20.10 -8.79 -43.54
N LYS F 113 -21.08 -9.56 -44.02
CA LYS F 113 -20.99 -10.14 -45.36
C LYS F 113 -21.05 -9.07 -46.44
N LYS F 114 -21.79 -7.99 -46.20
CA LYS F 114 -22.02 -6.98 -47.22
C LYS F 114 -20.94 -5.89 -47.23
N TYR F 115 -19.88 -6.04 -46.45
CA TYR F 115 -18.92 -4.96 -46.30
C TYR F 115 -18.13 -4.68 -47.58
N GLU F 116 -17.67 -5.72 -48.26
CA GLU F 116 -16.72 -5.53 -49.35
C GLU F 116 -17.09 -6.31 -50.62
N GLN F 117 -18.34 -6.76 -50.73
CA GLN F 117 -18.82 -7.60 -51.83
C GLN F 117 -18.56 -7.03 -53.22
N GLY F 118 -17.82 -7.76 -54.05
CA GLY F 118 -17.79 -7.47 -55.47
C GLY F 118 -19.03 -8.02 -56.17
N PHE F 119 -19.35 -7.42 -57.32
CA PHE F 119 -20.57 -7.76 -58.05
C PHE F 119 -21.82 -7.65 -57.16
N ILE F 120 -22.05 -6.46 -56.63
CA ILE F 120 -23.17 -6.21 -55.72
C ILE F 120 -24.48 -6.61 -56.38
N THR F 121 -25.17 -7.59 -55.80
CA THR F 121 -26.45 -8.07 -56.31
C THR F 121 -27.54 -7.75 -55.30
N ASP F 122 -28.75 -7.52 -55.82
CA ASP F 122 -29.82 -6.81 -55.12
C ASP F 122 -29.35 -5.64 -54.25
N PRO F 123 -28.67 -4.65 -54.84
CA PRO F 123 -28.36 -3.42 -54.09
C PRO F 123 -29.61 -2.59 -53.83
N VAL F 124 -29.41 -1.51 -53.08
CA VAL F 124 -30.49 -0.57 -52.80
C VAL F 124 -30.77 0.27 -54.05
N VAL F 125 -32.03 0.30 -54.48
CA VAL F 125 -32.45 1.06 -55.65
C VAL F 125 -33.72 1.85 -55.33
N LEU F 126 -34.00 2.86 -56.16
CA LEU F 126 -35.09 3.79 -55.93
C LEU F 126 -35.82 4.10 -57.24
N SER F 127 -37.08 4.61 -57.11
CA SER F 127 -37.90 4.99 -58.26
C SER F 127 -37.81 6.50 -58.49
N PRO F 128 -37.98 6.95 -59.74
CA PRO F 128 -37.86 8.38 -60.04
C PRO F 128 -38.90 9.26 -59.34
N LYS F 129 -40.02 8.68 -58.90
CA LYS F 129 -41.12 9.46 -58.33
C LYS F 129 -41.10 9.47 -56.80
N ASP F 130 -39.91 9.53 -56.21
CA ASP F 130 -39.73 9.54 -54.77
C ASP F 130 -39.07 10.84 -54.33
N ARG F 131 -39.21 11.16 -53.04
CA ARG F 131 -38.67 12.40 -52.48
C ARG F 131 -37.23 12.20 -52.03
N VAL F 132 -36.43 13.28 -52.12
CA VAL F 132 -35.00 13.20 -51.79
C VAL F 132 -34.78 12.91 -50.30
N ARG F 133 -35.75 13.28 -49.46
CA ARG F 133 -35.60 13.09 -48.03
C ARG F 133 -35.38 11.62 -47.68
N ASP F 134 -36.07 10.71 -48.38
CA ASP F 134 -35.84 9.30 -48.08
C ASP F 134 -34.53 8.79 -48.66
N VAL F 135 -33.94 9.48 -49.63
CA VAL F 135 -32.55 9.17 -49.98
C VAL F 135 -31.63 9.49 -48.82
N PHE F 136 -31.85 10.62 -48.16
CA PHE F 136 -31.04 10.94 -46.98
C PHE F 136 -31.28 9.94 -45.85
N GLU F 137 -32.52 9.47 -45.70
CA GLU F 137 -32.79 8.41 -44.75
C GLU F 137 -32.05 7.13 -45.12
N ALA F 138 -31.98 6.82 -46.42
CA ALA F 138 -31.28 5.62 -46.87
C ALA F 138 -29.80 5.69 -46.51
N LYS F 139 -29.17 6.85 -46.73
CA LYS F 139 -27.76 6.97 -46.34
C LYS F 139 -27.60 6.91 -44.83
N ALA F 140 -28.54 7.50 -44.08
CA ALA F 140 -28.45 7.47 -42.63
C ALA F 140 -28.56 6.05 -42.10
N ARG F 141 -29.33 5.20 -42.78
CA ARG F 141 -29.50 3.82 -42.32
C ARG F 141 -28.35 2.93 -42.77
N HIS F 142 -27.97 2.98 -44.05
CA HIS F 142 -27.08 1.98 -44.61
C HIS F 142 -25.62 2.43 -44.69
N GLY F 143 -25.35 3.73 -44.74
CA GLY F 143 -23.98 4.20 -44.86
C GLY F 143 -23.47 4.34 -46.28
N PHE F 144 -24.35 4.45 -47.26
CA PHE F 144 -23.92 4.73 -48.63
C PHE F 144 -25.04 5.44 -49.38
N CYS F 145 -24.65 6.07 -50.51
CA CYS F 145 -25.56 6.87 -51.33
C CYS F 145 -25.60 6.47 -52.79
N GLY F 146 -24.72 5.58 -53.25
CA GLY F 146 -24.59 5.26 -54.66
C GLY F 146 -25.68 4.36 -55.18
N ILE F 147 -26.84 4.94 -55.43
CA ILE F 147 -28.11 4.21 -55.55
C ILE F 147 -28.53 4.25 -57.01
N PRO F 148 -28.63 3.11 -57.71
CA PRO F 148 -29.21 3.11 -59.05
C PRO F 148 -30.71 3.38 -59.00
N ILE F 149 -31.24 3.89 -60.11
CA ILE F 149 -32.62 4.37 -60.18
C ILE F 149 -33.33 3.64 -61.32
N THR F 150 -34.52 3.09 -61.02
CA THR F 150 -35.28 2.32 -62.00
C THR F 150 -36.77 2.59 -61.78
N ASP F 151 -37.56 2.43 -62.84
CA ASP F 151 -38.89 3.05 -62.88
C ASP F 151 -39.87 2.42 -61.89
N THR F 152 -39.76 1.12 -61.63
CA THR F 152 -40.65 0.50 -60.64
C THR F 152 -40.18 0.72 -59.21
N GLY F 153 -38.90 1.04 -59.02
CA GLY F 153 -38.34 1.05 -57.68
C GLY F 153 -37.95 -0.32 -57.17
N ARG F 154 -38.33 -1.38 -57.86
CA ARG F 154 -37.87 -2.73 -57.55
C ARG F 154 -36.66 -3.06 -58.41
N MET F 155 -35.92 -4.08 -57.98
CA MET F 155 -34.68 -4.42 -58.67
C MET F 155 -34.97 -4.97 -60.07
N GLY F 156 -36.14 -5.58 -60.27
CA GLY F 156 -36.51 -6.11 -61.57
C GLY F 156 -37.18 -5.14 -62.53
N SER F 157 -36.44 -4.15 -63.02
CA SER F 157 -36.95 -3.25 -64.05
C SER F 157 -35.78 -2.55 -64.74
N ARG F 158 -36.09 -1.85 -65.83
CA ARG F 158 -35.07 -1.26 -66.68
C ARG F 158 -34.33 -0.13 -65.96
N LEU F 159 -33.07 0.08 -66.36
CA LEU F 159 -32.24 1.13 -65.77
C LEU F 159 -32.68 2.50 -66.27
N VAL F 160 -33.01 3.39 -65.34
CA VAL F 160 -33.38 4.76 -65.68
C VAL F 160 -32.26 5.75 -65.37
N GLY F 161 -31.57 5.57 -64.26
CA GLY F 161 -30.50 6.47 -63.90
C GLY F 161 -29.75 6.00 -62.67
N ILE F 162 -28.97 6.92 -62.09
CA ILE F 162 -28.19 6.64 -60.90
C ILE F 162 -27.88 7.96 -60.19
N ILE F 163 -27.76 7.90 -58.87
CA ILE F 163 -27.29 9.02 -58.07
C ILE F 163 -26.11 8.57 -57.22
N SER F 164 -25.18 9.48 -57.00
CA SER F 164 -24.13 9.33 -56.01
C SER F 164 -24.14 10.57 -55.12
N SER F 165 -23.18 10.63 -54.18
CA SER F 165 -23.25 11.66 -53.15
C SER F 165 -23.14 13.06 -53.74
N ARG F 166 -22.32 13.23 -54.79
CA ARG F 166 -22.12 14.58 -55.31
C ARG F 166 -23.40 15.14 -55.93
N ASP F 167 -24.34 14.26 -56.29
CA ASP F 167 -25.62 14.71 -56.82
C ASP F 167 -26.55 15.26 -55.75
N ILE F 168 -26.25 15.02 -54.47
CA ILE F 168 -27.13 15.43 -53.38
C ILE F 168 -26.38 16.16 -52.27
N ASP F 169 -25.09 16.41 -52.47
CA ASP F 169 -24.27 16.98 -51.40
C ASP F 169 -24.78 18.34 -50.93
N PHE F 170 -25.18 19.19 -51.85
CA PHE F 170 -25.53 20.59 -51.54
C PHE F 170 -26.96 20.87 -52.00
N LEU F 171 -27.80 21.29 -51.07
CA LEU F 171 -29.18 21.67 -51.35
C LEU F 171 -29.41 23.13 -50.96
N LYS F 172 -30.64 23.58 -51.17
CA LYS F 172 -31.06 24.88 -50.64
C LYS F 172 -31.34 24.74 -49.14
N GLU F 173 -31.90 25.79 -48.54
CA GLU F 173 -32.05 25.86 -47.09
C GLU F 173 -32.85 24.69 -46.54
N GLU F 174 -32.25 24.02 -45.54
CA GLU F 174 -32.72 22.80 -44.88
C GLU F 174 -33.62 21.89 -45.72
N GLU F 175 -34.92 22.20 -45.82
CA GLU F 175 -35.88 21.20 -46.27
C GLU F 175 -35.67 20.85 -47.74
N HIS F 176 -35.74 21.83 -48.64
CA HIS F 176 -35.57 21.63 -50.08
C HIS F 176 -36.37 20.43 -50.59
N ASP F 177 -37.67 20.46 -50.34
CA ASP F 177 -38.55 19.35 -50.74
C ASP F 177 -38.59 19.23 -52.26
N CYS F 178 -38.19 18.07 -52.77
CA CYS F 178 -38.05 17.88 -54.21
C CYS F 178 -38.19 16.39 -54.57
N PHE F 179 -38.54 16.15 -55.82
CA PHE F 179 -38.54 14.81 -56.42
C PHE F 179 -37.29 14.67 -57.28
N LEU F 180 -36.61 13.54 -57.17
CA LEU F 180 -35.26 13.39 -57.74
C LEU F 180 -35.24 13.11 -59.27
N GLU F 181 -36.33 13.39 -60.00
CA GLU F 181 -36.39 13.09 -61.43
C GLU F 181 -35.31 13.81 -62.22
N GLU F 182 -35.11 15.11 -61.97
CA GLU F 182 -34.07 15.86 -62.65
C GLU F 182 -32.77 15.91 -61.86
N ILE F 183 -32.69 15.19 -60.74
CA ILE F 183 -31.51 15.23 -59.89
C ILE F 183 -30.48 14.20 -60.35
N MET F 184 -30.92 13.07 -60.89
CA MET F 184 -30.03 11.95 -61.16
C MET F 184 -29.21 12.16 -62.43
N THR F 185 -28.27 11.23 -62.65
CA THR F 185 -27.63 11.03 -63.95
C THR F 185 -28.47 10.03 -64.74
N LYS F 186 -28.98 10.46 -65.90
CA LYS F 186 -29.94 9.65 -66.64
C LYS F 186 -29.24 8.61 -67.51
N ARG F 187 -30.01 7.60 -67.92
CA ARG F 187 -29.52 6.53 -68.80
C ARG F 187 -29.43 7.03 -70.23
N GLU F 188 -28.47 7.91 -70.50
CA GLU F 188 -28.07 8.30 -71.84
C GLU F 188 -26.59 8.09 -72.09
N ASP F 189 -25.75 8.35 -71.10
CA ASP F 189 -24.31 8.36 -71.30
C ASP F 189 -23.50 7.64 -70.22
N LEU F 190 -24.11 7.19 -69.12
CA LEU F 190 -23.35 6.57 -68.05
C LEU F 190 -22.90 5.16 -68.45
N VAL F 191 -21.70 4.79 -68.01
CA VAL F 191 -21.06 3.56 -68.47
C VAL F 191 -21.71 2.34 -67.80
N VAL F 192 -22.06 1.34 -68.62
CA VAL F 192 -22.73 0.13 -68.17
C VAL F 192 -22.05 -1.08 -68.78
N ALA F 193 -21.86 -2.12 -67.98
CA ALA F 193 -21.32 -3.38 -68.49
C ALA F 193 -22.45 -4.31 -68.92
N PRO F 194 -22.29 -5.06 -70.01
CA PRO F 194 -23.31 -6.03 -70.40
C PRO F 194 -23.29 -7.25 -69.48
N ALA F 195 -24.45 -7.87 -69.33
CA ALA F 195 -24.60 -8.99 -68.41
C ALA F 195 -23.92 -10.25 -68.94
N GLY F 196 -23.43 -11.06 -68.02
CA GLY F 196 -22.70 -12.28 -68.35
C GLY F 196 -21.20 -12.13 -68.42
N ILE F 197 -20.69 -10.89 -68.39
CA ILE F 197 -19.25 -10.67 -68.44
C ILE F 197 -18.63 -11.01 -67.08
N THR F 198 -17.44 -11.58 -67.11
CA THR F 198 -16.81 -12.06 -65.88
C THR F 198 -16.25 -10.90 -65.05
N LEU F 199 -15.98 -11.20 -63.77
CA LEU F 199 -15.64 -10.17 -62.79
C LEU F 199 -14.37 -9.42 -63.17
N LYS F 200 -13.36 -10.14 -63.67
CA LYS F 200 -12.12 -9.48 -64.07
C LYS F 200 -12.37 -8.43 -65.15
N GLU F 201 -13.12 -8.77 -66.19
CA GLU F 201 -13.35 -7.84 -67.29
C GLU F 201 -14.24 -6.68 -66.85
N ALA F 202 -15.26 -6.96 -66.02
CA ALA F 202 -16.10 -5.89 -65.51
C ALA F 202 -15.30 -4.92 -64.65
N ASN F 203 -14.42 -5.44 -63.79
CA ASN F 203 -13.54 -4.59 -63.00
C ASN F 203 -12.62 -3.77 -63.88
N GLU F 204 -12.09 -4.40 -64.94
CA GLU F 204 -11.19 -3.67 -65.84
C GLU F 204 -11.88 -2.48 -66.46
N ILE F 205 -13.10 -2.66 -66.96
CA ILE F 205 -13.78 -1.54 -67.59
C ILE F 205 -14.20 -0.50 -66.57
N LEU F 206 -14.49 -0.90 -65.32
CA LEU F 206 -14.72 0.11 -64.28
C LEU F 206 -13.45 0.91 -64.01
N GLN F 207 -12.30 0.24 -63.97
CA GLN F 207 -11.04 0.93 -63.70
C GLN F 207 -10.73 1.94 -64.80
N ARG F 208 -10.94 1.55 -66.05
CA ARG F 208 -10.68 2.49 -67.15
C ARG F 208 -11.75 3.57 -67.23
N SER F 209 -12.93 3.28 -66.72
CA SER F 209 -14.07 4.18 -66.79
C SER F 209 -14.02 5.37 -65.89
N LYS F 210 -13.46 5.17 -64.71
CA LYS F 210 -13.35 6.20 -63.67
C LYS F 210 -14.71 6.80 -63.32
N LYS F 211 -15.76 5.98 -63.40
CA LYS F 211 -17.14 6.37 -63.15
C LYS F 211 -17.53 6.25 -61.68
N GLY F 212 -16.72 5.59 -60.86
CA GLY F 212 -17.07 5.39 -59.47
C GLY F 212 -17.79 4.08 -59.25
N LYS F 213 -18.92 3.90 -59.96
CA LYS F 213 -19.73 2.70 -59.90
C LYS F 213 -20.43 2.49 -61.23
N LEU F 214 -20.44 1.25 -61.71
CA LEU F 214 -21.14 0.95 -62.95
C LEU F 214 -22.12 -0.20 -62.77
N PRO F 215 -23.29 -0.13 -63.39
CA PRO F 215 -24.24 -1.24 -63.34
C PRO F 215 -23.95 -2.32 -64.39
N ILE F 216 -24.54 -3.48 -64.16
CA ILE F 216 -24.53 -4.61 -65.09
C ILE F 216 -25.96 -4.78 -65.60
N VAL F 217 -26.11 -4.88 -66.93
CA VAL F 217 -27.43 -4.79 -67.56
C VAL F 217 -27.56 -5.84 -68.66
N ASN F 218 -28.74 -6.47 -68.75
CA ASN F 218 -29.02 -7.46 -69.77
C ASN F 218 -29.61 -6.81 -71.03
N GLU F 219 -29.90 -7.63 -72.04
CA GLU F 219 -30.35 -7.12 -73.33
C GLU F 219 -31.75 -6.54 -73.30
N ASP F 220 -32.49 -6.72 -72.21
CA ASP F 220 -33.78 -6.06 -72.02
C ASP F 220 -33.67 -4.78 -71.19
N ASP F 221 -32.44 -4.29 -70.98
CA ASP F 221 -32.10 -3.09 -70.21
C ASP F 221 -32.35 -3.25 -68.71
N GLU F 222 -32.57 -4.46 -68.22
CA GLU F 222 -32.80 -4.67 -66.79
C GLU F 222 -31.48 -4.74 -66.03
N LEU F 223 -31.45 -4.12 -64.85
CA LEU F 223 -30.23 -4.08 -64.04
C LEU F 223 -30.02 -5.41 -63.34
N VAL F 224 -28.83 -5.98 -63.51
CA VAL F 224 -28.49 -7.26 -62.91
C VAL F 224 -27.69 -7.09 -61.62
N ALA F 225 -26.69 -6.21 -61.65
CA ALA F 225 -25.78 -6.01 -60.52
C ALA F 225 -25.03 -4.70 -60.74
N ILE F 226 -24.25 -4.29 -59.74
CA ILE F 226 -23.38 -3.13 -59.83
C ILE F 226 -22.03 -3.47 -59.21
N ILE F 227 -21.04 -2.62 -59.49
CA ILE F 227 -19.68 -2.77 -58.99
C ILE F 227 -19.20 -1.41 -58.50
N ALA F 228 -18.44 -1.39 -57.40
CA ALA F 228 -17.96 -0.16 -56.80
C ALA F 228 -16.43 -0.07 -56.83
N ARG F 229 -15.91 1.14 -57.08
CA ARG F 229 -14.48 1.36 -57.06
C ARG F 229 -13.90 1.25 -55.66
N THR F 230 -14.67 1.66 -54.65
CA THR F 230 -14.24 1.50 -53.27
C THR F 230 -13.98 0.05 -52.94
N ASP F 231 -14.57 -0.87 -53.70
CA ASP F 231 -14.36 -2.29 -53.47
C ASP F 231 -12.91 -2.66 -53.77
N LEU F 232 -12.43 -2.26 -54.94
CA LEU F 232 -11.03 -2.47 -55.30
C LEU F 232 -10.09 -1.67 -54.40
N LYS F 233 -10.51 -0.49 -53.97
CA LYS F 233 -9.71 0.26 -53.01
C LYS F 233 -9.50 -0.54 -51.73
N LYS F 234 -10.59 -1.05 -51.16
CA LYS F 234 -10.50 -1.90 -49.96
C LYS F 234 -9.62 -3.11 -50.22
N ASN F 235 -9.76 -3.71 -51.42
CA ASN F 235 -9.01 -4.92 -51.72
C ASN F 235 -7.51 -4.67 -51.69
N ARG F 236 -7.05 -3.56 -52.29
CA ARG F 236 -5.60 -3.33 -52.29
C ARG F 236 -5.13 -2.72 -50.97
N ASP F 237 -6.05 -2.17 -50.19
CA ASP F 237 -5.71 -1.63 -48.88
C ASP F 237 -5.57 -2.73 -47.83
N TYR F 238 -6.30 -3.84 -47.98
CA TYR F 238 -6.30 -4.96 -47.05
C TYR F 238 -6.02 -6.23 -47.82
N PRO F 239 -4.75 -6.50 -48.16
CA PRO F 239 -4.43 -7.60 -49.07
C PRO F 239 -4.69 -8.99 -48.50
N LEU F 240 -4.15 -9.27 -47.32
CA LEU F 240 -4.38 -10.57 -46.67
C LEU F 240 -5.70 -10.47 -45.90
N ALA F 241 -6.76 -10.99 -46.50
CA ALA F 241 -8.08 -10.98 -45.86
C ALA F 241 -8.84 -12.28 -46.00
N SER F 242 -8.43 -13.20 -46.88
CA SER F 242 -9.04 -14.52 -47.03
C SER F 242 -10.55 -14.43 -47.26
N LYS F 243 -10.92 -13.81 -48.39
CA LYS F 243 -12.32 -13.71 -48.79
C LYS F 243 -12.84 -15.07 -49.25
N ASP F 244 -14.17 -15.14 -49.44
CA ASP F 244 -14.79 -16.37 -49.92
C ASP F 244 -14.88 -16.36 -51.45
N ALA F 245 -15.54 -17.40 -51.98
CA ALA F 245 -15.58 -17.59 -53.43
C ALA F 245 -16.31 -16.44 -54.14
N LYS F 246 -17.30 -15.85 -53.49
CA LYS F 246 -18.03 -14.72 -54.06
C LYS F 246 -17.48 -13.38 -53.58
N LYS F 247 -16.21 -13.35 -53.17
CA LYS F 247 -15.51 -12.12 -52.77
C LYS F 247 -16.19 -11.42 -51.60
N GLN F 248 -16.77 -12.19 -50.69
CA GLN F 248 -17.30 -11.65 -49.45
C GLN F 248 -16.47 -12.13 -48.27
N LEU F 249 -16.46 -11.33 -47.21
CA LEU F 249 -15.69 -11.68 -46.03
C LEU F 249 -16.35 -12.85 -45.30
N PRO F 250 -15.64 -13.94 -45.06
CA PRO F 250 -16.24 -15.05 -44.30
C PRO F 250 -16.57 -14.62 -42.88
N CYS F 251 -17.65 -15.19 -42.35
CA CYS F 251 -18.13 -14.84 -41.02
C CYS F 251 -18.53 -16.09 -40.27
N GLY F 252 -18.40 -16.05 -38.95
CA GLY F 252 -18.81 -17.13 -38.10
C GLY F 252 -19.76 -16.69 -37.01
N ALA F 253 -20.58 -17.60 -36.51
CA ALA F 253 -21.56 -17.29 -35.48
C ALA F 253 -21.63 -18.43 -34.48
N ALA F 254 -21.95 -18.09 -33.24
CA ALA F 254 -22.07 -19.07 -32.18
C ALA F 254 -23.53 -19.38 -31.89
N ILE F 255 -23.83 -20.66 -31.69
CA ILE F 255 -25.16 -21.09 -31.30
C ILE F 255 -25.04 -22.10 -30.16
N GLY F 256 -26.08 -22.18 -29.35
CA GLY F 256 -26.14 -23.16 -28.27
C GLY F 256 -26.69 -24.49 -28.74
N THR F 257 -26.80 -25.41 -27.78
CA THR F 257 -27.29 -26.75 -28.05
C THR F 257 -28.78 -26.90 -27.74
N HIS F 258 -29.44 -25.82 -27.35
CA HIS F 258 -30.85 -25.89 -26.99
C HIS F 258 -31.73 -26.03 -28.22
N GLU F 259 -32.97 -26.46 -27.98
CA GLU F 259 -33.90 -26.73 -29.08
C GLU F 259 -34.23 -25.47 -29.87
N ASP F 260 -34.41 -24.34 -29.18
CA ASP F 260 -34.81 -23.10 -29.83
C ASP F 260 -33.70 -22.49 -30.69
N ASP F 261 -32.48 -23.01 -30.58
CA ASP F 261 -31.38 -22.49 -31.38
C ASP F 261 -31.42 -22.96 -32.82
N LYS F 262 -32.30 -23.90 -33.17
CA LYS F 262 -32.43 -24.32 -34.56
C LYS F 262 -32.99 -23.20 -35.43
N TYR F 263 -33.91 -22.39 -34.89
CA TYR F 263 -34.43 -21.26 -35.66
C TYR F 263 -33.33 -20.23 -35.88
N ARG F 264 -32.50 -20.01 -34.86
CA ARG F 264 -31.35 -19.11 -34.99
C ARG F 264 -30.38 -19.64 -36.04
N LEU F 265 -30.15 -20.95 -36.06
CA LEU F 265 -29.31 -21.57 -37.07
C LEU F 265 -29.90 -21.38 -38.47
N ASP F 266 -31.23 -21.51 -38.59
CA ASP F 266 -31.88 -21.31 -39.87
C ASP F 266 -31.69 -19.88 -40.36
N LEU F 267 -31.84 -18.91 -39.47
CA LEU F 267 -31.62 -17.52 -39.84
C LEU F 267 -30.18 -17.28 -40.25
N LEU F 268 -29.23 -17.86 -39.51
CA LEU F 268 -27.82 -17.67 -39.85
C LEU F 268 -27.48 -18.32 -41.19
N ALA F 269 -28.02 -19.50 -41.46
CA ALA F 269 -27.79 -20.15 -42.74
C ALA F 269 -28.40 -19.34 -43.89
N GLN F 270 -29.58 -18.78 -43.66
CA GLN F 270 -30.18 -17.90 -44.67
C GLN F 270 -29.31 -16.68 -44.91
N ALA F 271 -28.75 -16.11 -43.85
CA ALA F 271 -27.83 -14.98 -43.99
C ALA F 271 -26.52 -15.38 -44.68
N GLY F 272 -26.16 -16.66 -44.62
CA GLY F 272 -25.00 -17.14 -45.35
C GLY F 272 -23.73 -17.28 -44.52
N VAL F 273 -23.84 -17.83 -43.32
CA VAL F 273 -22.66 -18.05 -42.50
C VAL F 273 -21.82 -19.17 -43.09
N ASP F 274 -20.50 -19.06 -42.93
CA ASP F 274 -19.59 -20.09 -43.42
C ASP F 274 -19.25 -21.13 -42.36
N VAL F 275 -19.22 -20.73 -41.09
CA VAL F 275 -18.94 -21.64 -39.98
C VAL F 275 -19.87 -21.30 -38.83
N VAL F 276 -20.27 -22.32 -38.08
CA VAL F 276 -20.98 -22.16 -36.83
C VAL F 276 -20.22 -22.91 -35.75
N VAL F 277 -20.12 -22.30 -34.57
CA VAL F 277 -19.41 -22.88 -33.44
C VAL F 277 -20.42 -23.14 -32.33
N LEU F 278 -20.36 -24.34 -31.75
CA LEU F 278 -21.29 -24.74 -30.69
C LEU F 278 -20.71 -24.31 -29.35
N ASP F 279 -21.21 -23.21 -28.83
CA ASP F 279 -20.66 -22.59 -27.64
C ASP F 279 -21.24 -23.28 -26.40
N SER F 280 -20.40 -24.04 -25.70
CA SER F 280 -20.80 -24.69 -24.45
C SER F 280 -19.58 -24.88 -23.58
N SER F 281 -19.83 -25.04 -22.28
CA SER F 281 -18.72 -25.28 -21.34
C SER F 281 -18.07 -26.62 -21.57
N GLN F 282 -18.87 -27.66 -21.83
CA GLN F 282 -18.36 -29.01 -22.08
C GLN F 282 -19.10 -29.57 -23.29
N GLY F 283 -18.37 -29.82 -24.37
CA GLY F 283 -19.00 -30.24 -25.61
C GLY F 283 -19.35 -31.70 -25.69
N ASN F 284 -18.89 -32.51 -24.74
CA ASN F 284 -19.13 -33.95 -24.77
C ASN F 284 -20.49 -34.22 -24.12
N SER F 285 -21.54 -34.11 -24.93
CA SER F 285 -22.90 -34.29 -24.42
C SER F 285 -23.82 -34.77 -25.54
N ILE F 286 -24.90 -35.42 -25.12
CA ILE F 286 -25.90 -35.91 -26.07
C ILE F 286 -26.50 -34.74 -26.85
N PHE F 287 -26.75 -33.62 -26.17
CA PHE F 287 -27.33 -32.46 -26.84
C PHE F 287 -26.41 -31.95 -27.95
N GLN F 288 -25.11 -31.83 -27.65
CA GLN F 288 -24.15 -31.37 -28.64
C GLN F 288 -24.05 -32.34 -29.81
N ILE F 289 -23.97 -33.64 -29.52
CA ILE F 289 -23.84 -34.63 -30.59
C ILE F 289 -25.08 -34.63 -31.47
N ASN F 290 -26.27 -34.54 -30.85
CA ASN F 290 -27.51 -34.51 -31.62
C ASN F 290 -27.59 -33.27 -32.49
N MET F 291 -27.19 -32.11 -31.95
CA MET F 291 -27.18 -30.91 -32.77
C MET F 291 -26.19 -31.01 -33.92
N ILE F 292 -25.03 -31.62 -33.69
CA ILE F 292 -24.05 -31.82 -34.76
C ILE F 292 -24.65 -32.67 -35.87
N LYS F 293 -25.30 -33.78 -35.49
CA LYS F 293 -25.91 -34.64 -36.50
C LYS F 293 -27.04 -33.92 -37.23
N TYR F 294 -27.83 -33.13 -36.51
CA TYR F 294 -28.91 -32.38 -37.15
C TYR F 294 -28.36 -31.40 -38.18
N ILE F 295 -27.31 -30.67 -37.82
CA ILE F 295 -26.74 -29.69 -38.73
C ILE F 295 -26.13 -30.38 -39.93
N LYS F 296 -25.43 -31.51 -39.71
CA LYS F 296 -24.82 -32.22 -40.83
C LYS F 296 -25.88 -32.77 -41.77
N ASP F 297 -27.05 -33.15 -41.24
CA ASP F 297 -28.12 -33.65 -42.09
C ASP F 297 -28.75 -32.50 -42.87
N LYS F 298 -29.04 -31.37 -42.20
CA LYS F 298 -29.83 -30.32 -42.83
C LYS F 298 -28.99 -29.47 -43.78
N TYR F 299 -27.78 -29.09 -43.38
CA TYR F 299 -26.88 -28.28 -44.19
C TYR F 299 -25.56 -29.04 -44.37
N PRO F 300 -25.48 -29.88 -45.40
CA PRO F 300 -24.25 -30.67 -45.60
C PRO F 300 -23.00 -29.84 -45.78
N ASN F 301 -23.09 -28.67 -46.42
CA ASN F 301 -21.91 -27.88 -46.73
C ASN F 301 -21.50 -26.93 -45.60
N LEU F 302 -22.26 -26.86 -44.51
CA LEU F 302 -21.95 -25.97 -43.42
C LEU F 302 -20.93 -26.61 -42.49
N GLN F 303 -19.90 -25.85 -42.12
CA GLN F 303 -18.89 -26.36 -41.20
C GLN F 303 -19.30 -26.11 -39.76
N VAL F 304 -19.01 -27.09 -38.89
CA VAL F 304 -19.36 -27.04 -37.48
C VAL F 304 -18.09 -27.16 -36.66
N ILE F 305 -17.97 -26.31 -35.64
CA ILE F 305 -16.87 -26.37 -34.69
C ILE F 305 -17.41 -26.86 -33.36
N GLY F 306 -16.85 -27.96 -32.85
CA GLY F 306 -17.28 -28.53 -31.60
C GLY F 306 -16.38 -28.11 -30.45
N GLY F 307 -16.86 -28.37 -29.25
CA GLY F 307 -16.15 -28.04 -28.03
C GLY F 307 -17.11 -27.53 -26.99
N ASN F 308 -16.56 -27.12 -25.84
CA ASN F 308 -15.13 -27.13 -25.54
C ASN F 308 -14.70 -28.48 -24.98
N VAL F 309 -13.55 -28.99 -25.44
CA VAL F 309 -13.03 -30.28 -25.01
C VAL F 309 -11.58 -30.13 -24.61
N VAL F 310 -11.18 -30.93 -23.62
CA VAL F 310 -9.80 -30.90 -23.13
C VAL F 310 -9.24 -32.31 -23.02
N THR F 311 -10.04 -33.31 -23.41
CA THR F 311 -9.65 -34.70 -23.23
C THR F 311 -9.84 -35.46 -24.53
N ALA F 312 -8.98 -36.47 -24.73
CA ALA F 312 -9.06 -37.30 -25.92
C ALA F 312 -10.37 -38.09 -25.97
N ALA F 313 -10.91 -38.46 -24.81
CA ALA F 313 -12.19 -39.15 -24.80
C ALA F 313 -13.33 -38.26 -25.28
N GLN F 314 -13.25 -36.95 -25.04
CA GLN F 314 -14.23 -36.01 -25.58
C GLN F 314 -14.00 -35.78 -27.07
N ALA F 315 -12.72 -35.65 -27.45
CA ALA F 315 -12.39 -35.44 -28.86
C ALA F 315 -12.85 -36.61 -29.71
N LYS F 316 -12.73 -37.83 -29.19
CA LYS F 316 -13.20 -39.01 -29.92
C LYS F 316 -14.69 -38.93 -30.21
N ASN F 317 -15.47 -38.62 -29.17
CA ASN F 317 -16.92 -38.55 -29.34
C ASN F 317 -17.32 -37.45 -30.33
N LEU F 318 -16.67 -36.29 -30.25
CA LEU F 318 -17.05 -35.21 -31.15
C LEU F 318 -16.58 -35.48 -32.58
N ILE F 319 -15.43 -36.13 -32.75
CA ILE F 319 -14.93 -36.43 -34.09
C ILE F 319 -15.79 -37.50 -34.75
N ASP F 320 -16.20 -38.51 -33.99
CA ASP F 320 -17.07 -39.54 -34.56
C ASP F 320 -18.41 -38.97 -35.01
N ALA F 321 -18.88 -37.90 -34.36
CA ALA F 321 -20.12 -37.28 -34.77
C ALA F 321 -19.98 -36.46 -36.04
N GLY F 322 -18.76 -36.20 -36.49
CA GLY F 322 -18.55 -35.45 -37.71
C GLY F 322 -18.13 -34.02 -37.53
N VAL F 323 -17.45 -33.69 -36.42
CA VAL F 323 -17.00 -32.32 -36.19
C VAL F 323 -15.81 -32.01 -37.09
N ASP F 324 -15.83 -30.81 -37.69
CA ASP F 324 -14.77 -30.38 -38.59
C ASP F 324 -13.64 -29.63 -37.90
N ALA F 325 -13.85 -29.16 -36.67
CA ALA F 325 -12.80 -28.46 -35.93
C ALA F 325 -13.17 -28.45 -34.46
N LEU F 326 -12.15 -28.62 -33.62
CA LEU F 326 -12.33 -28.72 -32.18
C LEU F 326 -11.85 -27.45 -31.49
N ARG F 327 -12.51 -27.08 -30.40
CA ARG F 327 -12.17 -25.92 -29.60
C ARG F 327 -11.70 -26.41 -28.23
N VAL F 328 -10.46 -26.07 -27.86
CA VAL F 328 -9.80 -26.66 -26.71
C VAL F 328 -9.68 -25.62 -25.61
N GLY F 329 -10.24 -25.94 -24.44
CA GLY F 329 -10.17 -25.06 -23.29
C GLY F 329 -11.25 -25.35 -22.28
N MET F 330 -10.92 -25.33 -20.98
CA MET F 330 -11.89 -25.59 -19.93
C MET F 330 -11.43 -24.85 -18.66
N GLY F 331 -12.01 -23.68 -18.42
CA GLY F 331 -11.71 -22.93 -17.23
C GLY F 331 -10.37 -22.22 -17.23
N SER F 332 -9.67 -22.23 -18.36
CA SER F 332 -8.37 -21.56 -18.46
C SER F 332 -8.50 -20.11 -18.87
N GLY F 333 -9.70 -19.66 -19.21
CA GLY F 333 -9.87 -18.28 -19.65
C GLY F 333 -9.65 -17.30 -18.51
N SER F 334 -9.30 -16.07 -18.90
CA SER F 334 -9.13 -14.97 -17.95
C SER F 334 -10.40 -14.70 -17.17
N ILE F 335 -11.54 -15.00 -17.79
CA ILE F 335 -12.85 -14.63 -17.28
C ILE F 335 -13.56 -15.79 -16.60
N CYS F 336 -13.03 -17.00 -16.68
CA CYS F 336 -13.71 -18.18 -16.17
C CYS F 336 -13.35 -18.45 -14.72
N ILE F 337 -14.29 -19.03 -13.99
CA ILE F 337 -14.07 -19.50 -12.63
C ILE F 337 -14.54 -20.94 -12.51
N THR F 338 -14.61 -21.63 -13.66
CA THR F 338 -15.11 -23.00 -13.67
C THR F 338 -14.23 -23.92 -12.85
N GLN F 339 -12.91 -23.77 -12.96
CA GLN F 339 -12.00 -24.62 -12.18
C GLN F 339 -12.13 -24.38 -10.69
N GLU F 340 -12.69 -23.23 -10.29
CA GLU F 340 -12.88 -22.95 -8.87
C GLU F 340 -14.25 -23.38 -8.38
N VAL F 341 -15.27 -23.31 -9.24
CA VAL F 341 -16.63 -23.61 -8.80
C VAL F 341 -16.98 -25.08 -9.03
N LEU F 342 -16.74 -25.59 -10.24
CA LEU F 342 -17.11 -26.95 -10.58
C LEU F 342 -15.96 -27.94 -10.47
N ALA F 343 -14.74 -27.46 -10.22
CA ALA F 343 -13.57 -28.29 -9.98
C ALA F 343 -13.17 -29.12 -11.20
N CYS F 344 -13.79 -28.86 -12.35
CA CYS F 344 -13.46 -29.56 -13.58
C CYS F 344 -12.66 -28.66 -14.51
N GLY F 345 -11.68 -29.25 -15.19
CA GLY F 345 -10.85 -28.48 -16.10
C GLY F 345 -9.54 -29.19 -16.36
N ARG F 346 -8.64 -28.46 -17.01
CA ARG F 346 -7.31 -28.96 -17.32
C ARG F 346 -6.41 -27.78 -17.62
N PRO F 347 -5.12 -27.88 -17.31
CA PRO F 347 -4.17 -26.84 -17.75
C PRO F 347 -4.13 -26.73 -19.27
N GLN F 348 -3.96 -25.50 -19.75
CA GLN F 348 -4.21 -25.20 -21.16
C GLN F 348 -3.19 -25.87 -22.08
N ALA F 349 -1.90 -25.79 -21.74
CA ALA F 349 -0.88 -26.36 -22.63
C ALA F 349 -1.04 -27.87 -22.74
N THR F 350 -1.21 -28.55 -21.61
CA THR F 350 -1.40 -30.00 -21.63
C THR F 350 -2.66 -30.37 -22.39
N ALA F 351 -3.76 -29.65 -22.17
CA ALA F 351 -5.00 -29.95 -22.86
C ALA F 351 -4.85 -29.76 -24.37
N VAL F 352 -4.21 -28.67 -24.78
CA VAL F 352 -4.02 -28.40 -26.20
C VAL F 352 -3.19 -29.50 -26.85
N TYR F 353 -2.08 -29.87 -26.21
CA TYR F 353 -1.25 -30.92 -26.78
C TYR F 353 -2.00 -32.24 -26.87
N LYS F 354 -2.71 -32.60 -25.80
CA LYS F 354 -3.39 -33.90 -25.76
C LYS F 354 -4.49 -33.98 -26.81
N VAL F 355 -5.28 -32.92 -26.95
CA VAL F 355 -6.36 -32.94 -27.94
C VAL F 355 -5.81 -32.88 -29.35
N SER F 356 -4.75 -32.08 -29.58
CA SER F 356 -4.18 -31.97 -30.91
C SER F 356 -3.56 -33.29 -31.36
N GLU F 357 -2.92 -34.01 -30.44
CA GLU F 357 -2.30 -35.28 -30.80
C GLU F 357 -3.32 -36.28 -31.31
N TYR F 358 -4.50 -36.33 -30.66
CA TYR F 358 -5.54 -37.24 -31.10
C TYR F 358 -6.22 -36.75 -32.38
N ALA F 359 -6.49 -35.45 -32.47
CA ALA F 359 -7.19 -34.92 -33.63
C ALA F 359 -6.34 -35.02 -34.89
N ARG F 360 -5.01 -34.98 -34.73
CA ARG F 360 -4.12 -35.09 -35.88
C ARG F 360 -4.32 -36.40 -36.62
N ARG F 361 -4.64 -37.48 -35.89
CA ARG F 361 -4.83 -38.78 -36.52
C ARG F 361 -5.93 -38.76 -37.56
N PHE F 362 -6.96 -37.95 -37.35
CA PHE F 362 -8.08 -37.86 -38.28
C PHE F 362 -8.09 -36.55 -39.07
N GLY F 363 -7.02 -35.76 -38.98
CA GLY F 363 -6.91 -34.56 -39.77
C GLY F 363 -7.83 -33.42 -39.35
N VAL F 364 -8.24 -33.38 -38.09
CA VAL F 364 -9.16 -32.36 -37.60
C VAL F 364 -8.34 -31.26 -36.92
N PRO F 365 -8.37 -30.03 -37.42
CA PRO F 365 -7.69 -28.94 -36.72
C PRO F 365 -8.36 -28.63 -35.39
N VAL F 366 -7.59 -28.03 -34.49
CA VAL F 366 -8.09 -27.61 -33.19
C VAL F 366 -7.85 -26.13 -33.02
N ILE F 367 -8.73 -25.49 -32.25
CA ILE F 367 -8.62 -24.07 -31.94
C ILE F 367 -8.34 -23.95 -30.45
N ALA F 368 -7.19 -23.37 -30.10
CA ALA F 368 -6.86 -23.15 -28.70
C ALA F 368 -7.39 -21.81 -28.24
N ASP F 369 -8.32 -21.83 -27.28
CA ASP F 369 -8.91 -20.61 -26.75
C ASP F 369 -8.76 -20.59 -25.24
N GLY F 370 -8.69 -19.39 -24.68
CA GLY F 370 -8.51 -19.23 -23.25
C GLY F 370 -7.07 -19.28 -22.81
N GLY F 371 -6.70 -18.39 -21.89
CA GLY F 371 -5.35 -18.39 -21.35
C GLY F 371 -4.28 -17.87 -22.29
N ILE F 372 -4.65 -17.04 -23.26
CA ILE F 372 -3.69 -16.46 -24.20
C ILE F 372 -3.46 -15.01 -23.79
N GLN F 373 -2.23 -14.70 -23.40
CA GLN F 373 -1.87 -13.35 -22.98
C GLN F 373 -0.74 -12.73 -23.77
N ASN F 374 0.13 -13.52 -24.39
CA ASN F 374 1.31 -13.01 -25.05
C ASN F 374 1.44 -13.59 -26.44
N VAL F 375 2.23 -12.91 -27.28
CA VAL F 375 2.63 -13.49 -28.55
C VAL F 375 3.42 -14.77 -28.32
N GLY F 376 4.17 -14.83 -27.22
CA GLY F 376 4.82 -16.06 -26.83
C GLY F 376 3.83 -17.16 -26.51
N HIS F 377 2.73 -16.83 -25.85
CA HIS F 377 1.67 -17.82 -25.61
C HIS F 377 1.08 -18.30 -26.93
N ILE F 378 0.85 -17.39 -27.87
CA ILE F 378 0.32 -17.79 -29.17
C ILE F 378 1.29 -18.73 -29.88
N ALA F 379 2.58 -18.39 -29.85
CA ALA F 379 3.59 -19.23 -30.50
C ALA F 379 3.67 -20.60 -29.85
N LYS F 380 3.61 -20.66 -28.52
CA LYS F 380 3.63 -21.94 -27.83
C LYS F 380 2.42 -22.78 -28.18
N ALA F 381 1.23 -22.16 -28.20
CA ALA F 381 0.02 -22.90 -28.55
C ALA F 381 0.09 -23.44 -29.97
N LEU F 382 0.59 -22.64 -30.92
CA LEU F 382 0.73 -23.12 -32.28
C LEU F 382 1.78 -24.23 -32.38
N ALA F 383 2.86 -24.12 -31.61
CA ALA F 383 3.89 -25.14 -31.63
C ALA F 383 3.41 -26.46 -31.04
N LEU F 384 2.47 -26.41 -30.09
CA LEU F 384 1.99 -27.62 -29.45
C LEU F 384 0.98 -28.39 -30.29
N GLY F 385 0.67 -27.93 -31.49
CA GLY F 385 -0.22 -28.65 -32.39
C GLY F 385 -1.53 -27.96 -32.70
N ALA F 386 -1.76 -26.75 -32.19
CA ALA F 386 -2.97 -26.02 -32.53
C ALA F 386 -2.81 -25.35 -33.89
N SER F 387 -3.88 -25.35 -34.67
CA SER F 387 -3.86 -24.71 -35.98
C SER F 387 -4.26 -23.25 -35.94
N THR F 388 -5.19 -22.88 -35.06
CA THR F 388 -5.61 -21.49 -34.90
C THR F 388 -5.77 -21.20 -33.42
N VAL F 389 -5.68 -19.91 -33.08
CA VAL F 389 -5.74 -19.45 -31.70
C VAL F 389 -6.89 -18.46 -31.57
N MET F 390 -7.73 -18.67 -30.56
CA MET F 390 -8.87 -17.80 -30.29
C MET F 390 -8.63 -17.08 -28.98
N MET F 391 -8.89 -15.77 -28.97
CA MET F 391 -8.57 -14.94 -27.82
C MET F 391 -9.65 -13.90 -27.60
N GLY F 392 -10.13 -13.83 -26.36
CA GLY F 392 -11.11 -12.82 -25.98
C GLY F 392 -10.50 -11.61 -25.32
N SER F 393 -9.68 -11.83 -24.29
CA SER F 393 -9.15 -10.73 -23.51
C SER F 393 -8.11 -9.92 -24.29
N LEU F 394 -7.34 -10.59 -25.16
CA LEU F 394 -6.36 -9.88 -25.97
C LEU F 394 -7.02 -9.00 -27.02
N LEU F 395 -8.32 -9.17 -27.26
CA LEU F 395 -9.05 -8.32 -28.18
C LEU F 395 -10.14 -7.50 -27.52
N ALA F 396 -10.28 -7.55 -26.20
CA ALA F 396 -11.25 -6.72 -25.52
C ALA F 396 -10.70 -5.29 -25.37
N ALA F 397 -11.63 -4.35 -25.19
CA ALA F 397 -11.35 -2.94 -24.95
C ALA F 397 -10.60 -2.27 -26.09
N THR F 398 -10.67 -2.80 -27.30
CA THR F 398 -10.07 -2.12 -28.43
C THR F 398 -11.10 -1.19 -29.08
N THR F 399 -10.67 -0.53 -30.16
CA THR F 399 -11.56 0.37 -30.88
C THR F 399 -12.75 -0.38 -31.45
N GLU F 400 -12.53 -1.55 -32.03
CA GLU F 400 -13.58 -2.32 -32.68
C GLU F 400 -14.40 -3.15 -31.72
N ALA F 401 -14.02 -3.22 -30.45
CA ALA F 401 -14.78 -4.02 -29.50
C ALA F 401 -16.07 -3.28 -29.10
N PRO F 402 -17.15 -4.02 -28.86
CA PRO F 402 -18.39 -3.37 -28.40
C PRO F 402 -18.21 -2.71 -27.04
N GLY F 403 -18.96 -1.64 -26.83
CA GLY F 403 -18.95 -0.93 -25.57
C GLY F 403 -18.25 0.41 -25.63
N GLU F 404 -18.47 1.20 -24.59
CA GLU F 404 -17.90 2.53 -24.47
C GLU F 404 -16.91 2.58 -23.32
N TYR F 405 -15.85 3.37 -23.49
CA TYR F 405 -14.81 3.48 -22.47
C TYR F 405 -15.30 4.25 -21.25
N PHE F 406 -14.65 4.00 -20.13
CA PHE F 406 -14.94 4.71 -18.89
C PHE F 406 -13.63 4.91 -18.13
N PHE F 407 -13.72 5.56 -16.97
CA PHE F 407 -12.57 5.87 -16.15
C PHE F 407 -12.79 5.35 -14.74
N SER F 408 -11.72 4.81 -14.14
CA SER F 408 -11.77 4.34 -12.77
C SER F 408 -10.36 4.38 -12.18
N ASP F 409 -10.27 4.91 -10.97
CA ASP F 409 -9.00 5.06 -10.25
C ASP F 409 -7.98 5.87 -11.06
N GLY F 410 -8.45 6.81 -11.87
CA GLY F 410 -7.57 7.55 -12.75
C GLY F 410 -7.12 6.80 -13.98
N ILE F 411 -7.71 5.64 -14.26
CA ILE F 411 -7.30 4.78 -15.36
C ILE F 411 -8.49 4.56 -16.27
N ARG F 412 -8.26 4.55 -17.57
CA ARG F 412 -9.31 4.28 -18.54
C ARG F 412 -9.49 2.78 -18.72
N LEU F 413 -10.75 2.34 -18.80
CA LEU F 413 -11.06 0.92 -18.94
C LEU F 413 -12.33 0.77 -19.77
N LYS F 414 -12.51 -0.45 -20.27
CA LYS F 414 -13.77 -0.89 -20.86
C LYS F 414 -14.23 -2.14 -20.14
N LYS F 415 -15.55 -2.25 -19.94
CA LYS F 415 -16.10 -3.41 -19.24
C LYS F 415 -15.81 -4.68 -20.02
N TYR F 416 -15.78 -5.81 -19.29
CA TYR F 416 -15.45 -7.09 -19.90
C TYR F 416 -16.02 -8.19 -19.01
N ARG F 417 -16.72 -9.13 -19.62
CA ARG F 417 -17.46 -10.13 -18.87
C ARG F 417 -17.48 -11.44 -19.64
N GLY F 418 -17.71 -12.54 -18.92
CA GLY F 418 -17.84 -13.83 -19.55
C GLY F 418 -19.28 -14.20 -19.82
N MET F 419 -19.47 -15.11 -20.79
CA MET F 419 -20.80 -15.52 -21.19
C MET F 419 -21.51 -16.32 -20.10
N GLY F 420 -20.78 -16.94 -19.18
CA GLY F 420 -21.35 -17.62 -18.06
C GLY F 420 -21.47 -16.78 -16.80
N SER F 421 -21.19 -15.48 -16.88
CA SER F 421 -21.37 -14.62 -15.74
C SER F 421 -22.84 -14.49 -15.40
N LEU F 422 -23.12 -14.03 -14.17
CA LEU F 422 -24.51 -13.89 -13.75
C LEU F 422 -25.27 -12.86 -14.58
N ASP F 423 -24.58 -12.02 -15.32
CA ASP F 423 -25.23 -11.12 -16.27
C ASP F 423 -25.47 -11.84 -17.58
N ALA F 424 -26.21 -12.95 -17.54
CA ALA F 424 -26.49 -13.72 -18.74
C ALA F 424 -27.73 -13.23 -19.48
N MET F 425 -28.70 -12.68 -18.77
CA MET F 425 -29.89 -12.11 -19.41
C MET F 425 -30.09 -10.66 -19.01
N LYS F 441 -34.47 -23.16 -10.12
CA LYS F 441 -34.41 -21.75 -10.44
C LYS F 441 -33.13 -21.11 -9.92
N ILE F 442 -32.17 -21.94 -9.54
CA ILE F 442 -30.89 -21.47 -9.02
C ILE F 442 -29.79 -21.63 -10.05
N LYS F 443 -29.08 -20.54 -10.33
CA LYS F 443 -27.99 -20.57 -11.30
C LYS F 443 -26.66 -20.34 -10.60
N VAL F 444 -25.64 -21.05 -11.06
CA VAL F 444 -24.27 -20.92 -10.53
C VAL F 444 -23.45 -20.13 -11.53
N ALA F 445 -22.66 -19.19 -11.01
CA ALA F 445 -21.88 -18.33 -11.88
C ALA F 445 -20.59 -19.03 -12.32
N GLN F 446 -20.47 -19.27 -13.62
CA GLN F 446 -19.26 -19.84 -14.17
C GLN F 446 -18.32 -18.79 -14.75
N GLY F 447 -18.75 -17.54 -14.81
CA GLY F 447 -17.92 -16.45 -15.30
C GLY F 447 -17.88 -15.27 -14.36
N VAL F 448 -17.17 -14.21 -14.76
CA VAL F 448 -16.99 -13.02 -13.94
C VAL F 448 -17.11 -11.79 -14.83
N SER F 449 -17.69 -10.73 -14.28
CA SER F 449 -17.77 -9.44 -14.96
C SER F 449 -16.65 -8.55 -14.42
N GLY F 450 -15.91 -7.94 -15.32
CA GLY F 450 -14.80 -7.10 -14.94
C GLY F 450 -14.53 -6.02 -15.97
N ALA F 451 -13.28 -5.57 -16.03
CA ALA F 451 -12.90 -4.54 -16.97
C ALA F 451 -11.40 -4.63 -17.23
N VAL F 452 -11.00 -4.32 -18.46
CA VAL F 452 -9.60 -4.31 -18.86
C VAL F 452 -9.30 -2.97 -19.52
N GLN F 453 -8.01 -2.60 -19.51
CA GLN F 453 -7.57 -1.35 -20.10
C GLN F 453 -7.61 -1.43 -21.62
N ASP F 454 -7.76 -0.26 -22.26
CA ASP F 454 -7.89 -0.19 -23.71
C ASP F 454 -6.59 -0.62 -24.39
N LYS F 455 -6.72 -0.98 -25.67
CA LYS F 455 -5.61 -1.50 -26.46
C LYS F 455 -5.52 -0.86 -27.84
N GLY F 456 -6.17 0.29 -28.04
CA GLY F 456 -6.13 0.96 -29.32
C GLY F 456 -7.02 0.32 -30.36
N SER F 457 -6.45 0.00 -31.52
CA SER F 457 -7.19 -0.60 -32.62
C SER F 457 -6.53 -1.90 -33.05
N ILE F 458 -7.35 -2.91 -33.35
CA ILE F 458 -6.78 -4.18 -33.78
C ILE F 458 -6.19 -4.09 -35.18
N HIS F 459 -6.61 -3.11 -35.98
CA HIS F 459 -6.01 -2.93 -37.30
C HIS F 459 -4.52 -2.62 -37.22
N LYS F 460 -4.04 -2.16 -36.06
CA LYS F 460 -2.61 -2.03 -35.82
C LYS F 460 -2.09 -3.02 -34.79
N PHE F 461 -2.97 -3.57 -33.95
CA PHE F 461 -2.52 -4.54 -32.94
C PHE F 461 -2.22 -5.91 -33.57
N VAL F 462 -3.05 -6.32 -34.54
CA VAL F 462 -2.83 -7.62 -35.18
C VAL F 462 -1.49 -7.71 -35.90
N PRO F 463 -1.04 -6.71 -36.65
CA PRO F 463 0.30 -6.80 -37.25
C PRO F 463 1.41 -6.99 -36.23
N TYR F 464 1.28 -6.45 -35.02
CA TYR F 464 2.26 -6.73 -33.98
C TYR F 464 2.30 -8.22 -33.66
N LEU F 465 1.13 -8.83 -33.52
CA LEU F 465 1.06 -10.27 -33.25
C LEU F 465 1.66 -11.06 -34.40
N ILE F 466 1.38 -10.63 -35.63
CA ILE F 466 1.90 -11.33 -36.81
C ILE F 466 3.42 -11.26 -36.82
N ALA F 467 3.99 -10.08 -36.56
CA ALA F 467 5.43 -9.93 -36.54
C ALA F 467 6.05 -10.73 -35.41
N GLY F 468 5.41 -10.77 -34.24
CA GLY F 468 5.92 -11.58 -33.15
C GLY F 468 5.92 -13.06 -33.49
N ILE F 469 4.85 -13.55 -34.10
CA ILE F 469 4.79 -14.96 -34.50
C ILE F 469 5.87 -15.26 -35.53
N GLN F 470 6.06 -14.36 -36.50
CA GLN F 470 7.07 -14.58 -37.53
C GLN F 470 8.47 -14.63 -36.91
N HIS F 471 8.77 -13.71 -35.99
CA HIS F 471 10.07 -13.71 -35.34
C HIS F 471 10.27 -14.95 -34.48
N SER F 472 9.22 -15.39 -33.79
CA SER F 472 9.31 -16.60 -32.97
C SER F 472 9.57 -17.82 -33.84
N CYS F 473 8.89 -17.92 -34.99
CA CYS F 473 9.14 -19.03 -35.90
C CYS F 473 10.55 -18.97 -36.46
N GLN F 474 11.04 -17.76 -36.77
CA GLN F 474 12.41 -17.62 -37.24
C GLN F 474 13.41 -18.10 -36.20
N ASP F 475 13.21 -17.72 -34.94
CA ASP F 475 14.11 -18.15 -33.88
C ASP F 475 14.02 -19.65 -33.65
N ILE F 476 12.81 -20.21 -33.78
CA ILE F 476 12.63 -21.66 -33.69
C ILE F 476 13.37 -22.38 -34.80
N GLY F 477 13.42 -21.78 -35.99
CA GLY F 477 14.05 -22.41 -37.13
C GLY F 477 13.09 -22.96 -38.15
N ALA F 478 11.82 -22.58 -38.10
CA ALA F 478 10.81 -23.05 -39.04
C ALA F 478 10.33 -21.88 -39.89
N LYS F 479 10.16 -22.13 -41.19
CA LYS F 479 9.67 -21.11 -42.10
C LYS F 479 8.16 -21.16 -42.28
N SER F 480 7.46 -22.03 -41.56
CA SER F 480 6.01 -22.07 -41.60
C SER F 480 5.47 -22.75 -40.35
N LEU F 481 4.22 -22.45 -40.04
CA LEU F 481 3.57 -23.08 -38.89
C LEU F 481 3.38 -24.58 -39.13
N THR F 482 3.07 -24.97 -40.36
CA THR F 482 3.03 -26.39 -40.68
C THR F 482 4.39 -27.04 -40.44
N GLN F 483 5.47 -26.36 -40.81
CA GLN F 483 6.80 -26.92 -40.57
C GLN F 483 7.11 -27.03 -39.09
N VAL F 484 6.73 -26.03 -38.29
CA VAL F 484 7.04 -26.11 -36.86
C VAL F 484 6.25 -27.23 -36.19
N ARG F 485 4.99 -27.42 -36.61
CA ARG F 485 4.23 -28.56 -36.10
C ARG F 485 4.86 -29.87 -36.56
N ALA F 486 5.37 -29.91 -37.79
CA ALA F 486 6.01 -31.11 -38.30
C ALA F 486 7.24 -31.47 -37.48
N MET F 487 8.09 -30.49 -37.16
CA MET F 487 9.25 -30.82 -36.36
C MET F 487 8.88 -31.13 -34.91
N MET F 488 7.81 -30.53 -34.38
CA MET F 488 7.35 -30.90 -33.06
C MET F 488 6.95 -32.36 -33.02
N TYR F 489 6.19 -32.82 -34.03
CA TYR F 489 5.75 -34.20 -34.04
C TYR F 489 6.92 -35.16 -34.31
N SER F 490 7.84 -34.79 -35.21
CA SER F 490 8.96 -35.66 -35.52
C SER F 490 9.98 -35.72 -34.38
N GLY F 491 10.01 -34.72 -33.50
CA GLY F 491 10.94 -34.69 -32.40
C GLY F 491 12.15 -33.81 -32.62
N GLU F 492 12.26 -33.14 -33.77
CA GLU F 492 13.37 -32.22 -33.97
C GLU F 492 13.26 -31.00 -33.07
N LEU F 493 12.04 -30.49 -32.89
CA LEU F 493 11.81 -29.39 -31.97
C LEU F 493 11.95 -29.87 -30.53
N LYS F 494 12.62 -29.06 -29.71
CA LYS F 494 12.93 -29.45 -28.33
C LYS F 494 12.39 -28.40 -27.37
N PHE F 495 12.10 -28.85 -26.15
CA PHE F 495 11.50 -28.00 -25.13
C PHE F 495 12.29 -28.13 -23.84
N GLU F 496 12.21 -27.08 -23.01
CA GLU F 496 12.85 -27.05 -21.71
C GLU F 496 11.83 -26.61 -20.67
N LYS F 497 11.51 -27.51 -19.73
CA LYS F 497 10.67 -27.12 -18.61
C LYS F 497 11.44 -26.21 -17.67
N ARG F 498 10.78 -25.16 -17.20
CA ARG F 498 11.43 -24.15 -16.37
C ARG F 498 10.69 -23.99 -15.05
N THR F 499 11.44 -23.84 -13.97
CA THR F 499 10.87 -23.75 -12.64
C THR F 499 10.35 -22.34 -12.36
N SER F 500 9.85 -22.14 -11.15
CA SER F 500 9.31 -20.85 -10.76
C SER F 500 10.38 -19.76 -10.76
N SER F 501 11.58 -20.08 -10.27
CA SER F 501 12.67 -19.11 -10.28
C SER F 501 13.07 -18.74 -11.71
N ALA F 502 13.09 -19.73 -12.60
CA ALA F 502 13.42 -19.46 -13.99
C ALA F 502 12.42 -18.52 -14.64
N GLN F 503 11.13 -18.65 -14.30
CA GLN F 503 10.14 -17.70 -14.80
C GLN F 503 10.40 -16.30 -14.28
N VAL F 504 10.77 -16.18 -13.00
CA VAL F 504 11.08 -14.88 -12.42
C VAL F 504 12.24 -14.23 -13.15
N GLU F 505 13.30 -15.02 -13.42
CA GLU F 505 14.44 -14.48 -14.15
C GLU F 505 14.09 -14.18 -15.61
N GLY F 506 13.20 -14.94 -16.22
CA GLY F 506 12.76 -14.66 -17.57
C GLY F 506 11.85 -13.47 -17.70
N GLY F 507 11.25 -13.03 -16.59
CA GLY F 507 10.54 -11.77 -16.54
C GLY F 507 11.48 -10.60 -16.31
N VAL F 508 10.88 -9.43 -16.12
CA VAL F 508 11.64 -8.22 -15.84
C VAL F 508 12.01 -8.18 -14.36
N HIS F 509 13.27 -7.96 -14.08
CA HIS F 509 13.73 -7.85 -12.71
C HIS F 509 14.87 -6.84 -12.62
N SER F 510 15.41 -6.62 -11.43
CA SER F 510 16.58 -5.78 -11.15
C SER F 510 16.41 -4.35 -11.64
N LEU F 511 15.16 -3.87 -11.74
CA LEU F 511 14.88 -2.51 -12.18
C LEU F 511 14.00 -1.81 -11.15
N HIS F 512 14.27 -0.53 -10.92
CA HIS F 512 13.39 0.27 -10.07
C HIS F 512 12.05 0.52 -10.75
N SER F 513 12.08 0.91 -12.02
CA SER F 513 10.89 1.09 -12.83
C SER F 513 11.27 0.81 -14.27
N TYR F 514 10.27 0.50 -15.09
CA TYR F 514 10.56 0.08 -16.46
C TYR F 514 9.41 0.46 -17.39
N GLU F 515 9.66 0.27 -18.68
CA GLU F 515 8.77 0.71 -19.74
C GLU F 515 8.44 -0.49 -20.62
N LYS F 516 7.15 -0.75 -20.84
CA LYS F 516 6.78 -1.94 -21.60
C LYS F 516 6.06 -1.58 -22.90
N ARG F 517 6.56 -0.57 -23.61
CA ARG F 517 6.07 -0.29 -24.95
C ARG F 517 6.52 -1.38 -25.90
N LEU F 518 5.60 -1.87 -26.73
CA LEU F 518 5.88 -2.96 -27.65
C LEU F 518 5.91 -2.55 -29.11
N PHE F 519 5.09 -1.58 -29.50
CA PHE F 519 5.06 -1.10 -30.88
C PHE F 519 4.30 0.22 -30.98
N SER G 16 40.87 -40.27 1.80
CA SER G 16 40.28 -41.01 2.91
C SER G 16 38.90 -41.53 2.54
N TYR G 17 38.06 -41.74 3.56
CA TYR G 17 36.71 -42.26 3.35
C TYR G 17 35.88 -41.26 2.56
N VAL G 18 35.74 -40.04 3.08
CA VAL G 18 35.00 -38.95 2.44
C VAL G 18 33.59 -39.46 2.11
N PRO G 19 32.69 -39.50 3.09
CA PRO G 19 31.35 -40.03 2.83
C PRO G 19 30.64 -39.25 1.73
N ASP G 20 29.91 -39.98 0.89
CA ASP G 20 29.21 -39.38 -0.24
C ASP G 20 27.99 -38.64 0.29
N ASP G 21 27.83 -37.39 -0.13
CA ASP G 21 26.73 -36.57 0.36
C ASP G 21 26.52 -35.43 -0.63
N GLY G 22 25.40 -35.45 -1.33
CA GLY G 22 25.09 -34.44 -2.33
C GLY G 22 25.14 -35.00 -3.74
N LEU G 23 24.67 -34.17 -4.68
CA LEU G 23 24.62 -34.54 -6.08
C LEU G 23 25.70 -33.81 -6.87
N THR G 24 26.24 -34.50 -7.87
CA THR G 24 27.18 -33.88 -8.79
C THR G 24 26.42 -33.01 -9.79
N ALA G 25 27.17 -32.24 -10.58
CA ALA G 25 26.55 -31.38 -11.58
C ALA G 25 25.84 -32.19 -12.65
N GLN G 26 26.43 -33.31 -13.07
CA GLN G 26 25.80 -34.17 -14.07
C GLN G 26 24.48 -34.71 -13.55
N GLN G 27 24.44 -35.13 -12.28
CA GLN G 27 23.21 -35.62 -11.69
C GLN G 27 22.18 -34.50 -11.53
N LEU G 28 22.66 -33.29 -11.21
CA LEU G 28 21.74 -32.18 -10.94
C LEU G 28 21.07 -31.69 -12.22
N PHE G 29 21.84 -31.58 -13.30
CA PHE G 29 21.32 -30.98 -14.53
C PHE G 29 20.79 -31.98 -15.54
N ASN G 30 20.76 -33.27 -15.21
CA ASN G 30 20.08 -34.24 -16.07
C ASN G 30 18.66 -34.56 -15.61
N CYS G 31 18.15 -33.84 -14.61
CA CYS G 31 16.83 -34.11 -14.05
C CYS G 31 15.70 -33.74 -15.01
N GLY G 32 15.98 -33.03 -16.10
CA GLY G 32 14.96 -32.71 -17.06
C GLY G 32 14.15 -31.47 -16.76
N ASP G 33 14.61 -30.61 -15.85
CA ASP G 33 13.94 -29.35 -15.58
C ASP G 33 14.97 -28.24 -15.55
N GLY G 34 14.51 -27.02 -15.84
CA GLY G 34 15.41 -25.89 -15.99
C GLY G 34 15.69 -25.15 -14.70
N LEU G 35 16.86 -25.39 -14.11
CA LEU G 35 17.26 -24.67 -12.92
C LEU G 35 17.96 -23.37 -13.27
N THR G 36 17.75 -22.36 -12.43
CA THR G 36 18.51 -21.12 -12.48
C THR G 36 19.38 -21.04 -11.23
N TYR G 37 20.11 -19.94 -11.07
CA TYR G 37 21.07 -19.82 -9.99
C TYR G 37 20.43 -19.95 -8.61
N ASN G 38 19.13 -19.69 -8.48
CA ASN G 38 18.49 -19.73 -7.18
C ASN G 38 18.10 -21.14 -6.75
N ASP G 39 18.05 -22.09 -7.69
CA ASP G 39 17.50 -23.41 -7.38
C ASP G 39 18.52 -24.39 -6.84
N PHE G 40 19.78 -24.01 -6.66
CA PHE G 40 20.79 -24.94 -6.19
C PHE G 40 21.84 -24.19 -5.41
N LEU G 41 22.60 -24.95 -4.61
CA LEU G 41 23.71 -24.42 -3.81
C LEU G 41 24.93 -25.30 -4.00
N ILE G 42 26.08 -24.77 -3.62
CA ILE G 42 27.32 -25.52 -3.64
C ILE G 42 27.68 -25.93 -2.22
N LEU G 43 27.91 -27.21 -2.01
CA LEU G 43 28.17 -27.70 -0.67
C LEU G 43 29.59 -27.32 -0.22
N PRO G 44 29.76 -27.07 1.08
CA PRO G 44 31.08 -26.68 1.58
C PRO G 44 32.10 -27.80 1.44
N GLY G 45 33.36 -27.40 1.32
CA GLY G 45 34.45 -28.36 1.20
C GLY G 45 35.40 -28.34 2.38
N TYR G 46 36.71 -28.30 2.09
CA TYR G 46 37.73 -28.31 3.13
C TYR G 46 38.65 -27.12 2.92
N ILE G 47 38.92 -26.38 3.99
CA ILE G 47 39.73 -25.18 3.94
C ILE G 47 41.11 -25.51 4.50
N ASP G 48 42.15 -25.24 3.71
CA ASP G 48 43.53 -25.38 4.16
C ASP G 48 44.40 -24.23 3.68
N PHE G 49 43.80 -23.06 3.47
CA PHE G 49 44.52 -21.88 3.00
C PHE G 49 43.72 -20.64 3.38
N THR G 50 44.39 -19.50 3.40
CA THR G 50 43.73 -18.25 3.74
C THR G 50 42.86 -17.79 2.57
N ALA G 51 41.91 -16.90 2.88
CA ALA G 51 40.93 -16.48 1.89
C ALA G 51 41.58 -15.77 0.70
N ASP G 52 42.57 -14.93 0.96
CA ASP G 52 43.18 -14.14 -0.11
C ASP G 52 44.25 -14.89 -0.88
N GLN G 53 44.42 -16.20 -0.71
CA GLN G 53 45.37 -16.96 -1.52
C GLN G 53 44.74 -17.51 -2.80
N VAL G 54 43.45 -17.27 -3.01
CA VAL G 54 42.76 -17.84 -4.18
C VAL G 54 43.20 -17.10 -5.42
N ASP G 55 43.57 -17.86 -6.45
CA ASP G 55 43.99 -17.30 -7.73
C ASP G 55 42.78 -17.19 -8.65
N LEU G 56 42.55 -15.99 -9.18
CA LEU G 56 41.38 -15.71 -10.00
C LEU G 56 41.70 -15.63 -11.49
N THR G 57 42.87 -16.11 -11.90
CA THR G 57 43.22 -16.07 -13.33
C THR G 57 42.21 -16.86 -14.14
N SER G 58 41.72 -16.24 -15.22
CA SER G 58 40.71 -16.85 -16.05
C SER G 58 41.00 -16.52 -17.51
N ALA G 59 40.47 -17.36 -18.40
CA ALA G 59 40.66 -17.20 -19.84
C ALA G 59 39.41 -16.58 -20.44
N LEU G 60 39.59 -15.44 -21.12
CA LEU G 60 38.50 -14.81 -21.84
C LEU G 60 38.25 -15.46 -23.19
N THR G 61 39.30 -15.65 -23.97
CA THR G 61 39.24 -16.37 -25.24
C THR G 61 40.33 -17.43 -25.24
N LYS G 62 40.55 -18.03 -26.41
CA LYS G 62 41.62 -19.01 -26.53
C LYS G 62 42.99 -18.39 -26.35
N LYS G 63 43.13 -17.08 -26.60
CA LYS G 63 44.43 -16.43 -26.59
C LYS G 63 44.52 -15.24 -25.64
N ILE G 64 43.43 -14.83 -24.99
CA ILE G 64 43.44 -13.69 -24.08
C ILE G 64 42.95 -14.15 -22.72
N THR G 65 43.76 -13.89 -21.69
CA THR G 65 43.43 -14.24 -20.32
C THR G 65 43.39 -12.97 -19.48
N LEU G 66 42.39 -12.88 -18.61
CA LEU G 66 42.22 -11.74 -17.71
C LEU G 66 42.56 -12.15 -16.29
N LYS G 67 43.04 -11.19 -15.50
CA LYS G 67 43.37 -11.46 -14.12
C LYS G 67 42.13 -11.68 -13.25
N THR G 68 40.98 -11.22 -13.70
CA THR G 68 39.71 -11.44 -13.02
C THR G 68 38.70 -11.92 -14.06
N PRO G 69 37.71 -12.71 -13.64
CA PRO G 69 36.71 -13.23 -14.58
C PRO G 69 35.59 -12.25 -14.90
N LEU G 70 35.74 -10.97 -14.61
CA LEU G 70 34.66 -10.00 -14.72
C LEU G 70 34.70 -9.30 -16.06
N VAL G 71 33.54 -9.19 -16.70
CA VAL G 71 33.39 -8.57 -18.02
C VAL G 71 32.14 -7.71 -18.00
N SER G 72 32.18 -6.61 -18.75
CA SER G 72 31.06 -5.68 -18.83
C SER G 72 30.34 -5.83 -20.17
N SER G 73 29.01 -5.72 -20.12
CA SER G 73 28.20 -5.97 -21.31
C SER G 73 28.33 -4.82 -22.31
N PRO G 74 28.29 -5.12 -23.61
CA PRO G 74 28.33 -4.04 -24.61
C PRO G 74 26.96 -3.40 -24.85
N MET G 75 26.55 -2.50 -23.97
CA MET G 75 25.28 -1.80 -24.12
C MET G 75 25.48 -0.31 -23.87
N ASP G 76 24.65 0.50 -24.52
CA ASP G 76 24.87 1.94 -24.57
C ASP G 76 24.69 2.65 -23.23
N THR G 77 24.14 1.99 -22.22
CA THR G 77 24.06 2.57 -20.88
C THR G 77 25.00 1.91 -19.88
N VAL G 78 25.99 1.16 -20.35
CA VAL G 78 26.93 0.48 -19.46
C VAL G 78 28.36 0.89 -19.79
N THR G 79 28.75 0.72 -21.05
CA THR G 79 30.14 0.93 -21.47
C THR G 79 30.19 1.87 -22.68
N GLU G 80 30.80 3.04 -22.50
CA GLU G 80 31.14 3.83 -23.67
C GLU G 80 32.65 4.00 -23.80
N ALA G 81 33.28 4.69 -22.86
CA ALA G 81 34.73 4.68 -22.71
C ALA G 81 35.18 4.55 -21.27
N GLY G 82 34.50 5.23 -20.34
CA GLY G 82 34.97 5.26 -18.95
C GLY G 82 34.86 3.91 -18.29
N MET G 83 33.73 3.23 -18.49
CA MET G 83 33.57 1.89 -17.92
C MET G 83 34.57 0.92 -18.49
N ALA G 84 34.84 1.01 -19.80
CA ALA G 84 35.84 0.12 -20.40
C ALA G 84 37.23 0.38 -19.83
N ILE G 85 37.61 1.65 -19.67
CA ILE G 85 38.91 1.98 -19.10
C ILE G 85 39.00 1.45 -17.67
N ALA G 86 37.96 1.68 -16.88
CA ALA G 86 37.98 1.26 -15.48
C ALA G 86 38.00 -0.25 -15.33
N MET G 87 37.22 -0.97 -16.16
CA MET G 87 37.25 -2.43 -16.12
C MET G 87 38.62 -2.96 -16.55
N ALA G 88 39.23 -2.33 -17.55
CA ALA G 88 40.58 -2.73 -17.95
C ALA G 88 41.56 -2.50 -16.81
N LEU G 89 41.39 -1.41 -16.06
CA LEU G 89 42.28 -1.10 -14.95
C LEU G 89 42.02 -1.95 -13.73
N THR G 90 40.86 -2.61 -13.62
CA THR G 90 40.54 -3.42 -12.46
C THR G 90 40.78 -4.91 -12.69
N GLY G 91 41.45 -5.28 -13.78
CA GLY G 91 41.78 -6.66 -14.04
C GLY G 91 40.98 -7.35 -15.12
N GLY G 92 39.85 -6.79 -15.54
CA GLY G 92 39.07 -7.31 -16.63
C GLY G 92 39.23 -6.49 -17.90
N ILE G 93 38.19 -6.56 -18.75
CA ILE G 93 38.09 -5.69 -19.91
C ILE G 93 36.63 -5.26 -20.07
N GLY G 94 36.41 -4.38 -21.04
CA GLY G 94 35.07 -3.96 -21.38
C GLY G 94 34.78 -4.12 -22.86
N PHE G 95 33.50 -4.11 -23.23
CA PHE G 95 33.09 -4.20 -24.62
C PHE G 95 32.25 -2.97 -24.96
N ILE G 96 32.59 -2.31 -26.06
CA ILE G 96 31.94 -1.07 -26.44
C ILE G 96 30.79 -1.38 -27.39
N HIS G 97 29.62 -0.81 -27.09
CA HIS G 97 28.40 -1.09 -27.85
C HIS G 97 28.52 -0.53 -29.27
N HIS G 98 27.50 -0.84 -30.08
CA HIS G 98 27.42 -0.33 -31.45
C HIS G 98 26.09 0.35 -31.74
N ASN G 99 25.53 1.04 -30.76
CA ASN G 99 24.35 1.89 -30.98
C ASN G 99 24.74 3.29 -31.42
N CYS G 100 25.92 3.41 -32.02
CA CYS G 100 26.49 4.69 -32.39
C CYS G 100 27.18 4.53 -33.73
N THR G 101 27.57 5.67 -34.31
CA THR G 101 28.24 5.66 -35.60
C THR G 101 29.58 4.94 -35.50
N PRO G 102 30.00 4.25 -36.56
CA PRO G 102 31.28 3.53 -36.53
C PRO G 102 32.48 4.42 -36.21
N GLU G 103 32.48 5.66 -36.70
CA GLU G 103 33.57 6.56 -36.36
C GLU G 103 33.60 6.86 -34.87
N PHE G 104 32.43 7.06 -34.26
CA PHE G 104 32.37 7.31 -32.83
C PHE G 104 32.83 6.08 -32.05
N GLN G 105 32.42 4.89 -32.49
CA GLN G 105 32.85 3.66 -31.81
C GLN G 105 34.36 3.49 -31.88
N ALA G 106 34.94 3.75 -33.06
CA ALA G 106 36.39 3.69 -33.20
C ALA G 106 37.07 4.75 -32.35
N ASN G 107 36.47 5.94 -32.23
CA ASN G 107 37.02 6.97 -31.35
C ASN G 107 37.02 6.52 -29.90
N GLU G 108 35.95 5.86 -29.46
CA GLU G 108 35.91 5.35 -28.09
C GLU G 108 36.97 4.27 -27.88
N VAL G 109 37.14 3.40 -28.87
CA VAL G 109 38.17 2.36 -28.78
C VAL G 109 39.55 2.99 -28.67
N ARG G 110 39.83 4.00 -29.50
CA ARG G 110 41.12 4.67 -29.44
C ARG G 110 41.32 5.38 -28.10
N LYS G 111 40.25 6.00 -27.58
CA LYS G 111 40.33 6.64 -26.28
C LYS G 111 40.67 5.64 -25.18
N VAL G 112 40.10 4.44 -25.26
CA VAL G 112 40.44 3.40 -24.28
C VAL G 112 41.90 2.97 -24.45
N LYS G 113 42.31 2.75 -25.70
CA LYS G 113 43.66 2.23 -25.96
C LYS G 113 44.73 3.22 -25.54
N LYS G 114 44.48 4.51 -25.74
CA LYS G 114 45.50 5.54 -25.55
C LYS G 114 45.65 5.98 -24.09
N TYR G 115 44.97 5.30 -23.16
CA TYR G 115 44.91 5.79 -21.79
C TYR G 115 46.25 5.66 -21.07
N GLU G 116 47.00 4.58 -21.34
CA GLU G 116 48.20 4.31 -20.54
C GLU G 116 49.31 3.71 -21.40
N GLN G 117 49.36 4.03 -22.70
CA GLN G 117 50.44 3.52 -23.54
C GLN G 117 51.83 3.92 -23.05
N GLY G 118 52.65 2.94 -22.67
CA GLY G 118 54.06 3.19 -22.49
C GLY G 118 54.76 3.29 -23.84
N PHE G 119 55.81 4.12 -23.88
CA PHE G 119 56.55 4.39 -25.13
C PHE G 119 55.62 5.02 -26.17
N ILE G 120 55.02 6.15 -25.80
CA ILE G 120 54.02 6.85 -26.61
C ILE G 120 54.55 7.16 -28.00
N THR G 121 53.91 6.59 -29.02
CA THR G 121 54.31 6.77 -30.41
C THR G 121 53.21 7.53 -31.15
N ASP G 122 53.63 8.31 -32.16
CA ASP G 122 52.89 9.41 -32.78
C ASP G 122 52.09 10.21 -31.76
N PRO G 123 52.75 10.88 -30.80
CA PRO G 123 52.02 11.75 -29.87
C PRO G 123 51.68 13.09 -30.51
N VAL G 124 51.01 13.93 -29.71
CA VAL G 124 50.69 15.29 -30.14
C VAL G 124 51.94 16.15 -30.05
N VAL G 125 52.25 16.85 -31.15
CA VAL G 125 53.40 17.75 -31.22
C VAL G 125 52.99 19.05 -31.90
N LEU G 126 53.85 20.07 -31.76
CA LEU G 126 53.57 21.41 -32.23
C LEU G 126 54.85 22.02 -32.82
N SER G 127 54.67 23.10 -33.61
CA SER G 127 55.81 23.77 -34.24
C SER G 127 56.07 25.12 -33.58
N PRO G 128 57.31 25.61 -33.67
CA PRO G 128 57.66 26.84 -32.92
C PRO G 128 56.89 28.09 -33.33
N LYS G 129 56.27 28.12 -34.50
CA LYS G 129 55.62 29.33 -35.01
C LYS G 129 54.11 29.29 -34.87
N ASP G 130 53.60 28.76 -33.77
CA ASP G 130 52.17 28.71 -33.48
C ASP G 130 51.83 29.46 -32.21
N ARG G 131 50.61 29.98 -32.13
CA ARG G 131 50.13 30.69 -30.95
C ARG G 131 49.77 29.71 -29.83
N VAL G 132 49.75 30.22 -28.59
CA VAL G 132 49.41 29.40 -27.43
C VAL G 132 47.93 29.03 -27.39
N ARG G 133 47.10 29.75 -28.16
CA ARG G 133 45.66 29.50 -28.13
C ARG G 133 45.33 28.07 -28.49
N ASP G 134 46.02 27.51 -29.49
CA ASP G 134 45.75 26.12 -29.82
C ASP G 134 46.40 25.14 -28.84
N VAL G 135 47.37 25.58 -28.01
CA VAL G 135 47.78 24.76 -26.89
C VAL G 135 46.64 24.63 -25.89
N PHE G 136 45.96 25.74 -25.59
CA PHE G 136 44.82 25.66 -24.69
C PHE G 136 43.69 24.83 -25.29
N GLU G 137 43.45 24.98 -26.60
CA GLU G 137 42.45 24.14 -27.25
C GLU G 137 42.89 22.67 -27.25
N ALA G 138 44.19 22.41 -27.37
CA ALA G 138 44.70 21.04 -27.33
C ALA G 138 44.48 20.42 -25.96
N LYS G 139 44.75 21.17 -24.89
CA LYS G 139 44.50 20.61 -23.56
C LYS G 139 43.02 20.39 -23.33
N ALA G 140 42.17 21.28 -23.87
CA ALA G 140 40.72 21.06 -23.78
C ALA G 140 40.27 19.83 -24.55
N ARG G 141 40.87 19.56 -25.71
CA ARG G 141 40.41 18.49 -26.58
C ARG G 141 40.99 17.14 -26.19
N HIS G 142 42.31 17.09 -25.96
CA HIS G 142 43.01 15.85 -25.68
C HIS G 142 43.15 15.55 -24.19
N GLY G 143 43.25 16.57 -23.34
CA GLY G 143 43.39 16.35 -21.91
C GLY G 143 44.81 16.31 -21.38
N PHE G 144 45.80 16.77 -22.15
CA PHE G 144 47.18 16.79 -21.69
C PHE G 144 47.95 17.91 -22.37
N CYS G 145 49.03 18.34 -21.72
CA CYS G 145 49.83 19.47 -22.17
C CYS G 145 51.29 19.15 -22.44
N GLY G 146 51.74 17.93 -22.14
CA GLY G 146 53.14 17.55 -22.28
C GLY G 146 53.52 17.34 -23.74
N ILE G 147 53.67 18.44 -24.46
CA ILE G 147 53.64 18.45 -25.92
C ILE G 147 55.06 18.76 -26.41
N PRO G 148 55.75 17.83 -27.09
CA PRO G 148 57.04 18.16 -27.69
C PRO G 148 56.89 19.15 -28.84
N ILE G 149 57.95 19.94 -29.06
CA ILE G 149 57.93 20.99 -30.06
C ILE G 149 59.05 20.70 -31.06
N THR G 150 58.70 20.67 -32.35
CA THR G 150 59.62 20.20 -33.38
C THR G 150 59.47 21.07 -34.62
N ASP G 151 60.54 21.13 -35.43
CA ASP G 151 60.74 22.30 -36.30
C ASP G 151 59.85 22.33 -37.53
N THR G 152 59.06 21.29 -37.82
CA THR G 152 57.98 21.40 -38.79
C THR G 152 56.64 20.95 -38.22
N GLY G 153 56.56 20.72 -36.91
CA GLY G 153 55.32 20.26 -36.32
C GLY G 153 54.93 18.86 -36.72
N ARG G 154 55.89 18.04 -37.13
CA ARG G 154 55.64 16.69 -37.60
C ARG G 154 56.61 15.72 -36.95
N MET G 155 56.23 14.44 -36.97
CA MET G 155 56.95 13.40 -36.27
C MET G 155 58.36 13.27 -36.82
N GLY G 156 58.50 13.35 -38.15
CA GLY G 156 59.78 13.32 -38.82
C GLY G 156 60.44 14.68 -38.97
N SER G 157 60.72 15.34 -37.85
CA SER G 157 61.41 16.62 -37.85
C SER G 157 62.21 16.76 -36.57
N ARG G 158 63.17 17.68 -36.59
CA ARG G 158 64.12 17.81 -35.48
C ARG G 158 63.45 18.39 -34.24
N LEU G 159 63.87 17.89 -33.09
CA LEU G 159 63.32 18.37 -31.82
C LEU G 159 63.87 19.76 -31.50
N VAL G 160 62.97 20.67 -31.13
CA VAL G 160 63.32 22.04 -30.79
C VAL G 160 63.16 22.30 -29.29
N GLY G 161 62.11 21.76 -28.69
CA GLY G 161 61.86 22.00 -27.28
C GLY G 161 60.65 21.20 -26.82
N ILE G 162 60.21 21.49 -25.59
CA ILE G 162 59.08 20.78 -25.00
C ILE G 162 58.37 21.72 -24.04
N ILE G 163 57.05 21.55 -23.91
CA ILE G 163 56.25 22.32 -22.98
C ILE G 163 55.46 21.37 -22.08
N SER G 164 55.13 21.89 -20.89
CA SER G 164 54.28 21.20 -19.94
C SER G 164 53.40 22.25 -19.29
N SER G 165 52.51 21.81 -18.40
CA SER G 165 51.55 22.73 -17.81
C SER G 165 52.22 23.83 -17.02
N ARG G 166 53.34 23.54 -16.39
CA ARG G 166 54.05 24.54 -15.59
C ARG G 166 54.51 25.73 -16.41
N ASP G 167 54.68 25.52 -17.69
CA ASP G 167 55.06 26.60 -18.60
C ASP G 167 53.88 27.47 -18.99
N ILE G 168 52.65 27.01 -18.78
CA ILE G 168 51.46 27.75 -19.16
C ILE G 168 50.41 27.84 -18.06
N ASP G 169 50.76 27.48 -16.81
CA ASP G 169 49.78 27.50 -15.74
C ASP G 169 49.26 28.91 -15.48
N PHE G 170 50.15 29.90 -15.46
CA PHE G 170 49.78 31.27 -15.08
C PHE G 170 50.33 32.23 -16.11
N LEU G 171 49.44 33.04 -16.70
CA LEU G 171 49.78 34.13 -17.59
C LEU G 171 48.99 35.36 -17.17
N LYS G 172 49.28 36.49 -17.83
CA LYS G 172 48.59 37.73 -17.56
C LYS G 172 47.23 37.76 -18.27
N GLU G 173 46.62 38.94 -18.36
CA GLU G 173 45.21 39.12 -18.70
C GLU G 173 44.74 38.20 -19.83
N GLU G 174 43.60 37.55 -19.58
CA GLU G 174 42.86 36.65 -20.47
C GLU G 174 43.69 36.01 -21.59
N GLU G 175 43.59 36.53 -22.82
CA GLU G 175 44.16 35.85 -23.97
C GLU G 175 45.69 35.76 -23.89
N HIS G 176 46.35 36.85 -23.48
CA HIS G 176 47.82 36.93 -23.42
C HIS G 176 48.44 36.40 -24.71
N ASP G 177 48.04 37.01 -25.82
CA ASP G 177 48.40 36.55 -27.16
C ASP G 177 49.91 36.56 -27.39
N CYS G 178 50.48 35.38 -27.64
CA CYS G 178 51.91 35.25 -27.87
C CYS G 178 52.20 33.92 -28.57
N PHE G 179 53.31 33.88 -29.30
CA PHE G 179 53.86 32.62 -29.79
C PHE G 179 54.55 31.89 -28.65
N LEU G 180 54.69 30.57 -28.81
CA LEU G 180 55.29 29.75 -27.77
C LEU G 180 56.81 29.63 -27.91
N GLU G 181 57.45 30.52 -28.66
CA GLU G 181 58.89 30.42 -28.90
C GLU G 181 59.69 30.55 -27.61
N GLU G 182 59.43 31.62 -26.83
CA GLU G 182 60.15 31.81 -25.59
C GLU G 182 59.56 31.01 -24.43
N ILE G 183 58.47 30.27 -24.68
CA ILE G 183 57.80 29.55 -23.61
C ILE G 183 58.43 28.18 -23.36
N MET G 184 58.88 27.49 -24.41
CA MET G 184 59.28 26.10 -24.23
C MET G 184 60.63 25.97 -23.52
N THR G 185 60.91 24.75 -23.08
CA THR G 185 62.24 24.37 -22.63
C THR G 185 63.06 23.96 -23.86
N LYS G 186 64.13 24.71 -24.14
CA LYS G 186 64.87 24.52 -25.38
C LYS G 186 65.63 23.19 -25.39
N ARG G 187 65.99 22.76 -26.60
CA ARG G 187 66.81 21.57 -26.82
C ARG G 187 68.28 21.91 -26.55
N GLU G 188 68.54 22.43 -25.35
CA GLU G 188 69.89 22.63 -24.84
C GLU G 188 70.16 21.82 -23.59
N ASP G 189 69.13 21.60 -22.76
CA ASP G 189 69.32 20.86 -21.52
C ASP G 189 68.18 19.90 -21.19
N LEU G 190 67.19 19.72 -22.06
CA LEU G 190 66.14 18.75 -21.76
C LEU G 190 66.65 17.33 -22.01
N VAL G 191 66.26 16.41 -21.14
CA VAL G 191 66.86 15.08 -21.09
C VAL G 191 66.18 14.17 -22.11
N VAL G 192 67.00 13.43 -22.86
CA VAL G 192 66.57 12.65 -24.01
C VAL G 192 67.23 11.29 -23.99
N ALA G 193 66.49 10.26 -24.37
CA ALA G 193 67.02 8.91 -24.56
C ALA G 193 67.37 8.68 -26.03
N PRO G 194 68.49 8.03 -26.34
CA PRO G 194 68.75 7.62 -27.72
C PRO G 194 67.79 6.53 -28.16
N ALA G 195 67.55 6.46 -29.46
CA ALA G 195 66.59 5.51 -30.00
C ALA G 195 67.16 4.10 -30.00
N GLY G 196 66.25 3.13 -30.09
CA GLY G 196 66.61 1.72 -30.06
C GLY G 196 66.78 1.14 -28.68
N ILE G 197 66.70 1.96 -27.63
CA ILE G 197 66.84 1.49 -26.27
C ILE G 197 65.55 0.80 -25.82
N THR G 198 65.68 -0.25 -25.02
CA THR G 198 64.52 -0.98 -24.55
C THR G 198 63.73 -0.16 -23.52
N LEU G 199 62.44 -0.46 -23.45
CA LEU G 199 61.53 0.29 -22.58
C LEU G 199 61.97 0.23 -21.12
N LYS G 200 62.53 -0.89 -20.69
CA LYS G 200 62.98 -1.02 -19.31
C LYS G 200 64.06 0.02 -18.98
N GLU G 201 65.08 0.13 -19.83
CA GLU G 201 66.16 1.09 -19.60
C GLU G 201 65.69 2.53 -19.80
N ALA G 202 64.80 2.77 -20.76
CA ALA G 202 64.23 4.10 -20.92
C ALA G 202 63.45 4.52 -19.68
N ASN G 203 62.68 3.61 -19.10
CA ASN G 203 61.99 3.88 -17.85
C ASN G 203 62.98 4.15 -16.73
N GLU G 204 64.08 3.40 -16.68
CA GLU G 204 65.07 3.62 -15.63
C GLU G 204 65.63 5.04 -15.69
N ILE G 205 65.99 5.50 -16.89
CA ILE G 205 66.56 6.84 -16.97
C ILE G 205 65.49 7.92 -16.77
N LEU G 206 64.22 7.61 -17.06
CA LEU G 206 63.14 8.50 -16.61
C LEU G 206 63.08 8.59 -15.10
N GLN G 207 63.14 7.44 -14.43
CA GLN G 207 62.99 7.41 -12.98
C GLN G 207 64.13 8.17 -12.31
N ARG G 208 65.34 8.11 -12.89
CA ARG G 208 66.42 8.93 -12.37
C ARG G 208 66.31 10.39 -12.78
N SER G 209 65.70 10.68 -13.93
CA SER G 209 65.68 12.05 -14.44
C SER G 209 64.77 12.95 -13.60
N LYS G 210 63.58 12.47 -13.26
CA LYS G 210 62.59 13.19 -12.46
C LYS G 210 62.06 14.45 -13.16
N LYS G 211 62.36 14.44 -14.46
CA LYS G 211 62.00 15.46 -15.44
C LYS G 211 60.53 15.45 -15.75
N GLY G 212 59.91 14.29 -15.83
CA GLY G 212 58.50 14.29 -16.08
C GLY G 212 58.00 13.69 -17.36
N LYS G 213 58.82 13.71 -18.40
CA LYS G 213 58.51 13.15 -19.72
C LYS G 213 59.80 13.20 -20.53
N LEU G 214 60.22 12.08 -21.10
CA LEU G 214 61.47 12.15 -21.87
C LEU G 214 61.35 11.63 -23.27
N PRO G 215 61.71 12.44 -24.27
CA PRO G 215 61.60 11.92 -25.64
C PRO G 215 62.60 10.81 -25.94
N ILE G 216 62.24 10.00 -26.95
CA ILE G 216 63.14 9.04 -27.57
C ILE G 216 63.55 9.61 -28.92
N VAL G 217 64.85 9.78 -29.13
CA VAL G 217 65.36 10.52 -30.29
C VAL G 217 66.49 9.74 -30.95
N ASN G 218 66.48 9.71 -32.29
CA ASN G 218 67.52 9.01 -33.03
C ASN G 218 68.78 9.87 -33.15
N GLU G 219 69.75 9.36 -33.91
CA GLU G 219 71.05 10.03 -34.01
C GLU G 219 71.00 11.34 -34.79
N ASP G 220 69.91 11.59 -35.52
CA ASP G 220 69.76 12.81 -36.31
C ASP G 220 68.77 13.78 -35.69
N ASP G 221 68.61 13.75 -34.36
CA ASP G 221 67.75 14.65 -33.59
C ASP G 221 66.26 14.52 -33.95
N GLU G 222 65.85 13.39 -34.51
CA GLU G 222 64.46 13.18 -34.88
C GLU G 222 63.74 12.41 -33.78
N LEU G 223 62.55 12.89 -33.40
CA LEU G 223 61.81 12.28 -32.29
C LEU G 223 61.16 10.99 -32.74
N VAL G 224 61.36 9.92 -31.96
CA VAL G 224 60.76 8.62 -32.26
C VAL G 224 59.53 8.36 -31.39
N ALA G 225 59.63 8.68 -30.09
CA ALA G 225 58.56 8.42 -29.13
C ALA G 225 58.85 9.25 -27.88
N ILE G 226 57.89 9.25 -26.94
CA ILE G 226 58.10 9.86 -25.62
C ILE G 226 57.51 8.95 -24.55
N ILE G 227 57.92 9.19 -23.31
CA ILE G 227 57.45 8.44 -22.14
C ILE G 227 56.99 9.42 -21.08
N ALA G 228 55.88 9.13 -20.42
CA ALA G 228 55.35 9.92 -19.32
C ALA G 228 55.51 9.18 -18.01
N ARG G 229 55.93 9.89 -16.95
CA ARG G 229 56.08 9.21 -15.66
C ARG G 229 54.72 8.96 -15.01
N THR G 230 53.69 9.71 -15.43
CA THR G 230 52.33 9.36 -15.00
C THR G 230 51.94 7.98 -15.47
N ASP G 231 52.59 7.47 -16.52
CA ASP G 231 52.32 6.13 -16.98
C ASP G 231 52.78 5.12 -15.93
N LEU G 232 53.98 5.34 -15.38
CA LEU G 232 54.47 4.54 -14.26
C LEU G 232 53.60 4.70 -13.03
N LYS G 233 53.14 5.93 -12.77
CA LYS G 233 52.24 6.16 -11.65
C LYS G 233 50.97 5.33 -11.77
N LYS G 234 50.35 5.35 -12.96
CA LYS G 234 49.17 4.54 -13.20
C LYS G 234 49.48 3.05 -13.05
N ASN G 235 50.64 2.62 -13.56
CA ASN G 235 51.00 1.21 -13.47
C ASN G 235 51.11 0.75 -12.03
N ARG G 236 51.71 1.56 -11.17
CA ARG G 236 51.82 1.15 -9.76
C ARG G 236 50.47 1.24 -9.05
N ASP G 237 49.60 2.15 -9.47
CA ASP G 237 48.31 2.26 -8.77
C ASP G 237 47.33 1.17 -9.20
N TYR G 238 47.48 0.62 -10.41
CA TYR G 238 46.53 -0.36 -10.95
C TYR G 238 47.30 -1.60 -11.39
N PRO G 239 47.67 -2.47 -10.45
CA PRO G 239 48.58 -3.57 -10.80
C PRO G 239 47.93 -4.67 -11.62
N LEU G 240 46.70 -5.06 -11.30
CA LEU G 240 45.98 -6.07 -12.08
C LEU G 240 45.26 -5.36 -13.22
N ALA G 241 45.84 -5.41 -14.41
CA ALA G 241 45.20 -4.83 -15.59
C ALA G 241 45.32 -5.72 -16.82
N SER G 242 46.32 -6.60 -16.86
CA SER G 242 46.60 -7.48 -17.99
C SER G 242 46.68 -6.70 -19.31
N LYS G 243 47.59 -5.73 -19.35
CA LYS G 243 47.82 -4.93 -20.55
C LYS G 243 48.40 -5.79 -21.66
N ASP G 244 48.34 -5.28 -22.90
CA ASP G 244 48.88 -6.02 -24.04
C ASP G 244 50.40 -5.87 -24.08
N ALA G 245 51.00 -6.43 -25.14
CA ALA G 245 52.46 -6.46 -25.23
C ALA G 245 53.06 -5.06 -25.31
N LYS G 246 52.38 -4.13 -25.98
CA LYS G 246 52.85 -2.75 -26.08
C LYS G 246 52.40 -1.90 -24.87
N LYS G 247 51.95 -2.55 -23.81
CA LYS G 247 51.55 -1.90 -22.56
C LYS G 247 50.33 -0.99 -22.74
N GLN G 248 49.42 -1.38 -23.62
CA GLN G 248 48.14 -0.72 -23.73
C GLN G 248 47.02 -1.60 -23.19
N LEU G 249 45.96 -0.96 -22.71
CA LEU G 249 44.83 -1.70 -22.18
C LEU G 249 44.11 -2.45 -23.30
N PRO G 250 43.70 -3.69 -23.06
CA PRO G 250 42.90 -4.40 -24.06
C PRO G 250 41.49 -3.83 -24.13
N CYS G 251 40.91 -3.89 -25.33
CA CYS G 251 39.58 -3.35 -25.56
C CYS G 251 38.80 -4.25 -26.49
N GLY G 252 37.48 -4.26 -26.33
CA GLY G 252 36.60 -5.01 -27.20
C GLY G 252 35.44 -4.15 -27.66
N ALA G 253 34.85 -4.55 -28.78
CA ALA G 253 33.74 -3.83 -29.37
C ALA G 253 32.73 -4.82 -29.93
N ALA G 254 31.46 -4.39 -29.96
CA ALA G 254 30.37 -5.22 -30.45
C ALA G 254 29.98 -4.79 -31.85
N ILE G 255 29.76 -5.76 -32.73
CA ILE G 255 29.26 -5.49 -34.08
C ILE G 255 28.13 -6.45 -34.40
N GLY G 256 27.24 -6.02 -35.29
CA GLY G 256 26.18 -6.87 -35.77
C GLY G 256 26.63 -7.72 -36.94
N THR G 257 25.66 -8.41 -37.54
CA THR G 257 25.92 -9.31 -38.66
C THR G 257 25.56 -8.69 -40.00
N HIS G 258 25.14 -7.42 -40.02
CA HIS G 258 24.76 -6.78 -41.26
C HIS G 258 25.98 -6.35 -42.06
N GLU G 259 25.75 -5.96 -43.31
CA GLU G 259 26.84 -5.71 -44.25
C GLU G 259 27.71 -4.53 -43.84
N ASP G 260 27.09 -3.44 -43.38
CA ASP G 260 27.86 -2.26 -42.96
C ASP G 260 28.72 -2.54 -41.74
N ASP G 261 28.42 -3.60 -40.99
CA ASP G 261 29.29 -3.97 -39.90
C ASP G 261 30.65 -4.46 -40.37
N LYS G 262 30.80 -4.78 -41.67
CA LYS G 262 32.14 -5.03 -42.20
C LYS G 262 32.96 -3.75 -42.22
N TYR G 263 32.37 -2.64 -42.68
CA TYR G 263 33.07 -1.36 -42.61
C TYR G 263 33.33 -0.95 -41.16
N ARG G 264 32.36 -1.20 -40.28
CA ARG G 264 32.56 -0.93 -38.86
C ARG G 264 33.73 -1.75 -38.31
N LEU G 265 33.81 -3.02 -38.71
CA LEU G 265 34.91 -3.89 -38.27
C LEU G 265 36.25 -3.40 -38.80
N ASP G 266 36.28 -2.93 -40.05
CA ASP G 266 37.52 -2.38 -40.58
C ASP G 266 37.97 -1.17 -39.78
N LEU G 267 37.03 -0.28 -39.43
CA LEU G 267 37.39 0.87 -38.60
C LEU G 267 37.88 0.42 -37.22
N LEU G 268 37.22 -0.57 -36.62
CA LEU G 268 37.65 -1.06 -35.31
C LEU G 268 39.03 -1.69 -35.36
N ALA G 269 39.31 -2.47 -36.41
CA ALA G 269 40.63 -3.08 -36.55
C ALA G 269 41.70 -2.02 -36.78
N GLN G 270 41.36 -0.97 -37.52
CA GLN G 270 42.29 0.15 -37.65
C GLN G 270 42.55 0.80 -36.31
N ALA G 271 41.50 0.96 -35.49
CA ALA G 271 41.66 1.52 -34.15
C ALA G 271 42.42 0.58 -33.21
N GLY G 272 42.47 -0.72 -33.51
CA GLY G 272 43.27 -1.63 -32.74
C GLY G 272 42.52 -2.45 -31.69
N VAL G 273 41.33 -2.94 -32.04
CA VAL G 273 40.59 -3.79 -31.11
C VAL G 273 41.27 -5.15 -31.02
N ASP G 274 41.20 -5.75 -29.83
CA ASP G 274 41.77 -7.08 -29.62
C ASP G 274 40.73 -8.18 -29.74
N VAL G 275 39.48 -7.90 -29.40
CA VAL G 275 38.38 -8.84 -29.53
C VAL G 275 37.17 -8.11 -30.08
N VAL G 276 36.37 -8.82 -30.87
CA VAL G 276 35.10 -8.33 -31.36
C VAL G 276 34.04 -9.37 -30.99
N VAL G 277 32.90 -8.89 -30.49
CA VAL G 277 31.78 -9.75 -30.11
C VAL G 277 30.66 -9.53 -31.11
N LEU G 278 30.04 -10.61 -31.56
CA LEU G 278 28.90 -10.53 -32.47
C LEU G 278 27.63 -10.48 -31.61
N ASP G 279 26.98 -9.32 -31.60
CA ASP G 279 25.85 -9.07 -30.72
C ASP G 279 24.58 -9.41 -31.47
N SER G 280 23.94 -10.50 -31.06
CA SER G 280 22.69 -10.94 -31.68
C SER G 280 21.85 -11.67 -30.64
N SER G 281 20.54 -11.69 -30.88
CA SER G 281 19.64 -12.43 -30.00
C SER G 281 19.89 -13.93 -30.07
N GLN G 282 20.19 -14.45 -31.25
CA GLN G 282 20.50 -15.87 -31.42
C GLN G 282 21.61 -15.98 -32.44
N GLY G 283 22.74 -16.57 -32.03
CA GLY G 283 23.93 -16.59 -32.86
C GLY G 283 23.95 -17.69 -33.90
N ASN G 284 23.05 -18.65 -33.82
CA ASN G 284 23.04 -19.79 -34.75
C ASN G 284 22.32 -19.37 -36.02
N SER G 285 23.07 -18.73 -36.92
CA SER G 285 22.49 -18.23 -38.16
C SER G 285 23.54 -18.20 -39.25
N ILE G 286 23.07 -18.27 -40.50
CA ILE G 286 23.95 -18.20 -41.65
C ILE G 286 24.70 -16.87 -41.67
N PHE G 287 24.01 -15.79 -41.30
CA PHE G 287 24.65 -14.47 -41.29
C PHE G 287 25.82 -14.44 -40.32
N GLN G 288 25.62 -14.94 -39.11
CA GLN G 288 26.69 -14.96 -38.11
C GLN G 288 27.83 -15.87 -38.53
N ILE G 289 27.51 -17.06 -39.05
CA ILE G 289 28.58 -17.98 -39.47
C ILE G 289 29.39 -17.38 -40.61
N ASN G 290 28.71 -16.76 -41.58
CA ASN G 290 29.41 -16.13 -42.70
C ASN G 290 30.27 -14.97 -42.24
N MET G 291 29.77 -14.16 -41.29
CA MET G 291 30.59 -13.07 -40.77
C MET G 291 31.81 -13.61 -40.02
N ILE G 292 31.64 -14.71 -39.29
CA ILE G 292 32.78 -15.33 -38.61
C ILE G 292 33.82 -15.79 -39.61
N LYS G 293 33.38 -16.43 -40.70
CA LYS G 293 34.31 -16.87 -41.73
C LYS G 293 35.02 -15.67 -42.36
N TYR G 294 34.27 -14.60 -42.64
CA TYR G 294 34.87 -13.42 -43.26
C TYR G 294 35.92 -12.80 -42.35
N ILE G 295 35.62 -12.71 -41.05
CA ILE G 295 36.57 -12.12 -40.11
C ILE G 295 37.81 -13.01 -39.99
N LYS G 296 37.61 -14.32 -39.88
CA LYS G 296 38.75 -15.22 -39.75
C LYS G 296 39.62 -15.21 -41.00
N ASP G 297 39.03 -14.90 -42.17
CA ASP G 297 39.83 -14.81 -43.38
C ASP G 297 40.57 -13.48 -43.44
N LYS G 298 39.87 -12.36 -43.23
CA LYS G 298 40.47 -11.05 -43.44
C LYS G 298 41.43 -10.67 -42.33
N TYR G 299 41.10 -10.96 -41.07
CA TYR G 299 41.89 -10.57 -39.91
C TYR G 299 42.20 -11.83 -39.11
N PRO G 300 43.22 -12.59 -39.51
CA PRO G 300 43.47 -13.88 -38.84
C PRO G 300 43.76 -13.78 -37.36
N ASN G 301 44.42 -12.72 -36.91
CA ASN G 301 44.83 -12.61 -35.51
C ASN G 301 43.77 -12.03 -34.59
N LEU G 302 42.63 -11.60 -35.15
CA LEU G 302 41.59 -10.98 -34.33
C LEU G 302 40.68 -12.07 -33.76
N GLN G 303 40.49 -12.05 -32.44
CA GLN G 303 39.61 -13.02 -31.79
C GLN G 303 38.15 -12.63 -31.98
N VAL G 304 37.30 -13.64 -32.13
CA VAL G 304 35.86 -13.44 -32.30
C VAL G 304 35.13 -14.20 -31.20
N ILE G 305 34.12 -13.58 -30.61
CA ILE G 305 33.26 -14.21 -29.62
C ILE G 305 31.88 -14.37 -30.24
N GLY G 306 31.39 -15.61 -30.28
CA GLY G 306 30.10 -15.91 -30.86
C GLY G 306 28.99 -15.96 -29.82
N GLY G 307 27.77 -15.93 -30.29
CA GLY G 307 26.61 -15.98 -29.43
C GLY G 307 25.50 -15.14 -30.01
N ASN G 308 24.38 -15.09 -29.28
CA ASN G 308 24.17 -15.78 -28.01
C ASN G 308 23.61 -17.20 -28.26
N VAL G 309 24.17 -18.19 -27.55
CA VAL G 309 23.76 -19.57 -27.70
C VAL G 309 23.48 -20.16 -26.33
N VAL G 310 22.53 -21.10 -26.28
CA VAL G 310 22.14 -21.72 -25.02
C VAL G 310 22.07 -23.24 -25.18
N THR G 311 22.36 -23.74 -26.38
CA THR G 311 22.19 -25.16 -26.66
C THR G 311 23.46 -25.70 -27.30
N ALA G 312 23.71 -27.00 -27.08
CA ALA G 312 24.88 -27.65 -27.65
C ALA G 312 24.81 -27.70 -29.16
N ALA G 313 23.61 -27.77 -29.74
CA ALA G 313 23.50 -27.75 -31.19
C ALA G 313 23.95 -26.41 -31.76
N GLN G 314 23.69 -25.31 -31.05
CA GLN G 314 24.17 -24.01 -31.49
C GLN G 314 25.68 -23.87 -31.25
N ALA G 315 26.14 -24.37 -30.10
CA ALA G 315 27.57 -24.32 -29.80
C ALA G 315 28.38 -25.09 -30.84
N LYS G 316 27.86 -26.23 -31.30
CA LYS G 316 28.56 -27.01 -32.32
C LYS G 316 28.74 -26.20 -33.60
N ASN G 317 27.67 -25.55 -34.05
CA ASN G 317 27.73 -24.78 -35.28
C ASN G 317 28.71 -23.62 -35.15
N LEU G 318 28.69 -22.92 -34.01
CA LEU G 318 29.60 -21.79 -33.87
C LEU G 318 31.05 -22.24 -33.69
N ILE G 319 31.28 -23.35 -32.98
CA ILE G 319 32.64 -23.83 -32.77
C ILE G 319 33.23 -24.34 -34.09
N ASP G 320 32.42 -25.00 -34.92
CA ASP G 320 32.91 -25.49 -36.21
C ASP G 320 33.34 -24.33 -37.09
N ALA G 321 32.69 -23.18 -36.96
CA ALA G 321 33.03 -22.01 -37.77
C ALA G 321 34.32 -21.34 -37.32
N GLY G 322 34.86 -21.71 -36.17
CA GLY G 322 36.10 -21.14 -35.68
C GLY G 322 35.96 -20.11 -34.58
N VAL G 323 34.85 -20.13 -33.83
CA VAL G 323 34.68 -19.17 -32.74
C VAL G 323 35.66 -19.47 -31.61
N ASP G 324 36.24 -18.41 -31.03
CA ASP G 324 37.21 -18.55 -29.96
C ASP G 324 36.58 -18.48 -28.57
N ALA G 325 35.36 -17.97 -28.44
CA ALA G 325 34.69 -17.91 -27.15
C ALA G 325 33.20 -17.75 -27.38
N LEU G 326 32.41 -18.41 -26.53
CA LEU G 326 30.97 -18.41 -26.67
C LEU G 326 30.33 -17.54 -25.59
N ARG G 327 29.20 -16.93 -25.94
CA ARG G 327 28.44 -16.08 -25.04
C ARG G 327 27.09 -16.74 -24.81
N VAL G 328 26.80 -17.08 -23.55
CA VAL G 328 25.69 -17.95 -23.20
C VAL G 328 24.61 -17.13 -22.51
N GLY G 329 23.42 -17.12 -23.11
CA GLY G 329 22.28 -16.43 -22.54
C GLY G 329 21.20 -16.22 -23.58
N MET G 330 19.96 -16.35 -23.13
CA MET G 330 18.82 -16.14 -24.02
C MET G 330 17.61 -15.77 -23.15
N GLY G 331 17.29 -14.47 -23.11
CA GLY G 331 16.13 -14.01 -22.37
C GLY G 331 16.26 -14.10 -20.86
N SER G 332 17.45 -14.41 -20.35
CA SER G 332 17.68 -14.48 -18.92
C SER G 332 18.09 -13.15 -18.31
N GLY G 333 18.30 -12.13 -19.13
CA GLY G 333 18.75 -10.84 -18.63
C GLY G 333 17.66 -10.08 -17.90
N SER G 334 18.10 -9.16 -17.04
CA SER G 334 17.21 -8.28 -16.30
C SER G 334 16.36 -7.44 -17.25
N ILE G 335 16.95 -7.05 -18.38
CA ILE G 335 16.34 -6.11 -19.30
C ILE G 335 15.59 -6.78 -20.44
N CYS G 336 15.65 -8.10 -20.56
CA CYS G 336 15.17 -8.79 -21.73
C CYS G 336 13.80 -9.42 -21.47
N ILE G 337 12.98 -9.46 -22.52
CA ILE G 337 11.66 -10.08 -22.48
C ILE G 337 11.47 -11.08 -23.61
N THR G 338 12.58 -11.64 -24.11
CA THR G 338 12.50 -12.58 -25.23
C THR G 338 11.71 -13.83 -24.85
N GLN G 339 11.91 -14.34 -23.64
CA GLN G 339 11.18 -15.52 -23.22
C GLN G 339 9.68 -15.26 -23.14
N GLU G 340 9.28 -14.02 -22.86
CA GLU G 340 7.85 -13.70 -22.81
C GLU G 340 7.28 -13.46 -24.20
N VAL G 341 8.03 -12.79 -25.08
CA VAL G 341 7.48 -12.38 -26.37
C VAL G 341 7.63 -13.47 -27.42
N LEU G 342 8.84 -14.01 -27.58
CA LEU G 342 9.12 -14.98 -28.63
C LEU G 342 9.07 -16.42 -28.14
N ALA G 343 8.90 -16.64 -26.84
CA ALA G 343 8.72 -17.96 -26.24
C ALA G 343 9.97 -18.83 -26.36
N CYS G 344 11.07 -18.28 -26.87
CA CYS G 344 12.32 -19.03 -26.97
C CYS G 344 13.29 -18.59 -25.89
N GLY G 345 14.04 -19.54 -25.36
CA GLY G 345 15.00 -19.25 -24.31
C GLY G 345 15.36 -20.49 -23.54
N ARG G 346 16.05 -20.26 -22.43
CA ARG G 346 16.48 -21.33 -21.54
C ARG G 346 16.84 -20.74 -20.19
N PRO G 347 16.63 -21.48 -19.09
CA PRO G 347 17.15 -21.05 -17.80
C PRO G 347 18.67 -20.92 -17.81
N GLN G 348 19.17 -19.93 -17.09
CA GLN G 348 20.56 -19.51 -17.24
C GLN G 348 21.53 -20.57 -16.75
N ALA G 349 21.29 -21.13 -15.55
CA ALA G 349 22.23 -22.10 -15.00
C ALA G 349 22.32 -23.34 -15.87
N THR G 350 21.17 -23.86 -16.29
CA THR G 350 21.15 -25.04 -17.15
C THR G 350 21.84 -24.74 -18.48
N ALA G 351 21.55 -23.58 -19.08
CA ALA G 351 22.18 -23.24 -20.34
C ALA G 351 23.69 -23.12 -20.21
N VAL G 352 24.15 -22.47 -19.14
CA VAL G 352 25.59 -22.30 -18.93
C VAL G 352 26.27 -23.65 -18.79
N TYR G 353 25.69 -24.53 -17.96
CA TYR G 353 26.27 -25.85 -17.79
C TYR G 353 26.31 -26.63 -19.11
N LYS G 354 25.19 -26.61 -19.84
CA LYS G 354 25.10 -27.40 -21.07
C LYS G 354 26.10 -26.91 -22.12
N VAL G 355 26.21 -25.60 -22.29
CA VAL G 355 27.14 -25.07 -23.29
C VAL G 355 28.58 -25.28 -22.84
N SER G 356 28.86 -25.09 -21.55
CA SER G 356 30.23 -25.24 -21.07
C SER G 356 30.72 -26.68 -21.20
N GLU G 357 29.83 -27.65 -20.92
CA GLU G 357 30.23 -29.04 -21.01
C GLU G 357 30.65 -29.41 -22.43
N TYR G 358 29.92 -28.91 -23.43
CA TYR G 358 30.27 -29.21 -24.82
C TYR G 358 31.50 -28.42 -25.26
N ALA G 359 31.60 -27.15 -24.88
CA ALA G 359 32.72 -26.33 -25.31
C ALA G 359 34.03 -26.79 -24.67
N ARG G 360 33.96 -27.40 -23.50
CA ARG G 360 35.16 -27.92 -22.84
C ARG G 360 35.87 -28.95 -23.71
N ARG G 361 35.11 -29.73 -24.48
CA ARG G 361 35.69 -30.76 -25.33
C ARG G 361 36.66 -30.17 -26.35
N PHE G 362 36.44 -28.93 -26.77
CA PHE G 362 37.28 -28.27 -27.76
C PHE G 362 38.07 -27.11 -27.18
N GLY G 363 38.06 -26.94 -25.86
CA GLY G 363 38.86 -25.91 -25.22
C GLY G 363 38.40 -24.49 -25.47
N VAL G 364 37.11 -24.30 -25.72
CA VAL G 364 36.55 -22.98 -26.01
C VAL G 364 35.94 -22.44 -24.72
N PRO G 365 36.41 -21.32 -24.19
CA PRO G 365 35.76 -20.71 -23.03
C PRO G 365 34.39 -20.18 -23.39
N VAL G 366 33.53 -20.06 -22.37
CA VAL G 366 32.19 -19.51 -22.54
C VAL G 366 32.03 -18.32 -21.60
N ILE G 367 31.21 -17.36 -22.03
CA ILE G 367 30.93 -16.17 -21.23
C ILE G 367 29.47 -16.24 -20.79
N ALA G 368 29.25 -16.33 -19.49
CA ALA G 368 27.90 -16.33 -18.95
C ALA G 368 27.42 -14.89 -18.76
N ASP G 369 26.43 -14.49 -19.54
CA ASP G 369 25.89 -13.13 -19.47
C ASP G 369 24.39 -13.18 -19.20
N GLY G 370 23.89 -12.16 -18.51
CA GLY G 370 22.49 -12.11 -18.17
C GLY G 370 22.15 -12.91 -16.93
N GLY G 371 21.27 -12.36 -16.10
CA GLY G 371 20.85 -13.07 -14.89
C GLY G 371 21.89 -13.13 -13.79
N ILE G 372 22.80 -12.18 -13.75
CA ILE G 372 23.82 -12.10 -12.70
C ILE G 372 23.47 -10.92 -11.81
N GLN G 373 23.19 -11.20 -10.54
CA GLN G 373 22.80 -10.18 -9.58
C GLN G 373 23.64 -10.13 -8.32
N ASN G 374 24.33 -11.22 -7.96
CA ASN G 374 25.11 -11.26 -6.73
C ASN G 374 26.43 -11.95 -6.98
N VAL G 375 27.34 -11.77 -6.01
CA VAL G 375 28.60 -12.51 -6.02
C VAL G 375 28.33 -14.01 -5.94
N GLY G 376 27.25 -14.40 -5.27
CA GLY G 376 26.86 -15.80 -5.28
C GLY G 376 26.50 -16.29 -6.66
N HIS G 377 25.77 -15.48 -7.44
CA HIS G 377 25.49 -15.85 -8.81
C HIS G 377 26.76 -15.94 -9.64
N ILE G 378 27.69 -15.02 -9.43
CA ILE G 378 28.97 -15.07 -10.15
C ILE G 378 29.70 -16.36 -9.82
N ALA G 379 29.75 -16.71 -8.52
CA ALA G 379 30.44 -17.92 -8.10
C ALA G 379 29.78 -19.16 -8.68
N LYS G 380 28.45 -19.20 -8.70
CA LYS G 380 27.75 -20.34 -9.27
C LYS G 380 28.04 -20.47 -10.76
N ALA G 381 28.01 -19.35 -11.48
CA ALA G 381 28.30 -19.38 -12.91
C ALA G 381 29.71 -19.86 -13.18
N LEU G 382 30.68 -19.37 -12.39
CA LEU G 382 32.05 -19.83 -12.54
C LEU G 382 32.19 -21.31 -12.24
N ALA G 383 31.48 -21.79 -11.21
CA ALA G 383 31.58 -23.19 -10.83
C ALA G 383 30.92 -24.12 -11.86
N LEU G 384 29.92 -23.63 -12.58
CA LEU G 384 29.20 -24.47 -13.54
C LEU G 384 29.93 -24.61 -14.86
N GLY G 385 31.16 -24.10 -14.99
CA GLY G 385 31.95 -24.29 -16.19
C GLY G 385 32.20 -23.03 -17.00
N ALA G 386 31.69 -21.88 -16.57
CA ALA G 386 31.99 -20.64 -17.28
C ALA G 386 33.37 -20.13 -16.86
N SER G 387 34.05 -19.48 -17.82
CA SER G 387 35.36 -18.91 -17.53
C SER G 387 35.29 -17.43 -17.19
N THR G 388 34.35 -16.70 -17.77
CA THR G 388 34.17 -15.29 -17.47
C THR G 388 32.68 -14.97 -17.39
N VAL G 389 32.36 -13.91 -16.67
CA VAL G 389 30.98 -13.49 -16.44
C VAL G 389 30.82 -12.06 -16.94
N MET G 390 29.83 -11.84 -17.81
CA MET G 390 29.52 -10.52 -18.33
C MET G 390 28.24 -10.03 -17.67
N MET G 391 28.24 -8.78 -17.22
CA MET G 391 27.12 -8.28 -16.43
C MET G 391 26.63 -6.96 -16.99
N GLY G 392 25.34 -6.71 -16.79
CA GLY G 392 24.69 -5.46 -17.14
C GLY G 392 24.34 -4.66 -15.92
N SER G 393 23.09 -4.81 -15.46
CA SER G 393 22.57 -4.08 -14.32
C SER G 393 23.51 -4.06 -13.11
N LEU G 394 24.38 -5.07 -12.96
CA LEU G 394 25.33 -5.05 -11.86
C LEU G 394 26.38 -3.96 -12.03
N LEU G 395 26.53 -3.40 -13.23
CA LEU G 395 27.42 -2.28 -13.47
C LEU G 395 26.70 -1.02 -13.91
N ALA G 396 25.38 -1.07 -14.07
CA ALA G 396 24.61 0.10 -14.49
C ALA G 396 24.56 1.15 -13.38
N ALA G 397 24.25 2.38 -13.78
CA ALA G 397 24.09 3.50 -12.85
C ALA G 397 25.34 3.72 -12.02
N THR G 398 26.50 3.41 -12.60
CA THR G 398 27.76 3.61 -11.93
C THR G 398 28.39 4.92 -12.39
N THR G 399 29.38 5.42 -11.64
CA THR G 399 30.07 6.65 -12.01
C THR G 399 30.64 6.54 -13.41
N GLU G 400 31.21 5.39 -13.77
CA GLU G 400 31.78 5.19 -15.09
C GLU G 400 30.74 4.86 -16.15
N ALA G 401 29.50 4.59 -15.77
CA ALA G 401 28.48 4.24 -16.73
C ALA G 401 27.99 5.49 -17.47
N PRO G 402 27.73 5.38 -18.78
CA PRO G 402 27.18 6.52 -19.51
C PRO G 402 25.82 6.92 -18.99
N GLY G 403 25.53 8.22 -19.05
CA GLY G 403 24.25 8.76 -18.64
C GLY G 403 24.39 9.69 -17.44
N GLU G 404 23.29 10.40 -17.18
CA GLU G 404 23.22 11.35 -16.09
C GLU G 404 22.20 10.89 -15.06
N TYR G 405 22.51 11.13 -13.78
CA TYR G 405 21.61 10.74 -12.71
C TYR G 405 20.36 11.63 -12.69
N PHE G 406 19.30 11.07 -12.11
CA PHE G 406 18.02 11.78 -11.99
C PHE G 406 17.31 11.24 -10.76
N PHE G 407 16.28 11.95 -10.32
CA PHE G 407 15.50 11.57 -9.16
C PHE G 407 14.09 11.17 -9.59
N SER G 408 13.65 9.99 -9.15
CA SER G 408 12.30 9.51 -9.41
C SER G 408 11.71 8.95 -8.13
N ASP G 409 10.53 9.45 -7.76
CA ASP G 409 9.86 9.07 -6.52
C ASP G 409 10.78 9.28 -5.32
N GLY G 410 11.61 10.31 -5.39
CA GLY G 410 12.57 10.60 -4.33
C GLY G 410 13.82 9.74 -4.33
N ILE G 411 14.04 8.94 -5.37
CA ILE G 411 15.17 8.01 -5.42
C ILE G 411 16.05 8.38 -6.60
N ARG G 412 17.36 8.48 -6.36
CA ARG G 412 18.30 8.78 -7.43
C ARG G 412 18.47 7.55 -8.33
N LEU G 413 18.39 7.76 -9.64
CA LEU G 413 18.39 6.66 -10.59
C LEU G 413 19.14 7.09 -11.85
N LYS G 414 19.53 6.09 -12.65
CA LYS G 414 20.08 6.33 -13.98
C LYS G 414 19.34 5.47 -14.99
N LYS G 415 19.22 5.98 -16.21
CA LYS G 415 18.48 5.29 -17.26
C LYS G 415 19.16 3.97 -17.63
N TYR G 416 18.35 2.96 -17.89
CA TYR G 416 18.82 1.63 -18.25
C TYR G 416 17.84 0.98 -19.22
N ARG G 417 18.36 0.47 -20.32
CA ARG G 417 17.52 -0.08 -21.38
C ARG G 417 18.27 -1.19 -22.09
N GLY G 418 17.50 -2.04 -22.77
CA GLY G 418 18.10 -3.11 -23.55
C GLY G 418 18.31 -2.70 -25.00
N MET G 419 19.28 -3.35 -25.64
CA MET G 419 19.56 -3.05 -27.04
C MET G 419 18.42 -3.45 -27.97
N GLY G 420 17.57 -4.38 -27.54
CA GLY G 420 16.40 -4.78 -28.29
C GLY G 420 15.15 -3.99 -27.97
N SER G 421 15.25 -2.94 -27.16
CA SER G 421 14.10 -2.12 -26.85
C SER G 421 13.65 -1.34 -28.07
N LEU G 422 12.42 -0.81 -28.01
CA LEU G 422 11.89 -0.07 -29.13
C LEU G 422 12.69 1.20 -29.42
N ASP G 423 13.50 1.65 -28.47
CA ASP G 423 14.38 2.78 -28.69
C ASP G 423 15.71 2.31 -29.28
N ALA G 424 15.65 1.58 -30.39
CA ALA G 424 16.85 1.07 -31.03
C ALA G 424 17.46 2.07 -32.00
N MET G 425 16.67 2.99 -32.54
CA MET G 425 17.18 4.02 -33.44
C MET G 425 16.71 5.40 -33.02
N LYS G 441 7.84 -3.22 -41.78
CA LYS G 441 7.83 -1.88 -41.20
C LYS G 441 7.41 -1.93 -39.73
N ILE G 442 7.26 -3.14 -39.20
CA ILE G 442 6.87 -3.32 -37.81
C ILE G 442 7.99 -4.00 -37.02
N LYS G 443 8.36 -3.41 -35.90
CA LYS G 443 9.41 -3.96 -35.05
C LYS G 443 8.83 -4.37 -33.71
N VAL G 444 9.29 -5.52 -33.21
CA VAL G 444 8.81 -6.08 -31.96
C VAL G 444 9.84 -5.80 -30.86
N ALA G 445 9.36 -5.36 -29.71
CA ALA G 445 10.26 -5.03 -28.62
C ALA G 445 10.72 -6.30 -27.90
N GLN G 446 12.02 -6.58 -27.98
CA GLN G 446 12.62 -7.68 -27.23
C GLN G 446 13.34 -7.21 -25.97
N GLY G 447 13.41 -5.91 -25.74
CA GLY G 447 14.00 -5.36 -24.53
C GLY G 447 13.05 -4.39 -23.84
N VAL G 448 13.52 -3.75 -22.78
CA VAL G 448 12.72 -2.84 -21.99
C VAL G 448 13.60 -1.68 -21.55
N SER G 449 13.04 -0.47 -21.54
CA SER G 449 13.73 0.71 -21.06
C SER G 449 13.29 0.99 -19.62
N GLY G 450 14.25 1.18 -18.74
CA GLY G 450 13.96 1.38 -17.34
C GLY G 450 15.03 2.19 -16.65
N ALA G 451 15.15 1.96 -15.34
CA ALA G 451 16.14 2.66 -14.54
C ALA G 451 16.51 1.82 -13.33
N VAL G 452 17.75 1.95 -12.89
CA VAL G 452 18.25 1.30 -11.68
C VAL G 452 18.95 2.35 -10.82
N GLN G 453 19.04 2.06 -9.52
CA GLN G 453 19.67 2.99 -8.60
C GLN G 453 21.19 2.95 -8.73
N ASP G 454 21.82 4.00 -8.24
CA ASP G 454 23.27 4.15 -8.38
C ASP G 454 24.03 3.14 -7.52
N LYS G 455 25.28 2.89 -7.91
CA LYS G 455 26.11 1.90 -7.25
C LYS G 455 27.49 2.40 -6.88
N GLY G 456 27.77 3.69 -7.04
CA GLY G 456 29.08 4.21 -6.69
C GLY G 456 30.01 4.19 -7.88
N SER G 457 31.21 3.65 -7.68
CA SER G 457 32.21 3.52 -8.73
C SER G 457 32.69 2.08 -8.79
N ILE G 458 32.98 1.60 -10.01
CA ILE G 458 33.45 0.22 -10.11
C ILE G 458 34.87 0.07 -9.56
N HIS G 459 35.64 1.16 -9.48
CA HIS G 459 36.98 1.06 -8.91
C HIS G 459 36.95 0.62 -7.45
N LYS G 460 35.82 0.77 -6.76
CA LYS G 460 35.62 0.20 -5.44
C LYS G 460 34.63 -0.97 -5.45
N PHE G 461 33.75 -1.04 -6.44
CA PHE G 461 32.76 -2.12 -6.48
C PHE G 461 33.40 -3.43 -6.92
N VAL G 462 34.30 -3.39 -7.90
CA VAL G 462 34.94 -4.62 -8.38
C VAL G 462 35.76 -5.31 -7.30
N PRO G 463 36.55 -4.61 -6.47
CA PRO G 463 37.23 -5.31 -5.37
C PRO G 463 36.29 -6.04 -4.43
N TYR G 464 35.08 -5.52 -4.20
CA TYR G 464 34.11 -6.26 -3.40
C TYR G 464 33.73 -7.57 -4.07
N LEU G 465 33.50 -7.54 -5.38
CA LEU G 465 33.18 -8.77 -6.11
C LEU G 465 34.34 -9.75 -6.06
N ILE G 466 35.57 -9.24 -6.19
CA ILE G 466 36.75 -10.10 -6.15
C ILE G 466 36.87 -10.76 -4.78
N ALA G 467 36.68 -9.99 -3.70
CA ALA G 467 36.76 -10.55 -2.36
C ALA G 467 35.65 -11.58 -2.13
N GLY G 468 34.45 -11.30 -2.62
CA GLY G 468 33.37 -12.28 -2.50
C GLY G 468 33.67 -13.57 -3.23
N ILE G 469 34.21 -13.47 -4.45
CA ILE G 469 34.56 -14.67 -5.21
C ILE G 469 35.66 -15.44 -4.49
N GLN G 470 36.66 -14.75 -3.95
CA GLN G 470 37.74 -15.42 -3.23
C GLN G 470 37.22 -16.14 -2.00
N HIS G 471 36.33 -15.48 -1.24
CA HIS G 471 35.76 -16.13 -0.06
C HIS G 471 34.89 -17.32 -0.43
N SER G 472 34.13 -17.21 -1.53
CA SER G 472 33.31 -18.33 -1.98
C SER G 472 34.16 -19.52 -2.40
N CYS G 473 35.27 -19.25 -3.10
CA CYS G 473 36.19 -20.32 -3.46
C CYS G 473 36.83 -20.94 -2.23
N GLN G 474 37.09 -20.13 -1.24
CA GLN G 474 37.67 -20.62 -0.02
C GLN G 474 36.70 -21.57 0.63
N ASP G 475 35.45 -21.16 0.76
CA ASP G 475 34.43 -21.99 1.38
C ASP G 475 34.21 -23.28 0.59
N ILE G 476 34.25 -23.20 -0.74
CA ILE G 476 34.15 -24.38 -1.58
C ILE G 476 35.31 -25.33 -1.33
N GLY G 477 36.51 -24.79 -1.08
CA GLY G 477 37.67 -25.62 -0.89
C GLY G 477 38.61 -25.66 -2.07
N ALA G 478 38.49 -24.71 -2.99
CA ALA G 478 39.34 -24.62 -4.17
C ALA G 478 40.20 -23.38 -4.08
N LYS G 479 41.49 -23.51 -4.38
CA LYS G 479 42.42 -22.40 -4.35
C LYS G 479 42.54 -21.68 -5.68
N SER G 480 41.77 -22.09 -6.70
CA SER G 480 41.76 -21.40 -7.97
C SER G 480 40.46 -21.69 -8.70
N LEU G 481 40.06 -20.74 -9.55
CA LEU G 481 38.85 -20.91 -10.35
C LEU G 481 38.99 -21.99 -11.40
N THR G 482 40.22 -22.35 -11.77
CA THR G 482 40.42 -23.53 -12.60
C THR G 482 40.24 -24.80 -11.79
N GLN G 483 40.73 -24.80 -10.54
CA GLN G 483 40.59 -25.97 -9.69
C GLN G 483 39.13 -26.24 -9.35
N VAL G 484 38.33 -25.18 -9.16
CA VAL G 484 36.93 -25.41 -8.84
C VAL G 484 36.20 -26.07 -10.00
N ARG G 485 36.50 -25.65 -11.24
CA ARG G 485 35.93 -26.32 -12.40
C ARG G 485 36.46 -27.75 -12.53
N ALA G 486 37.72 -27.96 -12.19
CA ALA G 486 38.29 -29.31 -12.23
C ALA G 486 37.55 -30.25 -11.30
N MET G 487 37.32 -29.82 -10.05
CA MET G 487 36.63 -30.68 -9.11
C MET G 487 35.13 -30.76 -9.40
N MET G 488 34.58 -29.78 -10.12
CA MET G 488 33.20 -29.88 -10.57
C MET G 488 33.06 -30.96 -11.64
N TYR G 489 33.97 -30.96 -12.61
CA TYR G 489 33.90 -31.96 -13.68
C TYR G 489 34.26 -33.35 -13.17
N SER G 490 35.23 -33.46 -12.27
CA SER G 490 35.63 -34.76 -11.76
C SER G 490 34.60 -35.37 -10.81
N GLY G 491 33.60 -34.60 -10.38
CA GLY G 491 32.59 -35.07 -9.46
C GLY G 491 32.91 -34.89 -7.99
N GLU G 492 34.07 -34.33 -7.66
CA GLU G 492 34.40 -34.09 -6.26
C GLU G 492 33.52 -32.99 -5.67
N LEU G 493 33.25 -31.94 -6.45
CA LEU G 493 32.36 -30.88 -6.02
C LEU G 493 30.91 -31.37 -6.03
N LYS G 494 30.17 -31.03 -4.99
CA LYS G 494 28.80 -31.49 -4.82
C LYS G 494 27.85 -30.30 -4.77
N PHE G 495 26.64 -30.52 -5.26
CA PHE G 495 25.61 -29.50 -5.30
C PHE G 495 24.36 -30.04 -4.63
N GLU G 496 23.52 -29.12 -4.14
CA GLU G 496 22.30 -29.50 -3.45
C GLU G 496 21.17 -28.64 -3.97
N LYS G 497 20.17 -29.28 -4.58
CA LYS G 497 19.00 -28.56 -5.06
C LYS G 497 18.11 -28.17 -3.89
N ARG G 498 17.58 -26.96 -3.92
CA ARG G 498 16.78 -26.43 -2.82
C ARG G 498 15.43 -25.93 -3.33
N THR G 499 14.40 -26.16 -2.52
CA THR G 499 13.04 -25.79 -2.89
C THR G 499 12.79 -24.30 -2.63
N SER G 500 11.55 -23.88 -2.90
CA SER G 500 11.19 -22.48 -2.75
C SER G 500 11.30 -22.02 -1.29
N SER G 501 10.85 -22.86 -0.36
CA SER G 501 10.92 -22.50 1.06
C SER G 501 12.37 -22.40 1.53
N ALA G 502 13.24 -23.26 1.02
CA ALA G 502 14.66 -23.17 1.36
C ALA G 502 15.26 -21.86 0.89
N GLN G 503 14.83 -21.37 -0.27
CA GLN G 503 15.28 -20.05 -0.71
C GLN G 503 14.81 -18.95 0.24
N VAL G 504 13.57 -19.07 0.71
CA VAL G 504 13.03 -18.09 1.65
C VAL G 504 13.85 -18.08 2.94
N GLU G 505 14.17 -19.27 3.46
CA GLU G 505 14.98 -19.32 4.68
C GLU G 505 16.41 -18.87 4.43
N GLY G 506 16.90 -19.04 3.20
CA GLY G 506 18.23 -18.56 2.86
C GLY G 506 18.31 -17.06 2.67
N GLY G 507 17.18 -16.42 2.40
CA GLY G 507 17.11 -14.98 2.39
C GLY G 507 16.94 -14.42 3.79
N VAL G 508 16.67 -13.11 3.84
CA VAL G 508 16.42 -12.45 5.11
C VAL G 508 14.98 -12.68 5.53
N HIS G 509 14.78 -13.12 6.75
CA HIS G 509 13.45 -13.34 7.27
C HIS G 509 13.41 -13.05 8.76
N SER G 510 12.26 -13.21 9.39
CA SER G 510 12.07 -13.08 10.83
C SER G 510 12.56 -11.73 11.36
N LEU G 511 12.58 -10.72 10.49
CA LEU G 511 13.02 -9.38 10.85
C LEU G 511 11.92 -8.38 10.51
N HIS G 512 11.74 -7.39 11.40
CA HIS G 512 10.81 -6.30 11.09
C HIS G 512 11.39 -5.40 10.01
N SER G 513 12.66 -5.02 10.18
CA SER G 513 13.37 -4.22 9.19
C SER G 513 14.85 -4.52 9.36
N TYR G 514 15.63 -4.24 8.31
CA TYR G 514 17.01 -4.69 8.31
C TYR G 514 17.84 -3.77 7.42
N GLU G 515 19.16 -3.97 7.49
CA GLU G 515 20.16 -3.14 6.84
C GLU G 515 21.13 -4.02 6.08
N LYS G 516 21.42 -3.66 4.83
CA LYS G 516 22.19 -4.52 3.95
C LYS G 516 23.41 -3.79 3.36
N ARG G 517 24.18 -3.13 4.21
CA ARG G 517 25.48 -2.63 3.77
C ARG G 517 26.40 -3.83 3.53
N LEU G 518 26.99 -3.88 2.34
CA LEU G 518 27.81 -5.03 1.95
C LEU G 518 29.30 -4.77 2.08
N PHE G 519 29.76 -3.54 1.83
CA PHE G 519 31.17 -3.22 1.88
C PHE G 519 31.38 -1.71 2.00
N SER H 16 -0.69 -56.82 15.62
CA SER H 16 -1.04 -55.47 15.20
C SER H 16 -0.75 -55.25 13.72
N TYR H 17 -1.79 -54.95 12.95
CA TYR H 17 -1.62 -54.73 11.52
C TYR H 17 -0.85 -53.43 11.27
N VAL H 18 -1.37 -52.31 11.78
CA VAL H 18 -0.79 -50.99 11.60
C VAL H 18 -0.58 -50.75 10.11
N PRO H 19 -1.64 -50.38 9.38
CA PRO H 19 -1.49 -50.15 7.94
C PRO H 19 -0.44 -49.07 7.66
N ASP H 20 0.38 -49.32 6.64
CA ASP H 20 1.47 -48.42 6.32
C ASP H 20 0.93 -47.19 5.61
N ASP H 21 1.37 -46.02 6.04
CA ASP H 21 0.92 -44.76 5.45
C ASP H 21 1.96 -43.69 5.77
N GLY H 22 2.50 -43.05 4.74
CA GLY H 22 3.54 -42.06 4.93
C GLY H 22 4.91 -42.59 4.58
N LEU H 23 5.88 -41.68 4.64
CA LEU H 23 7.27 -41.98 4.31
C LEU H 23 8.14 -41.88 5.55
N THR H 24 9.14 -42.77 5.63
CA THR H 24 10.12 -42.69 6.68
C THR H 24 11.07 -41.51 6.42
N ALA H 25 11.91 -41.21 7.42
CA ALA H 25 12.87 -40.13 7.26
C ALA H 25 13.87 -40.45 6.16
N GLN H 26 14.33 -41.70 6.09
CA GLN H 26 15.26 -42.10 5.05
C GLN H 26 14.63 -41.95 3.67
N GLN H 27 13.36 -42.30 3.54
CA GLN H 27 12.67 -42.13 2.25
C GLN H 27 12.44 -40.66 1.92
N LEU H 28 12.23 -39.84 2.95
CA LEU H 28 11.95 -38.42 2.71
C LEU H 28 13.20 -37.68 2.27
N PHE H 29 14.34 -37.98 2.89
CA PHE H 29 15.56 -37.22 2.65
C PHE H 29 16.56 -37.90 1.72
N ASN H 30 16.11 -38.69 0.76
CA ASN H 30 16.97 -39.13 -0.34
C ASN H 30 16.42 -38.72 -1.69
N CYS H 31 15.36 -37.90 -1.71
CA CYS H 31 14.69 -37.54 -2.96
C CYS H 31 15.54 -36.64 -3.85
N GLY H 32 16.66 -36.13 -3.35
CA GLY H 32 17.53 -35.31 -4.17
C GLY H 32 17.21 -33.85 -4.17
N ASP H 33 16.37 -33.38 -3.24
CA ASP H 33 16.00 -31.98 -3.17
C ASP H 33 16.10 -31.52 -1.72
N GLY H 34 16.26 -30.21 -1.56
CA GLY H 34 16.48 -29.65 -0.24
C GLY H 34 15.23 -29.25 0.50
N LEU H 35 14.81 -30.10 1.43
CA LEU H 35 13.66 -29.77 2.26
C LEU H 35 14.08 -28.94 3.47
N THR H 36 13.22 -28.01 3.85
CA THR H 36 13.34 -27.27 5.10
C THR H 36 12.14 -27.63 5.97
N TYR H 37 12.04 -27.00 7.14
CA TYR H 37 11.00 -27.38 8.10
C TYR H 37 9.60 -27.17 7.54
N ASN H 38 9.45 -26.28 6.55
CA ASN H 38 8.11 -25.99 6.04
C ASN H 38 7.64 -27.02 5.04
N ASP H 39 8.53 -27.83 4.47
CA ASP H 39 8.17 -28.72 3.38
C ASP H 39 7.73 -30.11 3.81
N PHE H 40 7.63 -30.38 5.11
CA PHE H 40 7.21 -31.70 5.54
C PHE H 40 6.49 -31.59 6.88
N LEU H 41 5.78 -32.67 7.23
CA LEU H 41 5.04 -32.77 8.47
C LEU H 41 5.32 -34.13 9.11
N ILE H 42 4.92 -34.26 10.37
CA ILE H 42 5.03 -35.52 11.10
C ILE H 42 3.64 -36.07 11.32
N LEU H 43 3.43 -37.32 10.93
CA LEU H 43 2.09 -37.90 11.02
C LEU H 43 1.75 -38.23 12.47
N PRO H 44 0.48 -38.12 12.85
CA PRO H 44 0.09 -38.42 14.23
C PRO H 44 0.28 -39.90 14.57
N GLY H 45 0.50 -40.16 15.85
CA GLY H 45 0.66 -41.52 16.34
C GLY H 45 -0.44 -41.93 17.29
N TYR H 46 -0.09 -42.73 18.30
CA TYR H 46 -1.03 -43.22 19.29
C TYR H 46 -0.74 -42.56 20.64
N ILE H 47 -1.78 -42.06 21.29
CA ILE H 47 -1.65 -41.36 22.56
C ILE H 47 -2.13 -42.28 23.67
N ASP H 48 -1.27 -42.50 24.66
CA ASP H 48 -1.64 -43.27 25.85
C ASP H 48 -1.08 -42.64 27.12
N PHE H 49 -0.91 -41.31 27.11
CA PHE H 49 -0.37 -40.60 28.26
C PHE H 49 -0.78 -39.13 28.15
N THR H 50 -0.70 -38.43 29.27
CA THR H 50 -1.05 -37.01 29.30
C THR H 50 0.09 -36.16 28.75
N ALA H 51 -0.26 -34.93 28.38
CA ALA H 51 0.72 -34.02 27.78
C ALA H 51 1.83 -33.68 28.76
N ASP H 52 1.49 -33.40 30.01
CA ASP H 52 2.48 -33.03 31.01
C ASP H 52 3.15 -34.27 31.60
N GLN H 53 3.62 -35.16 30.74
CA GLN H 53 4.34 -36.35 31.18
C GLN H 53 5.55 -36.65 30.32
N VAL H 54 5.83 -35.86 29.29
CA VAL H 54 6.93 -36.16 28.37
C VAL H 54 8.24 -35.71 28.98
N ASP H 55 9.23 -36.61 28.98
CA ASP H 55 10.56 -36.31 29.50
C ASP H 55 11.35 -35.57 28.42
N LEU H 56 11.83 -34.37 28.74
CA LEU H 56 12.54 -33.54 27.78
C LEU H 56 14.05 -33.59 27.96
N THR H 57 14.57 -34.54 28.74
CA THR H 57 16.01 -34.63 28.96
C THR H 57 16.73 -34.86 27.64
N SER H 58 17.78 -34.08 27.42
CA SER H 58 18.55 -34.17 26.18
C SER H 58 20.01 -33.91 26.49
N ALA H 59 20.89 -34.45 25.64
CA ALA H 59 22.32 -34.31 25.83
C ALA H 59 22.84 -33.14 25.00
N LEU H 60 23.47 -32.18 25.67
CA LEU H 60 24.11 -31.07 24.95
C LEU H 60 25.42 -31.52 24.31
N THR H 61 26.26 -32.23 25.06
CA THR H 61 27.51 -32.77 24.55
C THR H 61 27.57 -34.24 24.94
N LYS H 62 28.77 -34.82 24.77
CA LYS H 62 28.96 -36.21 25.17
C LYS H 62 28.84 -36.40 26.67
N LYS H 63 29.18 -35.38 27.46
CA LYS H 63 29.22 -35.52 28.91
C LYS H 63 28.42 -34.45 29.65
N ILE H 64 27.58 -33.69 28.96
CA ILE H 64 26.73 -32.69 29.60
C ILE H 64 25.30 -32.86 29.09
N THR H 65 24.36 -32.93 30.03
CA THR H 65 22.95 -33.12 29.71
C THR H 65 22.14 -31.98 30.33
N LEU H 66 21.12 -31.54 29.61
CA LEU H 66 20.24 -30.48 30.06
C LEU H 66 18.82 -31.01 30.23
N LYS H 67 18.07 -30.37 31.13
CA LYS H 67 16.68 -30.76 31.32
C LYS H 67 15.79 -30.36 30.16
N THR H 68 16.22 -29.39 29.34
CA THR H 68 15.49 -28.94 28.18
C THR H 68 16.45 -28.84 27.02
N PRO H 69 15.97 -29.03 25.79
CA PRO H 69 16.85 -28.93 24.61
C PRO H 69 17.09 -27.52 24.10
N LEU H 70 16.73 -26.50 24.86
CA LEU H 70 16.81 -25.12 24.39
C LEU H 70 18.18 -24.54 24.71
N VAL H 71 18.79 -23.91 23.70
CA VAL H 71 20.11 -23.29 23.82
C VAL H 71 20.04 -21.92 23.15
N SER H 72 20.75 -20.95 23.71
CA SER H 72 20.77 -19.59 23.19
C SER H 72 22.04 -19.35 22.39
N SER H 73 21.90 -18.62 21.29
CA SER H 73 23.01 -18.45 20.35
C SER H 73 24.08 -17.53 20.94
N PRO H 74 25.36 -17.81 20.68
CA PRO H 74 26.42 -16.91 21.15
C PRO H 74 26.58 -15.68 20.27
N MET H 75 25.68 -14.72 20.41
CA MET H 75 25.71 -13.49 19.62
C MET H 75 25.54 -12.30 20.54
N ASP H 76 26.15 -11.17 20.16
CA ASP H 76 26.19 -10.00 21.02
C ASP H 76 24.83 -9.37 21.29
N THR H 77 23.81 -9.74 20.51
CA THR H 77 22.47 -9.18 20.66
C THR H 77 21.53 -10.14 21.37
N VAL H 78 22.04 -11.26 21.88
CA VAL H 78 21.18 -12.27 22.50
C VAL H 78 21.61 -12.57 23.92
N THR H 79 22.89 -12.92 24.11
CA THR H 79 23.40 -13.36 25.40
C THR H 79 24.60 -12.52 25.82
N GLU H 80 24.49 -11.83 26.96
CA GLU H 80 25.69 -11.31 27.59
C GLU H 80 25.93 -11.89 28.97
N ALA H 81 25.03 -11.62 29.93
CA ALA H 81 25.05 -12.32 31.20
C ALA H 81 23.65 -12.73 31.64
N GLY H 82 22.70 -11.81 31.45
CA GLY H 82 21.35 -12.04 31.93
C GLY H 82 20.65 -13.15 31.17
N MET H 83 20.83 -13.18 29.86
CA MET H 83 20.25 -14.24 29.05
C MET H 83 20.81 -15.60 29.47
N ALA H 84 22.11 -15.68 29.68
CA ALA H 84 22.70 -16.95 30.09
C ALA H 84 22.20 -17.38 31.47
N ILE H 85 22.11 -16.43 32.41
CA ILE H 85 21.61 -16.76 33.74
C ILE H 85 20.17 -17.28 33.65
N ALA H 86 19.32 -16.58 32.90
CA ALA H 86 17.93 -16.98 32.82
C ALA H 86 17.74 -18.30 32.09
N MET H 87 18.50 -18.53 31.01
CA MET H 87 18.42 -19.80 30.30
C MET H 87 18.90 -20.95 31.19
N ALA H 88 19.94 -20.71 31.97
CA ALA H 88 20.38 -21.73 32.93
C ALA H 88 19.29 -22.00 33.96
N LEU H 89 18.61 -20.94 34.41
CA LEU H 89 17.56 -21.11 35.41
C LEU H 89 16.33 -21.81 34.85
N THR H 90 16.12 -21.75 33.54
CA THR H 90 14.94 -22.36 32.92
C THR H 90 15.18 -23.78 32.44
N GLY H 91 16.35 -24.36 32.72
CA GLY H 91 16.62 -25.73 32.36
C GLY H 91 17.59 -25.94 31.21
N GLY H 92 17.92 -24.90 30.46
CA GLY H 92 18.93 -25.01 29.43
C GLY H 92 20.21 -24.32 29.85
N ILE H 93 21.01 -23.84 28.91
CA ILE H 93 22.18 -23.02 29.20
C ILE H 93 22.28 -21.93 28.13
N GLY H 94 23.29 -21.09 28.28
CA GLY H 94 23.58 -20.06 27.29
C GLY H 94 25.03 -20.03 26.87
N PHE H 95 25.30 -19.44 25.72
CA PHE H 95 26.65 -19.25 25.22
C PHE H 95 26.91 -17.77 25.05
N ILE H 96 28.06 -17.30 25.51
CA ILE H 96 28.38 -15.88 25.53
C ILE H 96 29.25 -15.55 24.33
N HIS H 97 28.90 -14.48 23.62
CA HIS H 97 29.61 -14.10 22.41
C HIS H 97 31.04 -13.66 22.74
N HIS H 98 31.87 -13.62 21.70
CA HIS H 98 33.24 -13.15 21.81
C HIS H 98 33.47 -11.84 21.09
N ASN H 99 32.42 -11.06 20.84
CA ASN H 99 32.56 -9.72 20.28
C ASN H 99 32.88 -8.69 21.36
N CYS H 100 33.91 -8.98 22.17
CA CYS H 100 34.24 -8.16 23.32
C CYS H 100 35.62 -8.57 23.80
N THR H 101 36.17 -7.77 24.71
CA THR H 101 37.50 -8.06 25.24
C THR H 101 37.45 -9.35 26.06
N PRO H 102 38.53 -10.14 26.03
CA PRO H 102 38.53 -11.41 26.78
C PRO H 102 38.29 -11.24 28.26
N GLU H 103 38.80 -10.16 28.87
CA GLU H 103 38.54 -9.91 30.27
C GLU H 103 37.05 -9.66 30.51
N PHE H 104 36.40 -8.91 29.62
CA PHE H 104 34.97 -8.69 29.75
C PHE H 104 34.19 -9.98 29.61
N GLN H 105 34.57 -10.83 28.65
CA GLN H 105 33.87 -12.10 28.48
C GLN H 105 34.04 -12.98 29.71
N ALA H 106 35.25 -13.04 30.26
CA ALA H 106 35.48 -13.81 31.49
C ALA H 106 34.69 -13.24 32.65
N ASN H 107 34.56 -11.91 32.71
CA ASN H 107 33.74 -11.30 33.76
C ASN H 107 32.28 -11.71 33.61
N GLU H 108 31.77 -11.75 32.38
CA GLU H 108 30.39 -12.19 32.17
C GLU H 108 30.22 -13.65 32.59
N VAL H 109 31.20 -14.50 32.25
CA VAL H 109 31.14 -15.90 32.64
C VAL H 109 31.14 -16.03 34.17
N ARG H 110 32.01 -15.27 34.84
CA ARG H 110 32.05 -15.33 36.31
C ARG H 110 30.75 -14.82 36.91
N LYS H 111 30.17 -13.79 36.32
CA LYS H 111 28.89 -13.27 36.80
C LYS H 111 27.79 -14.32 36.67
N VAL H 112 27.81 -15.07 35.57
CA VAL H 112 26.85 -16.16 35.42
C VAL H 112 27.09 -17.23 36.48
N LYS H 113 28.36 -17.59 36.69
CA LYS H 113 28.69 -18.68 37.60
C LYS H 113 28.36 -18.32 39.05
N LYS H 114 28.48 -17.04 39.40
CA LYS H 114 28.36 -16.63 40.79
C LYS H 114 26.92 -16.38 41.21
N TYR H 115 25.96 -16.59 40.31
CA TYR H 115 24.59 -16.17 40.59
C TYR H 115 23.95 -16.98 41.71
N GLU H 116 24.20 -18.28 41.77
CA GLU H 116 23.45 -19.15 42.68
C GLU H 116 24.34 -20.04 43.54
N GLN H 117 25.67 -19.90 43.46
CA GLN H 117 26.59 -20.82 44.13
C GLN H 117 26.26 -21.15 45.58
N GLY H 118 26.02 -22.42 45.86
CA GLY H 118 25.95 -22.88 47.24
C GLY H 118 27.35 -23.07 47.80
N PHE H 119 27.48 -22.90 49.11
CA PHE H 119 28.76 -22.99 49.81
C PHE H 119 29.76 -21.97 49.25
N ILE H 120 29.37 -20.69 49.30
CA ILE H 120 30.13 -19.59 48.73
C ILE H 120 31.55 -19.58 49.28
N THR H 121 32.53 -19.73 48.40
CA THR H 121 33.94 -19.74 48.75
C THR H 121 34.61 -18.48 48.23
N ASP H 122 35.62 -18.00 48.95
CA ASP H 122 36.17 -16.65 48.82
C ASP H 122 35.11 -15.58 48.56
N PRO H 123 34.17 -15.37 49.49
CA PRO H 123 33.21 -14.27 49.33
C PRO H 123 33.85 -12.93 49.64
N VAL H 124 33.06 -11.87 49.44
CA VAL H 124 33.54 -10.52 49.72
C VAL H 124 33.50 -10.30 51.23
N VAL H 125 34.65 -9.94 51.81
CA VAL H 125 34.79 -9.75 53.26
C VAL H 125 35.53 -8.45 53.54
N LEU H 126 35.40 -7.97 54.78
CA LEU H 126 35.91 -6.67 55.18
C LEU H 126 36.55 -6.75 56.55
N SER H 127 37.30 -5.69 56.91
CA SER H 127 37.98 -5.57 58.18
C SER H 127 37.20 -4.68 59.14
N PRO H 128 37.45 -4.79 60.45
CA PRO H 128 36.76 -3.92 61.41
C PRO H 128 37.18 -2.47 61.34
N LYS H 129 37.98 -2.08 60.34
CA LYS H 129 38.46 -0.70 60.22
C LYS H 129 38.07 -0.03 58.91
N ASP H 130 37.00 -0.49 58.25
CA ASP H 130 36.62 0.00 56.93
C ASP H 130 35.37 0.87 57.03
N ARG H 131 35.43 2.09 56.48
CA ARG H 131 34.31 3.02 56.55
C ARG H 131 33.13 2.53 55.72
N VAL H 132 31.92 2.85 56.18
CA VAL H 132 30.68 2.35 55.60
C VAL H 132 30.52 2.80 54.14
N ARG H 133 31.23 3.86 53.76
CA ARG H 133 31.16 4.34 52.38
C ARG H 133 31.60 3.27 51.39
N ASP H 134 32.67 2.54 51.69
CA ASP H 134 33.08 1.48 50.77
C ASP H 134 32.13 0.29 50.84
N VAL H 135 31.38 0.12 51.93
CA VAL H 135 30.32 -0.89 51.94
C VAL H 135 29.24 -0.51 50.95
N PHE H 136 28.89 0.77 50.89
CA PHE H 136 27.90 1.20 49.91
C PHE H 136 28.42 1.09 48.48
N GLU H 137 29.70 1.40 48.27
CA GLU H 137 30.28 1.15 46.95
C GLU H 137 30.30 -0.34 46.64
N ALA H 138 30.50 -1.19 47.65
CA ALA H 138 30.49 -2.63 47.44
C ALA H 138 29.11 -3.12 47.03
N LYS H 139 28.06 -2.62 47.67
CA LYS H 139 26.72 -3.02 47.26
C LYS H 139 26.39 -2.49 45.87
N ALA H 140 26.86 -1.28 45.55
CA ALA H 140 26.65 -0.74 44.21
C ALA H 140 27.38 -1.55 43.15
N ARG H 141 28.55 -2.11 43.50
CA ARG H 141 29.36 -2.84 42.54
C ARG H 141 28.90 -4.29 42.39
N HIS H 142 28.76 -5.01 43.50
CA HIS H 142 28.49 -6.43 43.48
C HIS H 142 27.01 -6.79 43.56
N GLY H 143 26.17 -5.94 44.14
CA GLY H 143 24.76 -6.22 44.23
C GLY H 143 24.30 -6.95 45.48
N PHE H 144 25.11 -6.96 46.54
CA PHE H 144 24.69 -7.59 47.79
C PHE H 144 25.40 -6.92 48.96
N CYS H 145 24.90 -7.22 50.17
CA CYS H 145 25.35 -6.57 51.39
C CYS H 145 25.79 -7.52 52.51
N GLY H 146 25.46 -8.81 52.43
CA GLY H 146 25.68 -9.73 53.53
C GLY H 146 27.12 -10.16 53.69
N ILE H 147 27.94 -9.27 54.25
CA ILE H 147 29.40 -9.33 54.16
C ILE H 147 29.94 -9.77 55.52
N PRO H 148 30.66 -10.89 55.61
CA PRO H 148 31.35 -11.22 56.86
C PRO H 148 32.54 -10.30 57.11
N ILE H 149 32.84 -10.09 58.39
CA ILE H 149 33.87 -9.15 58.80
C ILE H 149 34.93 -9.92 59.58
N THR H 150 36.19 -9.77 59.17
CA THR H 150 37.27 -10.63 59.66
C THR H 150 38.50 -9.77 59.97
N ASP H 151 39.35 -10.26 60.89
CA ASP H 151 40.23 -9.35 61.64
C ASP H 151 41.43 -8.84 60.85
N THR H 152 41.71 -9.33 59.64
CA THR H 152 42.65 -8.65 58.75
C THR H 152 42.03 -8.25 57.42
N GLY H 153 40.73 -8.45 57.24
CA GLY H 153 40.12 -8.14 55.96
C GLY H 153 40.50 -9.10 54.85
N ARG H 154 41.15 -10.21 55.19
CA ARG H 154 41.55 -11.21 54.22
C ARG H 154 40.90 -12.54 54.56
N MET H 155 40.81 -13.38 53.54
CA MET H 155 40.00 -14.59 53.63
C MET H 155 40.63 -15.59 54.60
N GLY H 156 41.95 -15.53 54.77
CA GLY H 156 42.65 -16.31 55.77
C GLY H 156 42.88 -15.60 57.09
N SER H 157 41.79 -15.19 57.75
CA SER H 157 41.89 -14.47 59.02
C SER H 157 40.67 -14.79 59.88
N ARG H 158 40.76 -14.41 61.15
CA ARG H 158 39.74 -14.80 62.12
C ARG H 158 38.44 -14.06 61.90
N LEU H 159 37.32 -14.77 62.14
CA LEU H 159 36.00 -14.17 62.00
C LEU H 159 35.69 -13.28 63.19
N VAL H 160 35.25 -12.05 62.92
CA VAL H 160 34.92 -11.09 63.95
C VAL H 160 33.43 -10.79 64.01
N GLY H 161 32.78 -10.71 62.84
CA GLY H 161 31.37 -10.39 62.81
C GLY H 161 30.82 -10.49 61.41
N ILE H 162 29.58 -10.01 61.25
CA ILE H 162 28.89 -10.02 59.97
C ILE H 162 27.93 -8.85 59.94
N ILE H 163 27.72 -8.28 58.75
CA ILE H 163 26.76 -7.20 58.56
C ILE H 163 25.71 -7.65 57.56
N SER H 164 24.45 -7.49 57.94
CA SER H 164 23.33 -7.56 57.00
C SER H 164 23.06 -6.18 56.42
N SER H 165 22.21 -6.14 55.40
CA SER H 165 21.70 -4.85 54.93
C SER H 165 20.91 -4.15 56.02
N ARG H 166 20.21 -4.91 56.87
CA ARG H 166 19.46 -4.33 57.97
C ARG H 166 20.34 -3.55 58.93
N ASP H 167 21.63 -3.86 58.99
CA ASP H 167 22.56 -3.12 59.82
C ASP H 167 23.01 -1.80 59.19
N ILE H 168 22.75 -1.60 57.89
CA ILE H 168 23.20 -0.41 57.19
C ILE H 168 22.10 0.24 56.36
N ASP H 169 20.85 -0.23 56.45
CA ASP H 169 19.78 0.30 55.62
C ASP H 169 19.53 1.78 55.89
N PHE H 170 19.63 2.20 57.16
CA PHE H 170 19.21 3.53 57.57
C PHE H 170 20.38 4.27 58.21
N LEU H 171 20.80 5.36 57.58
CA LEU H 171 21.81 6.27 58.10
C LEU H 171 21.16 7.58 58.54
N LYS H 172 21.95 8.41 59.23
CA LYS H 172 21.55 9.79 59.49
C LYS H 172 21.95 10.66 58.31
N GLU H 173 21.98 11.98 58.49
CA GLU H 173 22.13 12.95 57.41
C GLU H 173 23.24 12.56 56.44
N GLU H 174 22.87 12.43 55.16
CA GLU H 174 23.74 12.08 54.02
C GLU H 174 24.84 11.07 54.37
N GLU H 175 26.10 11.52 54.38
CA GLU H 175 27.22 10.59 54.49
C GLU H 175 27.20 9.84 55.82
N HIS H 176 26.91 10.54 56.91
CA HIS H 176 26.93 9.98 58.27
C HIS H 176 28.21 9.18 58.50
N ASP H 177 29.33 9.89 58.37
CA ASP H 177 30.67 9.30 58.40
C ASP H 177 30.90 8.48 59.67
N CYS H 178 31.27 7.22 59.50
CA CYS H 178 31.42 6.33 60.65
C CYS H 178 32.40 5.20 60.34
N PHE H 179 33.16 4.82 61.37
CA PHE H 179 33.89 3.56 61.41
C PHE H 179 33.07 2.56 62.22
N LEU H 180 32.96 1.33 61.72
CA LEU H 180 32.04 0.36 62.31
C LEU H 180 32.53 -0.14 63.67
N GLU H 181 31.72 0.10 64.71
CA GLU H 181 31.97 -0.52 66.01
C GLU H 181 30.80 -1.41 66.45
N GLU H 182 29.61 -0.82 66.57
CA GLU H 182 28.42 -1.57 66.99
C GLU H 182 27.50 -1.95 65.84
N ILE H 183 27.90 -1.64 64.60
CA ILE H 183 27.10 -2.01 63.43
C ILE H 183 27.05 -3.52 63.25
N MET H 184 28.19 -4.20 63.29
CA MET H 184 28.13 -5.61 62.93
C MET H 184 27.56 -6.45 64.07
N THR H 185 27.09 -7.65 63.72
CA THR H 185 26.73 -8.67 64.69
C THR H 185 27.98 -9.48 65.00
N LYS H 186 28.37 -9.52 66.27
CA LYS H 186 29.69 -10.02 66.62
C LYS H 186 29.70 -11.54 66.76
N ARG H 187 30.93 -12.09 66.68
CA ARG H 187 31.20 -13.51 66.93
C ARG H 187 30.93 -13.89 68.39
N GLU H 188 30.55 -12.92 69.22
CA GLU H 188 30.02 -13.25 70.54
C GLU H 188 28.86 -14.23 70.44
N ASP H 189 27.95 -14.02 69.48
CA ASP H 189 26.79 -14.87 69.36
C ASP H 189 26.40 -15.29 67.95
N LEU H 190 27.03 -14.79 66.88
CA LEU H 190 26.55 -15.15 65.54
C LEU H 190 26.74 -16.64 65.28
N VAL H 191 25.76 -17.24 64.59
CA VAL H 191 25.68 -18.69 64.43
C VAL H 191 26.62 -19.16 63.32
N VAL H 192 27.36 -20.24 63.58
CA VAL H 192 28.41 -20.72 62.70
C VAL H 192 28.41 -22.25 62.70
N ALA H 193 28.84 -22.85 61.56
CA ALA H 193 29.00 -24.29 61.41
C ALA H 193 30.46 -24.68 61.30
N PRO H 194 30.86 -25.85 61.82
CA PRO H 194 32.26 -26.26 61.74
C PRO H 194 32.67 -26.68 60.34
N ALA H 195 33.98 -26.63 60.09
CA ALA H 195 34.52 -27.00 58.79
C ALA H 195 34.42 -28.51 58.56
N GLY H 196 34.31 -28.89 57.29
CA GLY H 196 34.20 -30.28 56.90
C GLY H 196 32.79 -30.83 56.84
N ILE H 197 31.79 -30.06 57.27
CA ILE H 197 30.42 -30.54 57.24
C ILE H 197 29.91 -30.58 55.80
N THR H 198 29.11 -31.59 55.49
CA THR H 198 28.55 -31.74 54.15
C THR H 198 27.44 -30.72 53.90
N LEU H 199 27.22 -30.42 52.62
CA LEU H 199 26.32 -29.34 52.23
C LEU H 199 24.89 -29.60 52.70
N LYS H 200 24.43 -30.84 52.65
CA LYS H 200 23.07 -31.16 53.09
C LYS H 200 22.88 -30.82 54.56
N GLU H 201 23.83 -31.23 55.40
CA GLU H 201 23.75 -30.97 56.85
C GLU H 201 23.87 -29.47 57.14
N ALA H 202 24.79 -28.79 56.45
CA ALA H 202 24.94 -27.35 56.64
C ALA H 202 23.68 -26.60 56.23
N ASN H 203 23.02 -27.03 55.15
CA ASN H 203 21.75 -26.43 54.76
C ASN H 203 20.67 -26.70 55.79
N GLU H 204 20.63 -27.91 56.35
CA GLU H 204 19.63 -28.19 57.37
C GLU H 204 19.77 -27.28 58.57
N ILE H 205 21.02 -27.05 59.02
CA ILE H 205 21.19 -26.17 60.17
C ILE H 205 20.96 -24.70 59.80
N LEU H 206 21.20 -24.31 58.54
CA LEU H 206 20.80 -22.97 58.12
C LEU H 206 19.29 -22.81 58.17
N GLN H 207 18.56 -23.77 57.57
CA GLN H 207 17.11 -23.69 57.52
C GLN H 207 16.49 -23.71 58.90
N ARG H 208 17.08 -24.51 59.81
CA ARG H 208 16.61 -24.55 61.19
C ARG H 208 16.95 -23.27 61.95
N SER H 209 18.07 -22.65 61.62
CA SER H 209 18.46 -21.42 62.32
C SER H 209 17.63 -20.23 61.85
N LYS H 210 17.09 -20.24 60.63
CA LYS H 210 16.35 -19.08 60.06
C LYS H 210 17.17 -17.81 60.20
N LYS H 211 18.49 -17.98 60.19
CA LYS H 211 19.40 -16.85 60.40
C LYS H 211 19.96 -16.07 59.24
N GLY H 212 19.36 -16.13 58.06
CA GLY H 212 19.89 -15.32 56.99
C GLY H 212 21.18 -15.83 56.40
N LYS H 213 22.19 -16.05 57.22
CA LYS H 213 23.44 -16.58 56.67
C LYS H 213 24.03 -17.54 57.70
N LEU H 214 25.03 -18.32 57.27
CA LEU H 214 25.92 -18.94 58.25
C LEU H 214 27.30 -19.14 57.66
N PRO H 215 28.34 -18.73 58.38
CA PRO H 215 29.71 -19.04 57.95
C PRO H 215 30.14 -20.46 58.29
N ILE H 216 31.19 -20.90 57.60
CA ILE H 216 31.84 -22.18 57.86
C ILE H 216 33.23 -21.87 58.41
N VAL H 217 33.55 -22.42 59.58
CA VAL H 217 34.72 -22.00 60.35
C VAL H 217 35.44 -23.22 60.91
N ASN H 218 36.77 -23.17 60.90
CA ASN H 218 37.61 -24.26 61.40
C ASN H 218 37.88 -24.10 62.90
N GLU H 219 38.67 -25.03 63.45
CA GLU H 219 39.00 -25.04 64.87
C GLU H 219 39.96 -23.92 65.27
N ASP H 220 40.50 -23.16 64.31
CA ASP H 220 41.29 -21.98 64.59
C ASP H 220 40.49 -20.69 64.39
N ASP H 221 39.16 -20.80 64.30
CA ASP H 221 38.24 -19.66 64.18
C ASP H 221 38.47 -18.85 62.90
N GLU H 222 38.82 -19.52 61.81
CA GLU H 222 39.02 -18.88 60.52
C GLU H 222 37.90 -19.27 59.56
N LEU H 223 37.38 -18.29 58.82
CA LEU H 223 36.27 -18.51 57.92
C LEU H 223 36.73 -19.25 56.66
N VAL H 224 36.02 -20.33 56.32
CA VAL H 224 36.30 -21.11 55.13
C VAL H 224 35.34 -20.78 54.00
N ALA H 225 34.05 -20.71 54.31
CA ALA H 225 33.00 -20.47 53.32
C ALA H 225 31.76 -19.99 54.06
N ILE H 226 30.77 -19.53 53.29
CA ILE H 226 29.48 -19.12 53.84
C ILE H 226 28.35 -19.67 52.96
N ILE H 227 27.17 -19.77 53.56
CA ILE H 227 25.96 -20.24 52.89
C ILE H 227 24.89 -19.16 53.02
N ALA H 228 24.13 -18.94 51.95
CA ALA H 228 23.11 -17.90 51.92
C ALA H 228 21.72 -18.51 51.72
N ARG H 229 20.73 -17.93 52.39
CA ARG H 229 19.36 -18.45 52.32
C ARG H 229 18.75 -18.25 50.93
N THR H 230 19.16 -17.19 50.23
CA THR H 230 18.67 -16.95 48.88
C THR H 230 19.02 -18.09 47.93
N ASP H 231 20.11 -18.82 48.20
CA ASP H 231 20.47 -19.94 47.35
C ASP H 231 19.40 -21.03 47.39
N LEU H 232 18.94 -21.38 48.60
CA LEU H 232 17.86 -22.36 48.72
C LEU H 232 16.53 -21.81 48.19
N LYS H 233 16.28 -20.51 48.42
CA LYS H 233 15.11 -19.88 47.84
C LYS H 233 15.09 -20.04 46.32
N LYS H 234 16.19 -19.67 45.66
CA LYS H 234 16.29 -19.81 44.21
C LYS H 234 16.23 -21.26 43.78
N ASN H 235 16.81 -22.17 44.56
CA ASN H 235 16.68 -23.59 44.28
C ASN H 235 15.22 -23.97 44.05
N ARG H 236 14.38 -23.74 45.06
CA ARG H 236 13.03 -24.26 44.88
C ARG H 236 12.17 -23.35 44.00
N ASP H 237 12.61 -22.12 43.75
CA ASP H 237 11.85 -21.31 42.79
C ASP H 237 12.15 -21.69 41.35
N TYR H 238 13.34 -22.23 41.07
CA TYR H 238 13.76 -22.57 39.71
C TYR H 238 14.17 -24.04 39.71
N PRO H 239 13.20 -24.97 39.67
CA PRO H 239 13.51 -26.38 39.96
C PRO H 239 14.43 -27.03 38.95
N LEU H 240 14.08 -26.99 37.67
CA LEU H 240 14.93 -27.55 36.64
C LEU H 240 15.88 -26.46 36.14
N ALA H 241 17.14 -26.55 36.55
CA ALA H 241 18.17 -25.59 36.15
C ALA H 241 19.46 -26.26 35.71
N SER H 242 19.61 -27.56 35.90
CA SER H 242 20.77 -28.32 35.43
C SER H 242 22.09 -27.75 35.97
N LYS H 243 22.13 -27.53 37.28
CA LYS H 243 23.34 -27.05 37.93
C LYS H 243 24.46 -28.08 37.84
N ASP H 244 25.70 -27.63 38.03
CA ASP H 244 26.84 -28.53 38.01
C ASP H 244 27.05 -29.17 39.39
N ALA H 245 28.14 -29.92 39.54
CA ALA H 245 28.35 -30.72 40.74
C ALA H 245 28.53 -29.86 41.98
N LYS H 246 29.12 -28.67 41.86
CA LYS H 246 29.29 -27.75 42.97
C LYS H 246 28.09 -26.81 43.13
N LYS H 247 26.98 -27.11 42.46
CA LYS H 247 25.74 -26.35 42.54
C LYS H 247 25.91 -24.94 41.98
N GLN H 248 26.56 -24.86 40.81
CA GLN H 248 26.69 -23.63 40.05
C GLN H 248 26.06 -23.81 38.68
N LEU H 249 25.49 -22.73 38.17
CA LEU H 249 24.90 -22.78 36.83
C LEU H 249 26.00 -22.97 35.78
N PRO H 250 25.83 -23.90 34.85
CA PRO H 250 26.84 -24.05 33.79
C PRO H 250 26.79 -22.89 32.81
N CYS H 251 27.93 -22.61 32.20
CA CYS H 251 28.04 -21.49 31.28
C CYS H 251 28.94 -21.89 30.12
N GLY H 252 28.60 -21.39 28.93
CA GLY H 252 29.41 -21.61 27.75
C GLY H 252 29.84 -20.30 27.11
N ALA H 253 30.95 -20.33 26.38
CA ALA H 253 31.46 -19.13 25.73
C ALA H 253 31.97 -19.49 24.35
N ALA H 254 31.90 -18.52 23.44
CA ALA H 254 32.35 -18.72 22.07
C ALA H 254 33.75 -18.14 21.88
N ILE H 255 34.59 -18.86 21.15
CA ILE H 255 35.91 -18.38 20.78
C ILE H 255 36.14 -18.64 19.30
N GLY H 256 37.00 -17.83 18.70
CA GLY H 256 37.39 -18.02 17.32
C GLY H 256 38.57 -18.98 17.19
N THR H 257 38.99 -19.20 15.95
CA THR H 257 40.07 -20.12 15.64
C THR H 257 41.42 -19.41 15.51
N HIS H 258 41.45 -18.10 15.69
CA HIS H 258 42.70 -17.35 15.57
C HIS H 258 43.62 -17.62 16.75
N GLU H 259 44.92 -17.39 16.54
CA GLU H 259 45.91 -17.63 17.59
C GLU H 259 45.67 -16.74 18.80
N ASP H 260 45.19 -15.52 18.59
CA ASP H 260 44.97 -14.59 19.68
C ASP H 260 43.85 -15.01 20.60
N ASP H 261 43.05 -16.00 20.22
CA ASP H 261 41.96 -16.48 21.07
C ASP H 261 42.41 -17.51 22.09
N LYS H 262 43.68 -17.93 22.06
CA LYS H 262 44.17 -18.85 23.09
C LYS H 262 44.23 -18.18 24.45
N TYR H 263 44.61 -16.90 24.49
CA TYR H 263 44.59 -16.14 25.73
C TYR H 263 43.16 -16.01 26.26
N ARG H 264 42.21 -15.76 25.36
CA ARG H 264 40.81 -15.69 25.73
C ARG H 264 40.33 -17.03 26.29
N LEU H 265 40.77 -18.13 25.66
CA LEU H 265 40.43 -19.46 26.15
C LEU H 265 41.00 -19.69 27.54
N ASP H 266 42.23 -19.23 27.78
CA ASP H 266 42.83 -19.38 29.10
C ASP H 266 42.04 -18.60 30.15
N LEU H 267 41.62 -17.38 29.81
CA LEU H 267 40.81 -16.60 30.74
C LEU H 267 39.47 -17.29 31.01
N LEU H 268 38.84 -17.85 29.98
CA LEU H 268 37.58 -18.54 30.16
C LEU H 268 37.75 -19.79 31.02
N ALA H 269 38.84 -20.53 30.81
CA ALA H 269 39.10 -21.72 31.63
C ALA H 269 39.34 -21.33 33.08
N GLN H 270 40.05 -20.22 33.31
CA GLN H 270 40.21 -19.72 34.68
C GLN H 270 38.86 -19.35 35.29
N ALA H 271 37.99 -18.71 34.50
CA ALA H 271 36.67 -18.36 34.98
C ALA H 271 35.80 -19.59 35.22
N GLY H 272 36.12 -20.72 34.61
CA GLY H 272 35.42 -21.96 34.87
C GLY H 272 34.32 -22.29 33.88
N VAL H 273 34.57 -22.07 32.60
CA VAL H 273 33.59 -22.43 31.58
C VAL H 273 33.47 -23.95 31.49
N ASP H 274 32.25 -24.43 31.26
CA ASP H 274 32.02 -25.86 31.11
C ASP H 274 32.10 -26.31 29.66
N VAL H 275 31.72 -25.44 28.72
CA VAL H 275 31.76 -25.75 27.30
C VAL H 275 32.28 -24.53 26.55
N VAL H 276 33.03 -24.79 25.49
CA VAL H 276 33.45 -23.76 24.55
C VAL H 276 32.95 -24.14 23.17
N VAL H 277 32.48 -23.15 22.42
CA VAL H 277 31.99 -23.35 21.06
C VAL H 277 32.91 -22.57 20.12
N LEU H 278 33.29 -23.20 19.02
CA LEU H 278 34.15 -22.56 18.02
C LEU H 278 33.24 -21.91 16.98
N ASP H 279 33.17 -20.58 17.03
CA ASP H 279 32.20 -19.82 16.26
C ASP H 279 32.83 -19.46 14.92
N SER H 280 32.40 -20.14 13.86
CA SER H 280 32.91 -19.88 12.52
C SER H 280 31.82 -20.21 11.51
N SER H 281 31.95 -19.62 10.31
CA SER H 281 31.00 -19.88 9.24
C SER H 281 31.11 -21.32 8.76
N GLN H 282 32.33 -21.82 8.57
CA GLN H 282 32.57 -23.18 8.12
C GLN H 282 33.59 -23.81 9.05
N GLY H 283 33.19 -24.87 9.75
CA GLY H 283 34.06 -25.48 10.74
C GLY H 283 35.10 -26.43 10.17
N ASN H 284 34.98 -26.78 8.89
CA ASN H 284 35.89 -27.75 8.28
C ASN H 284 37.13 -27.01 7.77
N SER H 285 38.08 -26.79 8.68
CA SER H 285 39.29 -26.07 8.34
C SER H 285 40.44 -26.52 9.22
N ILE H 286 41.66 -26.32 8.71
CA ILE H 286 42.86 -26.67 9.46
C ILE H 286 42.92 -25.86 10.75
N PHE H 287 42.51 -24.59 10.69
CA PHE H 287 42.53 -23.75 11.88
C PHE H 287 41.64 -24.32 12.96
N GLN H 288 40.41 -24.70 12.59
CA GLN H 288 39.48 -25.27 13.57
C GLN H 288 39.99 -26.58 14.12
N ILE H 289 40.51 -27.45 13.25
CA ILE H 289 41.00 -28.75 13.72
C ILE H 289 42.19 -28.58 14.66
N ASN H 290 43.11 -27.68 14.32
CA ASN H 290 44.27 -27.44 15.16
C ASN H 290 43.86 -26.86 16.51
N MET H 291 42.90 -25.94 16.51
CA MET H 291 42.43 -25.42 17.79
C MET H 291 41.72 -26.49 18.61
N ILE H 292 40.98 -27.39 17.96
CA ILE H 292 40.32 -28.47 18.67
C ILE H 292 41.35 -29.37 19.35
N LYS H 293 42.39 -29.76 18.62
CA LYS H 293 43.41 -30.61 19.23
C LYS H 293 44.21 -29.87 20.30
N TYR H 294 44.47 -28.58 20.11
CA TYR H 294 45.15 -27.81 21.15
C TYR H 294 44.33 -27.75 22.43
N ILE H 295 43.02 -27.53 22.32
CA ILE H 295 42.17 -27.50 23.49
C ILE H 295 42.12 -28.88 24.14
N LYS H 296 41.98 -29.93 23.35
CA LYS H 296 41.91 -31.28 23.91
C LYS H 296 43.20 -31.67 24.60
N ASP H 297 44.34 -31.13 24.14
CA ASP H 297 45.61 -31.44 24.80
C ASP H 297 45.78 -30.62 26.07
N LYS H 298 45.53 -29.31 26.00
CA LYS H 298 45.80 -28.45 27.15
C LYS H 298 44.78 -28.64 28.26
N TYR H 299 43.50 -28.80 27.91
CA TYR H 299 42.41 -28.89 28.87
C TYR H 299 41.63 -30.16 28.60
N PRO H 300 42.11 -31.30 29.10
CA PRO H 300 41.46 -32.59 28.76
C PRO H 300 40.00 -32.68 29.15
N ASN H 301 39.59 -32.03 30.24
CA ASN H 301 38.23 -32.16 30.75
C ASN H 301 37.27 -31.11 30.20
N LEU H 302 37.75 -30.22 29.33
CA LEU H 302 36.88 -29.19 28.78
C LEU H 302 36.19 -29.71 27.52
N GLN H 303 34.88 -29.46 27.42
CA GLN H 303 34.11 -29.88 26.26
C GLN H 303 34.19 -28.86 25.15
N VAL H 304 34.33 -29.35 23.91
CA VAL H 304 34.41 -28.50 22.73
C VAL H 304 33.25 -28.84 21.80
N ILE H 305 32.64 -27.81 21.24
CA ILE H 305 31.59 -27.97 20.24
C ILE H 305 32.11 -27.44 18.92
N GLY H 306 32.07 -28.28 17.89
CA GLY H 306 32.56 -27.91 16.57
C GLY H 306 31.44 -27.44 15.66
N GLY H 307 31.83 -26.79 14.58
CA GLY H 307 30.89 -26.28 13.61
C GLY H 307 31.40 -24.99 13.00
N ASN H 308 30.60 -24.46 12.08
CA ASN H 308 29.32 -24.99 11.63
C ASN H 308 29.51 -25.95 10.47
N VAL H 309 28.80 -27.07 10.49
CA VAL H 309 28.89 -28.09 9.45
C VAL H 309 27.49 -28.45 8.97
N VAL H 310 27.40 -28.84 7.71
CA VAL H 310 26.11 -29.20 7.12
C VAL H 310 26.22 -30.52 6.35
N THR H 311 27.43 -31.04 6.21
CA THR H 311 27.66 -32.25 5.42
C THR H 311 28.39 -33.30 6.24
N ALA H 312 28.20 -34.55 5.84
CA ALA H 312 28.85 -35.67 6.50
C ALA H 312 30.36 -35.63 6.33
N ALA H 313 30.85 -35.09 5.22
CA ALA H 313 32.29 -34.97 5.03
C ALA H 313 32.91 -34.02 6.06
N GLN H 314 32.21 -32.92 6.36
CA GLN H 314 32.67 -32.01 7.40
C GLN H 314 32.54 -32.64 8.79
N ALA H 315 31.42 -33.33 9.02
CA ALA H 315 31.21 -33.97 10.32
C ALA H 315 32.28 -35.01 10.60
N LYS H 316 32.69 -35.77 9.58
CA LYS H 316 33.73 -36.77 9.77
C LYS H 316 35.04 -36.14 10.19
N ASN H 317 35.44 -35.05 9.52
CA ASN H 317 36.69 -34.39 9.86
C ASN H 317 36.66 -33.83 11.27
N LEU H 318 35.54 -33.22 11.67
CA LEU H 318 35.48 -32.66 13.02
C LEU H 318 35.42 -33.76 14.07
N ILE H 319 34.67 -34.84 13.82
CA ILE H 319 34.56 -35.91 14.80
C ILE H 319 35.90 -36.61 14.99
N ASP H 320 36.63 -36.85 13.90
CA ASP H 320 37.93 -37.50 14.00
C ASP H 320 38.91 -36.68 14.84
N ALA H 321 38.79 -35.35 14.79
CA ALA H 321 39.66 -34.49 15.59
C ALA H 321 39.32 -34.51 17.07
N GLY H 322 38.19 -35.07 17.46
CA GLY H 322 37.79 -35.15 18.84
C GLY H 322 36.72 -34.18 19.27
N VAL H 323 35.79 -33.83 18.39
CA VAL H 323 34.70 -32.92 18.75
C VAL H 323 33.65 -33.66 19.57
N ASP H 324 33.17 -33.01 20.63
CA ASP H 324 32.17 -33.62 21.50
C ASP H 324 30.74 -33.29 21.10
N ALA H 325 30.52 -32.27 20.25
CA ALA H 325 29.19 -31.92 19.80
C ALA H 325 29.30 -31.05 18.56
N LEU H 326 28.40 -31.28 17.61
CA LEU H 326 28.41 -30.59 16.34
C LEU H 326 27.31 -29.54 16.27
N ARG H 327 27.60 -28.41 15.63
CA ARG H 327 26.66 -27.33 15.46
C ARG H 327 26.32 -27.25 13.97
N VAL H 328 25.04 -27.46 13.65
CA VAL H 328 24.60 -27.69 12.27
C VAL H 328 23.86 -26.47 11.76
N GLY H 329 24.36 -25.89 10.67
CA GLY H 329 23.71 -24.75 10.05
C GLY H 329 24.65 -23.98 9.14
N MET H 330 24.15 -23.51 8.00
CA MET H 330 24.98 -22.73 7.08
C MET H 330 24.05 -21.85 6.24
N GLY H 331 23.98 -20.57 6.60
CA GLY H 331 23.18 -19.62 5.85
C GLY H 331 21.69 -19.74 6.03
N SER H 332 21.24 -20.58 6.97
CA SER H 332 19.82 -20.74 7.22
C SER H 332 19.29 -19.78 8.27
N GLY H 333 20.16 -18.98 8.88
CA GLY H 333 19.71 -18.08 9.93
C GLY H 333 18.90 -16.93 9.38
N SER H 334 18.08 -16.34 10.26
CA SER H 334 17.28 -15.17 9.93
C SER H 334 18.16 -13.99 9.55
N ILE H 335 19.37 -13.96 10.10
CA ILE H 335 20.27 -12.81 10.00
C ILE H 335 21.35 -13.00 8.96
N CYS H 336 21.46 -14.18 8.36
CA CYS H 336 22.60 -14.53 7.53
C CYS H 336 22.25 -14.42 6.05
N ILE H 337 23.25 -14.02 5.26
CA ILE H 337 23.10 -13.87 3.82
C ILE H 337 24.19 -14.65 3.11
N THR H 338 24.71 -15.69 3.76
CA THR H 338 25.80 -16.46 3.18
C THR H 338 25.37 -17.15 1.89
N GLN H 339 24.15 -17.69 1.86
CA GLN H 339 23.69 -18.36 0.65
C GLN H 339 23.51 -17.38 -0.50
N GLU H 340 23.34 -16.09 -0.20
CA GLU H 340 23.22 -15.09 -1.26
C GLU H 340 24.57 -14.56 -1.71
N VAL H 341 25.52 -14.43 -0.79
CA VAL H 341 26.79 -13.81 -1.12
C VAL H 341 27.83 -14.84 -1.59
N LEU H 342 27.96 -15.97 -0.89
CA LEU H 342 28.98 -16.95 -1.20
C LEU H 342 28.44 -18.19 -1.88
N ALA H 343 27.11 -18.33 -2.01
CA ALA H 343 26.46 -19.41 -2.74
C ALA H 343 26.71 -20.77 -2.11
N CYS H 344 27.19 -20.80 -0.88
CA CYS H 344 27.42 -22.04 -0.16
C CYS H 344 26.42 -22.20 0.98
N GLY H 345 25.99 -23.43 1.21
CA GLY H 345 25.04 -23.69 2.27
C GLY H 345 24.26 -24.96 1.99
N ARG H 346 23.18 -25.12 2.76
CA ARG H 346 22.30 -26.27 2.62
C ARG H 346 20.98 -25.96 3.32
N PRO H 347 19.86 -26.50 2.84
CA PRO H 347 18.60 -26.37 3.58
C PRO H 347 18.71 -27.00 4.97
N GLN H 348 18.04 -26.37 5.93
CA GLN H 348 18.29 -26.67 7.33
C GLN H 348 17.85 -28.08 7.72
N ALA H 349 16.64 -28.47 7.32
CA ALA H 349 16.15 -29.79 7.71
C ALA H 349 17.00 -30.90 7.13
N THR H 350 17.34 -30.80 5.84
CA THR H 350 18.18 -31.82 5.22
C THR H 350 19.55 -31.86 5.86
N ALA H 351 20.14 -30.69 6.13
CA ALA H 351 21.46 -30.66 6.75
C ALA H 351 21.43 -31.28 8.14
N VAL H 352 20.40 -30.95 8.93
CA VAL H 352 20.30 -31.49 10.28
C VAL H 352 20.17 -33.00 10.24
N TYR H 353 19.29 -33.51 9.38
CA TYR H 353 19.13 -34.96 9.28
C TYR H 353 20.43 -35.63 8.85
N LYS H 354 21.08 -35.08 7.82
CA LYS H 354 22.27 -35.74 7.28
C LYS H 354 23.41 -35.75 8.28
N VAL H 355 23.62 -34.64 9.00
CA VAL H 355 24.69 -34.61 10.00
C VAL H 355 24.34 -35.49 11.20
N SER H 356 23.08 -35.48 11.64
CA SER H 356 22.68 -36.28 12.79
C SER H 356 22.84 -37.76 12.50
N GLU H 357 22.48 -38.19 11.28
CA GLU H 357 22.57 -39.60 10.94
C GLU H 357 24.01 -40.10 11.01
N TYR H 358 24.96 -39.29 10.55
CA TYR H 358 26.36 -39.69 10.61
C TYR H 358 26.92 -39.60 12.03
N ALA H 359 26.57 -38.54 12.76
CA ALA H 359 27.10 -38.38 14.11
C ALA H 359 26.55 -39.43 15.07
N ARG H 360 25.36 -39.97 14.77
CA ARG H 360 24.78 -41.02 15.61
C ARG H 360 25.69 -42.25 15.68
N ARG H 361 26.41 -42.54 14.58
CA ARG H 361 27.27 -43.71 14.55
C ARG H 361 28.36 -43.63 15.62
N PHE H 362 28.79 -42.43 15.98
CA PHE H 362 29.84 -42.22 16.97
C PHE H 362 29.31 -41.62 18.28
N GLY H 363 27.99 -41.49 18.41
CA GLY H 363 27.42 -40.99 19.65
C GLY H 363 27.64 -39.53 19.92
N VAL H 364 27.84 -38.72 18.88
CA VAL H 364 28.11 -37.30 19.03
C VAL H 364 26.78 -36.56 18.85
N PRO H 365 26.29 -35.85 19.87
CA PRO H 365 25.09 -35.03 19.69
C PRO H 365 25.36 -33.86 18.73
N VAL H 366 24.29 -33.38 18.11
CA VAL H 366 24.36 -32.24 17.21
C VAL H 366 23.42 -31.16 17.73
N ILE H 367 23.79 -29.91 17.48
CA ILE H 367 22.96 -28.75 17.84
C ILE H 367 22.48 -28.09 16.56
N ALA H 368 21.16 -28.04 16.39
CA ALA H 368 20.57 -27.40 15.22
C ALA H 368 20.35 -25.92 15.51
N ASP H 369 21.05 -25.06 14.77
CA ASP H 369 20.94 -23.62 14.95
C ASP H 369 20.59 -22.96 13.62
N GLY H 370 19.89 -21.83 13.71
CA GLY H 370 19.47 -21.12 12.52
C GLY H 370 18.19 -21.66 11.92
N GLY H 371 17.31 -20.77 11.49
CA GLY H 371 16.08 -21.19 10.85
C GLY H 371 15.03 -21.76 11.77
N ILE H 372 15.01 -21.33 13.03
CA ILE H 372 14.01 -21.79 14.01
C ILE H 372 13.09 -20.61 14.32
N GLN H 373 11.80 -20.78 14.00
CA GLN H 373 10.82 -19.74 14.22
C GLN H 373 9.64 -20.16 15.08
N ASN H 374 9.36 -21.45 15.20
CA ASN H 374 8.18 -21.91 15.92
C ASN H 374 8.52 -23.13 16.75
N VAL H 375 7.62 -23.43 17.69
CA VAL H 375 7.70 -24.69 18.43
C VAL H 375 7.57 -25.86 17.48
N GLY H 376 6.83 -25.70 16.38
CA GLY H 376 6.80 -26.71 15.36
C GLY H 376 8.16 -26.95 14.72
N HIS H 377 8.90 -25.87 14.44
CA HIS H 377 10.25 -26.01 13.93
C HIS H 377 11.15 -26.71 14.94
N ILE H 378 11.01 -26.36 16.22
CA ILE H 378 11.82 -27.01 17.25
C ILE H 378 11.51 -28.50 17.30
N ALA H 379 10.21 -28.85 17.25
CA ALA H 379 9.82 -30.25 17.30
C ALA H 379 10.33 -31.01 16.07
N LYS H 380 10.25 -30.38 14.89
CA LYS H 380 10.77 -31.04 13.69
C LYS H 380 12.27 -31.26 13.79
N ALA H 381 13.00 -30.27 14.27
CA ALA H 381 14.45 -30.42 14.41
C ALA H 381 14.80 -31.52 15.40
N LEU H 382 14.07 -31.59 16.53
CA LEU H 382 14.30 -32.66 17.49
C LEU H 382 13.97 -34.02 16.89
N ALA H 383 12.89 -34.10 16.12
CA ALA H 383 12.47 -35.38 15.54
C ALA H 383 13.43 -35.83 14.44
N LEU H 384 14.13 -34.90 13.79
CA LEU H 384 15.03 -35.25 12.70
C LEU H 384 16.39 -35.73 13.17
N GLY H 385 16.63 -35.80 14.48
CA GLY H 385 17.87 -36.35 15.00
C GLY H 385 18.71 -35.38 15.80
N ALA H 386 18.33 -34.11 15.90
CA ALA H 386 19.06 -33.18 16.74
C ALA H 386 18.75 -33.43 18.21
N SER H 387 19.73 -33.15 19.07
CA SER H 387 19.55 -33.29 20.50
C SER H 387 19.19 -31.97 21.19
N THR H 388 19.77 -30.86 20.76
CA THR H 388 19.45 -29.55 21.30
C THR H 388 19.27 -28.57 20.15
N VAL H 389 18.51 -27.51 20.40
CA VAL H 389 18.19 -26.50 19.41
C VAL H 389 18.70 -25.16 19.93
N MET H 390 19.50 -24.48 19.11
CA MET H 390 20.06 -23.18 19.44
C MET H 390 19.31 -22.11 18.65
N MET H 391 18.86 -21.06 19.33
CA MET H 391 17.97 -20.08 18.72
C MET H 391 18.54 -18.67 18.85
N GLY H 392 18.24 -17.85 17.86
CA GLY H 392 18.62 -16.46 17.81
C GLY H 392 17.42 -15.54 17.94
N SER H 393 16.89 -15.11 16.80
CA SER H 393 15.74 -14.21 16.76
C SER H 393 14.61 -14.64 17.68
N LEU H 394 14.47 -15.95 17.94
CA LEU H 394 13.43 -16.40 18.86
C LEU H 394 13.68 -15.94 20.29
N LEU H 395 14.91 -15.55 20.62
CA LEU H 395 15.21 -15.04 21.95
C LEU H 395 15.63 -13.57 21.96
N ALA H 396 15.83 -12.96 20.78
CA ALA H 396 16.21 -11.55 20.74
C ALA H 396 15.06 -10.67 21.17
N ALA H 397 15.40 -9.46 21.60
CA ALA H 397 14.45 -8.43 22.03
C ALA H 397 13.63 -8.85 23.25
N THR H 398 14.10 -9.84 23.99
CA THR H 398 13.48 -10.15 25.27
C THR H 398 14.08 -9.30 26.37
N THR H 399 13.56 -9.47 27.58
CA THR H 399 14.04 -8.69 28.72
C THR H 399 15.50 -8.97 29.01
N GLU H 400 15.90 -10.24 28.98
CA GLU H 400 17.27 -10.62 29.30
C GLU H 400 18.25 -10.36 28.16
N ALA H 401 17.76 -10.05 26.97
CA ALA H 401 18.65 -9.80 25.84
C ALA H 401 19.36 -8.46 26.03
N PRO H 402 20.64 -8.37 25.68
CA PRO H 402 21.35 -7.09 25.77
C PRO H 402 20.70 -6.03 24.88
N GLY H 403 20.74 -4.79 25.35
CA GLY H 403 20.19 -3.67 24.62
C GLY H 403 18.92 -3.14 25.24
N GLU H 404 18.49 -1.98 24.72
CA GLU H 404 17.29 -1.30 25.19
C GLU H 404 16.32 -1.13 24.04
N TYR H 405 15.03 -1.16 24.35
CA TYR H 405 14.00 -1.09 23.33
C TYR H 405 13.91 0.32 22.74
N PHE H 406 13.29 0.40 21.57
CA PHE H 406 13.07 1.67 20.89
C PHE H 406 11.80 1.54 20.06
N PHE H 407 11.37 2.64 19.46
CA PHE H 407 10.15 2.69 18.67
C PHE H 407 10.47 3.13 17.24
N SER H 408 10.00 2.33 16.27
CA SER H 408 10.11 2.67 14.87
C SER H 408 8.77 2.40 14.21
N ASP H 409 8.24 3.43 13.52
CA ASP H 409 6.91 3.37 12.93
C ASP H 409 5.84 3.06 13.98
N GLY H 410 6.09 3.47 15.22
CA GLY H 410 5.19 3.20 16.32
C GLY H 410 5.32 1.83 16.94
N ILE H 411 6.22 1.00 16.44
CA ILE H 411 6.39 -0.36 16.94
C ILE H 411 7.60 -0.42 17.86
N ARG H 412 7.44 -1.01 19.04
CA ARG H 412 8.52 -1.12 20.01
C ARG H 412 9.47 -2.23 19.56
N LEU H 413 10.72 -1.87 19.29
CA LEU H 413 11.68 -2.78 18.69
C LEU H 413 12.99 -2.74 19.44
N LYS H 414 13.75 -3.83 19.33
CA LYS H 414 15.14 -3.89 19.76
C LYS H 414 16.00 -4.31 18.58
N LYS H 415 17.21 -3.76 18.51
CA LYS H 415 18.09 -4.04 17.38
C LYS H 415 18.47 -5.52 17.36
N TYR H 416 18.89 -5.98 16.19
CA TYR H 416 19.29 -7.36 16.01
C TYR H 416 20.20 -7.44 14.79
N ARG H 417 21.38 -8.05 14.97
CA ARG H 417 22.40 -8.06 13.93
C ARG H 417 23.16 -9.38 13.98
N GLY H 418 23.77 -9.73 12.85
CA GLY H 418 24.58 -10.93 12.79
C GLY H 418 26.03 -10.67 13.12
N MET H 419 26.71 -11.72 13.56
CA MET H 419 28.13 -11.59 13.91
C MET H 419 29.01 -11.36 12.70
N GLY H 420 28.55 -11.74 11.50
CA GLY H 420 29.26 -11.49 10.27
C GLY H 420 28.89 -10.20 9.58
N SER H 421 28.07 -9.35 10.19
CA SER H 421 27.71 -8.09 9.60
C SER H 421 28.91 -7.14 9.61
N LEU H 422 28.80 -6.06 8.83
CA LEU H 422 29.88 -5.08 8.76
C LEU H 422 30.14 -4.42 10.11
N ASP H 423 29.19 -4.49 11.04
CA ASP H 423 29.42 -4.00 12.39
C ASP H 423 30.12 -5.02 13.27
N ALA H 424 31.27 -5.54 12.82
CA ALA H 424 32.06 -6.49 13.58
C ALA H 424 33.15 -5.82 14.41
N MET H 425 33.38 -4.52 14.21
CA MET H 425 34.39 -3.77 14.95
C MET H 425 35.77 -4.41 14.83
N LYS H 441 41.14 -3.93 4.77
CA LYS H 441 40.79 -3.28 3.52
C LYS H 441 39.34 -3.57 3.13
N ILE H 442 39.16 -4.42 2.13
CA ILE H 442 37.82 -4.78 1.67
C ILE H 442 37.28 -5.99 2.42
N LYS H 443 36.08 -5.86 2.96
CA LYS H 443 35.44 -6.94 3.71
C LYS H 443 34.07 -7.22 3.12
N VAL H 444 33.66 -8.49 3.18
CA VAL H 444 32.40 -8.95 2.60
C VAL H 444 31.42 -9.21 3.74
N ALA H 445 30.20 -8.71 3.58
CA ALA H 445 29.19 -8.85 4.62
C ALA H 445 28.48 -10.20 4.49
N GLN H 446 28.68 -11.07 5.47
CA GLN H 446 27.95 -12.32 5.57
C GLN H 446 26.76 -12.24 6.50
N GLY H 447 26.49 -11.07 7.08
CA GLY H 447 25.37 -10.89 7.96
C GLY H 447 24.62 -9.59 7.68
N VAL H 448 23.57 -9.34 8.47
CA VAL H 448 22.70 -8.19 8.26
C VAL H 448 22.35 -7.60 9.62
N SER H 449 22.29 -6.28 9.68
CA SER H 449 21.88 -5.56 10.89
C SER H 449 20.42 -5.15 10.75
N GLY H 450 19.61 -5.50 11.73
CA GLY H 450 18.19 -5.21 11.67
C GLY H 450 17.61 -5.04 13.05
N ALA H 451 16.32 -5.37 13.18
CA ALA H 451 15.65 -5.27 14.46
C ALA H 451 14.45 -6.22 14.46
N VAL H 452 14.07 -6.67 15.66
CA VAL H 452 12.91 -7.51 15.85
C VAL H 452 12.09 -6.94 17.00
N GLN H 453 10.81 -7.28 17.03
CA GLN H 453 9.92 -6.76 18.06
C GLN H 453 10.16 -7.48 19.39
N ASP H 454 9.76 -6.82 20.48
CA ASP H 454 9.97 -7.37 21.81
C ASP H 454 9.07 -8.58 22.05
N LYS H 455 9.50 -9.44 22.97
CA LYS H 455 8.81 -10.68 23.26
C LYS H 455 8.59 -10.93 24.74
N GLY H 456 8.72 -9.90 25.58
CA GLY H 456 8.52 -10.10 27.01
C GLY H 456 9.76 -10.64 27.67
N SER H 457 9.56 -11.57 28.60
CA SER H 457 10.65 -12.18 29.36
C SER H 457 10.76 -13.66 28.99
N ILE H 458 12.00 -14.16 28.94
CA ILE H 458 12.16 -15.56 28.60
C ILE H 458 11.74 -16.46 29.75
N HIS H 459 11.69 -15.94 30.98
CA HIS H 459 11.21 -16.73 32.10
C HIS H 459 9.76 -17.14 31.95
N LYS H 460 9.00 -16.45 31.10
CA LYS H 460 7.67 -16.88 30.70
C LYS H 460 7.60 -17.39 29.28
N PHE H 461 8.54 -17.01 28.42
CA PHE H 461 8.52 -17.49 27.04
C PHE H 461 8.98 -18.94 26.94
N VAL H 462 10.01 -19.32 27.71
CA VAL H 462 10.53 -20.69 27.64
C VAL H 462 9.50 -21.73 28.06
N PRO H 463 8.74 -21.54 29.15
CA PRO H 463 7.70 -22.53 29.49
C PRO H 463 6.69 -22.75 28.37
N TYR H 464 6.37 -21.72 27.59
CA TYR H 464 5.49 -21.93 26.44
C TYR H 464 6.12 -22.88 25.44
N LEU H 465 7.41 -22.70 25.15
CA LEU H 465 8.11 -23.59 24.24
C LEU H 465 8.13 -25.01 24.79
N ILE H 466 8.36 -25.14 26.10
CA ILE H 466 8.41 -26.46 26.73
C ILE H 466 7.07 -27.16 26.59
N ALA H 467 5.98 -26.44 26.87
CA ALA H 467 4.65 -27.02 26.77
C ALA H 467 4.32 -27.38 25.32
N GLY H 468 4.72 -26.53 24.36
CA GLY H 468 4.50 -26.86 22.97
C GLY H 468 5.24 -28.11 22.54
N ILE H 469 6.50 -28.25 22.97
CA ILE H 469 7.27 -29.45 22.65
C ILE H 469 6.62 -30.68 23.27
N GLN H 470 6.16 -30.55 24.53
CA GLN H 470 5.52 -31.68 25.19
C GLN H 470 4.24 -32.10 24.45
N HIS H 471 3.42 -31.13 24.06
CA HIS H 471 2.20 -31.46 23.33
C HIS H 471 2.50 -32.05 21.96
N SER H 472 3.52 -31.55 21.28
CA SER H 472 3.88 -32.10 19.98
C SER H 472 4.38 -33.54 20.10
N CYS H 473 5.17 -33.83 21.15
CA CYS H 473 5.59 -35.20 21.39
C CYS H 473 4.41 -36.09 21.73
N GLN H 474 3.46 -35.57 22.51
CA GLN H 474 2.26 -36.35 22.81
C GLN H 474 1.48 -36.69 21.55
N ASP H 475 1.32 -35.71 20.65
CA ASP H 475 0.62 -35.96 19.39
C ASP H 475 1.39 -36.94 18.52
N ILE H 476 2.72 -36.84 18.51
CA ILE H 476 3.55 -37.78 17.77
C ILE H 476 3.36 -39.20 18.30
N GLY H 477 3.24 -39.35 19.61
CA GLY H 477 3.09 -40.64 20.22
C GLY H 477 4.28 -41.13 21.01
N ALA H 478 5.26 -40.27 21.27
CA ALA H 478 6.44 -40.61 22.05
C ALA H 478 6.45 -39.82 23.34
N LYS H 479 6.77 -40.49 24.45
CA LYS H 479 6.81 -39.84 25.75
C LYS H 479 8.18 -39.29 26.11
N SER H 480 9.15 -39.35 25.19
CA SER H 480 10.46 -38.75 25.42
C SER H 480 11.11 -38.44 24.08
N LEU H 481 12.05 -37.49 24.12
CA LEU H 481 12.79 -37.13 22.91
C LEU H 481 13.68 -38.27 22.44
N THR H 482 14.27 -39.01 23.38
CA THR H 482 15.02 -40.19 23.01
C THR H 482 14.13 -41.20 22.30
N GLN H 483 12.90 -41.37 22.80
CA GLN H 483 11.97 -42.29 22.15
C GLN H 483 11.58 -41.81 20.76
N VAL H 484 11.35 -40.51 20.59
CA VAL H 484 10.94 -40.04 19.26
C VAL H 484 12.08 -40.19 18.26
N ARG H 485 13.32 -39.93 18.68
CA ARG H 485 14.45 -40.20 17.81
C ARG H 485 14.58 -41.68 17.50
N ALA H 486 14.29 -42.53 18.50
CA ALA H 486 14.36 -43.97 18.28
C ALA H 486 13.36 -44.44 17.24
N MET H 487 12.12 -43.95 17.31
CA MET H 487 11.15 -44.35 16.31
C MET H 487 11.43 -43.74 14.96
N MET H 488 12.00 -42.53 14.91
CA MET H 488 12.46 -41.98 13.65
C MET H 488 13.46 -42.91 12.99
N TYR H 489 14.47 -43.34 13.75
CA TYR H 489 15.52 -44.17 13.17
C TYR H 489 15.01 -45.56 12.80
N SER H 490 14.13 -46.12 13.62
CA SER H 490 13.57 -47.44 13.33
C SER H 490 12.54 -47.40 12.20
N GLY H 491 12.03 -46.23 11.85
CA GLY H 491 11.05 -46.12 10.79
C GLY H 491 9.61 -46.18 11.23
N GLU H 492 9.35 -46.37 12.52
CA GLU H 492 7.97 -46.35 13.01
C GLU H 492 7.36 -44.97 12.82
N LEU H 493 8.12 -43.91 13.09
CA LEU H 493 7.65 -42.56 12.86
C LEU H 493 7.59 -42.26 11.37
N LYS H 494 6.51 -41.62 10.93
CA LYS H 494 6.27 -41.36 9.52
C LYS H 494 6.19 -39.87 9.25
N PHE H 495 6.56 -39.49 8.03
CA PHE H 495 6.56 -38.10 7.60
C PHE H 495 5.79 -37.99 6.29
N GLU H 496 5.33 -36.78 6.00
CA GLU H 496 4.58 -36.52 4.78
C GLU H 496 5.05 -35.20 4.19
N LYS H 497 5.57 -35.26 2.96
CA LYS H 497 5.96 -34.05 2.26
C LYS H 497 4.72 -33.29 1.81
N ARG H 498 4.76 -31.97 1.93
CA ARG H 498 3.62 -31.13 1.60
C ARG H 498 4.02 -30.02 0.64
N THR H 499 3.14 -29.71 -0.30
CA THR H 499 3.43 -28.75 -1.35
C THR H 499 3.17 -27.33 -0.84
N SER H 500 3.34 -26.36 -1.76
CA SER H 500 3.15 -24.95 -1.41
C SER H 500 1.70 -24.67 -1.03
N SER H 501 0.74 -25.23 -1.77
CA SER H 501 -0.66 -25.03 -1.44
C SER H 501 -1.01 -25.64 -0.09
N ALA H 502 -0.43 -26.80 0.21
CA ALA H 502 -0.64 -27.42 1.51
C ALA H 502 -0.13 -26.54 2.65
N GLN H 503 1.01 -25.87 2.45
CA GLN H 503 1.47 -24.91 3.45
C GLN H 503 0.48 -23.75 3.61
N VAL H 504 -0.10 -23.29 2.51
CA VAL H 504 -1.09 -22.21 2.58
C VAL H 504 -2.29 -22.65 3.39
N GLU H 505 -2.80 -23.87 3.14
CA GLU H 505 -3.93 -24.35 3.92
C GLU H 505 -3.55 -24.65 5.36
N GLY H 506 -2.28 -24.98 5.63
CA GLY H 506 -1.83 -25.17 6.99
C GLY H 506 -1.61 -23.91 7.78
N GLY H 507 -1.44 -22.77 7.08
CA GLY H 507 -1.42 -21.48 7.74
C GLY H 507 -2.81 -20.94 7.96
N VAL H 508 -2.86 -19.68 8.42
CA VAL H 508 -4.14 -19.01 8.61
C VAL H 508 -4.67 -18.52 7.27
N HIS H 509 -5.95 -18.77 7.02
CA HIS H 509 -6.57 -18.37 5.76
C HIS H 509 -8.07 -18.26 5.96
N SER H 510 -8.74 -17.71 4.94
CA SER H 510 -10.19 -17.56 4.90
C SER H 510 -10.69 -16.59 5.98
N LEU H 511 -9.79 -15.81 6.56
CA LEU H 511 -10.16 -14.80 7.54
C LEU H 511 -9.88 -13.41 6.99
N HIS H 512 -10.64 -12.43 7.47
CA HIS H 512 -10.36 -11.04 7.13
C HIS H 512 -9.27 -10.46 8.03
N SER H 513 -9.34 -10.78 9.32
CA SER H 513 -8.27 -10.45 10.26
C SER H 513 -8.27 -11.53 11.34
N TYR H 514 -7.14 -11.66 12.02
CA TYR H 514 -6.99 -12.76 12.97
C TYR H 514 -6.11 -12.31 14.14
N GLU H 515 -5.95 -13.22 15.10
CA GLU H 515 -5.24 -12.94 16.35
C GLU H 515 -4.38 -14.15 16.72
N LYS H 516 -3.06 -14.02 16.54
CA LYS H 516 -2.13 -15.10 16.86
C LYS H 516 -1.54 -14.89 18.25
N ARG H 517 -2.38 -15.11 19.26
CA ARG H 517 -1.93 -15.13 20.64
C ARG H 517 -1.64 -16.56 21.05
N LEU H 518 -0.40 -16.84 21.45
CA LEU H 518 0.06 -18.20 21.68
C LEU H 518 0.02 -18.64 23.13
N PHE H 519 0.25 -17.73 24.07
CA PHE H 519 0.26 -18.09 25.48
C PHE H 519 0.08 -16.87 26.37
PG GTP I . -7.14 12.71 -52.68
O1G GTP I . -5.65 12.60 -52.91
O2G GTP I . -7.52 12.98 -51.24
O3G GTP I . -7.96 11.63 -53.34
O3B GTP I . -7.56 14.05 -53.44
PB GTP I . -6.78 15.44 -53.15
O1B GTP I . -5.30 15.15 -53.14
O2B GTP I . -7.34 16.49 -54.07
O3A GTP I . -7.24 15.78 -51.65
PA GTP I . -8.75 16.27 -51.35
O1A GTP I . -9.48 16.36 -52.67
O2A GTP I . -9.30 15.42 -50.24
O5' GTP I . -8.53 17.75 -50.78
C5' GTP I . -7.21 18.29 -50.63
C4' GTP I . -7.27 19.50 -49.70
O4' GTP I . -5.93 19.93 -49.40
C3' GTP I . -8.00 20.67 -50.34
O3' GTP I . -9.20 20.94 -49.62
C2' GTP I . -7.02 21.84 -50.32
O2' GTP I . -7.53 22.98 -49.64
C1' GTP I . -5.78 21.33 -49.60
N9 GTP I . -4.57 21.60 -50.42
C8 GTP I . -3.49 22.31 -50.04
N7 GTP I . -2.56 22.36 -51.03
C5 GTP I . -3.06 21.67 -52.08
C6 GTP I . -2.60 21.35 -53.45
O6 GTP I . -1.47 21.73 -53.86
N1 GTP I . -3.40 20.62 -54.23
C2 GTP I . -4.60 20.18 -53.81
N2 GTP I . -5.36 19.45 -54.66
N3 GTP I . -5.09 20.45 -52.57
C4 GTP I . -4.37 21.18 -51.68
PG GTP J . -20.24 34.10 -45.60
O1G GTP J . -21.73 34.08 -45.85
O2G GTP J . -19.44 33.25 -46.56
O3G GTP J . -19.85 33.92 -44.15
O3B GTP J . -19.81 35.60 -45.95
PB GTP J . -19.77 36.11 -47.47
O1B GTP J . -19.21 37.51 -47.49
O2B GTP J . -21.11 35.84 -48.09
O3A GTP J . -18.69 35.13 -48.15
PA GTP J . -17.12 35.28 -47.81
O1A GTP J . -16.54 36.35 -48.69
O2A GTP J . -16.98 35.36 -46.30
O5' GTP J . -16.52 33.85 -48.28
C5' GTP J . -16.90 32.65 -47.62
C4' GTP J . -17.59 31.72 -48.60
O4' GTP J . -16.66 30.73 -49.07
C3' GTP J . -18.75 30.99 -47.95
O3' GTP J . -19.99 31.45 -48.52
C2' GTP J . -18.51 29.51 -48.18
O2' GTP J . -19.52 28.90 -49.00
C1' GTP J . -17.16 29.41 -48.87
N9 GTP J . -16.22 28.64 -48.01
C8 GTP J . -16.32 28.46 -46.68
N7 GTP J . -15.31 27.71 -46.20
C5 GTP J . -14.51 27.39 -47.24
C6 GTP J . -13.26 26.63 -47.44
O6 GTP J . -12.68 26.08 -46.47
N1 GTP J . -12.76 26.54 -48.67
C2 GTP J . -13.36 27.12 -49.73
N2 GTP J . -12.78 26.98 -50.95
N3 GTP J . -14.50 27.84 -49.63
C4 GTP J . -15.12 28.01 -48.43
PG ATP K . -11.13 9.88 -55.65
O1G ATP K . -9.91 10.18 -54.80
O2G ATP K . -12.27 9.24 -54.89
O3G ATP K . -10.82 9.23 -56.97
PB ATP K . -10.76 12.39 -56.82
O1B ATP K . -10.81 13.71 -56.07
O2B ATP K . -9.43 11.73 -57.09
O3B ATP K . -11.70 11.34 -56.05
PA ATP K . -11.97 14.04 -58.72
O1A ATP K . -13.30 14.37 -58.11
O2A ATP K . -10.79 14.97 -58.56
O3A ATP K . -11.53 12.57 -58.22
O5' ATP K . -12.19 13.81 -60.30
C5' ATP K . -12.51 12.52 -60.81
C4' ATP K . -11.88 12.35 -62.19
O4' ATP K . -12.32 13.39 -63.07
C3' ATP K . -10.36 12.39 -62.13
O3' ATP K . -9.82 11.11 -62.48
C2' ATP K . -9.93 13.50 -63.08
O2' ATP K . -9.06 13.04 -64.11
C1' ATP K . -11.22 14.05 -63.69
N9 ATP K . -11.30 15.51 -63.46
C8 ATP K . -10.65 16.20 -62.49
N7 ATP K . -10.94 17.53 -62.55
C5 ATP K . -11.78 17.70 -63.59
C6 ATP K . -12.46 18.86 -64.21
N6 ATP K . -12.30 20.11 -63.73
N1 ATP K . -13.25 18.62 -65.29
C2 ATP K . -13.42 17.38 -65.78
N3 ATP K . -12.83 16.28 -65.27
C4 ATP K . -12.01 16.38 -64.18
P IMP L . -1.12 22.92 -17.32
O1P IMP L . -0.13 21.88 -17.78
O2P IMP L . -2.55 22.83 -17.81
O3P IMP L . -1.13 22.92 -15.81
O5' IMP L . -0.56 24.33 -17.82
C5' IMP L . 0.61 24.40 -18.61
C4' IMP L . 1.21 25.78 -18.59
O4' IMP L . 2.36 25.79 -17.70
C3' IMP L . 1.75 26.29 -19.92
O3' IMP L . 0.70 26.94 -20.63
C2' IMP L . 2.78 27.32 -19.48
O2' IMP L . 2.28 28.62 -19.28
C1' IMP L . 3.33 26.72 -18.17
N9 IMP L . 4.61 26.02 -18.30
C8 IMP L . 5.08 25.51 -19.45
N7 IMP L . 6.28 24.97 -19.17
C5 IMP L . 6.55 25.17 -17.88
C6 IMP L . 7.75 24.79 -17.00
O6 IMP L . 8.66 24.21 -17.47
N1 IMP L . 7.75 25.14 -15.62
C2 IMP L . 6.64 25.85 -15.05
N3 IMP L . 5.50 26.20 -15.89
C4 IMP L . 5.49 25.83 -17.33
PA NAD M . 13.44 32.82 -20.76
O1A NAD M . 13.08 33.94 -19.82
O2A NAD M . 12.72 32.69 -22.09
O5B NAD M . 15.02 32.91 -21.07
C5B NAD M . 15.96 32.23 -20.23
C4B NAD M . 16.66 33.24 -19.32
O4B NAD M . 17.52 34.07 -20.11
C3B NAD M . 15.65 34.15 -18.63
O3B NAD M . 15.67 33.89 -17.22
C2B NAD M . 16.05 35.57 -18.97
O2B NAD M . 16.39 36.36 -17.81
C1B NAD M . 17.28 35.46 -19.87
N9A NAD M . 17.01 36.16 -21.16
C8A NAD M . 15.92 35.99 -21.93
N7A NAD M . 15.98 36.77 -23.03
C5A NAD M . 17.13 37.46 -22.98
C6A NAD M . 17.83 38.46 -23.83
N6A NAD M . 17.27 38.90 -24.99
N1A NAD M . 19.02 38.93 -23.42
C2A NAD M . 19.58 38.51 -22.27
N3A NAD M . 19.02 37.60 -21.44
C4A NAD M . 17.81 37.05 -21.74
O3 NAD M . 13.31 31.43 -19.97
PN NAD M . 12.20 31.25 -18.81
O1N NAD M . 11.06 32.19 -19.09
O2N NAD M . 12.91 31.29 -17.48
O5D NAD M . 11.67 29.74 -19.06
C5D NAD M . 11.97 29.06 -20.28
C4D NAD M . 10.77 28.22 -20.69
O4D NAD M . 10.26 27.52 -19.55
C3D NAD M . 9.64 29.08 -21.25
O3D NAD M . 9.45 28.76 -22.63
C2D NAD M . 8.42 28.78 -20.40
O2D NAD M . 7.33 28.26 -21.16
C1D NAD M . 8.86 27.76 -19.36
N1N NAD M . 8.62 28.29 -18.02
C2N NAD M . 7.48 28.94 -17.76
C3N NAD M . 7.23 29.45 -16.49
C7N NAD M . 5.95 30.18 -16.21
O7N NAD M . 4.90 29.74 -16.66
N7N NAD M . 5.99 31.30 -15.49
C4N NAD M . 8.18 29.28 -15.48
C5N NAD M . 9.35 28.60 -15.78
C6N NAD M . 9.54 28.12 -17.07
PG GTP N . -52.70 -14.81 3.06
O1G GTP N . -52.81 -16.18 3.68
O2G GTP N . -51.67 -13.93 3.72
O3G GTP N . -52.64 -14.79 1.56
O3B GTP N . -54.13 -14.21 3.40
PB GTP N . -54.45 -12.70 3.04
O1B GTP N . -55.76 -12.33 3.61
O2B GTP N . -54.16 -12.46 1.60
O3A GTP N . -53.26 -11.94 3.73
PA GTP N . -53.40 -11.09 5.04
O1A GTP N . -54.79 -11.00 5.55
O2A GTP N . -52.30 -11.60 5.92
O5' GTP N . -52.94 -9.69 4.46
C5' GTP N . -53.52 -9.11 3.32
C4' GTP N . -53.21 -7.63 3.40
O4' GTP N . -53.25 -7.02 2.12
C3' GTP N . -54.22 -6.91 4.26
O3' GTP N . -53.48 -6.19 5.22
C2' GTP N . -54.96 -6.01 3.32
O2' GTP N . -55.29 -4.77 3.95
C1' GTP N . -54.01 -5.84 2.16
N9 GTP N . -54.78 -5.79 0.91
C8 GTP N . -54.72 -4.87 -0.05
N7 GTP N . -55.59 -5.15 -1.04
C5 GTP N . -56.21 -6.27 -0.70
C6 GTP N . -57.22 -7.15 -1.26
O6 GTP N . -57.74 -6.88 -2.35
N1 GTP N . -57.60 -8.22 -0.58
C2 GTP N . -57.07 -8.54 0.58
N2 GTP N . -57.48 -9.65 1.21
N3 GTP N . -56.12 -7.79 1.15
C4 GTP N . -55.68 -6.68 0.57
PG GTP O . -57.14 6.99 16.80
O1G GTP O . -57.60 7.61 18.09
O2G GTP O . -56.61 5.58 16.93
O3G GTP O . -56.29 7.89 15.94
O3B GTP O . -58.50 6.82 15.95
PB GTP O . -59.69 7.89 16.08
O1B GTP O . -60.40 7.64 17.39
O2B GTP O . -59.13 9.26 15.77
O3A GTP O . -60.68 7.46 14.88
PA GTP O . -60.15 7.50 13.36
O1A GTP O . -61.24 8.10 12.50
O2A GTP O . -58.77 8.09 13.34
O5' GTP O . -60.05 5.93 12.99
C5' GTP O . -58.82 5.24 13.19
C4' GTP O . -59.11 3.90 13.87
O4' GTP O . -58.84 2.82 12.96
C3' GTP O . -58.22 3.70 15.08
O3' GTP O . -59.03 3.70 16.27
C2' GTP O . -57.49 2.38 14.87
O2' GTP O . -57.76 1.42 15.90
C1' GTP O . -57.98 1.85 13.53
N9 GTP O . -56.82 1.60 12.64
C8 GTP O . -55.58 2.12 12.78
N7 GTP O . -54.76 1.70 11.79
C5 GTP O . -55.46 0.88 10.99
C6 GTP O . -55.20 0.11 9.76
O6 GTP O . -54.08 0.09 9.22
N1 GTP O . -56.22 -0.61 9.24
C2 GTP O . -57.44 -0.63 9.79
N2 GTP O . -58.41 -1.37 9.21
N3 GTP O . -57.76 0.07 10.92
C4 GTP O . -56.83 0.83 11.54
PG ATP P . -55.06 -17.85 6.40
O1G ATP P . -55.59 -18.92 5.54
O2G ATP P . -54.81 -16.53 5.71
O3G ATP P . -54.05 -18.29 7.41
PB ATP P . -56.08 -16.47 8.37
O1B ATP P . -55.08 -16.99 9.36
O2B ATP P . -55.81 -15.19 7.64
O3B ATP P . -56.33 -17.55 7.26
PA ATP P . -58.81 -16.66 8.06
O1A ATP P . -59.96 -16.23 8.88
O2A ATP P . -58.56 -16.11 6.70
O3A ATP P . -57.54 -16.45 9.00
O5' ATP P . -58.95 -18.24 7.97
C5' ATP P . -59.98 -18.87 8.71
C4' ATP P . -61.04 -19.46 7.80
O4' ATP P . -62.30 -18.91 8.14
C3' ATP P . -60.84 -19.08 6.35
O3' ATP P . -60.07 -20.08 5.71
C2' ATP P . -62.25 -18.98 5.79
O2' ATP P . -62.65 -20.20 5.15
C1' ATP P . -63.12 -18.77 7.00
N9 ATP P . -63.64 -17.40 7.00
C8 ATP P . -63.14 -16.37 6.33
N7 ATP P . -63.86 -15.26 6.53
C5 ATP P . -64.85 -15.59 7.35
C6 ATP P . -65.97 -14.88 7.97
N6 ATP P . -66.14 -13.57 7.74
N1 ATP P . -66.79 -15.57 8.77
C2 ATP P . -66.60 -16.87 8.99
N3 ATP P . -65.60 -17.58 8.47
C4 ATP P . -64.70 -17.00 7.65
P IMP Q . -26.31 11.62 -0.44
O1P IMP Q . -26.21 10.51 -1.46
O2P IMP Q . -26.82 11.29 0.94
O3P IMP Q . -24.96 12.27 -0.30
O5' IMP Q . -27.32 12.70 -1.05
C5' IMP Q . -28.24 12.33 -2.06
C4' IMP Q . -28.80 13.55 -2.75
O4' IMP Q . -27.94 13.93 -3.84
C3' IMP Q . -30.16 13.38 -3.41
O3' IMP Q . -31.23 13.44 -2.48
C2' IMP Q . -30.18 14.51 -4.44
O2' IMP Q . -30.53 15.74 -3.82
C1' IMP Q . -28.70 14.57 -4.84
N9 IMP Q . -28.45 13.93 -6.13
C8 IMP Q . -29.20 12.96 -6.67
N7 IMP Q . -28.67 12.61 -7.85
C5 IMP Q . -27.59 13.37 -8.04
C6 IMP Q . -26.58 13.43 -9.19
O6 IMP Q . -26.70 12.72 -10.13
N1 IMP Q . -25.49 14.36 -9.13
C2 IMP Q . -25.36 15.22 -8.00
N3 IMP Q . -26.31 15.16 -6.91
C4 IMP Q . -27.45 14.20 -6.97
PA NAD R . -33.41 18.42 -15.84
O1A NAD R . -34.39 19.29 -15.09
O2A NAD R . -33.91 17.47 -16.91
O5B NAD R . -32.29 19.37 -16.50
C5B NAD R . -31.92 19.21 -17.88
C4B NAD R . -31.81 20.56 -18.57
O4B NAD R . -32.92 20.74 -19.46
C3B NAD R . -31.80 21.72 -17.60
O3B NAD R . -30.52 22.36 -17.61
C2B NAD R . -32.93 22.65 -18.03
O2B NAD R . -32.47 23.97 -18.34
C1B NAD R . -33.54 22.01 -19.26
N9A NAD R . -35.00 21.84 -19.08
C8A NAD R . -35.60 21.26 -18.02
N7A NAD R . -36.95 21.25 -18.15
C5A NAD R . -37.24 21.84 -19.33
C6A NAD R . -38.47 22.15 -20.10
N6A NAD R . -39.70 21.84 -19.61
N1A NAD R . -38.33 22.76 -21.29
C2A NAD R . -37.12 23.08 -21.78
N3A NAD R . -35.97 22.83 -21.15
C4A NAD R . -35.95 22.21 -19.94
O3 NAD R . -32.56 17.57 -14.77
PN NAD R . -31.04 17.96 -14.43
O1N NAD R . -31.03 19.33 -13.79
O2N NAD R . -30.20 17.70 -15.66
O5D NAD R . -30.64 16.87 -13.31
C5D NAD R . -30.46 15.50 -13.66
C4D NAD R . -30.68 14.64 -12.43
O4D NAD R . -29.49 14.57 -11.66
C3D NAD R . -31.78 15.20 -11.55
O3D NAD R . -32.89 14.29 -11.51
C2D NAD R . -31.16 15.42 -10.18
O2D NAD R . -31.80 14.67 -9.15
C1D NAD R . -29.71 14.97 -10.31
N1N NAD R . -28.82 16.07 -9.94
C2N NAD R . -29.04 16.76 -8.82
C3N NAD R . -28.21 17.82 -8.46
C7N NAD R . -28.48 18.59 -7.19
O7N NAD R . -28.32 19.80 -7.19
N7N NAD R . -28.90 17.93 -6.12
C4N NAD R . -27.14 18.16 -9.27
C5N NAD R . -26.92 17.42 -10.42
C6N NAD R . -27.78 16.38 -10.74
PG GTP S . 6.22 -12.35 53.12
O1G GTP S . 6.37 -11.48 51.90
O2G GTP S . 7.40 -12.32 54.06
O3G GTP S . 5.67 -13.73 52.85
O3B GTP S . 5.04 -11.63 53.95
PB GTP S . 5.32 -10.26 54.76
O1B GTP S . 4.02 -9.53 54.92
O2B GTP S . 6.17 -10.58 55.96
O3A GTP S . 6.22 -9.42 53.72
PA GTP S . 6.28 -7.81 53.80
O1A GTP S . 6.27 -7.41 55.26
O2A GTP S . 7.40 -7.33 52.90
O5' GTP S . 4.88 -7.38 53.15
C5' GTP S . 3.79 -6.98 53.97
C4' GTP S . 3.34 -5.58 53.58
O4' GTP S . 1.94 -5.58 53.31
C3' GTP S . 3.59 -4.59 54.70
O3' GTP S . 4.54 -3.61 54.28
C2' GTP S . 2.24 -3.99 55.05
O2' GTP S . 2.21 -2.56 54.95
C1' GTP S . 1.24 -4.59 54.07
N9 GTP S . 0.12 -5.22 54.81
C8 GTP S . -1.19 -4.91 54.68
N7 GTP S . -1.96 -5.67 55.50
C5 GTP S . -1.13 -6.50 56.17
C6 GTP S . -1.30 -7.56 57.19
O6 GTP S . -2.43 -7.87 57.62
N1 GTP S . -0.20 -8.19 57.63
C2 GTP S . 1.03 -7.87 57.17
N2 GTP S . 2.09 -8.55 57.68
N3 GTP S . 1.26 -6.91 56.24
C4 GTP S . 0.23 -6.20 55.71
PG GTP T . 7.19 14.03 58.47
O1G GTP T . 7.09 12.57 58.80
O2G GTP T . 6.71 14.39 57.08
O3G GTP T . 8.50 14.68 58.87
O3B GTP T . 6.11 14.72 59.44
PB GTP T . 6.05 14.33 61.00
O1B GTP T . 7.43 14.50 61.59
O2B GTP T . 4.88 15.06 61.63
O3A GTP T . 5.70 12.76 60.97
PA GTP T . 4.26 12.26 60.47
O1A GTP T . 3.31 12.29 61.65
O2A GTP T . 3.91 13.00 59.20
O5' GTP T . 4.53 10.72 60.09
C5' GTP T . 5.33 10.38 58.95
C4' GTP T . 6.61 9.70 59.41
O4' GTP T . 6.40 8.28 59.46
C3' GTP T . 7.76 9.97 58.45
O3' GTP T . 8.76 10.73 59.13
C2' GTP T . 8.27 8.61 58.00
O2' GTP T . 9.62 8.36 58.38
C1' GTP T . 7.35 7.57 58.66
N9 GTP T . 6.65 6.80 57.61
C8 GTP T . 6.40 7.20 56.35
N7 GTP T . 5.74 6.25 55.65
C5 GTP T . 5.55 5.20 56.46
C6 GTP T . 4.93 3.86 56.36
O6 GTP T . 4.39 3.48 55.29
N1 GTP T . 4.95 3.07 57.44
C2 GTP T . 5.51 3.45 58.60
N2 GTP T . 5.49 2.59 59.64
N3 GTP T . 6.10 4.66 58.77
C4 GTP T . 6.15 5.56 57.76
PG ATP U . 11.19 -13.04 55.57
O1G ATP U . 11.51 -14.09 56.58
O2G ATP U . 9.78 -12.56 55.67
O3G ATP U . 11.69 -13.33 54.20
PB ATP U . 11.34 -10.99 57.14
O1B ATP U . 12.24 -10.34 58.14
O2B ATP U . 10.26 -10.19 56.47
O3B ATP U . 12.08 -11.81 56.02
PA ATP U . 10.41 -11.65 59.50
O1A ATP U . 10.04 -10.23 59.41
O2A ATP U . 9.40 -12.61 60.04
O3A ATP U . 10.70 -12.13 58.01
O5' ATP U . 11.83 -11.73 60.23
C5' ATP U . 12.59 -12.93 60.28
C4' ATP U . 12.27 -13.82 61.49
O4' ATP U . 12.31 -13.12 62.72
C3' ATP U . 10.89 -14.40 61.40
O3' ATP U . 10.94 -15.67 60.78
C2' ATP U . 10.39 -14.47 62.82
O2' ATP U . 10.38 -15.80 63.34
C1' ATP U . 11.34 -13.64 63.62
N9 ATP U . 10.59 -12.51 64.18
C8 ATP U . 9.49 -11.98 63.67
N7 ATP U . 9.04 -10.96 64.43
C5 ATP U . 9.85 -10.86 65.46
C6 ATP U . 9.94 -9.99 66.62
N6 ATP U . 9.04 -9.03 66.80
N1 ATP U . 10.94 -10.18 67.48
C2 ATP U . 11.85 -11.14 67.29
N3 ATP U . 11.83 -11.97 66.24
C4 ATP U . 10.87 -11.87 65.30
P IMP V . -7.71 9.55 26.09
O1P IMP V . -8.09 8.14 25.70
O2P IMP V . -6.28 9.83 26.43
O3P IMP V . -8.12 10.46 24.97
O5' IMP V . -8.58 9.90 27.38
C5' IMP V . -9.70 9.11 27.76
C4' IMP V . -10.87 9.96 28.14
O4' IMP V . -11.94 9.74 27.20
C3' IMP V . -11.49 9.66 29.49
O3' IMP V . -10.80 10.40 30.50
C2' IMP V . -12.91 10.20 29.34
O2' IMP V . -13.06 11.56 29.68
C1' IMP V . -13.20 9.95 27.85
N9 IMP V . -14.06 8.80 27.60
C8 IMP V . -14.12 7.71 28.38
N7 IMP V . -15.03 6.88 27.85
C5 IMP V . -15.52 7.46 26.76
C6 IMP V . -16.59 7.00 25.76
O6 IMP V . -17.11 5.94 25.89
N1 IMP V . -16.94 7.85 24.66
C2 IMP V . -16.28 9.13 24.49
N3 IMP V . -15.28 9.55 25.46
C4 IMP V . -14.93 8.67 26.61
PA NAD W . -24.75 7.91 31.91
O1A NAD W . -24.24 9.00 32.83
O2A NAD W . -25.28 6.62 32.48
O5B NAD W . -25.88 8.55 30.95
C5B NAD W . -26.92 7.74 30.41
C4B NAD W . -28.17 8.56 30.18
O4B NAD W . -29.14 8.26 31.18
C3B NAD W . -27.90 10.06 30.21
O3B NAD W . -28.08 10.62 28.90
C2B NAD W . -28.87 10.64 31.23
O2B NAD W . -29.77 11.60 30.68
C1B NAD W . -29.65 9.45 31.78
N9A NAD W . -29.49 9.38 33.27
C8A NAD W . -28.31 9.38 33.92
N7A NAD W . -28.51 9.31 35.26
C5A NAD W . -29.83 9.24 35.47
C6A NAD W . -30.72 9.14 36.66
N6A NAD W . -30.22 9.09 37.91
N1A NAD W . -32.05 9.09 36.44
C2A NAD W . -32.57 9.14 35.20
N3A NAD W . -31.83 9.23 34.09
C4A NAD W . -30.48 9.29 34.15
O3 NAD W . -23.58 7.55 30.87
PN NAD W . -23.33 8.46 29.55
O1N NAD W . -23.21 9.90 29.98
O2N NAD W . -24.36 8.07 28.52
O5D NAD W . -21.89 7.96 29.05
C5D NAD W . -21.62 6.56 28.92
C4D NAD W . -20.17 6.29 29.31
O4D NAD W . -19.31 6.57 28.20
C3D NAD W . -19.73 7.18 30.47
O3D NAD W . -19.42 6.37 31.61
C2D NAD W . -18.54 7.98 29.96
O2D NAD W . -17.34 7.73 30.72
C1D NAD W . -18.32 7.56 28.52
N1N NAD W . -18.48 8.72 27.64
C2N NAD W . -17.87 9.87 27.96
C3N NAD W . -18.00 10.99 27.14
C7N NAD W . -17.31 12.27 27.51
O7N NAD W . -16.16 12.24 27.90
N7N NAD W . -17.98 13.42 27.39
C4N NAD W . -18.78 10.91 26.00
C5N NAD W . -19.40 9.71 25.69
C6N NAD W . -19.23 8.62 26.54
PG GTP X . 52.32 15.34 -2.97
O1G GTP X . 53.08 14.60 -1.93
O2G GTP X . 50.88 15.57 -2.62
O3G GTP X . 52.54 14.88 -4.39
O3B GTP X . 52.95 16.81 -3.02
PB GTP X . 53.25 17.55 -1.65
O1B GTP X . 52.69 16.72 -0.56
O2B GTP X . 54.70 17.90 -1.69
O3A GTP X . 52.46 18.91 -1.64
PA GTP X . 51.36 19.32 -2.71
O1A GTP X . 51.94 20.42 -3.54
O2A GTP X . 50.77 18.10 -3.36
O5' GTP X . 50.24 19.90 -1.75
C5' GTP X . 50.48 20.10 -0.37
C4' GTP X . 49.50 21.13 0.17
O4' GTP X . 49.40 21.01 1.58
C3' GTP X . 49.96 22.53 -0.13
O3' GTP X . 48.85 23.19 -0.73
C2' GTP X . 50.31 23.12 1.20
O2' GTP X . 49.95 24.50 1.26
C1' GTP X . 49.54 22.28 2.18
N9 GTP X . 50.35 22.10 3.39
C8 GTP X . 49.98 22.33 4.66
N7 GTP X . 50.99 22.06 5.52
C5 GTP X . 52.02 21.67 4.77
C6 GTP X . 53.39 21.25 4.99
O6 GTP X . 53.84 21.18 6.14
N1 GTP X . 54.14 20.93 3.96
C2 GTP X . 53.69 20.98 2.72
N2 GTP X . 54.50 20.64 1.71
N3 GTP X . 52.44 21.36 2.44
C4 GTP X . 51.59 21.71 3.40
PG GTP Y . 44.76 40.30 -3.89
O1G GTP Y . 44.47 39.78 -2.51
O2G GTP Y . 43.99 41.53 -4.27
O3G GTP Y . 44.81 39.23 -4.96
O3B GTP Y . 46.27 40.82 -3.79
PB GTP Y . 46.62 42.04 -2.79
O1B GTP Y . 48.11 42.04 -2.55
O2B GTP Y . 45.91 43.26 -3.29
O3A GTP Y . 45.94 41.57 -1.44
PA GTP Y . 46.72 40.41 -0.65
O1A GTP Y . 47.98 41.02 -0.11
O2A GTP Y . 45.73 39.72 0.25
O5' GTP Y . 47.11 39.39 -1.84
C5' GTP Y . 46.96 37.98 -1.69
C4' GTP Y . 47.63 37.29 -2.87
O4' GTP Y . 48.21 36.04 -2.51
C3' GTP Y . 46.66 36.96 -4.00
O3' GTP Y . 46.49 38.06 -4.88
C2' GTP Y . 47.32 35.79 -4.67
O2' GTP Y . 48.23 36.25 -5.67
C1' GTP Y . 48.12 35.13 -3.59
N9 GTP Y . 47.32 33.99 -3.15
C8 GTP Y . 46.00 33.92 -3.30
N7 GTP Y . 45.53 32.76 -2.78
C5 GTP Y . 46.57 32.09 -2.31
C6 GTP Y . 46.74 30.81 -1.65
O6 GTP Y . 45.77 30.08 -1.42
N1 GTP Y . 47.98 30.48 -1.32
C2 GTP Y . 49.02 31.27 -1.57
N2 GTP Y . 50.23 30.83 -1.19
N3 GTP Y . 48.94 32.45 -2.16
C4 GTP Y . 47.75 32.91 -2.55
PG ATP Z . 55.16 15.03 -8.26
O1G ATP Z . 53.74 15.49 -8.49
O2G ATP Z . 56.12 15.42 -9.35
O3G ATP Z . 55.29 13.61 -7.80
PB ATP Z . 55.75 17.51 -7.10
O1B ATP Z . 54.97 17.96 -8.31
O2B ATP Z . 55.45 18.10 -5.74
O3B ATP Z . 55.63 15.90 -6.99
PA ATP Z . 58.01 19.16 -7.15
O1A ATP Z . 57.69 20.05 -8.33
O2A ATP Z . 57.67 19.61 -5.75
O3A ATP Z . 57.32 17.73 -7.40
O5' ATP Z . 59.58 18.82 -7.20
C5' ATP Z . 60.13 18.14 -8.33
C4' ATP Z . 61.61 17.82 -8.07
O4' ATP Z . 62.36 19.04 -8.05
C3' ATP Z . 61.80 17.14 -6.72
O3' ATP Z . 62.27 15.80 -6.93
C2' ATP Z . 62.77 17.99 -5.94
O2' ATP Z . 63.95 17.27 -5.54
C1' ATP Z . 63.16 19.15 -6.87
N9 ATP Z . 62.90 20.44 -6.19
C8 ATP Z . 61.98 20.66 -5.23
N7 ATP Z . 62.00 21.96 -4.82
C5 ATP Z . 62.95 22.59 -5.54
C6 ATP Z . 63.49 23.97 -5.61
N6 ATP Z . 63.00 24.95 -4.82
N1 ATP Z . 64.49 24.21 -6.49
C2 ATP Z . 64.98 23.24 -7.28
N3 ATP Z . 64.54 21.97 -7.27
C4 ATP Z . 63.54 21.58 -6.43
P IMP AA . 17.36 21.06 9.17
O1P IMP AA . 17.99 19.77 8.71
O2P IMP AA . 15.87 20.92 9.04
O3P IMP AA . 18.05 22.19 8.47
O5' IMP AA . 17.67 21.22 10.73
C5' IMP AA . 18.99 21.52 11.19
C4' IMP AA . 18.96 22.45 12.38
O4' IMP AA . 18.11 21.89 13.41
C3' IMP AA . 20.30 22.70 13.04
O3' IMP AA . 20.95 23.80 12.41
C2' IMP AA . 19.89 23.09 14.45
O2' IMP AA . 19.61 24.46 14.63
C1' IMP AA . 18.63 22.23 14.68
N9 IMP AA . 18.86 21.01 15.44
C8 IMP AA . 20.01 20.31 15.46
N7 IMP AA . 19.83 19.25 16.26
C5 IMP AA . 18.60 19.31 16.77
C6 IMP AA . 17.83 18.39 17.73
O6 IMP AA . 18.36 17.43 18.18
N1 IMP AA . 16.48 18.71 18.09
C2 IMP AA . 15.85 19.88 17.54
N3 IMP AA . 16.58 20.74 16.62
C4 IMP AA . 17.99 20.41 16.24
PA NAD BA . 22.41 22.45 26.54
O1A NAD BA . 22.64 23.91 26.25
O2A NAD BA . 23.51 21.61 27.11
O5B NAD BA . 21.12 22.33 27.51
C5B NAD BA . 21.02 21.25 28.43
C4B NAD BA . 20.36 21.74 29.73
O4B NAD BA . 21.37 21.96 30.73
C3B NAD BA . 19.61 23.04 29.53
O3B NAD BA . 18.21 22.82 29.76
C2B NAD BA . 20.20 24.03 30.53
O2B NAD BA . 19.24 24.58 31.43
C1B NAD BA . 21.25 23.26 31.32
N9A NAD BA . 22.56 23.95 31.26
C8A NAD BA . 23.22 24.30 30.14
N7A NAD BA . 24.39 24.92 30.43
C5A NAD BA . 24.49 24.99 31.77
C6A NAD BA . 25.47 25.52 32.75
N6A NAD BA . 26.60 26.12 32.33
N1A NAD BA . 25.19 25.37 34.06
C2A NAD BA . 24.07 24.77 34.48
N3A NAD BA . 23.13 24.27 33.66
C4A NAD BA . 23.28 24.35 32.31
O3 NAD BA . 21.89 21.75 25.18
PN NAD BA . 20.32 21.59 24.89
O1N NAD BA . 19.71 22.96 24.79
O2N NAD BA . 19.75 20.58 25.87
O5D NAD BA . 20.30 20.92 23.42
C5D NAD BA . 21.03 19.72 23.17
C4D NAD BA . 21.38 19.63 21.69
O4D NAD BA . 20.20 19.33 20.93
C3D NAD BA . 21.94 20.95 21.18
O3D NAD BA . 23.32 20.77 20.82
C2D NAD BA . 21.07 21.35 19.99
O2D NAD BA . 21.81 21.44 18.76
C1D NAD BA . 20.01 20.26 19.86
N1N NAD BA . 18.68 20.86 19.96
C2N NAD BA . 18.43 22.02 19.35
C3N NAD BA . 17.18 22.62 19.42
C7N NAD BA . 16.91 23.91 18.72
O7N NAD BA . 17.35 24.10 17.60
N7N NAD BA . 16.20 24.85 19.36
C4N NAD BA . 16.17 21.99 20.15
C5N NAD BA . 16.46 20.80 20.79
C6N NAD BA . 17.73 20.25 20.67
PG GTP CA . -48.73 -18.19 17.32
O1G GTP CA . -49.76 -17.25 16.75
O2G GTP CA . -48.33 -17.94 18.74
O3G GTP CA . -47.57 -18.47 16.40
O3B GTP CA . -49.57 -19.54 17.37
PB GTP CA . -48.82 -20.87 17.78
O1B GTP CA . -48.05 -20.60 19.02
O2B GTP CA . -49.76 -22.01 17.69
O3A GTP CA . -47.69 -20.99 16.69
PA GTP CA . -47.84 -21.81 15.35
O1A GTP CA . -49.06 -22.67 15.33
O2A GTP CA . -47.57 -20.82 14.26
O5' GTP CA . -46.55 -22.73 15.50
C5' GTP CA . -46.17 -23.31 16.73
C4' GTP CA . -45.13 -24.36 16.40
O4' GTP CA . -44.38 -24.73 17.53
C3' GTP CA . -45.79 -25.59 15.87
O3' GTP CA . -45.17 -25.89 14.62
C2' GTP CA . -45.50 -26.66 16.89
O2' GTP CA . -45.27 -27.93 16.28
C1' GTP CA . -44.30 -26.14 17.62
N9 GTP CA . -44.40 -26.48 19.04
C8 GTP CA . -43.49 -27.09 19.81
N7 GTP CA . -43.95 -27.24 21.07
C5 GTP CA . -45.17 -26.71 21.10
C6 GTP CA . -46.23 -26.51 22.07
O6 GTP CA . -46.08 -26.91 23.23
N1 GTP CA . -47.35 -25.92 21.70
C2 GTP CA . -47.55 -25.50 20.47
N2 GTP CA . -48.71 -24.90 20.16
N3 GTP CA . -46.62 -25.64 19.53
C4 GTP CA . -45.45 -26.22 19.77
PG GTP DA . -44.63 -40.63 4.08
O1G GTP DA . -45.11 -39.80 5.25
O2G GTP DA . -43.33 -41.36 4.32
O3G GTP DA . -44.71 -39.92 2.75
O3B GTP DA . -45.73 -41.80 3.96
PB GTP DA . -45.98 -42.81 5.20
O1B GTP DA . -47.27 -43.54 4.95
O2B GTP DA . -44.71 -43.59 5.44
O3A GTP DA . -46.20 -41.81 6.44
PA GTP DA . -45.12 -41.74 7.63
O1A GTP DA . -45.36 -42.93 8.55
O2A GTP DA . -43.76 -41.52 7.03
O5' GTP DA . -45.55 -40.41 8.43
C5' GTP DA . -45.31 -39.12 7.86
C4' GTP DA . -46.62 -38.45 7.52
O4' GTP DA . -46.97 -37.53 8.57
C3' GTP DA . -46.53 -37.66 6.23
O3' GTP DA . -47.46 -38.18 5.27
C2' GTP DA . -46.80 -36.21 6.59
O2' GTP DA . -47.98 -35.69 5.96
C1' GTP DA . -46.97 -36.17 8.10
N9 GTP DA . -45.85 -35.44 8.72
C8 GTP DA . -44.55 -35.66 8.48
N7 GTP DA . -43.76 -34.81 9.20
C5 GTP DA . -44.58 -34.03 9.93
C6 GTP DA . -44.42 -32.93 10.90
O6 GTP DA . -43.29 -32.52 11.23
N1 GTP DA . -45.53 -32.39 11.43
C2 GTP DA . -46.76 -32.80 11.09
N2 GTP DA . -47.83 -32.20 11.68
N3 GTP DA . -46.98 -33.81 10.22
C4 GTP DA . -45.95 -34.45 9.61
PG ATP EA . -53.04 -17.84 12.43
O1G ATP EA . -52.79 -16.53 13.14
O2G ATP EA . -51.83 -18.76 12.37
O3G ATP EA . -53.79 -17.72 11.13
PB ATP EA . -54.07 -18.32 14.98
O1B ATP EA . -52.86 -18.97 15.60
O2B ATP EA . -54.32 -16.85 15.18
O3B ATP EA . -54.06 -18.63 13.40
PA ATP EA . -55.52 -20.70 15.21
O1A ATP EA . -55.30 -20.95 13.74
O2A ATP EA . -54.68 -21.43 16.24
O3A ATP EA . -55.38 -19.12 15.48
O5' ATP EA . -57.06 -20.99 15.54
C5' ATP EA . -58.09 -20.21 14.92
C4' ATP EA . -59.16 -19.86 15.94
O4' ATP EA . -60.08 -20.95 16.07
C3' ATP EA . -58.56 -19.59 17.31
O3' ATP EA . -58.69 -18.21 17.65
C2' ATP EA . -59.28 -20.52 18.28
O2' ATP EA . -60.05 -19.80 19.26
C1' ATP EA . -60.20 -21.38 17.44
N9 ATP EA . -59.79 -22.81 17.55
C8 ATP EA . -58.56 -23.25 17.86
N7 ATP EA . -58.53 -24.61 17.88
C5 ATP EA . -59.75 -25.05 17.58
C6 ATP EA . -60.41 -26.37 17.44
N6 ATP EA . -59.72 -27.52 17.62
N1 ATP EA . -61.72 -26.39 17.10
C2 ATP EA . -62.42 -25.26 16.92
N3 ATP EA . -61.89 -24.02 17.03
C4 ATP EA . -60.59 -23.86 17.36
P IMP FA . -12.82 -24.56 8.29
O1P IMP FA . -11.51 -24.81 7.59
O2P IMP FA . -13.92 -24.55 7.25
O3P IMP FA . -12.65 -23.34 9.16
O5' IMP FA . -13.11 -25.78 9.26
C5' IMP FA . -12.93 -25.66 10.67
C4' IMP FA . -12.65 -26.99 11.31
O4' IMP FA . -11.35 -26.94 11.95
C3' IMP FA . -13.62 -27.39 12.41
O3' IMP FA . -14.70 -28.13 11.84
C2' IMP FA . -12.77 -28.31 13.27
O2' IMP FA . -12.77 -29.67 12.87
C1' IMP FA . -11.37 -27.68 13.16
N9 IMP FA . -11.03 -26.78 14.26
C8 IMP FA . -11.91 -26.25 15.12
N7 IMP FA . -11.20 -25.50 15.99
C5 IMP FA . -9.92 -25.57 15.67
C6 IMP FA . -8.66 -24.95 16.29
O6 IMP FA . -8.76 -24.24 17.22
N1 IMP FA . -7.37 -25.22 15.72
C2 IMP FA . -7.27 -26.08 14.58
N3 IMP FA . -8.46 -26.68 13.99
C4 IMP FA . -9.81 -26.39 14.59
PA NAD GA . -8.65 -31.91 23.93
O1A NAD GA . -7.90 -33.09 23.37
O2A NAD GA . -10.00 -32.11 24.57
O5B NAD GA . -7.68 -31.16 24.99
C5B NAD GA . -7.54 -31.66 26.31
C4B NAD GA . -6.20 -32.37 26.44
O4B NAD GA . -6.22 -33.24 27.57
C3B NAD GA . -5.89 -33.21 25.21
O3B NAD GA . -4.73 -32.68 24.54
C2B NAD GA . -5.69 -34.63 25.70
O2B NAD GA . -4.38 -35.14 25.42
C1B NAD GA . -5.92 -34.59 27.21
N9A NAD GA . -7.07 -35.47 27.57
C8A NAD GA . -8.18 -35.63 26.85
N7A NAD GA . -9.03 -36.50 27.45
C5A NAD GA . -8.44 -36.91 28.60
C6A NAD GA . -8.79 -37.82 29.72
N6A NAD GA . -9.97 -38.49 29.73
N1A NAD GA . -7.89 -37.96 30.72
C2A NAD GA . -6.72 -37.30 30.72
N3A NAD GA . -6.34 -36.45 29.74
C4A NAD GA . -7.15 -36.22 28.67
O3 NAD GA . -8.80 -30.82 22.76
PN NAD GA . -7.58 -30.51 21.76
O1N NAD GA . -7.55 -31.59 20.71
O2N NAD GA . -6.35 -30.24 22.59
O5D NAD GA . -8.02 -29.14 21.06
C5D NAD GA . -8.90 -28.23 21.73
C4D NAD GA . -9.98 -27.76 20.76
O4D NAD GA . -9.36 -27.11 19.63
C3D NAD GA . -10.80 -28.93 20.24
O3D NAD GA . -12.15 -28.81 20.71
C2D NAD GA . -10.70 -28.88 18.72
O2D NAD GA . -11.97 -28.70 18.08
C1D NAD GA . -9.80 -27.69 18.40
N1N NAD GA . -8.63 -28.16 17.63
C2N NAD GA . -8.81 -29.00 16.62
C3N NAD GA . -7.72 -29.45 15.87
C7N NAD GA . -7.93 -30.40 14.73
O7N NAD GA . -8.82 -30.18 13.92
N7N NAD GA . -7.14 -31.47 14.63
C4N NAD GA . -6.44 -29.03 16.20
C5N NAD GA . -6.28 -28.15 17.27
C6N NAD GA . -7.41 -27.73 17.97
PG GTP HA . -20.77 7.81 -50.17
O1G GTP HA . -20.46 8.44 -51.50
O2G GTP HA . -22.21 7.91 -49.73
O3G GTP HA . -19.77 8.15 -49.07
O3B GTP HA . -20.54 6.24 -50.41
PB GTP HA . -20.99 5.56 -51.80
O1B GTP HA . -22.51 5.54 -51.84
O2B GTP HA . -20.23 6.24 -52.91
O3A GTP HA . -20.46 4.06 -51.65
PA GTP HA . -18.88 3.76 -51.50
O1A GTP HA . -18.34 3.38 -52.86
O2A GTP HA . -18.26 4.90 -50.74
O5' GTP HA . -18.86 2.46 -50.57
C5' GTP HA . -19.97 1.56 -50.57
C4' GTP HA . -19.48 0.15 -50.26
O4' GTP HA . -20.50 -0.57 -49.55
C3' GTP HA . -19.17 -0.62 -51.54
O3' GTP HA . -17.76 -0.84 -51.64
C2' GTP HA . -19.97 -1.92 -51.44
O2' GTP HA . -19.12 -3.09 -51.43
C1' GTP HA . -20.75 -1.85 -50.14
N9 GTP HA . -22.20 -2.00 -50.43
C8 GTP HA . -23.00 -2.96 -49.92
N7 GTP HA . -24.28 -2.82 -50.37
C5 GTP HA . -24.30 -1.75 -51.20
C6 GTP HA . -25.32 -1.06 -52.01
O6 GTP HA . -26.50 -1.46 -52.03
N1 GTP HA . -24.93 0.01 -52.71
C2 GTP HA . -23.67 0.47 -52.71
N2 GTP HA . -23.36 1.55 -53.45
N3 GTP HA . -22.68 -0.13 -51.99
C4 GTP HA . -22.93 -1.21 -51.22
PG GTP IA . -6.90 -13.06 -58.07
O1G GTP IA . -5.60 -13.58 -58.63
O2G GTP IA . -6.97 -11.55 -57.96
O3G GTP IA . -7.39 -13.80 -56.85
O3B GTP IA . -7.98 -13.42 -59.20
PB GTP IA . -8.42 -14.95 -59.46
O1B GTP IA . -8.44 -15.20 -60.95
O2B GTP IA . -7.59 -15.84 -58.56
O3A GTP IA . -9.94 -14.98 -58.92
PA GTP IA . -11.09 -14.20 -59.73
O1A GTP IA . -10.45 -13.42 -60.85
O2A GTP IA . -12.20 -15.19 -60.03
O5' GTP IA . -11.65 -13.16 -58.63
C5' GTP IA . -10.76 -12.27 -57.97
C4' GTP IA . -10.68 -10.96 -58.73
O4' GTP IA . -11.65 -10.04 -58.25
C3' GTP IA . -9.30 -10.31 -58.56
O3' GTP IA . -8.61 -10.31 -59.82
C2' GTP IA . -9.57 -8.91 -58.03
O2' GTP IA . -9.07 -7.88 -58.89
C1' GTP IA . -11.07 -8.78 -57.90
N9 GTP IA . -11.42 -8.44 -56.49
C8 GTP IA . -10.70 -8.76 -55.40
N7 GTP IA . -11.29 -8.29 -54.26
C5 GTP IA . -12.42 -7.67 -54.64
C6 GTP IA . -13.51 -6.95 -53.94
O6 GTP IA . -13.52 -6.83 -52.69
N1 GTP IA . -14.51 -6.45 -54.68
C2 GTP IA . -14.53 -6.56 -56.02
N2 GTP IA . -15.57 -6.02 -56.70
N3 GTP IA . -13.56 -7.20 -56.72
C4 GTP IA . -12.50 -7.76 -56.09
PG ATP JA . -16.36 10.74 -54.55
O1G ATP JA . -15.00 10.16 -54.87
O2G ATP JA . -16.82 11.80 -55.52
O3G ATP JA . -16.57 11.07 -53.10
PB ATP JA . -18.95 9.68 -54.62
O1B ATP JA . -19.54 8.33 -54.34
O2B ATP JA . -19.17 10.82 -53.66
O3B ATP JA . -17.36 9.50 -54.83
PA ATP JA . -19.15 9.23 -57.37
O1A ATP JA . -17.97 8.34 -57.05
O2A ATP JA . -20.45 8.62 -57.82
O3A ATP JA . -19.44 10.14 -56.08
O5' ATP JA . -18.69 10.30 -58.48
C5' ATP JA . -18.95 10.06 -59.86
C4' ATP JA . -20.12 10.94 -60.31
O4' ATP JA . -20.53 10.54 -61.63
C3' ATP JA . -21.31 10.79 -59.38
O3' ATP JA . -21.58 12.05 -58.74
C2' ATP JA . -22.46 10.30 -60.24
O2' ATP JA . -23.56 11.23 -60.27
C1' ATP JA . -21.90 10.14 -61.65
N9 ATP JA . -22.00 8.72 -62.06
C8 ATP JA . -22.37 7.69 -61.27
N7 ATP JA . -22.35 6.52 -61.95
C5 ATP JA . -21.97 6.79 -63.22
C6 ATP JA . -21.76 6.01 -64.45
N6 ATP JA . -21.94 4.67 -64.48
N1 ATP JA . -21.35 6.68 -65.55
C2 ATP JA . -21.16 8.01 -65.55
N3 ATP JA . -21.34 8.78 -64.46
C4 ATP JA . -21.74 8.24 -63.28
P IMP KA . -9.46 -15.25 -22.45
O1P IMP KA . -8.65 -15.64 -21.25
O2P IMP KA . -10.46 -14.13 -22.31
O3P IMP KA . -8.50 -14.90 -23.57
O5' IMP KA . -10.28 -16.54 -22.90
C5' IMP KA . -11.60 -16.43 -23.41
C4' IMP KA . -12.29 -17.77 -23.42
O4' IMP KA . -12.90 -18.02 -22.13
C3' IMP KA . -13.46 -17.90 -24.38
O3' IMP KA . -13.05 -18.13 -25.72
C2' IMP KA . -14.26 -19.06 -23.79
O2' IMP KA . -13.69 -20.31 -24.17
C1' IMP KA . -14.01 -18.87 -22.28
N9 IMP KA . -15.17 -18.26 -21.60
C8 IMP KA . -16.02 -17.40 -22.17
N7 IMP KA . -16.94 -17.07 -21.24
C5 IMP KA . -16.65 -17.73 -20.13
C6 IMP KA . -17.33 -17.76 -18.75
O6 IMP KA . -18.29 -17.10 -18.56
N1 IMP KA . -16.80 -18.57 -17.70
C2 IMP KA . -15.62 -19.36 -17.95
N3 IMP KA . -14.97 -19.32 -19.26
C4 IMP KA . -15.54 -18.48 -20.34
PA NAD LA . -25.15 -24.41 -22.05
O1A NAD LA . -24.65 -25.36 -23.12
O2A NAD LA . -26.47 -23.70 -22.24
O5B NAD LA . -25.20 -25.19 -20.65
C5B NAD LA . -26.26 -24.97 -19.73
C4B NAD LA . -26.74 -26.29 -19.13
O4B NAD LA . -27.98 -26.69 -19.75
C3B NAD LA . -25.75 -27.42 -19.34
O3B NAD LA . -25.21 -27.83 -18.08
C2B NAD LA . -26.50 -28.53 -20.06
O2B NAD LA . -26.47 -29.77 -19.35
C1B NAD LA . -27.93 -28.04 -20.20
N9A NAD LA . -28.35 -28.11 -21.62
C8A NAD LA . -27.72 -27.53 -22.66
N7A NAD LA . -28.36 -27.78 -23.83
C5A NAD LA . -29.43 -28.54 -23.54
C6A NAD LA . -30.54 -29.16 -24.31
N6A NAD LA . -30.63 -29.02 -25.66
N1A NAD LA . -31.45 -29.88 -23.63
C2A NAD LA . -31.38 -30.04 -22.29
N3A NAD LA . -30.41 -29.50 -21.53
C4A NAD LA . -29.43 -28.76 -22.09
O3 NAD LA . -24.02 -23.29 -21.79
PN NAD LA . -23.07 -23.37 -20.50
O1N NAD LA . -22.29 -24.65 -20.57
O2N NAD LA . -23.91 -23.05 -19.28
O5D NAD LA . -22.05 -22.15 -20.74
C5D NAD LA . -22.52 -20.79 -20.69
C4D NAD LA . -21.56 -19.90 -21.46
O4D NAD LA . -20.43 -19.58 -20.64
C3D NAD LA . -21.05 -20.58 -22.72
O3D NAD LA . -21.55 -19.88 -23.88
C2D NAD LA . -19.53 -20.55 -22.64
O2D NAD LA . -18.92 -19.81 -23.70
C1D NAD LA . -19.19 -19.89 -21.30
N1N NAD LA . -18.41 -20.82 -20.48
C2N NAD LA . -17.38 -21.47 -21.02
C3N NAD LA . -16.61 -22.35 -20.27
C7N NAD LA . -15.46 -23.07 -20.90
O7N NAD LA . -14.64 -22.44 -21.54
N7N NAD LA . -15.36 -24.39 -20.73
C4N NAD LA . -16.93 -22.55 -18.94
C5N NAD LA . -18.00 -21.87 -18.39
C6N NAD LA . -18.73 -21.00 -19.19
PG GTP MA . 48.82 17.78 -17.46
O1G GTP MA . 47.83 17.64 -16.34
O2G GTP MA . 50.23 18.15 -17.03
O3G GTP MA . 48.30 18.49 -18.67
O3B GTP MA . 49.00 16.29 -17.93
PB GTP MA . 50.00 16.03 -19.11
O1B GTP MA . 49.25 16.37 -20.36
O2B GTP MA . 51.30 16.67 -18.80
O3A GTP MA . 50.21 14.47 -19.10
PA GTP MA . 50.20 13.58 -17.78
O1A GTP MA . 51.63 13.24 -17.47
O2A GTP MA . 49.32 14.09 -16.70
O5' GTP MA . 49.47 12.29 -18.35
C5' GTP MA . 48.97 12.22 -19.68
C4' GTP MA . 48.70 10.77 -20.02
O4' GTP MA . 48.12 10.68 -21.30
C3' GTP MA . 49.99 9.99 -20.05
O3' GTP MA . 49.83 8.90 -19.16
C2' GTP MA . 50.15 9.55 -21.47
O2' GTP MA . 50.66 8.23 -21.56
C1' GTP MA . 48.77 9.67 -22.05
N9 GTP MA . 48.84 10.15 -23.43
C8 GTP MA . 48.25 9.63 -24.50
N7 GTP MA . 48.56 10.33 -25.62
C5 GTP MA . 49.37 11.31 -25.22
C6 GTP MA . 50.07 12.43 -25.84
O6 GTP MA . 49.97 12.62 -27.06
N1 GTP MA . 50.81 13.22 -25.09
C2 GTP MA . 50.93 13.04 -23.79
N2 GTP MA . 51.70 13.89 -23.08
N3 GTP MA . 50.31 12.06 -23.16
C4 GTP MA . 49.54 11.18 -23.81
PG GTP NA . 57.92 -7.27 -16.45
O1G GTP NA . 56.50 -7.36 -15.97
O2G GTP NA . 58.83 -8.37 -15.92
O3G GTP NA . 58.52 -5.89 -16.39
O3B GTP NA . 57.82 -7.60 -18.03
PB GTP NA . 59.16 -7.66 -18.92
O1B GTP NA . 58.86 -8.52 -20.14
O2B GTP NA . 60.32 -8.00 -18.03
O3A GTP NA . 59.33 -6.14 -19.41
PA GTP NA . 58.11 -5.38 -20.14
O1A GTP NA . 58.59 -4.86 -21.48
O2A GTP NA . 56.88 -6.26 -20.08
O5' GTP NA . 57.85 -4.11 -19.18
C5' GTP NA . 58.67 -2.95 -19.28
C4' GTP NA . 58.72 -2.20 -17.95
O4' GTP NA . 57.91 -1.03 -18.02
C3' GTP NA . 58.22 -3.05 -16.78
O3' GTP NA . 59.32 -3.36 -15.91
C2' GTP NA . 57.14 -2.22 -16.10
O2' GTP NA . 57.44 -1.93 -14.73
C1' GTP NA . 57.03 -0.93 -16.89
N9 GTP NA . 55.63 -0.74 -17.36
C8 GTP NA . 54.61 -1.59 -17.15
N7 GTP NA . 53.47 -1.12 -17.70
C5 GTP NA . 53.74 0.06 -18.28
C6 GTP NA . 52.99 1.08 -19.04
O6 GTP NA . 51.77 0.94 -19.28
N1 GTP NA . 53.65 2.17 -19.46
C2 GTP NA . 54.97 2.34 -19.23
N2 GTP NA . 55.56 3.47 -19.70
N3 GTP NA . 55.72 1.45 -18.54
C4 GTP NA . 55.17 0.30 -18.06
PG ATP OA . 51.97 19.78 -13.37
O1G ATP OA . 51.71 18.30 -13.21
O2G ATP OA . 52.20 20.51 -12.06
O3G ATP OA . 51.02 20.48 -14.31
PB ATP OA . 53.99 18.57 -14.87
O1B ATP OA . 54.13 17.46 -13.88
O2B ATP OA . 53.17 18.36 -16.14
O3B ATP OA . 53.39 19.86 -14.11
PA ATP OA . 56.53 18.04 -15.91
O1A ATP OA . 56.87 17.03 -14.84
O2A ATP OA . 56.03 17.57 -17.26
O3A ATP OA . 55.45 19.07 -15.30
O5' ATP OA . 57.82 18.97 -16.15
C5' ATP OA . 58.12 20.03 -15.24
C4' ATP OA . 58.78 21.18 -15.99
O4' ATP OA . 60.05 20.76 -16.50
C3' ATP OA . 57.93 21.62 -17.16
O3' ATP OA . 57.47 22.96 -16.95
C2' ATP OA . 58.81 21.50 -18.40
O2' ATP OA . 58.98 22.74 -19.10
C1' ATP OA . 60.15 20.99 -17.90
N9 ATP OA . 60.50 19.72 -18.60
C8 ATP OA . 59.63 18.89 -19.19
N7 ATP OA . 60.27 17.82 -19.74
C5 ATP OA . 61.59 17.96 -19.49
C6 ATP OA . 62.82 17.20 -19.77
N6 ATP OA . 62.77 16.03 -20.45
N1 ATP OA . 63.99 17.69 -19.33
C2 ATP OA . 64.05 18.86 -18.64
N3 ATP OA . 62.98 19.61 -18.35
C4 ATP OA . 61.74 19.22 -18.73
P IMP PA . 21.72 -8.39 -17.04
O1P IMP PA . 23.07 -8.96 -16.72
O2P IMP PA . 21.43 -6.96 -16.61
O3P IMP PA . 20.67 -9.28 -16.41
O5' IMP PA . 21.53 -8.43 -18.61
C5' IMP PA . 22.61 -8.11 -19.48
C4' IMP PA . 22.59 -8.98 -20.72
O4' IMP PA . 21.25 -9.00 -21.27
C3' IMP PA . 23.44 -8.49 -21.88
O3' IMP PA . 24.81 -8.79 -21.72
C2' IMP PA . 22.80 -9.19 -23.07
O2' IMP PA . 23.28 -10.51 -23.20
C1' IMP PA . 21.32 -9.25 -22.66
N9 IMP PA . 20.49 -8.26 -23.36
C8 IMP PA . 20.92 -7.06 -23.77
N7 IMP PA . 19.88 -6.44 -24.37
C5 IMP PA . 18.84 -7.28 -24.34
C6 IMP PA . 17.41 -7.14 -24.87
O6 IMP PA . 17.07 -6.15 -25.42
N1 IMP PA . 16.47 -8.22 -24.70
C2 IMP PA . 16.89 -9.42 -24.03
N3 IMP PA . 18.27 -9.54 -23.53
C4 IMP PA . 19.23 -8.41 -23.71
PA NAD QA . 19.93 -8.49 -35.10
O1A NAD QA . 21.07 -9.49 -35.04
O2A NAD QA . 20.06 -7.26 -35.97
O5B NAD QA . 18.60 -9.28 -35.53
C5B NAD QA . 17.64 -8.67 -36.40
C4B NAD QA . 17.04 -9.70 -37.35
O4B NAD QA . 17.52 -9.46 -38.68
C3B NAD QA . 17.41 -11.13 -36.99
O3B NAD QA . 16.24 -11.83 -36.55
C2B NAD QA . 18.04 -11.74 -38.23
O2B NAD QA . 17.31 -12.88 -38.72
C1B NAD QA . 18.04 -10.65 -39.29
N9A NAD QA . 19.42 -10.40 -39.76
C8A NAD QA . 20.50 -10.19 -38.97
N7A NAD QA . 21.62 -10.00 -39.71
C5A NAD QA . 21.27 -10.10 -41.00
C6A NAD QA . 21.97 -10.01 -42.31
N6A NAD QA . 23.30 -9.77 -42.38
N1A NAD QA . 21.23 -10.17 -43.43
C2A NAD QA . 19.91 -10.41 -43.38
N3A NAD QA . 19.21 -10.51 -42.23
C4A NAD QA . 19.82 -10.36 -41.03
O3 NAD QA . 19.59 -8.03 -33.60
PN NAD QA . 18.62 -8.90 -32.67
O1N NAD QA . 19.17 -10.30 -32.59
O2N NAD QA . 17.20 -8.69 -33.13
O5D NAD QA . 18.79 -8.20 -31.23
C5D NAD QA . 18.71 -6.79 -31.09
C4D NAD QA . 19.51 -6.35 -29.87
O4D NAD QA . 18.77 -6.65 -28.68
C3D NAD QA . 20.84 -7.07 -29.79
O3D NAD QA . 21.91 -6.11 -29.95
C2D NAD QA . 20.87 -7.75 -28.43
O2D NAD QA . 21.94 -7.28 -27.59
C1D NAD QA . 19.53 -7.45 -27.77
N1N NAD QA . 18.82 -8.70 -27.49
C2N NAD QA . 19.49 -9.73 -26.96
C3N NAD QA . 18.85 -10.93 -26.68
C7N NAD QA . 19.61 -12.08 -26.09
O7N NAD QA . 20.40 -11.86 -25.19
N7N NAD QA . 19.40 -13.30 -26.56
C4N NAD QA . 17.50 -11.06 -26.98
C5N NAD QA . 16.83 -9.98 -27.53
C6N NAD QA . 17.53 -8.80 -27.78
PG GTP RA . 21.14 -7.69 49.34
O1G GTP RA . 19.76 -7.10 49.57
O2G GTP RA . 22.28 -6.82 49.83
O3G GTP RA . 21.35 -8.28 47.98
O3B GTP RA . 21.18 -8.96 50.33
PB GTP RA . 22.47 -9.92 50.36
O1B GTP RA . 22.39 -10.78 51.61
O2B GTP RA . 23.70 -9.08 50.12
O3A GTP RA . 22.24 -10.88 49.09
PA GTP RA . 21.16 -12.06 49.13
O1A GTP RA . 21.38 -12.84 50.41
O2A GTP RA . 19.81 -11.48 48.83
O5' GTP RA . 21.60 -12.99 47.89
C5' GTP RA . 22.86 -12.80 47.25
C4' GTP RA . 23.18 -14.01 46.40
O4' GTP RA . 24.36 -13.79 45.63
C3' GTP RA . 23.41 -15.25 47.25
O3' GTP RA . 22.34 -16.19 47.05
C2' GTP RA . 24.77 -15.80 46.84
O2' GTP RA . 24.69 -17.16 46.37
C1' GTP RA . 25.26 -14.89 45.71
N9 GTP RA . 26.64 -14.42 46.01
C8 GTP RA . 27.69 -14.52 45.19
N7 GTP RA . 28.81 -13.99 45.76
C5 GTP RA . 28.47 -13.54 46.98
C6 GTP RA . 29.16 -12.88 48.11
O6 GTP RA . 30.38 -12.60 48.04
N1 GTP RA . 28.44 -12.57 49.20
C2 GTP RA . 27.13 -12.86 49.30
N2 GTP RA . 26.47 -12.52 50.43
N3 GTP RA . 26.42 -13.47 48.30
C4 GTP RA . 27.03 -13.83 47.15
PG GTP SA . 19.95 -33.82 45.63
O1G GTP SA . 19.10 -32.64 46.05
O2G GTP SA . 20.94 -33.51 44.54
O3G GTP SA . 19.18 -35.10 45.43
O3B GTP SA . 20.87 -34.12 46.92
PB GTP SA . 22.04 -35.20 46.85
O1B GTP SA . 21.72 -36.32 47.82
O2B GTP SA . 22.31 -35.52 45.39
O3A GTP SA . 23.31 -34.39 47.42
PA GTP SA . 24.00 -33.22 46.55
O1A GTP SA . 24.75 -32.31 47.49
O2A GTP SA . 24.71 -33.86 45.38
O5' GTP SA . 22.73 -32.41 45.98
C5' GTP SA . 22.59 -31.02 46.24
C4' GTP SA . 22.18 -30.81 47.70
O4' GTP SA . 22.69 -29.55 48.16
C3' GTP SA . 20.66 -30.78 47.84
O3' GTP SA . 20.24 -31.81 48.74
C2' GTP SA . 20.32 -29.38 48.34
O2' GTP SA . 19.68 -29.39 49.63
C1' GTP SA . 21.63 -28.63 48.43
N9 GTP SA . 21.65 -27.54 47.43
C8 GTP SA . 21.33 -27.67 46.13
N7 GTP SA . 21.46 -26.48 45.47
C5 GTP SA . 21.86 -25.57 46.37
C6 GTP SA . 22.19 -24.12 46.35
O6 GTP SA . 22.10 -23.46 45.29
N1 GTP SA . 22.56 -23.55 47.49
C2 GTP SA . 22.66 -24.23 48.65
N2 GTP SA . 23.06 -23.58 49.76
N3 GTP SA . 22.39 -25.56 48.74
C4 GTP SA . 21.99 -26.27 47.66
PG ATP TA . 17.00 -8.16 54.33
O1G ATP TA . 15.69 -8.01 53.61
O2G ATP TA . 17.10 -7.41 55.63
O3G ATP TA . 18.22 -8.04 53.45
PB ATP TA . 18.40 -10.44 55.19
O1B ATP TA . 18.65 -11.56 54.21
O2B ATP TA . 19.44 -9.38 55.42
O3B ATP TA . 17.01 -9.71 54.77
PA ATP TA . 19.15 -11.88 57.46
O1A ATP TA . 18.75 -13.33 57.58
O2A ATP TA . 20.51 -11.52 56.90
O3A ATP TA . 18.03 -11.10 56.61
O5' ATP TA . 19.02 -11.20 58.92
C5' ATP TA . 19.69 -9.98 59.21
C4' ATP TA . 19.79 -9.79 60.72
O4' ATP TA . 20.08 -11.06 61.34
C3' ATP TA . 20.91 -8.84 61.08
O3' ATP TA . 20.37 -7.71 61.79
C2' ATP TA . 21.90 -9.64 61.91
O2' ATP TA . 22.12 -9.07 63.22
C1' ATP TA . 21.31 -11.03 62.05
N9 ATP TA . 22.25 -12.02 61.47
C8 ATP TA . 22.77 -11.98 60.24
N7 ATP TA . 23.59 -13.04 60.01
C5 ATP TA . 23.60 -13.79 61.13
C6 ATP TA . 24.25 -15.05 61.57
N6 ATP TA . 25.09 -15.72 60.75
N1 ATP TA . 23.99 -15.48 62.82
C2 ATP TA . 23.17 -14.81 63.65
N3 ATP TA . 22.54 -13.66 63.31
C4 ATP TA . 22.71 -13.11 62.09
P IMP UA . 18.12 -17.50 13.77
O1P IMP UA . 17.72 -18.43 14.90
O2P IMP UA . 17.32 -17.54 12.50
O3P IMP UA . 18.11 -16.10 14.30
O5' IMP UA . 19.62 -17.88 13.38
C5' IMP UA . 20.72 -17.43 14.16
C4' IMP UA . 21.95 -18.24 13.89
O4' IMP UA . 22.55 -17.81 12.65
C3' IMP UA . 23.06 -18.11 14.92
O3' IMP UA . 22.85 -19.07 15.96
C2' IMP UA . 24.30 -18.49 14.12
O2' IMP UA . 24.58 -19.87 14.08
C1' IMP UA . 23.97 -17.94 12.72
N9 IMP UA . 24.58 -16.63 12.43
C8 IMP UA . 25.00 -15.76 13.34
N7 IMP UA . 25.51 -14.69 12.69
C5 IMP UA . 25.40 -14.92 11.38
C6 IMP UA . 25.80 -14.10 10.16
O6 IMP UA . 26.31 -13.04 10.30
N1 IMP UA . 25.57 -14.61 8.85
C2 IMP UA . 24.95 -15.89 8.67
N3 IMP UA . 24.58 -16.68 9.84
C4 IMP UA . 24.82 -16.15 11.22
PA NAD VA . 36.29 -16.29 11.06
O1A NAD VA . 36.45 -17.64 11.71
O2A NAD VA . 37.01 -15.09 11.64
O5B NAD VA . 36.71 -16.42 9.52
C5B NAD VA . 37.43 -15.38 8.87
C4B NAD VA . 38.36 -15.94 7.79
O4B NAD VA . 39.71 -15.96 8.27
C3B NAD VA . 37.99 -17.38 7.42
O3B NAD VA . 37.51 -17.40 6.06
C2B NAD VA . 39.25 -18.20 7.61
O2B NAD VA . 39.69 -18.83 6.40
C1B NAD VA . 40.32 -17.24 8.10
N9A NAD VA . 40.87 -17.72 9.39
C8A NAD VA . 40.15 -18.10 10.47
N7A NAD VA . 40.95 -18.48 11.49
C5A NAD VA . 42.23 -18.34 11.07
C6A NAD VA . 43.57 -18.57 11.65
N6A NAD VA . 43.72 -19.03 12.91
N1A NAD VA . 44.65 -18.31 10.87
C2A NAD VA . 44.51 -17.85 9.62
N3A NAD VA . 43.33 -17.62 9.02
C4A NAD VA . 42.16 -17.85 9.69
O3 NAD VA . 34.73 -15.95 10.98
PN NAD VA . 33.84 -16.42 9.71
O1N NAD VA . 33.91 -17.92 9.63
O2N NAD VA . 34.25 -15.58 8.53
O5D NAD VA . 32.36 -16.00 10.14
C5D NAD VA . 31.87 -14.67 9.90
C4D NAD VA . 31.17 -14.14 11.14
O4D NAD VA . 29.79 -14.50 11.10
C3D NAD VA . 31.77 -14.74 12.41
O3D NAD VA . 32.38 -13.70 13.18
C2D NAD VA . 30.62 -15.42 13.14
O2D NAD VA . 30.39 -14.88 14.46
C1D NAD VA . 29.37 -15.19 12.28
N1N NAD VA . 28.80 -16.49 11.91
C2N NAD VA . 28.37 -16.69 10.66
C3N NAD VA . 27.81 -17.92 10.30
C7N NAD VA . 27.33 -18.13 8.90
O7N NAD VA . 27.27 -19.27 8.46
N7N NAD VA . 27.00 -17.07 8.16
C4N NAD VA . 27.71 -18.93 11.23
C5N NAD VA . 28.17 -18.70 12.53
C6N NAD VA . 28.72 -17.46 12.84
#